data_5H47
#
_entry.id   5H47
#
_cell.length_a   105.972
_cell.length_b   214.316
_cell.length_c   126.531
_cell.angle_alpha   90.00
_cell.angle_beta   108.24
_cell.angle_gamma   90.00
#
_symmetry.space_group_name_H-M   'P 1 21 1'
#
loop_
_entity.id
_entity.type
_entity.pdbx_description
1 polymer 'Uncharacterized protein'
2 non-polymer 'methyl 6-deoxy-2-Se-methyl-2-seleno-alpha-L-galactopyranoside'
3 water water
#
_entity_poly.entity_id   1
_entity_poly.type   'polypeptide(L)'
_entity_poly.pdbx_seq_one_letter_code
;MSTPGAQEVLFRTGIAAVNSTNHLRVYFQDSHGSIRESLYESGWANGTAKNVIAKAKLGTPLAATSKELKNIRVYSLTED
NVLQEAAYDSGSGWYNGALAGAKFTVAPYSRIGSVFLAGTNALQLRIYAQKTDNTIQEYMWNGDGWKEGTNLGVALPGTG
IGVTCWRYTDYDGPSIRVWFQTDNLKLVQRAYDPHTGWYKELTTIFDKAPPRCAIAATNFNPGKSSIYMRIYFVNSDNTI
WQVCWDHGQGYHDKRTITPVIQGSEIAIISWEGPELRLYFQNGTYVSAISEWTWGKAHGSQLGRRALPPAE
;
_entity_poly.pdbx_strand_id   A,B,C,D,E,F,G,H,I,J,K,L
#
loop_
_chem_comp.id
_chem_comp.type
_chem_comp.name
_chem_comp.formula
FSW L-saccharide 'methyl 6-deoxy-2-Se-methyl-2-seleno-alpha-L-galactopyranoside' 'C8 H16 O4 Se'
#
# COMPACT_ATOMS: atom_id res chain seq x y z
N SER A 2 2.83 20.58 -22.24
CA SER A 2 2.98 19.90 -23.57
C SER A 2 4.41 19.64 -24.03
N THR A 3 4.53 19.06 -25.22
CA THR A 3 5.82 18.82 -25.89
C THR A 3 5.64 19.22 -27.38
N PRO A 4 6.78 19.43 -28.08
CA PRO A 4 6.65 19.81 -29.50
C PRO A 4 5.93 18.75 -30.35
N GLY A 5 6.24 17.47 -30.15
CA GLY A 5 5.45 16.40 -30.77
C GLY A 5 3.97 16.39 -30.39
N ALA A 6 3.66 16.58 -29.12
CA ALA A 6 2.27 16.53 -28.74
C ALA A 6 1.49 17.65 -29.41
N GLN A 7 2.13 18.81 -29.58
CA GLN A 7 1.53 20.00 -30.17
C GLN A 7 1.12 19.77 -31.63
N GLU A 8 1.78 18.84 -32.27
CA GLU A 8 1.38 18.40 -33.61
C GLU A 8 0.02 17.70 -33.68
N VAL A 9 -0.48 17.16 -32.55
CA VAL A 9 -1.72 16.38 -32.55
C VAL A 9 -2.89 17.29 -32.34
N LEU A 10 -3.88 17.19 -33.24
CA LEU A 10 -5.05 18.06 -33.20
C LEU A 10 -5.92 17.73 -31.99
N PHE A 11 -6.38 18.79 -31.32
CA PHE A 11 -7.18 18.67 -30.11
C PHE A 11 -8.54 18.16 -30.53
N ARG A 12 -9.01 17.10 -29.92
CA ARG A 12 -10.27 16.45 -30.30
C ARG A 12 -10.19 15.81 -31.67
N THR A 13 -9.00 15.43 -32.04
CA THR A 13 -8.82 14.70 -33.26
C THR A 13 -9.63 13.43 -33.27
N GLY A 14 -10.03 13.07 -34.47
CA GLY A 14 -10.60 11.75 -34.70
C GLY A 14 -9.52 10.72 -34.48
N ILE A 15 -9.95 9.55 -34.01
CA ILE A 15 -8.99 8.48 -33.73
C ILE A 15 -9.53 7.18 -34.25
N ALA A 16 -8.66 6.40 -34.89
CA ALA A 16 -9.00 5.05 -35.30
C ALA A 16 -7.84 4.17 -35.07
N ALA A 17 -8.10 2.87 -35.08
CA ALA A 17 -7.05 1.90 -34.83
C ALA A 17 -7.39 0.55 -35.43
N VAL A 18 -6.34 -0.17 -35.80
CA VAL A 18 -6.43 -1.53 -36.26
C VAL A 18 -5.33 -2.34 -35.62
N ASN A 19 -5.47 -3.64 -35.69
CA ASN A 19 -4.48 -4.54 -35.12
C ASN A 19 -4.52 -5.96 -35.66
N SER A 20 -3.45 -6.69 -35.41
CA SER A 20 -3.43 -8.14 -35.51
C SER A 20 -2.75 -8.61 -34.23
N THR A 21 -3.52 -9.30 -33.42
CA THR A 21 -3.24 -9.51 -32.01
C THR A 21 -2.60 -8.23 -31.42
N ASN A 22 -1.33 -8.24 -31.05
CA ASN A 22 -0.72 -7.10 -30.36
C ASN A 22 0.20 -6.30 -31.25
N HIS A 23 0.04 -6.45 -32.57
CA HIS A 23 0.67 -5.59 -33.54
C HIS A 23 -0.38 -4.54 -33.90
N LEU A 24 -0.17 -3.29 -33.47
CA LEU A 24 -1.20 -2.22 -33.48
C LEU A 24 -0.86 -1.07 -34.41
N ARG A 25 -1.89 -0.48 -35.05
CA ARG A 25 -1.73 0.78 -35.76
C ARG A 25 -2.79 1.74 -35.26
N VAL A 26 -2.38 2.97 -34.97
CA VAL A 26 -3.31 4.04 -34.54
C VAL A 26 -3.23 5.23 -35.52
N TYR A 27 -4.41 5.71 -35.93
CA TYR A 27 -4.54 6.82 -36.89
C TYR A 27 -5.18 8.05 -36.21
N PHE A 28 -4.59 9.22 -36.47
CA PHE A 28 -5.09 10.47 -35.91
C PHE A 28 -4.76 11.59 -36.89
N GLN A 29 -5.38 12.75 -36.67
CA GLN A 29 -5.17 13.91 -37.50
C GLN A 29 -4.26 14.92 -36.81
N ASP A 30 -3.25 15.41 -37.54
CA ASP A 30 -2.38 16.47 -37.03
C ASP A 30 -3.02 17.84 -37.19
N SER A 31 -2.37 18.85 -36.65
CA SER A 31 -2.95 20.19 -36.60
C SER A 31 -3.07 20.89 -37.95
N HIS A 32 -2.29 20.43 -38.91
CA HIS A 32 -2.36 20.89 -40.30
C HIS A 32 -3.32 20.02 -41.18
N GLY A 33 -3.99 19.05 -40.58
CA GLY A 33 -5.05 18.34 -41.28
C GLY A 33 -4.66 17.03 -41.95
N SER A 34 -3.37 16.67 -41.98
CA SER A 34 -2.93 15.35 -42.41
C SER A 34 -3.31 14.28 -41.40
N ILE A 35 -3.58 13.07 -41.94
CA ILE A 35 -3.83 11.85 -41.14
C ILE A 35 -2.52 11.12 -41.05
N ARG A 36 -2.12 10.79 -39.81
CA ARG A 36 -0.86 10.06 -39.57
C ARG A 36 -1.08 8.70 -38.96
N GLU A 37 -0.06 7.86 -39.04
CA GLU A 37 -0.07 6.53 -38.46
C GLU A 37 1.05 6.39 -37.43
N SER A 38 0.66 6.09 -36.19
CA SER A 38 1.61 5.61 -35.18
C SER A 38 1.48 4.09 -35.11
N LEU A 39 2.55 3.40 -34.78
CA LEU A 39 2.57 1.96 -34.80
C LEU A 39 3.10 1.38 -33.53
N TYR A 40 2.55 0.23 -33.17
CA TYR A 40 3.13 -0.58 -32.11
C TYR A 40 3.53 -1.92 -32.65
N GLU A 41 4.86 -2.13 -32.71
CA GLU A 41 5.52 -3.43 -32.97
C GLU A 41 6.54 -3.71 -31.86
N SER A 42 6.12 -4.40 -30.81
CA SER A 42 6.93 -4.54 -29.58
C SER A 42 7.55 -3.21 -29.09
N GLY A 43 6.83 -2.10 -29.28
CA GLY A 43 7.19 -0.76 -28.85
C GLY A 43 6.53 0.23 -29.81
N TRP A 44 6.22 1.42 -29.29
CA TRP A 44 5.60 2.49 -30.07
C TRP A 44 6.58 3.28 -30.94
N ALA A 45 6.14 3.73 -32.10
CA ALA A 45 6.98 4.46 -33.03
C ALA A 45 6.13 5.31 -33.93
N ASN A 46 6.80 6.16 -34.69
CA ASN A 46 6.18 6.95 -35.77
C ASN A 46 5.20 8.04 -35.33
N GLY A 47 4.05 8.16 -35.98
CA GLY A 47 3.16 9.30 -35.72
C GLY A 47 3.71 10.64 -36.15
N THR A 48 4.78 10.64 -36.94
CA THR A 48 5.49 11.88 -37.32
C THR A 48 5.05 12.35 -38.69
N ALA A 49 5.60 13.50 -39.10
CA ALA A 49 5.27 14.11 -40.39
C ALA A 49 5.75 13.25 -41.59
N LYS A 50 6.71 12.34 -41.37
CA LYS A 50 7.07 11.32 -42.39
C LYS A 50 6.16 10.07 -42.44
N ASN A 51 5.04 10.09 -41.71
CA ASN A 51 4.13 8.96 -41.61
C ASN A 51 2.73 9.40 -41.97
N VAL A 52 2.59 10.31 -42.92
CA VAL A 52 1.27 10.79 -43.34
C VAL A 52 0.74 9.75 -44.35
N ILE A 53 -0.52 9.34 -44.21
CA ILE A 53 -1.16 8.44 -45.16
C ILE A 53 -2.25 9.13 -45.94
N ALA A 54 -2.65 10.35 -45.58
CA ALA A 54 -3.78 11.02 -46.20
C ALA A 54 -3.89 12.45 -45.76
N LYS A 55 -4.80 13.20 -46.40
CA LYS A 55 -5.10 14.58 -45.99
C LYS A 55 -6.58 14.82 -46.05
N ALA A 56 -7.11 15.45 -45.01
CA ALA A 56 -8.54 15.48 -44.85
C ALA A 56 -8.98 16.82 -44.28
N LYS A 57 -10.27 17.15 -44.38
CA LYS A 57 -10.73 18.36 -43.74
C LYS A 57 -10.33 18.33 -42.22
N LEU A 58 -10.08 19.51 -41.67
CA LEU A 58 -9.86 19.69 -40.24
C LEU A 58 -11.12 19.32 -39.49
N GLY A 59 -10.98 18.50 -38.44
CA GLY A 59 -12.13 18.04 -37.69
C GLY A 59 -12.74 16.79 -38.30
N THR A 60 -12.02 16.14 -39.23
CA THR A 60 -12.61 15.00 -39.92
C THR A 60 -12.90 13.84 -38.94
N PRO A 61 -14.01 13.15 -39.16
CA PRO A 61 -14.16 11.86 -38.52
C PRO A 61 -13.15 10.91 -39.11
N LEU A 62 -12.71 9.96 -38.32
CA LEU A 62 -11.75 8.98 -38.78
C LEU A 62 -12.27 7.60 -38.44
N ALA A 63 -12.15 6.65 -39.38
CA ALA A 63 -12.44 5.25 -39.09
C ALA A 63 -11.50 4.42 -39.86
N ALA A 64 -11.15 3.28 -39.28
CA ALA A 64 -10.31 2.32 -39.97
C ALA A 64 -10.80 0.89 -39.74
N THR A 65 -10.34 -0.02 -40.62
CA THR A 65 -10.57 -1.43 -40.49
C THR A 65 -9.49 -2.22 -41.20
N SER A 66 -9.35 -3.48 -40.84
CA SER A 66 -8.27 -4.27 -41.40
C SER A 66 -8.58 -5.75 -41.44
N LYS A 67 -7.90 -6.46 -42.35
CA LYS A 67 -7.69 -7.93 -42.26
C LYS A 67 -6.29 -8.15 -41.72
N GLU A 68 -6.22 -8.50 -40.43
CA GLU A 68 -4.96 -8.59 -39.73
C GLU A 68 -4.24 -7.26 -40.01
N LEU A 69 -2.96 -7.24 -40.35
CA LEU A 69 -2.38 -6.05 -40.91
C LEU A 69 -1.94 -6.31 -42.34
N LYS A 70 -2.67 -7.19 -43.06
CA LYS A 70 -2.36 -7.48 -44.48
C LYS A 70 -3.07 -6.48 -45.36
N ASN A 71 -4.27 -6.10 -44.96
CA ASN A 71 -5.09 -5.11 -45.63
C ASN A 71 -5.60 -4.14 -44.59
N ILE A 72 -5.31 -2.86 -44.75
CA ILE A 72 -5.87 -1.79 -43.88
C ILE A 72 -6.58 -0.77 -44.72
N ARG A 73 -7.68 -0.27 -44.22
CA ARG A 73 -8.36 0.83 -44.88
C ARG A 73 -8.66 1.93 -43.87
N VAL A 74 -8.41 3.18 -44.26
CA VAL A 74 -8.68 4.34 -43.39
C VAL A 74 -9.60 5.37 -44.10
N TYR A 75 -10.70 5.71 -43.43
CA TYR A 75 -11.76 6.55 -43.95
C TYR A 75 -11.77 7.95 -43.27
N SER A 76 -11.95 8.97 -44.12
CA SER A 76 -12.07 10.37 -43.70
C SER A 76 -12.89 11.13 -44.72
N LEU A 77 -13.11 12.41 -44.45
CA LEU A 77 -13.82 13.31 -45.36
C LEU A 77 -12.88 14.32 -46.01
N THR A 78 -13.20 14.65 -47.25
CA THR A 78 -12.51 15.70 -47.97
C THR A 78 -13.12 17.02 -47.52
N GLU A 79 -12.55 18.11 -48.00
CA GLU A 79 -13.11 19.43 -47.80
C GLU A 79 -14.51 19.57 -48.34
N ASP A 80 -14.91 18.79 -49.33
CA ASP A 80 -16.30 18.88 -49.81
C ASP A 80 -17.22 17.80 -49.24
N ASN A 81 -16.80 17.18 -48.14
CA ASN A 81 -17.63 16.22 -47.40
C ASN A 81 -17.99 15.04 -48.23
N VAL A 82 -16.98 14.63 -49.00
CA VAL A 82 -17.05 13.44 -49.78
C VAL A 82 -16.30 12.34 -49.01
N LEU A 83 -16.92 11.19 -48.85
CA LEU A 83 -16.21 10.09 -48.22
C LEU A 83 -15.02 9.74 -49.06
N GLN A 84 -13.86 9.57 -48.43
CA GLN A 84 -12.63 9.15 -49.13
C GLN A 84 -11.92 8.02 -48.36
N GLU A 85 -10.95 7.36 -49.01
CA GLU A 85 -10.31 6.12 -48.52
C GLU A 85 -8.81 6.05 -48.82
N ALA A 86 -8.03 5.83 -47.76
CA ALA A 86 -6.65 5.46 -47.89
C ALA A 86 -6.60 4.00 -47.63
N ALA A 87 -5.87 3.29 -48.48
CA ALA A 87 -5.79 1.84 -48.47
C ALA A 87 -4.35 1.39 -48.42
N TYR A 88 -4.09 0.35 -47.65
CA TYR A 88 -2.79 -0.31 -47.58
C TYR A 88 -2.98 -1.78 -47.83
N ASP A 89 -2.14 -2.37 -48.66
CA ASP A 89 -2.12 -3.83 -48.90
C ASP A 89 -0.67 -4.26 -48.75
N SER A 90 -0.40 -5.30 -48.00
CA SER A 90 0.94 -5.84 -47.96
C SER A 90 1.57 -5.89 -49.36
N GLY A 91 2.78 -5.33 -49.47
CA GLY A 91 3.54 -5.37 -50.72
C GLY A 91 3.07 -4.45 -51.84
N SER A 92 2.00 -3.71 -51.59
CA SER A 92 1.52 -2.69 -52.50
C SER A 92 1.81 -1.27 -51.89
N GLY A 93 2.10 -1.17 -50.60
CA GLY A 93 2.14 0.13 -49.92
C GLY A 93 0.79 0.80 -49.69
N TRP A 94 0.86 2.09 -49.33
CA TRP A 94 -0.31 2.97 -49.24
C TRP A 94 -0.68 3.58 -50.60
N TYR A 95 -1.99 3.67 -50.87
CA TYR A 95 -2.50 4.26 -52.10
C TYR A 95 -3.89 4.77 -51.85
N ASN A 96 -4.41 5.59 -52.77
CA ASN A 96 -5.79 6.08 -52.67
C ASN A 96 -6.77 5.08 -53.17
N GLY A 97 -7.71 4.70 -52.33
CA GLY A 97 -8.75 3.76 -52.70
C GLY A 97 -9.76 4.41 -53.61
N ALA A 98 -10.69 3.60 -54.10
CA ALA A 98 -11.57 4.06 -55.16
C ALA A 98 -12.78 4.76 -54.59
N LEU A 99 -12.94 4.81 -53.27
CA LEU A 99 -14.18 5.39 -52.65
C LEU A 99 -14.55 6.80 -53.08
N ALA A 100 -13.57 7.73 -53.10
CA ALA A 100 -13.85 9.16 -53.46
C ALA A 100 -14.45 9.25 -54.87
N GLY A 101 -14.03 8.33 -55.73
CA GLY A 101 -14.53 8.23 -57.10
C GLY A 101 -16.00 8.00 -57.18
N ALA A 102 -16.59 7.37 -56.18
CA ALA A 102 -18.05 7.22 -56.16
C ALA A 102 -18.79 8.47 -55.74
N LYS A 103 -18.06 9.48 -55.25
CA LYS A 103 -18.66 10.78 -54.88
C LYS A 103 -19.88 10.69 -53.94
N PHE A 104 -19.73 9.93 -52.86
CA PHE A 104 -20.73 9.89 -51.80
C PHE A 104 -20.56 11.14 -50.91
N THR A 105 -21.51 12.08 -50.99
CA THR A 105 -21.47 13.32 -50.22
C THR A 105 -22.28 13.08 -48.98
N VAL A 106 -21.70 13.46 -47.82
CA VAL A 106 -22.34 13.29 -46.49
C VAL A 106 -22.48 14.63 -45.80
N ALA A 107 -23.19 14.63 -44.68
CA ALA A 107 -23.31 15.83 -43.83
C ALA A 107 -21.95 16.24 -43.35
N PRO A 108 -21.68 17.56 -43.27
CA PRO A 108 -20.38 18.01 -42.78
C PRO A 108 -20.02 17.56 -41.35
N TYR A 109 -21.05 17.31 -40.56
CA TYR A 109 -20.91 16.78 -39.21
C TYR A 109 -20.95 15.21 -39.15
N SER A 110 -20.86 14.52 -40.30
CA SER A 110 -21.02 13.09 -40.33
C SER A 110 -19.87 12.42 -39.64
N ARG A 111 -20.13 11.35 -38.88
CA ARG A 111 -19.06 10.48 -38.47
C ARG A 111 -18.94 9.38 -39.52
N ILE A 112 -18.03 8.45 -39.32
CA ILE A 112 -17.84 7.31 -40.20
C ILE A 112 -17.59 6.05 -39.36
N GLY A 113 -18.22 4.93 -39.74
CA GLY A 113 -17.89 3.61 -39.19
C GLY A 113 -17.48 2.70 -40.32
N SER A 114 -16.59 1.76 -40.05
CA SER A 114 -16.14 0.89 -41.11
C SER A 114 -15.76 -0.48 -40.60
N VAL A 115 -16.14 -1.50 -41.37
CA VAL A 115 -15.68 -2.86 -41.13
C VAL A 115 -15.51 -3.69 -42.36
N PHE A 116 -14.47 -4.52 -42.36
CA PHE A 116 -14.42 -5.71 -43.18
C PHE A 116 -15.36 -6.77 -42.62
N LEU A 117 -15.98 -7.52 -43.53
CA LEU A 117 -16.93 -8.56 -43.16
C LEU A 117 -16.16 -9.75 -42.71
N ALA A 118 -16.49 -10.23 -41.52
CA ALA A 118 -15.78 -11.33 -40.90
C ALA A 118 -16.11 -12.64 -41.64
N GLY A 119 -15.18 -13.57 -41.58
CA GLY A 119 -15.44 -14.94 -42.01
C GLY A 119 -15.38 -15.21 -43.49
N THR A 120 -14.64 -14.38 -44.23
CA THR A 120 -14.32 -14.66 -45.61
C THR A 120 -12.95 -14.07 -45.89
N ASN A 121 -12.23 -14.69 -46.82
CA ASN A 121 -10.99 -14.11 -47.32
C ASN A 121 -11.23 -12.99 -48.30
N ALA A 122 -12.41 -12.91 -48.90
CA ALA A 122 -12.69 -11.84 -49.87
C ALA A 122 -12.64 -10.52 -49.12
N LEU A 123 -12.26 -9.46 -49.84
CA LEU A 123 -12.23 -8.13 -49.25
C LEU A 123 -13.58 -7.49 -49.53
N GLN A 124 -14.46 -7.56 -48.55
CA GLN A 124 -15.79 -6.96 -48.60
C GLN A 124 -15.91 -5.99 -47.43
N LEU A 125 -16.39 -4.77 -47.72
CA LEU A 125 -16.38 -3.67 -46.78
C LEU A 125 -17.78 -3.12 -46.61
N ARG A 126 -18.13 -2.72 -45.39
CA ARG A 126 -19.33 -1.96 -45.12
C ARG A 126 -18.95 -0.70 -44.39
N ILE A 127 -19.36 0.45 -44.91
CA ILE A 127 -18.99 1.76 -44.38
C ILE A 127 -20.29 2.43 -44.01
N TYR A 128 -20.29 3.16 -42.91
CA TYR A 128 -21.53 3.78 -42.40
C TYR A 128 -21.27 5.28 -42.12
N ALA A 129 -22.13 6.14 -42.66
CA ALA A 129 -21.97 7.58 -42.49
C ALA A 129 -23.33 8.22 -42.48
N GLN A 130 -23.39 9.52 -42.17
CA GLN A 130 -24.65 10.26 -42.05
C GLN A 130 -24.85 11.25 -43.20
N LYS A 131 -25.95 11.11 -43.92
CA LYS A 131 -26.26 11.97 -45.06
C LYS A 131 -26.94 13.27 -44.57
N THR A 132 -27.12 14.22 -45.50
CA THR A 132 -27.65 15.56 -45.15
C THR A 132 -29.08 15.51 -44.63
N ASP A 133 -29.80 14.41 -44.86
CA ASP A 133 -31.12 14.21 -44.24
C ASP A 133 -31.03 13.51 -42.90
N ASN A 134 -29.82 13.37 -42.37
CA ASN A 134 -29.58 12.75 -41.06
C ASN A 134 -29.77 11.23 -40.93
N THR A 135 -30.06 10.57 -42.04
CA THR A 135 -30.13 9.12 -42.04
C THR A 135 -28.73 8.55 -42.02
N ILE A 136 -28.59 7.35 -41.46
CA ILE A 136 -27.33 6.63 -41.49
C ILE A 136 -27.39 5.70 -42.71
N GLN A 137 -26.41 5.85 -43.61
CA GLN A 137 -26.39 5.12 -44.86
C GLN A 137 -25.25 4.14 -44.88
N GLU A 138 -25.53 2.89 -45.23
CA GLU A 138 -24.47 1.93 -45.50
C GLU A 138 -23.98 2.07 -46.95
N TYR A 139 -22.67 1.97 -47.12
CA TYR A 139 -22.01 1.96 -48.43
C TYR A 139 -21.16 0.68 -48.45
N MET A 140 -21.08 0.01 -49.60
CA MET A 140 -20.46 -1.27 -49.62
C MET A 140 -19.59 -1.49 -50.78
N TRP A 141 -18.61 -2.37 -50.58
CA TRP A 141 -17.77 -2.90 -51.61
C TRP A 141 -17.79 -4.43 -51.53
N ASN A 142 -18.30 -5.07 -52.60
CA ASN A 142 -18.23 -6.52 -52.77
C ASN A 142 -17.48 -6.91 -54.05
N GLY A 143 -16.50 -6.12 -54.45
CA GLY A 143 -15.61 -6.44 -55.60
C GLY A 143 -15.93 -5.81 -56.95
N ASP A 144 -17.11 -5.21 -57.10
CA ASP A 144 -17.68 -4.75 -58.35
C ASP A 144 -17.82 -3.23 -58.40
N GLY A 145 -17.27 -2.51 -57.42
CA GLY A 145 -17.42 -1.06 -57.33
C GLY A 145 -18.22 -0.68 -56.10
N TRP A 146 -17.98 0.52 -55.60
CA TRP A 146 -18.68 1.05 -54.43
C TRP A 146 -20.10 1.39 -54.73
N LYS A 147 -21.03 0.81 -53.96
CA LYS A 147 -22.48 0.92 -54.11
C LYS A 147 -23.14 1.27 -52.78
N GLU A 148 -24.22 2.01 -52.83
CA GLU A 148 -25.01 2.28 -51.64
C GLU A 148 -25.61 0.95 -51.23
N GLY A 149 -25.65 0.71 -49.91
CA GLY A 149 -26.31 -0.46 -49.33
C GLY A 149 -27.60 -0.10 -48.61
N THR A 150 -27.85 -0.65 -47.44
CA THR A 150 -29.05 -0.37 -46.66
C THR A 150 -28.94 0.96 -45.92
N ASN A 151 -30.07 1.66 -45.79
CA ASN A 151 -30.18 2.88 -45.04
C ASN A 151 -30.80 2.56 -43.69
N LEU A 152 -30.13 2.92 -42.58
CA LEU A 152 -30.56 2.51 -41.24
C LEU A 152 -31.45 3.48 -40.49
N GLY A 153 -31.92 4.54 -41.15
CA GLY A 153 -32.89 5.48 -40.56
C GLY A 153 -32.28 6.73 -39.90
N VAL A 154 -33.16 7.57 -39.34
CA VAL A 154 -32.75 8.86 -38.83
C VAL A 154 -32.01 8.76 -37.50
N ALA A 155 -30.93 9.52 -37.39
CA ALA A 155 -30.17 9.63 -36.14
C ALA A 155 -29.93 11.08 -35.86
N LEU A 156 -29.48 11.37 -34.63
CA LEU A 156 -29.08 12.71 -34.22
C LEU A 156 -28.06 13.27 -35.18
N PRO A 157 -28.20 14.53 -35.59
CA PRO A 157 -27.14 15.14 -36.40
C PRO A 157 -25.79 15.19 -35.70
N GLY A 158 -24.80 14.54 -36.29
CA GLY A 158 -23.43 14.51 -35.75
C GLY A 158 -23.13 13.34 -34.81
N THR A 159 -24.10 12.42 -34.73
CA THR A 159 -24.04 11.23 -33.86
C THR A 159 -22.77 10.55 -34.08
N GLY A 160 -22.17 10.02 -33.02
CA GLY A 160 -21.13 9.01 -33.13
C GLY A 160 -21.67 7.76 -33.84
N ILE A 161 -20.76 6.96 -34.36
CA ILE A 161 -21.12 5.77 -35.06
C ILE A 161 -20.14 4.67 -34.67
N GLY A 162 -20.64 3.69 -33.91
CA GLY A 162 -19.85 2.52 -33.58
C GLY A 162 -20.32 1.35 -34.44
N VAL A 163 -19.41 0.44 -34.75
CA VAL A 163 -19.77 -0.67 -35.59
C VAL A 163 -18.81 -1.79 -35.38
N THR A 164 -19.33 -3.02 -35.38
CA THR A 164 -18.49 -4.17 -35.24
C THR A 164 -19.10 -5.31 -36.01
N CYS A 165 -18.26 -6.27 -36.36
CA CYS A 165 -18.68 -7.35 -37.22
C CYS A 165 -17.98 -8.66 -36.84
N TRP A 166 -18.73 -9.75 -36.88
CA TRP A 166 -18.18 -11.07 -36.51
C TRP A 166 -18.96 -12.15 -37.28
N ARG A 167 -18.46 -13.37 -37.26
CA ARG A 167 -19.20 -14.49 -37.80
C ARG A 167 -19.36 -15.53 -36.68
N TYR A 168 -20.60 -15.75 -36.26
CA TYR A 168 -20.88 -16.87 -35.36
C TYR A 168 -20.43 -18.20 -36.00
N THR A 169 -19.83 -19.07 -35.19
CA THR A 169 -19.36 -20.36 -35.71
C THR A 169 -20.48 -21.34 -36.22
N ASP A 170 -21.73 -21.13 -35.82
CA ASP A 170 -22.88 -21.87 -36.39
C ASP A 170 -23.67 -21.10 -37.48
N TYR A 171 -23.04 -20.15 -38.16
CA TYR A 171 -23.79 -19.35 -39.12
C TYR A 171 -23.02 -19.32 -40.41
N ASP A 172 -23.74 -19.06 -41.51
CA ASP A 172 -23.13 -19.10 -42.85
C ASP A 172 -22.72 -17.73 -43.40
N GLY A 173 -22.58 -16.76 -42.50
CA GLY A 173 -22.35 -15.36 -42.92
C GLY A 173 -21.95 -14.43 -41.79
N PRO A 174 -21.81 -13.13 -42.09
CA PRO A 174 -21.48 -12.13 -41.11
C PRO A 174 -22.64 -11.58 -40.33
N SER A 175 -22.38 -11.32 -39.07
CA SER A 175 -23.22 -10.48 -38.22
C SER A 175 -22.61 -9.07 -38.05
N ILE A 176 -23.45 -8.06 -38.05
CA ILE A 176 -23.00 -6.71 -37.87
C ILE A 176 -23.86 -6.04 -36.80
N ARG A 177 -23.24 -5.17 -36.02
CA ARG A 177 -24.03 -4.31 -35.15
C ARG A 177 -23.53 -2.89 -35.32
N VAL A 178 -24.44 -1.96 -35.27
CA VAL A 178 -24.20 -0.56 -35.47
C VAL A 178 -24.88 0.16 -34.32
N TRP A 179 -24.11 1.05 -33.69
CA TRP A 179 -24.62 1.88 -32.61
C TRP A 179 -24.49 3.36 -32.97
N PHE A 180 -25.54 4.10 -32.67
CA PHE A 180 -25.56 5.55 -32.87
C PHE A 180 -26.56 6.17 -31.90
N GLN A 181 -26.74 7.49 -31.96
CA GLN A 181 -27.53 8.23 -31.01
C GLN A 181 -28.74 8.75 -31.76
N THR A 182 -29.93 8.63 -31.15
CA THR A 182 -31.16 9.12 -31.74
C THR A 182 -31.54 10.54 -31.27
N ASP A 183 -32.50 11.17 -31.92
CA ASP A 183 -32.87 12.53 -31.57
C ASP A 183 -33.19 12.73 -30.07
N ASN A 184 -33.73 11.71 -29.42
CA ASN A 184 -34.02 11.81 -27.98
C ASN A 184 -32.76 11.75 -27.11
N LEU A 185 -31.59 11.58 -27.74
CA LEU A 185 -30.28 11.46 -27.09
C LEU A 185 -29.97 10.07 -26.54
N LYS A 186 -30.85 9.11 -26.78
CA LYS A 186 -30.58 7.73 -26.38
C LYS A 186 -29.52 7.17 -27.28
N LEU A 187 -28.81 6.17 -26.76
CA LEU A 187 -27.87 5.37 -27.53
C LEU A 187 -28.53 4.07 -27.84
N VAL A 188 -28.55 3.73 -29.14
CA VAL A 188 -29.28 2.57 -29.67
C VAL A 188 -28.40 1.64 -30.53
N GLN A 189 -28.88 0.41 -30.66
CA GLN A 189 -28.31 -0.64 -31.51
C GLN A 189 -29.21 -0.95 -32.73
N ARG A 190 -28.59 -1.13 -33.91
CA ARG A 190 -29.23 -1.78 -35.06
C ARG A 190 -28.40 -3.04 -35.33
N ALA A 191 -29.06 -4.11 -35.77
CA ALA A 191 -28.40 -5.42 -35.94
C ALA A 191 -28.70 -6.09 -37.25
N TYR A 192 -27.70 -6.82 -37.74
CA TYR A 192 -27.82 -7.60 -38.92
C TYR A 192 -27.25 -8.97 -38.66
N ASP A 193 -28.05 -9.96 -39.02
CA ASP A 193 -27.67 -11.36 -39.00
C ASP A 193 -28.00 -11.89 -40.40
N PRO A 194 -27.25 -12.90 -40.87
CA PRO A 194 -27.35 -13.33 -42.30
C PRO A 194 -28.71 -13.86 -42.79
N HIS A 195 -29.52 -14.51 -41.94
CA HIS A 195 -30.82 -15.02 -42.41
C HIS A 195 -31.96 -14.03 -42.16
N THR A 196 -31.90 -13.32 -41.04
CA THR A 196 -32.92 -12.30 -40.74
C THR A 196 -32.73 -10.98 -41.52
N GLY A 197 -31.52 -10.73 -42.02
CA GLY A 197 -31.17 -9.40 -42.51
C GLY A 197 -31.17 -8.41 -41.36
N TRP A 198 -31.54 -7.17 -41.65
CA TRP A 198 -31.53 -6.08 -40.67
C TRP A 198 -32.76 -6.20 -39.81
N TYR A 199 -32.62 -6.27 -38.49
CA TYR A 199 -33.81 -6.33 -37.58
C TYR A 199 -34.53 -4.97 -37.64
N LYS A 200 -35.84 -4.93 -37.58
CA LYS A 200 -36.58 -3.63 -37.63
C LYS A 200 -36.43 -2.79 -36.38
N GLU A 201 -36.17 -3.42 -35.25
CA GLU A 201 -36.29 -2.77 -33.96
C GLU A 201 -34.95 -2.11 -33.62
N LEU A 202 -35.03 -0.92 -33.01
CA LEU A 202 -33.92 -0.26 -32.35
C LEU A 202 -33.86 -0.78 -30.93
N THR A 203 -32.70 -1.29 -30.51
CA THR A 203 -32.51 -1.65 -29.11
C THR A 203 -31.74 -0.55 -28.36
N THR A 204 -32.29 -0.09 -27.23
CA THR A 204 -31.60 0.88 -26.35
C THR A 204 -30.47 0.25 -25.52
N ILE A 205 -29.29 0.89 -25.55
CA ILE A 205 -28.16 0.55 -24.69
C ILE A 205 -27.76 1.63 -23.70
N PHE A 206 -28.22 2.86 -23.88
CA PHE A 206 -28.01 3.87 -22.84
C PHE A 206 -29.10 4.92 -22.96
N ASP A 207 -29.57 5.39 -21.82
CA ASP A 207 -30.78 6.16 -21.75
C ASP A 207 -30.57 7.56 -22.24
N LYS A 208 -29.48 8.19 -21.86
CA LYS A 208 -29.27 9.55 -22.30
C LYS A 208 -27.79 9.79 -22.30
N ALA A 209 -27.25 10.34 -23.37
CA ALA A 209 -25.82 10.61 -23.42
C ALA A 209 -25.59 12.02 -23.98
N PRO A 210 -24.37 12.57 -23.82
CA PRO A 210 -24.18 13.90 -24.39
C PRO A 210 -24.37 13.95 -25.92
N PRO A 211 -24.94 15.04 -26.42
CA PRO A 211 -25.13 15.20 -27.85
C PRO A 211 -23.82 15.09 -28.60
N ARG A 212 -23.80 14.20 -29.59
CA ARG A 212 -22.64 13.93 -30.44
C ARG A 212 -21.47 13.34 -29.71
N CYS A 213 -21.73 12.63 -28.59
CA CYS A 213 -20.64 11.99 -27.88
C CYS A 213 -20.03 10.98 -28.81
N ALA A 214 -18.75 10.72 -28.63
CA ALA A 214 -18.08 9.72 -29.44
C ALA A 214 -18.63 8.33 -29.05
N ILE A 215 -18.59 7.41 -30.02
CA ILE A 215 -19.08 6.04 -29.81
C ILE A 215 -18.18 5.09 -30.57
N ALA A 216 -17.72 4.03 -29.92
CA ALA A 216 -16.81 3.05 -30.55
C ALA A 216 -17.03 1.64 -29.96
N ALA A 217 -16.91 0.61 -30.78
CA ALA A 217 -17.27 -0.71 -30.34
C ALA A 217 -16.31 -1.77 -30.87
N THR A 218 -16.29 -2.92 -30.20
CA THR A 218 -15.49 -4.09 -30.64
C THR A 218 -16.18 -5.37 -30.19
N ASN A 219 -15.64 -6.50 -30.60
CA ASN A 219 -16.18 -7.78 -30.15
C ASN A 219 -15.06 -8.73 -29.99
N PHE A 220 -15.29 -9.78 -29.21
CA PHE A 220 -14.32 -10.85 -29.09
C PHE A 220 -15.03 -12.17 -28.77
N ASN A 221 -14.29 -13.25 -28.99
CA ASN A 221 -14.65 -14.62 -28.68
C ASN A 221 -16.00 -15.06 -29.26
N PRO A 222 -16.19 -14.87 -30.59
CA PRO A 222 -17.39 -15.40 -31.23
C PRO A 222 -17.44 -16.95 -31.10
N GLY A 223 -18.66 -17.48 -31.05
CA GLY A 223 -18.87 -18.91 -30.90
C GLY A 223 -20.22 -19.31 -31.44
N LYS A 224 -20.74 -20.41 -30.91
CA LYS A 224 -22.01 -20.99 -31.37
C LYS A 224 -23.13 -20.13 -30.79
N SER A 225 -23.73 -19.27 -31.61
CA SER A 225 -24.74 -18.30 -31.14
C SER A 225 -24.36 -17.45 -29.90
N SER A 226 -23.06 -17.24 -29.71
CA SER A 226 -22.51 -16.49 -28.59
C SER A 226 -21.48 -15.45 -29.11
N ILE A 227 -21.53 -14.29 -28.49
CA ILE A 227 -20.61 -13.22 -28.74
C ILE A 227 -20.40 -12.39 -27.46
N TYR A 228 -19.26 -11.69 -27.39
CA TYR A 228 -18.99 -10.69 -26.36
C TYR A 228 -18.73 -9.36 -27.06
N MET A 229 -19.45 -8.32 -26.63
CA MET A 229 -19.29 -7.01 -27.24
C MET A 229 -19.04 -5.96 -26.18
N ARG A 230 -18.25 -4.98 -26.54
CA ARG A 230 -17.99 -3.81 -25.74
C ARG A 230 -18.22 -2.57 -26.58
N ILE A 231 -19.00 -1.66 -26.02
CA ILE A 231 -19.29 -0.39 -26.63
C ILE A 231 -18.89 0.74 -25.68
N TYR A 232 -18.13 1.71 -26.22
CA TYR A 232 -17.59 2.83 -25.47
C TYR A 232 -18.17 4.18 -25.94
N PHE A 233 -18.41 5.08 -24.97
CA PHE A 233 -18.85 6.39 -25.28
C PHE A 233 -18.40 7.41 -24.24
N VAL A 234 -18.41 8.67 -24.62
CA VAL A 234 -17.94 9.70 -23.75
C VAL A 234 -19.17 10.22 -23.06
N ASN A 235 -19.20 10.17 -21.73
CA ASN A 235 -20.41 10.50 -20.97
C ASN A 235 -20.31 11.91 -20.39
N SER A 236 -21.39 12.39 -19.76
CA SER A 236 -21.44 13.76 -19.29
C SER A 236 -20.55 14.10 -18.10
N ASP A 237 -19.94 13.09 -17.47
CA ASP A 237 -18.97 13.27 -16.40
C ASP A 237 -17.55 13.34 -16.99
N ASN A 238 -17.43 13.54 -18.30
CA ASN A 238 -16.11 13.65 -18.94
C ASN A 238 -15.24 12.42 -18.70
N THR A 239 -15.82 11.25 -18.85
CA THR A 239 -15.10 9.96 -18.84
C THR A 239 -15.63 9.11 -19.97
N ILE A 240 -14.84 8.16 -20.43
CA ILE A 240 -15.36 7.04 -21.23
C ILE A 240 -16.11 6.05 -20.31
N TRP A 241 -17.36 5.77 -20.65
CA TRP A 241 -18.15 4.64 -20.08
C TRP A 241 -18.10 3.43 -21.04
N GLN A 242 -18.35 2.25 -20.46
CA GLN A 242 -18.32 1.01 -21.19
C GLN A 242 -19.67 0.32 -20.96
N VAL A 243 -20.28 -0.12 -22.06
CA VAL A 243 -21.47 -0.98 -22.02
C VAL A 243 -21.03 -2.38 -22.45
N CYS A 244 -21.21 -3.35 -21.55
CA CYS A 244 -20.87 -4.76 -21.83
C CYS A 244 -22.05 -5.57 -22.31
N TRP A 245 -21.86 -6.24 -23.44
CA TRP A 245 -22.68 -7.38 -23.82
C TRP A 245 -21.84 -8.62 -23.52
N ASP A 246 -22.28 -9.45 -22.58
CA ASP A 246 -21.67 -10.79 -22.36
C ASP A 246 -22.70 -11.92 -22.63
N HIS A 247 -22.30 -12.98 -23.34
CA HIS A 247 -23.20 -14.08 -23.69
C HIS A 247 -23.87 -14.59 -22.45
N GLY A 248 -25.19 -14.79 -22.54
CA GLY A 248 -26.00 -15.25 -21.44
C GLY A 248 -26.55 -14.12 -20.59
N GLN A 249 -25.86 -12.98 -20.57
CA GLN A 249 -26.32 -11.86 -19.70
C GLN A 249 -26.83 -10.68 -20.47
N GLY A 250 -26.36 -10.54 -21.69
CA GLY A 250 -26.72 -9.42 -22.52
C GLY A 250 -26.10 -8.13 -22.05
N TYR A 251 -26.86 -7.04 -22.20
CA TYR A 251 -26.43 -5.69 -21.82
C TYR A 251 -26.56 -5.44 -20.32
N HIS A 252 -25.69 -6.08 -19.57
CA HIS A 252 -25.87 -6.18 -18.11
C HIS A 252 -24.99 -5.28 -17.25
N ASP A 253 -24.02 -4.59 -17.84
CA ASP A 253 -23.14 -3.77 -17.05
C ASP A 253 -22.79 -2.49 -17.78
N LYS A 254 -22.96 -1.38 -17.09
CA LYS A 254 -22.60 -0.06 -17.61
C LYS A 254 -21.71 0.62 -16.55
N ARG A 255 -20.48 1.05 -16.90
CA ARG A 255 -19.62 1.71 -15.92
C ARG A 255 -18.56 2.64 -16.53
N THR A 256 -18.13 3.63 -15.74
CA THR A 256 -17.01 4.49 -16.13
C THR A 256 -15.73 3.67 -16.25
N ILE A 257 -14.85 4.10 -17.14
CA ILE A 257 -13.60 3.42 -17.37
C ILE A 257 -12.39 4.31 -17.08
N THR A 258 -12.29 5.48 -17.71
CA THR A 258 -11.15 6.38 -17.56
C THR A 258 -11.53 7.83 -17.93
N PRO A 259 -10.92 8.83 -17.27
CA PRO A 259 -11.24 10.21 -17.59
C PRO A 259 -10.75 10.64 -18.98
N VAL A 260 -11.47 11.58 -19.60
CA VAL A 260 -11.04 12.20 -20.87
C VAL A 260 -11.21 13.71 -20.89
N ILE A 261 -10.54 14.37 -21.80
CA ILE A 261 -10.86 15.76 -22.07
C ILE A 261 -12.29 15.87 -22.59
N GLN A 262 -12.89 17.01 -22.31
CA GLN A 262 -14.15 17.40 -22.90
C GLN A 262 -14.14 17.17 -24.40
N GLY A 263 -15.14 16.41 -24.85
CA GLY A 263 -15.34 16.05 -26.26
C GLY A 263 -14.24 15.20 -26.89
N SER A 264 -13.52 14.39 -26.12
CA SER A 264 -12.53 13.52 -26.74
C SER A 264 -13.24 12.58 -27.70
N GLU A 265 -12.53 12.17 -28.75
CA GLU A 265 -13.02 11.08 -29.58
C GLU A 265 -12.39 9.87 -28.98
N ILE A 266 -12.82 8.69 -29.44
CA ILE A 266 -12.23 7.44 -28.95
C ILE A 266 -12.13 6.43 -30.06
N ALA A 267 -11.24 5.47 -29.87
CA ALA A 267 -11.09 4.30 -30.68
C ALA A 267 -10.91 3.11 -29.76
N ILE A 268 -11.29 1.93 -30.24
CA ILE A 268 -11.10 0.67 -29.48
C ILE A 268 -10.64 -0.40 -30.43
N ILE A 269 -9.74 -1.23 -29.96
CA ILE A 269 -9.43 -2.49 -30.62
C ILE A 269 -9.43 -3.61 -29.61
N SER A 270 -9.31 -4.83 -30.10
CA SER A 270 -9.23 -6.00 -29.23
C SER A 270 -8.65 -7.19 -29.94
N TRP A 271 -8.24 -8.15 -29.10
CA TRP A 271 -7.83 -9.44 -29.55
C TRP A 271 -8.12 -10.50 -28.50
N GLU A 272 -7.92 -11.76 -28.87
CA GLU A 272 -8.36 -12.88 -28.03
C GLU A 272 -7.53 -13.01 -26.77
N GLY A 273 -8.19 -13.30 -25.67
CA GLY A 273 -7.62 -13.22 -24.33
C GLY A 273 -8.76 -13.13 -23.31
N PRO A 274 -9.52 -12.02 -23.30
CA PRO A 274 -9.44 -10.86 -24.18
C PRO A 274 -8.41 -9.81 -23.75
N GLU A 275 -7.84 -9.13 -24.75
CA GLU A 275 -7.06 -7.92 -24.59
C GLU A 275 -7.82 -6.74 -25.25
N LEU A 276 -7.98 -5.66 -24.48
CA LEU A 276 -8.61 -4.46 -24.94
C LEU A 276 -7.63 -3.27 -24.90
N ARG A 277 -7.63 -2.46 -25.95
CA ARG A 277 -6.88 -1.22 -25.96
C ARG A 277 -7.79 -0.13 -26.47
N LEU A 278 -7.87 0.94 -25.69
CA LEU A 278 -8.75 2.07 -25.93
C LEU A 278 -7.86 3.29 -26.14
N TYR A 279 -8.20 4.18 -27.07
CA TYR A 279 -7.35 5.37 -27.32
C TYR A 279 -8.26 6.55 -27.27
N PHE A 280 -7.70 7.66 -26.79
CA PHE A 280 -8.49 8.84 -26.44
C PHE A 280 -7.50 9.94 -26.04
N GLN A 281 -8.04 11.11 -25.79
CA GLN A 281 -7.27 12.23 -25.28
C GLN A 281 -7.70 12.54 -23.84
N ASN A 282 -6.75 12.55 -22.92
CA ASN A 282 -7.10 12.89 -21.54
C ASN A 282 -6.37 14.08 -20.96
N GLY A 283 -5.64 14.81 -21.77
CA GLY A 283 -4.95 16.02 -21.27
C GLY A 283 -3.46 15.84 -21.08
N THR A 284 -2.97 14.64 -21.28
CA THR A 284 -1.57 14.39 -21.22
C THR A 284 -0.82 15.22 -22.31
N TYR A 285 0.16 16.01 -21.86
CA TYR A 285 0.82 16.98 -22.69
C TYR A 285 -0.20 17.81 -23.45
N VAL A 286 -1.33 18.07 -22.80
CA VAL A 286 -2.49 18.75 -23.40
C VAL A 286 -3.20 17.97 -24.49
N SER A 287 -2.45 17.66 -25.55
CA SER A 287 -3.01 17.17 -26.80
C SER A 287 -2.60 15.74 -27.19
N ALA A 288 -1.70 15.08 -26.46
CA ALA A 288 -1.27 13.72 -26.82
C ALA A 288 -2.38 12.71 -26.68
N ILE A 289 -2.21 11.59 -27.36
CA ILE A 289 -3.20 10.50 -27.30
C ILE A 289 -2.65 9.57 -26.23
N SER A 290 -3.56 9.05 -25.41
CA SER A 290 -3.24 8.09 -24.35
C SER A 290 -4.02 6.80 -24.62
N GLU A 291 -3.56 5.72 -23.97
CA GLU A 291 -4.08 4.39 -24.11
C GLU A 291 -4.57 3.83 -22.79
N TRP A 292 -5.70 3.12 -22.82
CA TRP A 292 -6.16 2.37 -21.66
C TRP A 292 -6.12 0.93 -22.07
N THR A 293 -5.75 0.05 -21.13
CA THR A 293 -5.61 -1.38 -21.39
C THR A 293 -6.45 -2.24 -20.44
N TRP A 294 -6.95 -3.37 -20.93
CA TRP A 294 -7.49 -4.45 -20.08
C TRP A 294 -6.98 -5.78 -20.60
N GLY A 295 -6.51 -6.61 -19.65
CA GLY A 295 -6.21 -8.02 -19.90
C GLY A 295 -6.44 -8.82 -18.62
N LYS A 296 -6.24 -10.12 -18.67
CA LYS A 296 -6.51 -10.99 -17.52
C LYS A 296 -5.46 -10.76 -16.46
N ALA A 297 -4.21 -10.62 -16.90
CA ALA A 297 -3.11 -10.40 -15.99
C ALA A 297 -3.36 -9.24 -15.01
N HIS A 298 -3.68 -8.05 -15.50
CA HIS A 298 -3.75 -6.89 -14.64
C HIS A 298 -5.08 -6.18 -14.57
N GLY A 299 -6.10 -6.62 -15.33
CA GLY A 299 -7.40 -5.93 -15.37
C GLY A 299 -7.25 -4.55 -15.96
N SER A 300 -8.07 -3.61 -15.53
CA SER A 300 -8.00 -2.22 -15.94
C SER A 300 -6.70 -1.54 -15.50
N GLN A 301 -5.90 -1.09 -16.47
CA GLN A 301 -4.62 -0.38 -16.27
C GLN A 301 -4.42 0.68 -17.35
N LEU A 302 -4.00 1.88 -16.97
CA LEU A 302 -3.52 2.80 -18.01
C LEU A 302 -2.30 2.23 -18.71
N GLY A 303 -2.22 2.48 -20.00
CA GLY A 303 -1.13 1.97 -20.83
C GLY A 303 -0.19 3.11 -21.20
N ARG A 304 0.27 3.14 -22.46
CA ARG A 304 1.12 4.23 -22.94
C ARG A 304 0.50 5.58 -22.60
N ARG A 305 1.27 6.39 -21.92
CA ARG A 305 0.79 7.68 -21.42
C ARG A 305 0.58 8.69 -22.57
N ALA A 306 1.57 8.72 -23.46
CA ALA A 306 1.59 9.62 -24.61
C ALA A 306 2.13 8.90 -25.88
N LEU A 307 1.24 8.72 -26.85
CA LEU A 307 1.59 7.98 -28.07
C LEU A 307 2.47 8.88 -28.91
N PRO A 308 3.30 8.31 -29.77
CA PRO A 308 4.01 9.08 -30.77
C PRO A 308 3.05 9.88 -31.64
N PRO A 309 3.45 11.11 -32.01
CA PRO A 309 4.78 11.71 -31.83
C PRO A 309 5.06 12.43 -30.49
N ALA A 310 4.19 12.33 -29.48
CA ALA A 310 4.35 13.14 -28.22
C ALA A 310 5.58 12.78 -27.37
N GLU A 311 6.06 11.56 -27.55
CA GLU A 311 7.09 10.98 -26.73
C GLU A 311 7.31 9.71 -27.51
N SER B 2 -7.98 22.11 33.96
CA SER B 2 -7.30 23.40 34.32
C SER B 2 -6.09 23.30 35.25
N THR B 3 -5.46 24.45 35.47
CA THR B 3 -4.27 24.62 36.33
C THR B 3 -4.46 25.89 37.18
N PRO B 4 -3.62 26.07 38.22
CA PRO B 4 -3.76 27.29 39.05
C PRO B 4 -3.50 28.63 38.31
N GLY B 5 -2.53 28.67 37.43
CA GLY B 5 -2.30 29.86 36.61
C GLY B 5 -3.40 30.11 35.60
N ALA B 6 -3.95 29.06 35.02
CA ALA B 6 -4.93 29.24 33.95
C ALA B 6 -6.20 29.83 34.48
N GLN B 7 -6.52 29.40 35.70
CA GLN B 7 -7.63 29.95 36.50
C GLN B 7 -7.53 31.46 36.76
N GLU B 8 -6.31 32.02 36.74
CA GLU B 8 -6.13 33.48 36.83
C GLU B 8 -6.56 34.27 35.60
N VAL B 9 -6.58 33.62 34.44
CA VAL B 9 -6.97 34.27 33.20
C VAL B 9 -8.48 34.32 33.05
N LEU B 10 -9.00 35.51 32.82
CA LEU B 10 -10.41 35.68 32.62
C LEU B 10 -10.87 34.97 31.34
N PHE B 11 -11.96 34.24 31.47
CA PHE B 11 -12.61 33.53 30.37
C PHE B 11 -13.20 34.60 29.47
N ARG B 12 -12.97 34.49 28.18
CA ARG B 12 -13.37 35.51 27.20
C ARG B 12 -12.75 36.87 27.41
N THR B 13 -11.62 36.92 28.11
CA THR B 13 -10.81 38.15 28.19
C THR B 13 -10.50 38.78 26.83
N GLY B 14 -10.36 40.08 26.85
CA GLY B 14 -9.68 40.77 25.79
C GLY B 14 -8.26 40.28 25.71
N ILE B 15 -7.71 40.32 24.51
CA ILE B 15 -6.32 39.96 24.29
C ILE B 15 -5.77 40.96 23.29
N ALA B 16 -4.51 41.34 23.48
CA ALA B 16 -3.87 42.22 22.53
C ALA B 16 -2.44 41.81 22.53
N ALA B 17 -1.73 42.12 21.46
CA ALA B 17 -0.35 41.75 21.35
C ALA B 17 0.47 42.77 20.58
N VAL B 18 1.75 42.90 20.95
CA VAL B 18 2.70 43.62 20.12
C VAL B 18 3.99 42.84 19.95
N ASN B 19 4.88 43.36 19.11
CA ASN B 19 6.13 42.66 18.85
C ASN B 19 7.20 43.48 18.14
N SER B 20 8.41 42.98 18.22
CA SER B 20 9.47 43.37 17.29
C SER B 20 10.05 42.08 16.71
N THR B 21 9.93 41.85 15.42
CA THR B 21 10.09 40.51 14.82
C THR B 21 9.57 39.44 15.82
N ASN B 22 10.44 38.54 16.26
CA ASN B 22 10.00 37.41 17.10
C ASN B 22 10.20 37.67 18.61
N HIS B 23 10.24 38.94 19.00
CA HIS B 23 10.24 39.36 20.41
C HIS B 23 8.82 39.81 20.63
N LEU B 24 8.07 39.10 21.48
CA LEU B 24 6.62 39.27 21.59
C LEU B 24 6.16 39.72 22.96
N ARG B 25 5.01 40.40 23.00
CA ARG B 25 4.34 40.69 24.26
C ARG B 25 2.88 40.45 24.05
N VAL B 26 2.24 39.79 25.01
CA VAL B 26 0.78 39.54 24.97
C VAL B 26 0.13 40.01 26.27
N TYR B 27 -0.97 40.73 26.12
CA TYR B 27 -1.69 41.40 27.20
C TYR B 27 -3.10 40.82 27.34
N PHE B 28 -3.51 40.54 28.59
CA PHE B 28 -4.85 39.99 28.83
C PHE B 28 -5.32 40.40 30.21
N GLN B 29 -6.59 40.12 30.52
CA GLN B 29 -7.20 40.49 31.78
C GLN B 29 -7.35 39.28 32.71
N ASP B 30 -6.74 39.34 33.88
CA ASP B 30 -6.90 38.30 34.89
C ASP B 30 -8.32 38.39 35.50
N SER B 31 -8.68 37.39 36.32
CA SER B 31 -10.06 37.27 36.82
C SER B 31 -10.49 38.34 37.83
N HIS B 32 -9.53 39.04 38.45
CA HIS B 32 -9.78 40.22 39.29
C HIS B 32 -9.67 41.58 38.55
N GLY B 33 -9.62 41.56 37.20
CA GLY B 33 -9.64 42.78 36.38
C GLY B 33 -8.30 43.46 36.13
N SER B 34 -7.19 42.97 36.65
CA SER B 34 -5.92 43.58 36.29
C SER B 34 -5.53 43.15 34.85
N ILE B 35 -4.73 43.98 34.16
CA ILE B 35 -4.19 43.71 32.85
C ILE B 35 -2.76 43.27 33.04
N ARG B 36 -2.41 42.07 32.55
CA ARG B 36 -1.05 41.53 32.69
C ARG B 36 -0.36 41.38 31.35
N GLU B 37 0.95 41.26 31.43
CA GLU B 37 1.79 41.10 30.28
C GLU B 37 2.54 39.78 30.37
N SER B 38 2.33 38.92 29.37
CA SER B 38 3.20 37.79 29.14
C SER B 38 4.10 38.16 27.98
N LEU B 39 5.28 37.56 27.97
CA LEU B 39 6.29 37.82 26.95
C LEU B 39 6.97 36.57 26.40
N TYR B 40 7.51 36.71 25.18
CA TYR B 40 8.38 35.71 24.55
C TYR B 40 9.72 36.35 24.17
N GLU B 41 10.78 35.93 24.86
CA GLU B 41 12.14 36.34 24.59
C GLU B 41 12.97 35.09 24.53
N SER B 42 13.14 34.53 23.32
CA SER B 42 13.64 33.17 23.11
C SER B 42 13.04 32.23 24.17
N GLY B 43 11.72 32.30 24.37
CA GLY B 43 11.00 31.48 25.35
C GLY B 43 9.92 32.25 26.10
N TRP B 44 8.83 31.58 26.47
CA TRP B 44 7.72 32.23 27.19
C TRP B 44 8.01 32.44 28.69
N ALA B 45 7.39 33.50 29.24
CA ALA B 45 7.54 33.88 30.66
C ALA B 45 6.53 34.93 31.07
N ASN B 46 6.35 35.04 32.39
CA ASN B 46 5.64 36.11 33.06
C ASN B 46 4.15 35.89 33.08
N GLY B 47 3.32 36.91 32.89
CA GLY B 47 1.88 36.69 32.99
C GLY B 47 1.31 36.59 34.40
N THR B 48 2.12 36.87 35.43
CA THR B 48 1.69 36.72 36.83
C THR B 48 1.08 38.00 37.43
N ALA B 49 0.73 37.93 38.72
CA ALA B 49 0.28 39.11 39.47
C ALA B 49 1.37 40.20 39.63
N LYS B 50 2.64 39.82 39.42
CA LYS B 50 3.78 40.75 39.40
C LYS B 50 4.04 41.41 38.06
N ASN B 51 3.24 41.10 37.04
CA ASN B 51 3.40 41.66 35.70
C ASN B 51 2.12 42.40 35.29
N VAL B 52 1.57 43.14 36.24
CA VAL B 52 0.36 43.94 35.99
C VAL B 52 0.79 45.29 35.43
N ILE B 53 0.11 45.77 34.40
CA ILE B 53 0.40 47.09 33.86
C ILE B 53 -0.74 48.08 34.00
N ALA B 54 -1.94 47.62 34.33
CA ALA B 54 -3.10 48.49 34.46
C ALA B 54 -4.23 47.72 35.14
N LYS B 55 -5.31 48.40 35.44
CA LYS B 55 -6.52 47.84 35.97
C LYS B 55 -7.69 48.46 35.22
N ALA B 56 -8.68 47.65 34.86
CA ALA B 56 -9.79 48.07 34.00
C ALA B 56 -11.03 47.36 34.41
N LYS B 57 -12.17 47.77 33.86
CA LYS B 57 -13.44 47.06 34.11
C LYS B 57 -13.35 45.60 33.69
N LEU B 58 -14.17 44.75 34.30
CA LEU B 58 -14.15 43.31 33.97
C LEU B 58 -14.83 43.15 32.66
N GLY B 59 -14.21 42.39 31.77
CA GLY B 59 -14.74 42.23 30.40
C GLY B 59 -14.34 43.39 29.50
N THR B 60 -13.27 44.12 29.85
CA THR B 60 -12.85 45.25 29.06
C THR B 60 -12.36 44.80 27.72
N PRO B 61 -12.57 45.64 26.69
CA PRO B 61 -11.74 45.45 25.51
C PRO B 61 -10.31 45.77 25.83
N LEU B 62 -9.38 45.17 25.11
CA LEU B 62 -7.99 45.51 25.17
C LEU B 62 -7.52 45.75 23.78
N ALA B 63 -6.65 46.74 23.63
CA ALA B 63 -5.88 46.91 22.39
C ALA B 63 -4.48 47.43 22.66
N ALA B 64 -3.54 47.10 21.78
CA ALA B 64 -2.14 47.44 21.95
C ALA B 64 -1.47 47.80 20.65
N THR B 65 -0.52 48.70 20.70
CA THR B 65 0.25 49.00 19.53
C THR B 65 1.65 49.37 20.00
N SER B 66 2.62 49.26 19.11
CA SER B 66 3.99 49.48 19.48
C SER B 66 4.84 49.94 18.32
N LYS B 67 6.04 50.43 18.63
CA LYS B 67 7.05 50.81 17.64
C LYS B 67 8.18 49.97 18.10
N GLU B 68 8.39 48.89 17.36
CA GLU B 68 9.14 47.78 17.84
C GLU B 68 8.69 47.48 19.30
N LEU B 69 9.63 47.36 20.24
CA LEU B 69 9.33 47.31 21.68
C LEU B 69 10.03 48.46 22.43
N LYS B 70 10.22 49.54 21.71
CA LYS B 70 10.73 50.83 22.22
C LYS B 70 9.56 51.64 22.82
N ASN B 71 8.41 51.66 22.15
CA ASN B 71 7.23 52.32 22.67
C ASN B 71 6.06 51.38 22.51
N ILE B 72 5.33 51.14 23.58
CA ILE B 72 4.14 50.30 23.59
C ILE B 72 3.03 51.07 24.27
N ARG B 73 1.82 50.91 23.77
CA ARG B 73 0.67 51.51 24.41
C ARG B 73 -0.43 50.48 24.46
N VAL B 74 -1.11 50.36 25.59
CA VAL B 74 -2.17 49.41 25.76
C VAL B 74 -3.36 50.16 26.27
N TYR B 75 -4.52 49.97 25.62
CA TYR B 75 -5.76 50.73 25.87
C TYR B 75 -6.81 49.84 26.52
N SER B 76 -7.65 50.43 27.38
CA SER B 76 -8.75 49.69 28.04
C SER B 76 -9.79 50.68 28.53
N LEU B 77 -10.88 50.14 29.07
CA LEU B 77 -11.95 50.94 29.67
C LEU B 77 -11.89 50.94 31.19
N THR B 78 -12.18 52.08 31.81
CA THR B 78 -12.28 52.17 33.28
C THR B 78 -13.68 51.69 33.64
N GLU B 79 -13.97 51.59 34.92
CA GLU B 79 -15.32 51.25 35.34
C GLU B 79 -16.36 52.27 34.87
N ASP B 80 -15.95 53.48 34.56
CA ASP B 80 -16.89 54.49 34.03
C ASP B 80 -16.91 54.57 32.51
N ASN B 81 -16.25 53.62 31.84
CA ASN B 81 -16.24 53.48 30.40
C ASN B 81 -15.52 54.67 29.74
N VAL B 82 -14.44 55.10 30.40
CA VAL B 82 -13.57 56.12 29.88
C VAL B 82 -12.36 55.46 29.21
N LEU B 83 -11.94 55.92 28.02
CA LEU B 83 -10.73 55.36 27.41
C LEU B 83 -9.49 55.69 28.24
N GLN B 84 -8.64 54.69 28.47
CA GLN B 84 -7.46 54.86 29.27
C GLN B 84 -6.33 54.13 28.62
N GLU B 85 -5.12 54.45 29.07
CA GLU B 85 -3.90 54.10 28.38
C GLU B 85 -2.78 53.84 29.37
N ALA B 86 -2.18 52.66 29.27
CA ALA B 86 -0.92 52.36 29.91
C ALA B 86 0.15 52.44 28.87
N ALA B 87 1.29 53.05 29.22
CA ALA B 87 2.31 53.37 28.27
C ALA B 87 3.66 52.89 28.74
N TYR B 88 4.47 52.38 27.82
CA TYR B 88 5.86 52.00 28.09
C TYR B 88 6.77 52.69 27.09
N ASP B 89 7.93 53.18 27.56
CA ASP B 89 8.99 53.73 26.73
C ASP B 89 10.28 53.19 27.29
N SER B 90 11.09 52.60 26.43
CA SER B 90 12.46 52.21 26.75
C SER B 90 13.16 53.22 27.65
N GLY B 91 13.67 52.74 28.79
CA GLY B 91 14.35 53.60 29.77
C GLY B 91 13.45 54.37 30.72
N SER B 92 12.15 54.43 30.49
CA SER B 92 11.21 55.13 31.39
C SER B 92 10.27 54.19 32.09
N GLY B 93 10.22 52.91 31.70
CA GLY B 93 9.31 51.97 32.35
C GLY B 93 7.86 52.20 31.99
N TRP B 94 6.93 51.61 32.78
CA TRP B 94 5.47 51.72 32.55
C TRP B 94 4.87 52.93 33.30
N TYR B 95 3.94 53.64 32.69
CA TYR B 95 3.27 54.74 33.36
C TYR B 95 1.89 54.95 32.81
N ASN B 96 1.08 55.75 33.50
CA ASN B 96 -0.21 56.17 32.93
C ASN B 96 -0.05 57.28 31.89
N GLY B 97 -0.48 57.02 30.65
CA GLY B 97 -0.55 58.04 29.63
C GLY B 97 -1.70 59.00 29.83
N ALA B 98 -1.74 60.02 28.99
CA ALA B 98 -2.66 61.14 29.17
C ALA B 98 -4.11 60.89 28.76
N LEU B 99 -4.40 59.74 28.15
CA LEU B 99 -5.66 59.58 27.44
C LEU B 99 -6.89 59.77 28.31
N ALA B 100 -6.79 59.24 29.53
CA ALA B 100 -7.89 59.31 30.50
C ALA B 100 -8.23 60.73 30.86
N GLY B 101 -7.19 61.56 31.03
CA GLY B 101 -7.31 63.02 31.14
C GLY B 101 -8.36 63.63 30.23
N ALA B 102 -8.40 63.21 28.98
CA ALA B 102 -9.30 63.82 28.01
C ALA B 102 -10.75 63.44 28.16
N LYS B 103 -11.04 62.47 29.01
CA LYS B 103 -12.41 62.13 29.35
C LYS B 103 -13.29 61.66 28.16
N PHE B 104 -12.71 60.88 27.24
CA PHE B 104 -13.52 60.29 26.16
C PHE B 104 -14.37 59.13 26.69
N THR B 105 -15.67 59.35 26.79
CA THR B 105 -16.56 58.33 27.31
C THR B 105 -17.19 57.60 26.12
N VAL B 106 -17.18 56.26 26.19
CA VAL B 106 -17.73 55.43 25.13
C VAL B 106 -18.82 54.54 25.68
N ALA B 107 -19.47 53.80 24.77
CA ALA B 107 -20.51 52.85 25.13
C ALA B 107 -19.89 51.77 26.00
N PRO B 108 -20.58 51.30 27.05
CA PRO B 108 -20.08 50.16 27.85
C PRO B 108 -19.67 48.95 26.99
N TYR B 109 -20.40 48.69 25.92
CA TYR B 109 -20.06 47.58 25.02
C TYR B 109 -18.96 47.89 23.98
N SER B 110 -18.25 49.01 24.11
CA SER B 110 -17.33 49.40 23.03
C SER B 110 -16.09 48.56 23.07
N ARG B 111 -15.54 48.27 21.90
CA ARG B 111 -14.21 47.68 21.75
C ARG B 111 -13.27 48.80 21.46
N ILE B 112 -12.00 48.49 21.30
CA ILE B 112 -11.02 49.52 20.95
C ILE B 112 -10.08 48.94 19.90
N GLY B 113 -9.68 49.79 18.94
CA GLY B 113 -8.61 49.46 18.01
C GLY B 113 -7.53 50.45 18.20
N SER B 114 -6.29 50.10 17.95
CA SER B 114 -5.23 51.09 18.09
C SER B 114 -4.01 50.86 17.19
N VAL B 115 -3.52 51.95 16.58
CA VAL B 115 -2.31 51.90 15.79
C VAL B 115 -1.42 53.10 16.02
N PHE B 116 -0.12 52.86 16.04
CA PHE B 116 0.83 53.90 15.74
C PHE B 116 0.79 54.18 14.22
N LEU B 117 1.10 55.40 13.78
CA LEU B 117 1.15 55.68 12.34
C LEU B 117 2.46 55.22 11.80
N ALA B 118 2.41 54.37 10.79
CA ALA B 118 3.62 53.80 10.22
C ALA B 118 4.43 54.82 9.44
N GLY B 119 5.72 54.57 9.33
CA GLY B 119 6.60 55.32 8.43
C GLY B 119 7.00 56.69 8.91
N THR B 120 6.86 56.96 10.20
CA THR B 120 7.45 58.14 10.78
C THR B 120 8.02 57.81 12.14
N ASN B 121 9.14 58.43 12.45
CA ASN B 121 9.74 58.35 13.80
C ASN B 121 8.89 59.04 14.84
N ALA B 122 8.09 60.04 14.46
CA ALA B 122 7.24 60.78 15.43
C ALA B 122 6.18 59.84 16.00
N LEU B 123 5.87 60.02 17.28
CA LEU B 123 4.93 59.13 17.94
C LEU B 123 3.56 59.68 17.68
N GLN B 124 2.87 59.14 16.69
CA GLN B 124 1.48 59.51 16.43
C GLN B 124 0.59 58.28 16.57
N LEU B 125 -0.59 58.46 17.13
CA LEU B 125 -1.50 57.35 17.40
C LEU B 125 -2.85 57.62 16.89
N ARG B 126 -3.51 56.58 16.41
CA ARG B 126 -4.92 56.63 16.12
C ARG B 126 -5.60 55.48 16.87
N ILE B 127 -6.66 55.83 17.61
CA ILE B 127 -7.40 54.91 18.46
C ILE B 127 -8.81 54.93 17.93
N TYR B 128 -9.49 53.78 17.94
CA TYR B 128 -10.88 53.72 17.45
C TYR B 128 -11.76 53.05 18.48
N ALA B 129 -12.92 53.62 18.72
CA ALA B 129 -13.86 53.10 19.71
C ALA B 129 -15.29 53.48 19.35
N GLN B 130 -16.26 52.94 20.06
CA GLN B 130 -17.67 53.11 19.73
C GLN B 130 -18.40 53.89 20.81
N LYS B 131 -19.07 54.96 20.39
CA LYS B 131 -19.72 55.86 21.32
C LYS B 131 -21.12 55.35 21.57
N THR B 132 -21.82 56.02 22.49
CA THR B 132 -23.15 55.63 22.93
C THR B 132 -24.19 55.78 21.82
N ASP B 133 -23.90 56.58 20.80
CA ASP B 133 -24.73 56.61 19.59
C ASP B 133 -24.35 55.50 18.55
N ASN B 134 -23.44 54.58 18.93
CA ASN B 134 -22.99 53.44 18.11
C ASN B 134 -22.07 53.78 16.92
N THR B 135 -21.63 55.03 16.81
CA THR B 135 -20.70 55.41 15.78
C THR B 135 -19.31 55.08 16.21
N ILE B 136 -18.45 54.82 15.23
CA ILE B 136 -17.07 54.49 15.47
C ILE B 136 -16.28 55.77 15.34
N GLN B 137 -15.67 56.19 16.44
CA GLN B 137 -15.00 57.47 16.55
C GLN B 137 -13.54 57.15 16.54
N GLU B 138 -12.78 57.95 15.80
CA GLU B 138 -11.33 57.95 15.88
C GLU B 138 -10.90 58.97 16.90
N TYR B 139 -9.80 58.67 17.57
CA TYR B 139 -9.17 59.57 18.54
C TYR B 139 -7.68 59.61 18.27
N MET B 140 -7.09 60.79 18.37
CA MET B 140 -5.71 60.96 17.99
C MET B 140 -4.83 61.77 18.89
N TRP B 141 -3.54 61.42 18.78
CA TRP B 141 -2.40 62.08 19.40
C TRP B 141 -1.40 62.36 18.27
N ASN B 142 -1.08 63.64 18.11
CA ASN B 142 -0.07 64.10 17.18
C ASN B 142 0.98 65.01 17.91
N GLY B 143 1.11 64.82 19.23
CA GLY B 143 2.03 65.59 20.06
C GLY B 143 1.41 66.80 20.78
N ASP B 144 0.18 67.18 20.45
CA ASP B 144 -0.49 68.38 20.97
C ASP B 144 -1.70 68.05 21.88
N GLY B 145 -1.78 66.85 22.42
CA GLY B 145 -2.90 66.47 23.24
C GLY B 145 -3.86 65.59 22.47
N TRP B 146 -4.67 64.86 23.21
CA TRP B 146 -5.60 63.88 22.65
C TRP B 146 -6.87 64.54 22.15
N LYS B 147 -7.24 64.26 20.91
CA LYS B 147 -8.34 64.97 20.23
C LYS B 147 -9.17 64.03 19.41
N GLU B 148 -10.43 64.40 19.19
CA GLU B 148 -11.29 63.62 18.32
C GLU B 148 -10.78 63.79 16.88
N GLY B 149 -10.71 62.68 16.14
CA GLY B 149 -10.37 62.70 14.72
C GLY B 149 -11.66 62.49 13.94
N THR B 150 -11.57 61.75 12.84
CA THR B 150 -12.72 61.49 11.98
C THR B 150 -13.67 60.49 12.63
N ASN B 151 -14.95 60.58 12.30
CA ASN B 151 -15.94 59.62 12.78
C ASN B 151 -16.35 58.77 11.58
N LEU B 152 -16.30 57.45 11.73
CA LEU B 152 -16.48 56.51 10.63
C LEU B 152 -17.87 55.90 10.48
N GLY B 153 -18.85 56.42 11.21
CA GLY B 153 -20.26 56.10 10.97
C GLY B 153 -20.74 55.02 11.91
N VAL B 154 -21.98 54.60 11.71
CA VAL B 154 -22.69 53.73 12.62
C VAL B 154 -22.22 52.30 12.45
N ALA B 155 -22.03 51.60 13.56
CA ALA B 155 -21.71 50.16 13.54
C ALA B 155 -22.68 49.39 14.42
N LEU B 156 -22.65 48.06 14.31
CA LEU B 156 -23.46 47.23 15.19
C LEU B 156 -23.03 47.52 16.63
N PRO B 157 -23.98 47.65 17.56
CA PRO B 157 -23.57 47.90 18.94
C PRO B 157 -22.74 46.75 19.51
N GLY B 158 -21.50 47.05 19.88
CA GLY B 158 -20.59 46.09 20.43
C GLY B 158 -19.73 45.36 19.42
N THR B 159 -19.70 45.87 18.18
CA THR B 159 -18.87 45.29 17.12
C THR B 159 -17.47 45.13 17.56
N GLY B 160 -16.80 44.15 17.01
CA GLY B 160 -15.35 44.12 17.12
C GLY B 160 -14.77 45.21 16.25
N ILE B 161 -13.52 45.58 16.54
CA ILE B 161 -12.82 46.64 15.82
C ILE B 161 -11.45 46.15 15.54
N GLY B 162 -11.17 45.91 14.25
CA GLY B 162 -9.83 45.65 13.80
C GLY B 162 -9.33 46.87 13.08
N VAL B 163 -8.03 47.05 13.04
CA VAL B 163 -7.44 48.16 12.40
C VAL B 163 -5.99 47.80 12.14
N THR B 164 -5.43 48.29 11.03
CA THR B 164 -4.00 48.07 10.71
C THR B 164 -3.51 49.29 9.95
N CYS B 165 -2.19 49.49 9.96
CA CYS B 165 -1.61 50.70 9.40
C CYS B 165 -0.28 50.38 8.81
N TRP B 166 -0.01 50.94 7.64
CA TRP B 166 1.29 50.82 6.94
C TRP B 166 1.63 52.06 6.04
N ARG B 167 2.84 52.16 5.54
CA ARG B 167 3.17 53.20 4.52
C ARG B 167 3.62 52.53 3.22
N TYR B 168 2.87 52.73 2.16
CA TYR B 168 3.31 52.31 0.84
C TYR B 168 4.66 52.95 0.55
N THR B 169 5.59 52.21 -0.05
CA THR B 169 6.93 52.76 -0.33
C THR B 169 6.90 53.90 -1.37
N ASP B 170 5.81 54.01 -2.13
CA ASP B 170 5.65 55.06 -3.12
C ASP B 170 4.72 56.17 -2.65
N TYR B 171 4.29 56.16 -1.39
CA TYR B 171 3.50 57.26 -0.80
C TYR B 171 4.32 57.98 0.25
N ASP B 172 3.80 59.13 0.65
CA ASP B 172 4.49 60.09 1.52
C ASP B 172 3.92 60.13 2.95
N GLY B 173 2.94 59.26 3.21
CA GLY B 173 2.23 59.21 4.48
C GLY B 173 1.45 57.92 4.71
N PRO B 174 0.79 57.79 5.86
CA PRO B 174 0.26 56.50 6.29
C PRO B 174 -1.06 56.12 5.66
N SER B 175 -1.22 54.82 5.40
CA SER B 175 -2.53 54.25 5.08
C SER B 175 -3.10 53.47 6.30
N ILE B 176 -4.42 53.52 6.44
CA ILE B 176 -5.11 52.92 7.54
C ILE B 176 -6.31 52.18 6.96
N ARG B 177 -6.54 50.98 7.51
CA ARG B 177 -7.77 50.25 7.24
C ARG B 177 -8.37 49.84 8.58
N VAL B 178 -9.67 50.03 8.68
CA VAL B 178 -10.47 49.70 9.89
C VAL B 178 -11.59 48.79 9.42
N TRP B 179 -11.77 47.67 10.15
CA TRP B 179 -12.87 46.72 9.91
C TRP B 179 -13.82 46.68 11.10
N PHE B 180 -15.11 46.59 10.86
CA PHE B 180 -16.11 46.42 11.92
C PHE B 180 -17.37 45.76 11.36
N GLN B 181 -18.43 45.66 12.15
CA GLN B 181 -19.66 44.97 11.78
C GLN B 181 -20.78 45.97 11.73
N THR B 182 -21.58 45.95 10.67
CA THR B 182 -22.76 46.79 10.58
C THR B 182 -24.01 46.10 11.12
N ASP B 183 -25.10 46.86 11.23
CA ASP B 183 -26.38 46.37 11.76
C ASP B 183 -26.94 45.15 11.05
N ASN B 184 -26.60 45.04 9.76
CA ASN B 184 -27.00 43.91 8.92
C ASN B 184 -26.13 42.68 9.17
N LEU B 185 -25.15 42.80 10.08
CA LEU B 185 -24.25 41.72 10.51
C LEU B 185 -23.09 41.41 9.54
N LYS B 186 -22.97 42.19 8.46
CA LYS B 186 -21.82 42.09 7.56
C LYS B 186 -20.59 42.65 8.23
N LEU B 187 -19.43 42.17 7.79
CA LEU B 187 -18.16 42.70 8.18
C LEU B 187 -17.74 43.59 7.04
N VAL B 188 -17.34 44.82 7.39
CA VAL B 188 -16.95 45.83 6.40
C VAL B 188 -15.61 46.52 6.67
N GLN B 189 -15.10 47.21 5.66
CA GLN B 189 -13.80 47.90 5.70
C GLN B 189 -14.01 49.37 5.45
N ARG B 190 -13.30 50.21 6.21
CA ARG B 190 -13.18 51.66 5.90
C ARG B 190 -11.73 51.91 5.63
N ALA B 191 -11.44 52.85 4.73
CA ALA B 191 -10.05 53.01 4.28
C ALA B 191 -9.67 54.45 4.24
N TYR B 192 -8.44 54.70 4.66
CA TYR B 192 -7.86 56.01 4.63
C TYR B 192 -6.55 55.86 3.88
N ASP B 193 -6.34 56.66 2.85
CA ASP B 193 -5.00 56.85 2.23
C ASP B 193 -4.67 58.37 2.27
N PRO B 194 -3.37 58.72 2.27
CA PRO B 194 -2.95 60.11 2.47
C PRO B 194 -3.49 61.17 1.51
N HIS B 195 -3.33 61.03 0.20
CA HIS B 195 -3.86 62.10 -0.68
C HIS B 195 -5.40 62.01 -0.68
N THR B 196 -5.95 60.80 -0.53
CA THR B 196 -7.40 60.61 -0.63
C THR B 196 -8.23 60.99 0.61
N GLY B 197 -7.64 60.94 1.80
CA GLY B 197 -8.46 60.96 3.01
C GLY B 197 -9.27 59.68 3.08
N TRP B 198 -10.41 59.74 3.75
CA TRP B 198 -11.26 58.56 3.94
C TRP B 198 -12.11 58.33 2.72
N TYR B 199 -12.10 57.12 2.18
CA TYR B 199 -13.00 56.77 1.10
C TYR B 199 -14.40 56.86 1.68
N LYS B 200 -15.36 57.35 0.91
CA LYS B 200 -16.78 57.35 1.34
C LYS B 200 -17.35 55.96 1.48
N GLU B 201 -16.84 55.04 0.68
CA GLU B 201 -17.46 53.75 0.50
C GLU B 201 -17.12 52.73 1.65
N LEU B 202 -18.15 52.06 2.14
CA LEU B 202 -17.98 50.82 2.90
C LEU B 202 -17.66 49.70 1.92
N THR B 203 -16.69 48.86 2.23
CA THR B 203 -16.39 47.70 1.42
C THR B 203 -16.63 46.42 2.21
N THR B 204 -17.57 45.60 1.76
CA THR B 204 -17.85 44.33 2.45
C THR B 204 -16.72 43.30 2.35
N ILE B 205 -16.28 42.74 3.48
CA ILE B 205 -15.37 41.58 3.47
C ILE B 205 -16.01 40.27 3.88
N PHE B 206 -17.11 40.27 4.59
CA PHE B 206 -17.79 39.02 4.87
C PHE B 206 -19.29 39.26 4.98
N ASP B 207 -20.10 38.33 4.50
CA ASP B 207 -21.53 38.60 4.37
C ASP B 207 -22.31 38.57 5.64
N LYS B 208 -21.96 37.71 6.57
CA LYS B 208 -22.75 37.54 7.79
C LYS B 208 -21.83 36.88 8.80
N ALA B 209 -21.65 37.53 9.95
CA ALA B 209 -20.84 36.97 11.00
C ALA B 209 -21.66 36.99 12.27
N PRO B 210 -21.21 36.29 13.31
CA PRO B 210 -22.00 36.32 14.55
C PRO B 210 -21.98 37.72 15.18
N PRO B 211 -23.07 38.08 15.82
CA PRO B 211 -23.16 39.40 16.43
C PRO B 211 -22.07 39.58 17.47
N ARG B 212 -21.41 40.73 17.42
CA ARG B 212 -20.29 41.08 18.31
C ARG B 212 -19.10 40.14 18.25
N CYS B 213 -18.92 39.44 17.14
CA CYS B 213 -17.75 38.62 16.96
C CYS B 213 -16.50 39.47 17.03
N ALA B 214 -15.47 38.89 17.60
CA ALA B 214 -14.16 39.46 17.65
C ALA B 214 -13.62 39.68 16.24
N ILE B 215 -12.87 40.77 16.05
CA ILE B 215 -12.25 41.08 14.77
C ILE B 215 -10.86 41.62 15.01
N ALA B 216 -9.89 41.14 14.26
CA ALA B 216 -8.52 41.60 14.41
C ALA B 216 -7.77 41.54 13.10
N ALA B 217 -6.76 42.39 12.93
CA ALA B 217 -6.12 42.52 11.62
C ALA B 217 -4.67 42.88 11.67
N THR B 218 -3.96 42.57 10.58
CA THR B 218 -2.52 42.87 10.43
C THR B 218 -2.17 43.06 8.96
N ASN B 219 -0.95 43.49 8.74
CA ASN B 219 -0.47 43.67 7.40
C ASN B 219 0.97 43.29 7.34
N PHE B 220 1.42 42.90 6.16
CA PHE B 220 2.83 42.65 5.94
C PHE B 220 3.20 42.96 4.49
N ASN B 221 4.51 43.04 4.27
CA ASN B 221 5.15 43.34 3.00
C ASN B 221 4.57 44.53 2.23
N PRO B 222 4.57 45.72 2.83
CA PRO B 222 4.21 46.89 2.03
C PRO B 222 5.28 47.13 0.90
N GLY B 223 4.78 47.54 -0.27
CA GLY B 223 5.62 47.92 -1.41
C GLY B 223 5.02 49.08 -2.19
N LYS B 224 5.48 49.20 -3.44
CA LYS B 224 4.98 50.20 -4.37
C LYS B 224 3.51 49.88 -4.67
N SER B 225 2.61 50.64 -4.05
CA SER B 225 1.17 50.50 -4.22
C SER B 225 0.65 49.07 -3.99
N SER B 226 1.34 48.36 -3.12
CA SER B 226 1.08 46.96 -2.87
C SER B 226 1.06 46.68 -1.35
N ILE B 227 0.07 45.91 -0.92
CA ILE B 227 -0.02 45.47 0.46
C ILE B 227 -0.61 44.07 0.55
N TYR B 228 -0.29 43.41 1.64
CA TYR B 228 -0.92 42.16 2.04
C TYR B 228 -1.50 42.37 3.44
N MET B 229 -2.77 41.99 3.62
CA MET B 229 -3.51 42.10 4.86
C MET B 229 -4.22 40.79 5.24
N ARG B 230 -4.45 40.64 6.54
CA ARG B 230 -5.15 39.46 7.10
C ARG B 230 -6.12 39.93 8.16
N ILE B 231 -7.40 39.66 7.97
CA ILE B 231 -8.42 39.95 8.95
C ILE B 231 -8.96 38.65 9.51
N TYR B 232 -9.04 38.58 10.85
CA TYR B 232 -9.53 37.37 11.55
C TYR B 232 -10.76 37.69 12.32
N PHE B 233 -11.71 36.77 12.31
CA PHE B 233 -12.91 36.93 13.11
C PHE B 233 -13.42 35.58 13.58
N VAL B 234 -14.20 35.57 14.65
CA VAL B 234 -14.82 34.36 15.14
C VAL B 234 -16.13 34.12 14.39
N ASN B 235 -16.23 33.03 13.65
CA ASN B 235 -17.45 32.74 12.87
C ASN B 235 -18.44 31.84 13.64
N SER B 236 -19.60 31.60 13.04
CA SER B 236 -20.69 30.88 13.70
C SER B 236 -20.44 29.40 13.98
N ASP B 237 -19.35 28.88 13.45
CA ASP B 237 -18.97 27.50 13.66
C ASP B 237 -17.93 27.42 14.80
N ASN B 238 -17.84 28.46 15.61
CA ASN B 238 -16.90 28.46 16.73
C ASN B 238 -15.46 28.20 16.33
N THR B 239 -15.04 28.77 15.23
CA THR B 239 -13.63 28.81 14.82
C THR B 239 -13.24 30.24 14.43
N ILE B 240 -11.96 30.56 14.47
CA ILE B 240 -11.49 31.72 13.79
C ILE B 240 -11.38 31.47 12.29
N TRP B 241 -11.99 32.34 11.48
CA TRP B 241 -11.76 32.45 10.04
C TRP B 241 -10.84 33.62 9.66
N GLN B 242 -10.14 33.46 8.53
CA GLN B 242 -9.20 34.39 7.96
C GLN B 242 -9.73 34.91 6.61
N VAL B 243 -9.58 36.21 6.37
CA VAL B 243 -9.91 36.82 5.11
C VAL B 243 -8.58 37.39 4.65
N CYS B 244 -8.13 36.97 3.47
CA CYS B 244 -6.83 37.36 2.90
C CYS B 244 -7.02 38.47 1.85
N TRP B 245 -6.30 39.57 2.04
CA TRP B 245 -6.10 40.51 0.92
C TRP B 245 -4.72 40.21 0.45
N ASP B 246 -4.57 39.85 -0.82
CA ASP B 246 -3.20 39.73 -1.42
C ASP B 246 -3.07 40.63 -2.63
N HIS B 247 -1.89 41.22 -2.78
CA HIS B 247 -1.67 42.14 -3.89
C HIS B 247 -1.98 41.47 -5.20
N GLY B 248 -2.75 42.13 -6.03
CA GLY B 248 -3.14 41.59 -7.31
C GLY B 248 -4.50 40.94 -7.24
N GLN B 249 -4.79 40.23 -6.14
CA GLN B 249 -6.02 39.41 -6.07
C GLN B 249 -7.13 40.04 -5.26
N GLY B 250 -6.74 40.89 -4.33
CA GLY B 250 -7.71 41.51 -3.43
C GLY B 250 -8.17 40.53 -2.38
N TYR B 251 -9.47 40.61 -2.04
CA TYR B 251 -10.09 39.80 -1.00
C TYR B 251 -10.57 38.48 -1.63
N HIS B 252 -9.64 37.53 -1.78
CA HIS B 252 -9.83 36.39 -2.68
C HIS B 252 -9.87 35.05 -1.97
N ASP B 253 -9.63 35.04 -0.66
CA ASP B 253 -9.70 33.82 0.12
C ASP B 253 -10.34 34.05 1.47
N LYS B 254 -11.29 33.19 1.81
CA LYS B 254 -11.92 33.17 3.12
C LYS B 254 -11.97 31.70 3.58
N ARG B 255 -11.35 31.36 4.72
CA ARG B 255 -11.35 30.01 5.27
C ARG B 255 -11.19 29.97 6.79
N THR B 256 -11.66 28.86 7.40
CA THR B 256 -11.39 28.54 8.81
C THR B 256 -9.90 28.31 9.04
N ILE B 257 -9.42 28.63 10.24
CA ILE B 257 -8.01 28.51 10.64
C ILE B 257 -7.92 27.57 11.83
N THR B 258 -8.62 27.90 12.91
CA THR B 258 -8.49 27.11 14.14
C THR B 258 -9.75 27.24 15.03
N PRO B 259 -10.07 26.16 15.78
CA PRO B 259 -11.28 26.25 16.65
C PRO B 259 -10.99 27.09 17.91
N VAL B 260 -12.05 27.70 18.44
CA VAL B 260 -11.91 28.51 19.67
C VAL B 260 -13.11 28.22 20.58
N ILE B 261 -13.04 28.66 21.84
CA ILE B 261 -14.22 28.63 22.68
C ILE B 261 -15.25 29.59 22.11
N GLN B 262 -16.49 29.34 22.48
CA GLN B 262 -17.56 30.21 22.08
C GLN B 262 -17.25 31.65 22.60
N GLY B 263 -17.34 32.63 21.69
CA GLY B 263 -17.14 34.06 22.02
C GLY B 263 -15.73 34.42 22.44
N SER B 264 -14.74 33.69 21.97
CA SER B 264 -13.36 34.01 22.26
C SER B 264 -13.05 35.37 21.63
N GLU B 265 -12.12 36.08 22.24
CA GLU B 265 -11.51 37.23 21.62
C GLU B 265 -10.23 36.74 20.93
N ILE B 266 -9.62 37.65 20.16
CA ILE B 266 -8.49 37.38 19.30
C ILE B 266 -7.47 38.53 19.37
N ALA B 267 -6.20 38.20 19.17
CA ALA B 267 -5.15 39.15 18.82
C ALA B 267 -4.30 38.53 17.72
N ILE B 268 -3.66 39.40 16.94
CA ILE B 268 -2.81 38.98 15.82
C ILE B 268 -1.64 39.88 15.72
N ILE B 269 -0.49 39.29 15.48
CA ILE B 269 0.73 40.03 15.14
C ILE B 269 1.45 39.37 13.98
N SER B 270 2.37 40.09 13.36
CA SER B 270 3.16 39.59 12.22
C SER B 270 4.49 40.28 12.11
N TRP B 271 5.42 39.60 11.47
CA TRP B 271 6.64 40.21 11.03
C TRP B 271 7.07 39.66 9.69
N GLU B 272 8.16 40.18 9.15
CA GLU B 272 8.47 39.90 7.76
C GLU B 272 8.94 38.45 7.59
N GLY B 273 8.44 37.80 6.54
CA GLY B 273 8.65 36.40 6.34
C GLY B 273 7.74 35.89 5.26
N PRO B 274 6.42 35.96 5.45
CA PRO B 274 5.71 36.45 6.63
C PRO B 274 5.62 35.42 7.78
N GLU B 275 5.74 35.91 9.03
CA GLU B 275 5.40 35.14 10.22
C GLU B 275 4.10 35.70 10.83
N LEU B 276 3.13 34.83 11.08
CA LEU B 276 1.89 35.21 11.78
C LEU B 276 1.76 34.48 13.13
N ARG B 277 1.25 35.22 14.12
CA ARG B 277 0.90 34.65 15.43
C ARG B 277 -0.45 35.16 15.84
N LEU B 278 -1.30 34.22 16.20
CA LEU B 278 -2.66 34.47 16.53
C LEU B 278 -2.84 33.97 17.96
N TYR B 279 -3.46 34.79 18.83
CA TYR B 279 -3.74 34.44 20.24
C TYR B 279 -5.24 34.41 20.49
N PHE B 280 -5.72 33.42 21.26
CA PHE B 280 -7.17 33.18 21.41
C PHE B 280 -7.36 32.23 22.61
N GLN B 281 -8.60 31.94 22.95
CA GLN B 281 -8.89 30.91 23.93
C GLN B 281 -9.57 29.73 23.20
N ASN B 282 -9.01 28.52 23.29
CA ASN B 282 -9.63 27.31 22.65
C ASN B 282 -10.01 26.24 23.66
N GLY B 283 -9.94 26.58 24.94
CA GLY B 283 -10.40 25.67 26.00
C GLY B 283 -9.28 24.92 26.65
N THR B 284 -8.06 25.22 26.25
CA THR B 284 -6.91 24.59 26.81
C THR B 284 -6.80 24.98 28.30
N TYR B 285 -6.74 23.96 29.17
CA TYR B 285 -6.83 24.17 30.59
C TYR B 285 -8.01 25.06 30.93
N VAL B 286 -9.12 24.87 30.22
CA VAL B 286 -10.30 25.73 30.33
C VAL B 286 -10.13 27.19 29.83
N SER B 287 -9.25 27.94 30.50
CA SER B 287 -9.18 29.38 30.31
C SER B 287 -7.79 29.91 29.92
N ALA B 288 -6.88 29.05 29.51
CA ALA B 288 -5.56 29.51 29.08
C ALA B 288 -5.70 30.11 27.72
N ILE B 289 -4.69 30.88 27.35
CA ILE B 289 -4.60 31.48 26.03
C ILE B 289 -3.67 30.60 25.19
N SER B 290 -4.13 30.23 24.01
CA SER B 290 -3.34 29.41 23.07
C SER B 290 -2.90 30.28 21.87
N GLU B 291 -1.84 29.81 21.18
CA GLU B 291 -1.25 30.45 20.02
C GLU B 291 -1.41 29.61 18.74
N TRP B 292 -1.75 30.24 17.61
CA TRP B 292 -1.62 29.63 16.29
C TRP B 292 -0.55 30.37 15.50
N THR B 293 0.22 29.62 14.71
CA THR B 293 1.35 30.14 13.94
C THR B 293 1.19 29.90 12.45
N TRP B 294 1.79 30.79 11.67
CA TRP B 294 2.06 30.55 10.27
C TRP B 294 3.44 31.02 9.96
N GLY B 295 4.14 30.20 9.20
CA GLY B 295 5.50 30.48 8.71
C GLY B 295 5.69 29.70 7.43
N LYS B 296 6.73 30.05 6.66
CA LYS B 296 6.99 29.41 5.37
C LYS B 296 7.40 27.94 5.59
N ALA B 297 8.25 27.74 6.59
CA ALA B 297 8.77 26.42 6.98
C ALA B 297 7.73 25.32 7.32
N HIS B 298 6.63 25.65 7.99
CA HIS B 298 5.60 24.66 8.32
C HIS B 298 4.14 25.01 8.02
N GLY B 299 3.83 26.18 7.45
CA GLY B 299 2.40 26.50 7.14
C GLY B 299 1.51 26.68 8.38
N SER B 300 0.21 26.37 8.26
CA SER B 300 -0.71 26.38 9.40
C SER B 300 -0.25 25.36 10.51
N GLN B 301 0.00 25.83 11.73
CA GLN B 301 0.42 24.96 12.85
C GLN B 301 0.08 25.59 14.20
N LEU B 302 -0.64 24.87 15.06
CA LEU B 302 -0.75 25.29 16.46
C LEU B 302 0.63 25.49 17.15
N GLY B 303 0.73 26.57 17.92
CA GLY B 303 1.97 26.98 18.60
C GLY B 303 1.79 26.78 20.09
N ARG B 304 2.37 27.66 20.92
CA ARG B 304 2.24 27.57 22.39
C ARG B 304 0.82 27.28 22.74
N ARG B 305 0.63 26.24 23.51
CA ARG B 305 -0.67 25.67 23.74
C ARG B 305 -1.36 26.39 24.94
N ALA B 306 -0.56 26.84 25.91
CA ALA B 306 -1.06 27.59 27.06
C ALA B 306 -0.02 28.62 27.44
N LEU B 307 -0.32 29.89 27.20
CA LEU B 307 0.66 30.93 27.51
C LEU B 307 0.82 31.05 29.03
N PRO B 308 1.97 31.55 29.49
CA PRO B 308 2.03 32.00 30.91
C PRO B 308 0.87 32.94 31.32
N PRO B 309 0.37 32.79 32.54
CA PRO B 309 0.87 31.98 33.63
C PRO B 309 0.38 30.50 33.62
N ALA B 310 -0.37 30.07 32.61
CA ALA B 310 -1.07 28.79 32.62
C ALA B 310 -0.13 27.60 32.68
N GLU B 311 1.10 27.75 32.15
CA GLU B 311 2.10 26.70 32.08
C GLU B 311 3.56 27.18 32.04
N SER C 2 18.56 22.87 8.96
CA SER C 2 18.30 22.94 10.42
C SER C 2 17.30 24.02 10.76
N THR C 3 17.19 24.36 12.04
CA THR C 3 16.24 25.33 12.59
C THR C 3 17.03 26.16 13.59
N PRO C 4 16.63 27.45 13.78
CA PRO C 4 17.22 28.21 14.88
C PRO C 4 17.16 27.48 16.25
N GLY C 5 15.99 26.95 16.60
CA GLY C 5 15.86 26.14 17.84
C GLY C 5 16.75 24.90 17.86
N ALA C 6 16.66 24.11 16.81
CA ALA C 6 17.43 22.87 16.71
C ALA C 6 18.90 23.07 16.93
N GLN C 7 19.42 24.21 16.44
CA GLN C 7 20.82 24.63 16.59
C GLN C 7 21.28 24.86 18.05
N GLU C 8 20.34 25.24 18.91
CA GLU C 8 20.62 25.37 20.35
C GLU C 8 20.92 24.01 21.03
N VAL C 9 20.40 22.91 20.46
CA VAL C 9 20.61 21.57 21.02
C VAL C 9 22.02 21.07 20.72
N LEU C 10 22.73 20.66 21.77
CA LEU C 10 24.08 20.15 21.58
C LEU C 10 24.01 18.81 20.87
N PHE C 11 24.86 18.69 19.87
CA PHE C 11 25.00 17.49 19.08
C PHE C 11 25.64 16.45 20.01
N ARG C 12 25.05 15.26 20.07
CA ARG C 12 25.43 14.18 21.01
C ARG C 12 25.21 14.52 22.46
N THR C 13 24.30 15.45 22.71
CA THR C 13 23.90 15.80 24.06
C THR C 13 23.46 14.61 24.86
N GLY C 14 23.66 14.71 26.14
CA GLY C 14 23.12 13.73 27.05
C GLY C 14 21.65 13.94 27.00
N ILE C 15 20.90 12.87 27.25
CA ILE C 15 19.43 12.96 27.30
C ILE C 15 18.93 12.13 28.49
N ALA C 16 17.96 12.68 29.21
CA ALA C 16 17.25 11.92 30.26
C ALA C 16 15.80 12.30 30.18
N ALA C 17 14.92 11.46 30.71
CA ALA C 17 13.50 11.66 30.73
C ALA C 17 12.81 11.08 31.94
N VAL C 18 11.65 11.63 32.28
CA VAL C 18 10.81 11.16 33.42
C VAL C 18 9.37 11.34 33.04
N ASN C 19 8.48 10.65 33.72
CA ASN C 19 7.06 10.76 33.37
C ASN C 19 6.15 10.30 34.46
N SER C 20 4.89 10.68 34.35
CA SER C 20 3.79 10.07 35.08
C SER C 20 2.81 9.72 34.01
N THR C 21 2.60 8.44 33.75
CA THR C 21 1.91 7.99 32.53
C THR C 21 2.36 8.83 31.31
N ASN C 22 1.43 9.48 30.64
CA ASN C 22 1.76 10.17 29.40
C ASN C 22 1.98 11.66 29.62
N HIS C 23 2.43 12.06 30.82
CA HIS C 23 2.88 13.43 31.12
C HIS C 23 4.38 13.31 31.22
N LEU C 24 5.11 13.94 30.30
CA LEU C 24 6.55 13.71 30.12
C LEU C 24 7.46 14.97 30.28
N ARG C 25 8.70 14.73 30.69
CA ARG C 25 9.70 15.76 30.78
C ARG C 25 10.96 15.10 30.20
N VAL C 26 11.66 15.85 29.35
CA VAL C 26 12.89 15.43 28.71
C VAL C 26 13.90 16.52 28.97
N TYR C 27 15.11 16.13 29.33
CA TYR C 27 16.19 17.03 29.69
C TYR C 27 17.27 16.78 28.69
N PHE C 28 17.93 17.86 28.28
CA PHE C 28 19.10 17.82 27.41
C PHE C 28 19.96 19.03 27.70
N GLN C 29 21.12 19.06 27.07
CA GLN C 29 22.08 20.15 27.22
C GLN C 29 22.13 21.01 25.96
N ASP C 30 21.95 22.34 26.12
CA ASP C 30 22.16 23.29 25.02
C ASP C 30 23.62 23.44 24.62
N SER C 31 23.82 24.17 23.53
CA SER C 31 25.16 24.42 23.00
C SER C 31 26.03 25.29 23.93
N HIS C 32 25.42 26.09 24.80
CA HIS C 32 26.14 26.88 25.85
C HIS C 32 26.26 26.20 27.23
N GLY C 33 26.02 24.90 27.29
CA GLY C 33 26.29 24.09 28.49
C GLY C 33 25.15 23.94 29.47
N SER C 34 24.06 24.71 29.29
CA SER C 34 22.94 24.68 30.24
C SER C 34 22.01 23.50 29.99
N ILE C 35 21.26 23.09 31.01
CA ILE C 35 20.42 21.93 30.92
C ILE C 35 18.99 22.41 30.86
N ARG C 36 18.24 21.96 29.87
CA ARG C 36 16.89 22.47 29.68
C ARG C 36 15.91 21.36 29.88
N GLU C 37 14.66 21.73 30.06
CA GLU C 37 13.59 20.82 30.25
C GLU C 37 12.54 21.12 29.17
N SER C 38 12.28 20.15 28.29
CA SER C 38 11.13 20.18 27.42
C SER C 38 10.02 19.37 28.13
N LEU C 39 8.77 19.62 27.79
CA LEU C 39 7.68 18.97 28.44
C LEU C 39 6.57 18.58 27.48
N TYR C 40 5.84 17.54 27.82
CA TYR C 40 4.67 17.11 27.10
C TYR C 40 3.50 17.03 28.08
N GLU C 41 2.46 17.84 27.81
CA GLU C 41 1.24 17.94 28.63
C GLU C 41 0.08 18.11 27.64
N SER C 42 -0.37 17.00 27.08
CA SER C 42 -1.16 17.00 25.84
C SER C 42 -0.57 17.86 24.67
N GLY C 43 0.74 17.88 24.53
CA GLY C 43 1.39 18.64 23.48
C GLY C 43 2.74 19.08 23.97
N TRP C 44 3.69 19.21 23.05
CA TRP C 44 5.05 19.55 23.42
C TRP C 44 5.26 21.05 23.67
N ALA C 45 6.14 21.40 24.61
CA ALA C 45 6.47 22.78 24.89
C ALA C 45 7.83 22.91 25.53
N ASN C 46 8.30 24.15 25.56
CA ASN C 46 9.54 24.56 26.26
C ASN C 46 10.85 24.15 25.59
N GLY C 47 11.88 23.81 26.36
CA GLY C 47 13.19 23.49 25.81
C GLY C 47 13.97 24.72 25.40
N THR C 48 13.48 25.90 25.80
CA THR C 48 14.06 27.19 25.41
C THR C 48 15.09 27.63 26.49
N ALA C 49 15.66 28.83 26.31
CA ALA C 49 16.56 29.43 27.34
C ALA C 49 15.80 29.89 28.62
N LYS C 50 14.48 30.06 28.54
CA LYS C 50 13.63 30.26 29.73
C LYS C 50 13.36 28.97 30.54
N ASN C 51 13.91 27.83 30.12
CA ASN C 51 13.63 26.56 30.80
C ASN C 51 14.92 25.83 31.20
N VAL C 52 15.93 26.61 31.57
CA VAL C 52 17.14 26.05 32.16
C VAL C 52 16.85 25.60 33.59
N ILE C 53 17.29 24.40 33.95
CA ILE C 53 17.25 23.90 35.34
C ILE C 53 18.62 23.73 36.02
N ALA C 54 19.68 23.79 35.25
CA ALA C 54 21.01 23.61 35.77
C ALA C 54 22.03 24.01 34.72
N LYS C 55 23.27 24.11 35.16
CA LYS C 55 24.37 24.30 34.25
C LYS C 55 25.44 23.30 34.61
N ALA C 56 26.06 22.77 33.56
CA ALA C 56 26.95 21.64 33.70
C ALA C 56 28.03 21.77 32.68
N LYS C 57 29.06 20.93 32.80
CA LYS C 57 30.17 20.93 31.83
C LYS C 57 29.67 20.46 30.45
N LEU C 58 30.30 20.94 29.38
CA LEU C 58 29.91 20.53 28.03
C LEU C 58 30.18 19.07 27.81
N GLY C 59 29.23 18.40 27.17
CA GLY C 59 29.30 16.98 27.01
C GLY C 59 29.06 16.23 28.32
N THR C 60 28.39 16.86 29.28
CA THR C 60 28.07 16.12 30.52
C THR C 60 27.20 14.92 30.23
N PRO C 61 27.36 13.85 30.99
CA PRO C 61 26.22 12.95 31.08
C PRO C 61 25.02 13.57 31.77
N LEU C 62 23.85 13.05 31.49
CA LEU C 62 22.65 13.35 32.24
C LEU C 62 21.90 12.13 32.64
N ALA C 63 21.20 12.25 33.77
CA ALA C 63 20.32 11.24 34.25
C ALA C 63 19.21 11.89 35.00
N ALA C 64 18.10 11.18 35.13
CA ALA C 64 16.94 11.72 35.76
C ALA C 64 16.07 10.62 36.28
N THR C 65 15.41 10.90 37.40
CA THR C 65 14.46 9.96 37.96
C THR C 65 13.38 10.74 38.67
N SER C 66 12.30 10.07 39.01
CA SER C 66 11.15 10.78 39.52
C SER C 66 10.18 9.86 40.23
N LYS C 67 9.40 10.41 41.15
CA LYS C 67 8.25 9.77 41.69
C LYS C 67 7.10 10.49 41.02
N GLU C 68 6.48 9.86 40.03
CA GLU C 68 5.53 10.52 39.16
C GLU C 68 6.07 11.92 38.69
N LEU C 69 5.30 13.00 38.74
CA LEU C 69 5.87 14.34 38.59
C LEU C 69 5.76 15.19 39.87
N LYS C 70 5.68 14.52 41.02
CA LYS C 70 5.79 15.18 42.33
C LYS C 70 7.25 15.45 42.67
N ASN C 71 8.15 14.54 42.40
CA ASN C 71 9.55 14.71 42.81
C ASN C 71 10.41 14.32 41.62
N ILE C 72 11.35 15.18 41.22
CA ILE C 72 12.17 14.90 40.08
C ILE C 72 13.54 15.24 40.51
N ARG C 73 14.50 14.43 40.08
CA ARG C 73 15.90 14.70 40.30
C ARG C 73 16.66 14.51 38.99
N VAL C 74 17.59 15.41 38.71
CA VAL C 74 18.31 15.41 37.47
C VAL C 74 19.74 15.65 37.83
N TYR C 75 20.65 14.79 37.32
CA TYR C 75 22.04 14.70 37.74
C TYR C 75 22.89 15.00 36.54
N SER C 76 24.08 15.57 36.82
CA SER C 76 25.06 15.95 35.83
C SER C 76 26.38 16.22 36.52
N LEU C 77 27.40 16.55 35.73
CA LEU C 77 28.69 16.92 36.26
C LEU C 77 28.94 18.42 36.22
N THR C 78 29.77 18.87 37.16
CA THR C 78 30.29 20.24 37.22
C THR C 78 31.51 20.31 36.33
N GLU C 79 32.03 21.53 36.20
CA GLU C 79 33.30 21.74 35.51
C GLU C 79 34.41 20.88 36.07
N ASP C 80 34.33 20.54 37.35
CA ASP C 80 35.40 19.80 38.03
C ASP C 80 35.03 18.37 38.33
N ASN C 81 34.03 17.85 37.61
CA ASN C 81 33.73 16.42 37.64
C ASN C 81 33.25 15.92 39.00
N VAL C 82 32.39 16.74 39.57
CA VAL C 82 31.73 16.43 40.80
C VAL C 82 30.27 16.25 40.45
N LEU C 83 29.69 15.13 40.90
CA LEU C 83 28.26 14.86 40.71
C LEU C 83 27.41 15.92 41.42
N GLN C 84 26.48 16.53 40.69
CA GLN C 84 25.54 17.53 41.24
C GLN C 84 24.15 17.10 40.85
N GLU C 85 23.16 17.71 41.50
CA GLU C 85 21.78 17.27 41.45
C GLU C 85 20.93 18.51 41.40
N ALA C 86 20.14 18.68 40.35
CA ALA C 86 19.09 19.68 40.39
C ALA C 86 17.82 18.96 40.83
N ALA C 87 16.99 19.62 41.64
CA ALA C 87 15.85 18.93 42.24
C ALA C 87 14.59 19.74 42.17
N TYR C 88 13.47 19.01 42.00
CA TYR C 88 12.15 19.59 41.93
C TYR C 88 11.20 18.85 42.82
N ASP C 89 10.44 19.58 43.63
CA ASP C 89 9.32 19.03 44.40
C ASP C 89 8.14 19.93 44.19
N SER C 90 7.00 19.36 43.80
CA SER C 90 5.72 20.05 43.71
C SER C 90 5.50 21.02 44.87
N GLY C 91 4.98 22.20 44.58
CA GLY C 91 4.78 23.25 45.61
C GLY C 91 6.03 23.96 46.11
N SER C 92 7.23 23.58 45.63
CA SER C 92 8.52 24.21 46.00
C SER C 92 9.39 24.67 44.83
N GLY C 93 9.10 24.22 43.59
CA GLY C 93 9.96 24.54 42.46
C GLY C 93 11.32 23.85 42.48
N TRP C 94 12.22 24.35 41.62
CA TRP C 94 13.54 23.78 41.40
C TRP C 94 14.56 24.36 42.36
N TYR C 95 15.50 23.54 42.80
CA TYR C 95 16.54 23.94 43.76
C TYR C 95 17.78 23.05 43.67
N ASN C 96 18.86 23.45 44.29
CA ASN C 96 20.05 22.63 44.29
C ASN C 96 19.93 21.64 45.41
N GLY C 97 20.23 20.39 45.08
CA GLY C 97 20.16 19.30 46.03
C GLY C 97 21.52 19.12 46.67
N ALA C 98 21.54 18.36 47.74
CA ALA C 98 22.70 18.28 48.59
C ALA C 98 23.86 17.50 47.97
N LEU C 99 23.68 16.86 46.81
CA LEU C 99 24.64 15.87 46.33
C LEU C 99 26.01 16.47 46.11
N ALA C 100 26.06 17.67 45.55
CA ALA C 100 27.34 18.32 45.25
C ALA C 100 28.13 18.66 46.53
N GLY C 101 27.39 19.02 47.58
CA GLY C 101 27.87 19.13 48.96
C GLY C 101 28.71 17.97 49.47
N ALA C 102 28.39 16.75 49.06
CA ALA C 102 29.16 15.54 49.43
C ALA C 102 30.47 15.35 48.66
N LYS C 103 30.69 16.15 47.61
CA LYS C 103 31.99 16.26 46.95
C LYS C 103 32.48 14.94 46.34
N PHE C 104 31.55 14.15 45.79
CA PHE C 104 31.88 12.89 45.10
C PHE C 104 32.44 13.26 43.73
N THR C 105 33.68 12.85 43.48
CA THR C 105 34.38 13.22 42.28
C THR C 105 34.52 11.97 41.43
N VAL C 106 34.17 12.10 40.16
CA VAL C 106 34.22 10.95 39.21
C VAL C 106 35.23 11.19 38.05
N ALA C 107 35.44 10.17 37.23
CA ALA C 107 36.19 10.32 35.97
C ALA C 107 35.58 11.45 35.16
N PRO C 108 36.39 12.17 34.37
CA PRO C 108 35.78 13.19 33.44
C PRO C 108 34.80 12.61 32.38
N TYR C 109 35.01 11.36 32.00
CA TYR C 109 34.21 10.61 31.04
C TYR C 109 33.13 9.73 31.69
N SER C 110 32.92 9.82 33.01
CA SER C 110 31.90 9.00 33.65
C SER C 110 30.51 9.30 33.09
N ARG C 111 29.68 8.28 32.98
CA ARG C 111 28.25 8.46 32.79
C ARG C 111 27.56 8.46 34.15
N ILE C 112 26.24 8.61 34.15
CA ILE C 112 25.44 8.54 35.37
C ILE C 112 24.12 7.77 35.17
N GLY C 113 23.75 6.99 36.19
CA GLY C 113 22.44 6.38 36.23
C GLY C 113 21.77 6.79 37.51
N SER C 114 20.45 6.85 37.52
CA SER C 114 19.75 7.25 38.71
C SER C 114 18.42 6.55 38.78
N VAL C 115 18.03 6.13 39.97
CA VAL C 115 16.67 5.69 40.21
C VAL C 115 16.24 6.03 41.60
N PHE C 116 14.99 6.41 41.76
CA PHE C 116 14.32 6.27 43.04
C PHE C 116 14.02 4.79 43.31
N LEU C 117 14.11 4.37 44.57
CA LEU C 117 13.75 3.02 44.93
C LEU C 117 12.27 2.87 44.88
N ALA C 118 11.81 1.83 44.19
CA ALA C 118 10.38 1.62 43.97
C ALA C 118 9.74 0.94 45.17
N GLY C 119 8.41 0.98 45.25
CA GLY C 119 7.66 0.28 46.30
C GLY C 119 7.61 0.95 47.67
N THR C 120 8.15 2.17 47.78
CA THR C 120 8.09 2.99 49.00
C THR C 120 7.73 4.47 48.66
N ASN C 121 6.96 5.11 49.53
CA ASN C 121 6.68 6.56 49.41
C ASN C 121 7.84 7.43 49.85
N ALA C 122 8.68 6.91 50.76
CA ALA C 122 9.88 7.60 51.19
C ALA C 122 10.78 7.85 49.99
N LEU C 123 11.47 8.97 50.01
CA LEU C 123 12.35 9.36 48.92
C LEU C 123 13.75 8.75 49.13
N GLN C 124 14.02 7.63 48.46
CA GLN C 124 15.35 6.99 48.53
C GLN C 124 15.92 6.93 47.13
N LEU C 125 17.19 7.34 46.98
CA LEU C 125 17.86 7.35 45.68
C LEU C 125 19.10 6.47 45.68
N ARG C 126 19.37 5.89 44.50
CA ARG C 126 20.64 5.26 44.20
C ARG C 126 21.03 5.86 42.86
N ILE C 127 22.25 6.37 42.77
CA ILE C 127 22.81 6.85 41.52
C ILE C 127 24.10 6.09 41.31
N TYR C 128 24.50 5.90 40.06
CA TYR C 128 25.69 5.10 39.75
C TYR C 128 26.54 5.91 38.81
N ALA C 129 27.85 5.93 39.04
CA ALA C 129 28.79 6.65 38.16
C ALA C 129 30.14 5.98 38.21
N GLN C 130 31.11 6.50 37.47
CA GLN C 130 32.37 5.84 37.25
C GLN C 130 33.52 6.63 37.84
N LYS C 131 34.25 6.03 38.80
CA LYS C 131 35.34 6.73 39.54
C LYS C 131 36.55 6.70 38.67
N THR C 132 37.55 7.53 38.95
CA THR C 132 38.81 7.57 38.16
C THR C 132 39.59 6.23 38.09
N ASP C 133 39.23 5.27 38.95
CA ASP C 133 39.70 3.89 38.80
C ASP C 133 38.78 3.03 37.98
N ASN C 134 37.83 3.63 37.26
CA ASN C 134 36.95 2.92 36.29
C ASN C 134 35.92 1.96 36.91
N THR C 135 35.86 1.89 38.22
CA THR C 135 34.86 1.11 38.85
C THR C 135 33.59 1.92 38.88
N ILE C 136 32.47 1.20 38.92
CA ILE C 136 31.16 1.78 38.93
C ILE C 136 30.70 1.89 40.37
N GLN C 137 30.49 3.12 40.85
CA GLN C 137 30.18 3.35 42.26
C GLN C 137 28.72 3.70 42.47
N GLU C 138 28.05 2.99 43.39
CA GLU C 138 26.74 3.39 43.88
C GLU C 138 26.89 4.47 44.95
N TYR C 139 26.07 5.51 44.84
CA TYR C 139 25.95 6.55 45.84
C TYR C 139 24.49 6.60 46.24
N MET C 140 24.21 6.83 47.52
CA MET C 140 22.84 6.68 48.00
C MET C 140 22.29 7.76 48.95
N TRP C 141 20.99 7.93 48.90
CA TRP C 141 20.29 8.77 49.82
C TRP C 141 19.19 7.91 50.39
N ASN C 142 19.23 7.72 51.71
CA ASN C 142 18.09 7.17 52.45
C ASN C 142 17.71 8.07 53.59
N GLY C 143 17.77 9.39 53.41
CA GLY C 143 17.24 10.34 54.41
C GLY C 143 18.22 10.88 55.45
N ASP C 144 19.46 10.38 55.45
CA ASP C 144 20.48 10.65 56.46
C ASP C 144 21.71 11.35 55.85
N GLY C 145 21.57 11.83 54.63
CA GLY C 145 22.65 12.45 53.93
C GLY C 145 23.25 11.51 52.91
N TRP C 146 23.88 12.09 51.88
CA TRP C 146 24.42 11.31 50.78
C TRP C 146 25.66 10.49 51.18
N LYS C 147 25.71 9.22 50.79
CA LYS C 147 26.77 8.29 51.21
C LYS C 147 27.07 7.29 50.10
N GLU C 148 28.33 6.87 50.00
CA GLU C 148 28.74 5.78 49.10
C GLU C 148 28.09 4.47 49.55
N GLY C 149 27.79 3.62 48.57
CA GLY C 149 27.23 2.30 48.78
C GLY C 149 28.06 1.25 48.13
N THR C 150 27.40 0.24 47.55
CA THR C 150 28.14 -0.85 46.91
C THR C 150 28.96 -0.36 45.70
N ASN C 151 30.21 -0.80 45.60
CA ASN C 151 31.02 -0.62 44.38
C ASN C 151 30.74 -1.83 43.53
N LEU C 152 30.41 -1.65 42.24
CA LEU C 152 29.99 -2.77 41.39
C LEU C 152 31.12 -3.27 40.49
N GLY C 153 32.29 -2.66 40.60
CA GLY C 153 33.46 -3.19 39.96
C GLY C 153 33.84 -2.45 38.71
N VAL C 154 34.81 -3.03 38.02
CA VAL C 154 35.48 -2.36 36.92
C VAL C 154 34.71 -2.51 35.62
N ALA C 155 34.58 -1.38 34.92
CA ALA C 155 33.98 -1.31 33.59
C ALA C 155 34.86 -0.54 32.62
N LEU C 156 34.48 -0.56 31.36
CA LEU C 156 35.21 0.18 30.33
C LEU C 156 35.19 1.65 30.66
N PRO C 157 36.32 2.34 30.50
CA PRO C 157 36.24 3.79 30.73
C PRO C 157 35.25 4.48 29.77
N GLY C 158 34.30 5.20 30.33
CA GLY C 158 33.28 5.94 29.59
C GLY C 158 32.04 5.13 29.29
N THR C 159 31.96 3.90 29.81
CA THR C 159 30.80 3.02 29.55
C THR C 159 29.50 3.72 29.77
N GLY C 160 28.51 3.43 28.93
CA GLY C 160 27.13 3.74 29.26
C GLY C 160 26.72 3.09 30.56
N ILE C 161 25.77 3.72 31.28
CA ILE C 161 25.18 3.16 32.49
C ILE C 161 23.66 3.17 32.40
N GLY C 162 23.10 1.96 32.33
CA GLY C 162 21.66 1.79 32.34
C GLY C 162 21.24 1.20 33.64
N VAL C 163 20.12 1.61 34.15
CA VAL C 163 19.68 1.12 35.43
C VAL C 163 18.19 1.23 35.50
N THR C 164 17.55 0.31 36.20
CA THR C 164 16.11 0.32 36.37
C THR C 164 15.79 -0.30 37.72
N CYS C 165 14.57 -0.15 38.18
CA CYS C 165 14.23 -0.54 39.53
C CYS C 165 12.76 -0.76 39.66
N TRP C 166 12.38 -1.80 40.38
CA TRP C 166 10.97 -2.13 40.60
C TRP C 166 10.85 -2.88 41.90
N ARG C 167 9.62 -3.19 42.26
CA ARG C 167 9.35 -4.06 43.38
C ARG C 167 8.35 -5.12 42.96
N TYR C 168 8.77 -6.39 43.00
CA TYR C 168 7.85 -7.52 42.69
C TYR C 168 6.68 -7.52 43.69
N THR C 169 5.46 -7.81 43.26
CA THR C 169 4.34 -7.83 44.23
C THR C 169 4.39 -8.92 45.33
N ASP C 170 5.35 -9.85 45.26
CA ASP C 170 5.54 -10.91 46.27
C ASP C 170 6.85 -10.73 47.07
N TYR C 171 7.48 -9.57 46.93
CA TYR C 171 8.67 -9.24 47.72
C TYR C 171 8.35 -8.07 48.66
N ASP C 172 9.28 -7.79 49.56
CA ASP C 172 9.12 -6.76 50.59
C ASP C 172 10.17 -5.64 50.44
N GLY C 173 10.76 -5.51 49.24
CA GLY C 173 11.89 -4.60 49.00
C GLY C 173 12.08 -4.31 47.52
N PRO C 174 13.07 -3.48 47.18
CA PRO C 174 13.27 -3.10 45.80
C PRO C 174 14.29 -3.97 45.08
N SER C 175 14.00 -4.30 43.81
CA SER C 175 14.96 -4.97 42.93
C SER C 175 15.58 -3.93 42.00
N ILE C 176 16.86 -4.08 41.71
CA ILE C 176 17.63 -3.12 40.90
C ILE C 176 18.45 -3.92 39.89
N ARG C 177 18.54 -3.42 38.67
CA ARG C 177 19.39 -3.99 37.64
C ARG C 177 20.17 -2.84 37.02
N VAL C 178 21.46 -3.03 36.86
CA VAL C 178 22.36 -2.03 36.32
C VAL C 178 23.10 -2.70 35.17
N TRP C 179 23.24 -1.96 34.07
CA TRP C 179 23.86 -2.47 32.84
C TRP C 179 24.99 -1.56 32.43
N PHE C 180 26.10 -2.14 32.03
CA PHE C 180 27.26 -1.38 31.59
C PHE C 180 28.13 -2.28 30.71
N GLN C 181 29.21 -1.71 30.21
CA GLN C 181 30.11 -2.34 29.26
C GLN C 181 31.47 -2.66 29.95
N THR C 182 31.93 -3.91 29.83
CA THR C 182 33.25 -4.32 30.34
C THR C 182 34.38 -4.06 29.34
N ASP C 183 35.61 -4.26 29.79
CA ASP C 183 36.83 -3.96 29.02
C ASP C 183 36.90 -4.75 27.69
N ASN C 184 36.35 -5.96 27.73
CA ASN C 184 36.17 -6.80 26.54
C ASN C 184 35.05 -6.32 25.56
N LEU C 185 34.42 -5.17 25.83
CA LEU C 185 33.33 -4.59 25.00
C LEU C 185 31.95 -5.31 25.04
N LYS C 186 31.82 -6.36 25.83
CA LYS C 186 30.50 -6.95 26.13
C LYS C 186 29.61 -5.97 26.93
N LEU C 187 28.29 -6.22 26.88
CA LEU C 187 27.31 -5.52 27.71
C LEU C 187 26.87 -6.52 28.74
N VAL C 188 26.94 -6.09 30.01
CA VAL C 188 26.61 -6.94 31.15
C VAL C 188 25.54 -6.35 32.10
N GLN C 189 24.94 -7.23 32.90
CA GLN C 189 23.95 -6.95 33.92
C GLN C 189 24.54 -7.31 35.29
N ARG C 190 24.48 -6.38 36.24
CA ARG C 190 24.62 -6.67 37.67
C ARG C 190 23.23 -6.56 38.26
N ALA C 191 22.96 -7.27 39.34
CA ALA C 191 21.58 -7.45 39.80
C ALA C 191 21.49 -7.45 41.32
N TYR C 192 20.51 -6.76 41.87
CA TYR C 192 20.28 -6.74 43.31
C TYR C 192 18.83 -7.17 43.55
N ASP C 193 18.65 -8.15 44.43
CA ASP C 193 17.31 -8.44 45.00
C ASP C 193 17.39 -8.24 46.53
N PRO C 194 16.26 -7.96 47.20
CA PRO C 194 16.29 -7.56 48.61
C PRO C 194 16.90 -8.61 49.57
N HIS C 195 16.57 -9.89 49.39
CA HIS C 195 17.06 -10.91 50.34
C HIS C 195 18.47 -11.32 49.93
N THR C 196 18.67 -11.53 48.64
CA THR C 196 19.96 -12.01 48.13
C THR C 196 21.07 -10.95 48.11
N GLY C 197 20.75 -9.66 48.24
CA GLY C 197 21.73 -8.61 47.90
C GLY C 197 22.20 -8.66 46.44
N TRP C 198 23.41 -8.14 46.19
CA TRP C 198 23.99 -8.12 44.85
C TRP C 198 24.58 -9.46 44.50
N TYR C 199 24.02 -10.10 43.47
CA TYR C 199 24.57 -11.35 42.94
C TYR C 199 26.02 -11.14 42.54
N LYS C 200 26.84 -12.15 42.76
CA LYS C 200 28.27 -12.03 42.44
C LYS C 200 28.55 -12.06 40.93
N GLU C 201 27.73 -12.81 40.20
CA GLU C 201 27.87 -13.01 38.75
C GLU C 201 27.47 -11.81 37.83
N LEU C 202 28.35 -11.50 36.89
CA LEU C 202 28.00 -10.74 35.68
C LEU C 202 27.20 -11.60 34.68
N THR C 203 25.99 -11.18 34.30
CA THR C 203 25.20 -11.82 33.22
C THR C 203 25.34 -11.02 31.91
N THR C 204 25.59 -11.71 30.79
CA THR C 204 25.85 -11.06 29.49
C THR C 204 24.55 -10.87 28.74
N ILE C 205 24.32 -9.65 28.29
CA ILE C 205 23.16 -9.35 27.49
C ILE C 205 23.56 -9.14 26.04
N PHE C 206 24.79 -8.69 25.76
CA PHE C 206 25.20 -8.57 24.37
C PHE C 206 26.71 -8.77 24.18
N ASP C 207 27.10 -9.53 23.15
CA ASP C 207 28.47 -10.03 23.01
C ASP C 207 29.50 -8.99 22.66
N LYS C 208 29.13 -7.98 21.89
CA LYS C 208 30.05 -6.90 21.51
C LYS C 208 29.28 -5.65 21.07
N ALA C 209 29.73 -4.51 21.57
CA ALA C 209 29.05 -3.26 21.33
C ALA C 209 30.09 -2.20 21.11
N PRO C 210 29.75 -1.15 20.38
CA PRO C 210 30.77 -0.12 20.23
C PRO C 210 31.31 0.38 21.56
N PRO C 211 32.56 0.83 21.57
CA PRO C 211 33.11 1.43 22.78
C PRO C 211 32.39 2.71 23.16
N ARG C 212 31.96 2.74 24.42
CA ARG C 212 31.19 3.83 25.05
C ARG C 212 29.81 4.06 24.43
N CYS C 213 29.25 3.00 23.89
CA CYS C 213 27.92 3.10 23.36
C CYS C 213 26.97 3.48 24.49
N ALA C 214 26.02 4.35 24.15
CA ALA C 214 24.94 4.70 25.01
C ALA C 214 24.16 3.45 25.47
N ILE C 215 23.68 3.46 26.73
CA ILE C 215 22.88 2.39 27.31
C ILE C 215 21.77 2.98 28.16
N ALA C 216 20.58 2.42 28.03
CA ALA C 216 19.46 2.91 28.80
C ALA C 216 18.37 1.88 28.92
N ALA C 217 17.64 1.91 30.02
CA ALA C 217 16.73 0.84 30.32
C ALA C 217 15.48 1.28 31.05
N THR C 218 14.48 0.43 31.04
CA THR C 218 13.20 0.67 31.70
C THR C 218 12.61 -0.72 32.08
N ASN C 219 11.54 -0.72 32.87
CA ASN C 219 10.83 -1.96 33.17
C ASN C 219 9.38 -1.67 33.24
N PHE C 220 8.54 -2.67 32.99
CA PHE C 220 7.08 -2.51 33.18
C PHE C 220 6.39 -3.77 33.70
N ASN C 221 5.21 -3.58 34.26
CA ASN C 221 4.32 -4.65 34.67
C ASN C 221 5.00 -5.62 35.62
N PRO C 222 5.58 -5.12 36.73
CA PRO C 222 6.12 -6.00 37.75
C PRO C 222 4.98 -6.83 38.36
N GLY C 223 5.26 -8.11 38.66
CA GLY C 223 4.27 -9.04 39.26
C GLY C 223 4.83 -9.96 40.33
N LYS C 224 4.29 -11.17 40.39
CA LYS C 224 4.69 -12.19 41.36
C LYS C 224 5.86 -12.92 40.74
N SER C 225 7.06 -12.53 41.16
CA SER C 225 8.33 -13.08 40.66
C SER C 225 8.49 -12.92 39.16
N SER C 226 7.89 -11.85 38.63
CA SER C 226 7.87 -11.59 37.20
C SER C 226 8.14 -10.13 36.92
N ILE C 227 8.91 -9.88 35.86
CA ILE C 227 9.19 -8.54 35.38
C ILE C 227 9.39 -8.54 33.85
N TYR C 228 9.24 -7.38 33.23
CA TYR C 228 9.53 -7.16 31.83
C TYR C 228 10.48 -5.97 31.75
N MET C 229 11.62 -6.16 31.07
CA MET C 229 12.66 -5.14 30.95
C MET C 229 13.03 -4.88 29.51
N ARG C 230 13.47 -3.67 29.25
CA ARG C 230 13.95 -3.32 27.95
C ARG C 230 15.22 -2.51 28.10
N ILE C 231 16.27 -2.96 27.43
CA ILE C 231 17.55 -2.25 27.42
C ILE C 231 17.84 -1.83 25.97
N TYR C 232 18.33 -0.61 25.81
CA TYR C 232 18.57 -0.02 24.51
C TYR C 232 20.03 0.36 24.52
N PHE C 233 20.70 0.25 23.38
CA PHE C 233 22.05 0.74 23.27
C PHE C 233 22.29 1.08 21.83
N VAL C 234 23.25 1.95 21.54
CA VAL C 234 23.58 2.23 20.15
C VAL C 234 24.64 1.23 19.62
N ASN C 235 24.27 0.50 18.58
CA ASN C 235 25.09 -0.53 17.98
C ASN C 235 25.96 0.05 16.85
N SER C 236 26.88 -0.77 16.36
CA SER C 236 27.82 -0.41 15.29
C SER C 236 27.19 -0.09 13.94
N ASP C 237 25.91 -0.48 13.72
CA ASP C 237 25.15 -0.13 12.49
C ASP C 237 24.47 1.25 12.55
N ASN C 238 24.91 2.08 13.50
CA ASN C 238 24.37 3.40 13.78
C ASN C 238 22.87 3.34 13.95
N THR C 239 22.42 2.37 14.74
CA THR C 239 21.03 2.28 15.13
C THR C 239 20.96 1.93 16.59
N ILE C 240 19.86 2.26 17.23
CA ILE C 240 19.53 1.76 18.53
C ILE C 240 19.00 0.35 18.37
N TRP C 241 19.47 -0.53 19.23
CA TRP C 241 19.01 -1.90 19.34
C TRP C 241 18.35 -2.05 20.68
N GLN C 242 17.41 -2.99 20.75
CA GLN C 242 16.65 -3.25 21.93
C GLN C 242 16.93 -4.68 22.39
N VAL C 243 17.27 -4.85 23.66
CA VAL C 243 17.34 -6.17 24.29
C VAL C 243 16.12 -6.36 25.20
N CYS C 244 15.31 -7.37 24.89
CA CYS C 244 14.08 -7.67 25.64
C CYS C 244 14.29 -8.73 26.73
N TRP C 245 13.90 -8.42 27.97
CA TRP C 245 13.63 -9.41 28.98
C TRP C 245 12.11 -9.56 29.12
N ASP C 246 11.59 -10.76 28.92
CA ASP C 246 10.19 -11.06 29.08
C ASP C 246 10.06 -12.28 30.01
N HIS C 247 9.19 -12.17 31.00
CA HIS C 247 8.95 -13.25 31.96
C HIS C 247 8.69 -14.57 31.26
N GLY C 248 9.28 -15.62 31.80
CA GLY C 248 9.27 -16.94 31.18
C GLY C 248 10.33 -17.17 30.11
N GLN C 249 10.76 -16.12 29.40
CA GLN C 249 11.70 -16.28 28.29
C GLN C 249 13.03 -15.66 28.49
N GLY C 250 13.16 -14.78 29.46
CA GLY C 250 14.43 -14.11 29.69
C GLY C 250 14.85 -13.23 28.51
N TYR C 251 16.18 -13.18 28.29
CA TYR C 251 16.79 -12.32 27.26
C TYR C 251 16.71 -12.92 25.86
N HIS C 252 15.48 -12.95 25.39
CA HIS C 252 15.10 -13.76 24.26
C HIS C 252 15.02 -13.04 22.92
N ASP C 253 15.25 -11.74 22.88
CA ASP C 253 15.13 -11.01 21.63
C ASP C 253 16.06 -9.80 21.60
N LYS C 254 16.70 -9.62 20.44
CA LYS C 254 17.70 -8.61 20.18
C LYS C 254 17.44 -8.17 18.75
N ARG C 255 17.14 -6.87 18.57
CA ARG C 255 16.78 -6.31 17.26
C ARG C 255 16.94 -4.80 17.20
N THR C 256 17.22 -4.33 16.00
CA THR C 256 17.32 -2.94 15.72
C THR C 256 15.94 -2.33 15.88
N ILE C 257 15.94 -1.06 16.29
CA ILE C 257 14.70 -0.31 16.51
C ILE C 257 14.59 0.83 15.51
N THR C 258 15.56 1.75 15.52
CA THR C 258 15.51 2.98 14.76
C THR C 258 16.92 3.57 14.48
N PRO C 259 17.10 4.22 13.33
CA PRO C 259 18.44 4.79 13.05
C PRO C 259 18.76 6.00 13.95
N VAL C 260 20.03 6.23 14.27
CA VAL C 260 20.48 7.40 15.04
C VAL C 260 21.76 7.92 14.44
N ILE C 261 22.14 9.13 14.80
CA ILE C 261 23.42 9.66 14.36
C ILE C 261 24.53 8.87 15.04
N GLN C 262 25.72 8.92 14.44
CA GLN C 262 26.91 8.41 15.04
C GLN C 262 27.10 9.04 16.45
N GLY C 263 27.22 8.20 17.48
CA GLY C 263 27.36 8.64 18.87
C GLY C 263 26.18 9.24 19.57
N SER C 264 24.98 8.92 19.14
CA SER C 264 23.80 9.43 19.83
C SER C 264 23.76 8.92 21.25
N GLU C 265 23.25 9.73 22.17
CA GLU C 265 22.90 9.25 23.51
C GLU C 265 21.43 8.84 23.48
N ILE C 266 20.92 8.23 24.54
CA ILE C 266 19.52 7.83 24.52
C ILE C 266 18.88 7.91 25.87
N ALA C 267 17.55 7.99 25.86
CA ALA C 267 16.77 7.89 27.06
C ALA C 267 15.52 7.15 26.77
N ILE C 268 14.97 6.56 27.82
CA ILE C 268 13.80 5.74 27.72
C ILE C 268 12.87 5.98 28.90
N ILE C 269 11.58 6.01 28.63
CA ILE C 269 10.59 5.98 29.70
C ILE C 269 9.52 5.01 29.28
N SER C 270 8.66 4.66 30.23
CA SER C 270 7.54 3.76 29.96
C SER C 270 6.41 3.97 30.98
N TRP C 271 5.24 3.50 30.60
CA TRP C 271 4.14 3.43 31.49
C TRP C 271 3.25 2.24 31.12
N GLU C 272 2.34 1.90 32.03
CA GLU C 272 1.55 0.69 31.86
C GLU C 272 0.67 0.75 30.63
N GLY C 273 0.64 -0.39 29.95
CA GLY C 273 0.10 -0.49 28.63
C GLY C 273 0.52 -1.82 28.02
N PRO C 274 1.83 -1.98 27.69
CA PRO C 274 2.90 -1.00 27.89
C PRO C 274 2.92 0.10 26.85
N GLU C 275 3.50 1.23 27.23
CA GLU C 275 3.82 2.35 26.31
C GLU C 275 5.30 2.66 26.48
N LEU C 276 6.01 2.77 25.36
CA LEU C 276 7.45 3.07 25.44
C LEU C 276 7.73 4.36 24.74
N ARG C 277 8.70 5.11 25.25
CA ARG C 277 9.21 6.32 24.55
C ARG C 277 10.70 6.37 24.64
N LEU C 278 11.32 6.43 23.47
CA LEU C 278 12.75 6.54 23.29
C LEU C 278 13.03 7.89 22.77
N TYR C 279 14.13 8.49 23.21
CA TYR C 279 14.62 9.82 22.78
C TYR C 279 16.08 9.72 22.38
N PHE C 280 16.46 10.42 21.31
CA PHE C 280 17.76 10.21 20.65
C PHE C 280 17.92 11.28 19.59
N GLN C 281 19.07 11.30 18.97
CA GLN C 281 19.32 12.17 17.82
C GLN C 281 19.49 11.31 16.59
N ASN C 282 18.72 11.63 15.56
CA ASN C 282 18.79 10.88 14.32
C ASN C 282 19.08 11.73 13.09
N GLY C 283 19.42 12.99 13.29
CA GLY C 283 19.82 13.88 12.18
C GLY C 283 18.72 14.84 11.75
N THR C 284 17.59 14.82 12.47
CA THR C 284 16.44 15.64 12.11
C THR C 284 16.78 17.06 12.47
N TYR C 285 16.80 17.93 11.45
CA TYR C 285 17.26 19.33 11.58
C TYR C 285 18.67 19.31 12.14
N VAL C 286 19.44 18.33 11.67
CA VAL C 286 20.79 18.05 12.13
C VAL C 286 20.86 17.59 13.57
N SER C 287 20.37 18.42 14.50
CA SER C 287 20.66 18.26 15.94
C SER C 287 19.44 18.23 16.84
N ALA C 288 18.23 18.24 16.28
CA ALA C 288 17.07 18.09 17.13
C ALA C 288 17.07 16.71 17.75
N ILE C 289 16.30 16.58 18.79
CA ILE C 289 16.06 15.29 19.43
C ILE C 289 14.76 14.71 18.86
N SER C 290 14.79 13.46 18.41
CA SER C 290 13.57 12.78 17.97
C SER C 290 13.02 11.76 18.99
N GLU C 291 11.74 11.38 18.83
CA GLU C 291 11.09 10.39 19.66
C GLU C 291 10.75 9.12 18.87
N TRP C 292 10.86 7.95 19.50
CA TRP C 292 10.28 6.72 18.99
C TRP C 292 9.27 6.20 19.99
N THR C 293 8.18 5.60 19.49
CA THR C 293 7.08 5.11 20.32
C THR C 293 6.72 3.63 20.11
N TRP C 294 6.24 3.00 21.16
CA TRP C 294 5.60 1.70 21.07
C TRP C 294 4.35 1.69 21.95
N GLY C 295 3.28 1.13 21.40
CA GLY C 295 2.01 0.89 22.10
C GLY C 295 1.22 -0.22 21.40
N LYS C 296 0.17 -0.70 22.04
CA LYS C 296 -0.56 -1.83 21.49
C LYS C 296 -1.32 -1.41 20.23
N ALA C 297 -1.99 -0.26 20.31
CA ALA C 297 -2.60 0.43 19.16
C ALA C 297 -1.80 0.33 17.85
N HIS C 298 -0.59 0.86 17.79
CA HIS C 298 0.13 0.88 16.52
C HIS C 298 1.47 0.16 16.46
N GLY C 299 1.95 -0.36 17.58
CA GLY C 299 3.29 -0.98 17.60
C GLY C 299 4.39 0.04 17.48
N SER C 300 5.47 -0.36 16.84
CA SER C 300 6.59 0.50 16.52
C SER C 300 6.28 1.67 15.55
N GLN C 301 6.19 2.91 16.06
CA GLN C 301 6.04 4.14 15.24
C GLN C 301 6.94 5.32 15.70
N LEU C 302 7.71 5.92 14.81
CA LEU C 302 8.32 7.22 15.09
C LEU C 302 7.25 8.19 15.58
N GLY C 303 7.66 9.06 16.48
CA GLY C 303 6.74 9.94 17.16
C GLY C 303 7.05 11.32 16.71
N ARG C 304 7.17 12.22 17.67
CA ARG C 304 7.62 13.61 17.44
C ARG C 304 8.95 13.63 16.69
N ARG C 305 8.98 14.20 15.49
CA ARG C 305 10.26 14.28 14.73
C ARG C 305 11.28 15.21 15.38
N ALA C 306 10.79 16.26 16.02
CA ALA C 306 11.65 17.30 16.50
C ALA C 306 11.09 17.88 17.81
N LEU C 307 11.69 17.48 18.94
CA LEU C 307 11.28 18.04 20.24
C LEU C 307 11.53 19.53 20.33
N PRO C 308 10.69 20.29 21.08
CA PRO C 308 11.05 21.67 21.42
C PRO C 308 12.48 21.70 21.95
N PRO C 309 13.29 22.70 21.53
CA PRO C 309 12.95 23.91 20.79
C PRO C 309 13.10 23.84 19.26
N ALA C 310 13.42 22.70 18.67
CA ALA C 310 13.39 22.56 17.19
C ALA C 310 12.05 22.98 16.52
N GLU C 311 10.91 22.65 17.14
CA GLU C 311 9.58 23.15 16.70
C GLU C 311 8.73 23.41 17.93
N SER D 2 -32.83 18.50 -33.36
CA SER D 2 -32.25 19.67 -34.09
C SER D 2 -33.17 20.36 -35.13
N THR D 3 -32.64 21.36 -35.85
CA THR D 3 -33.30 22.08 -36.96
C THR D 3 -32.34 22.35 -38.12
N PRO D 4 -32.85 22.60 -39.35
CA PRO D 4 -31.96 22.87 -40.50
C PRO D 4 -31.02 24.05 -40.34
N GLY D 5 -31.52 25.14 -39.77
CA GLY D 5 -30.67 26.29 -39.48
C GLY D 5 -29.63 26.02 -38.38
N ALA D 6 -30.05 25.37 -37.31
CA ALA D 6 -29.08 25.02 -36.24
C ALA D 6 -27.93 24.18 -36.78
N GLN D 7 -28.27 23.26 -37.68
CA GLN D 7 -27.33 22.33 -38.30
C GLN D 7 -26.23 23.05 -39.06
N GLU D 8 -26.46 24.31 -39.44
CA GLU D 8 -25.44 25.08 -40.16
C GLU D 8 -24.33 25.56 -39.21
N VAL D 9 -24.67 25.73 -37.93
CA VAL D 9 -23.68 26.22 -36.98
C VAL D 9 -22.71 25.09 -36.62
N LEU D 10 -21.41 25.37 -36.77
CA LEU D 10 -20.37 24.45 -36.36
C LEU D 10 -20.38 24.13 -34.83
N PHE D 11 -20.25 22.84 -34.52
CA PHE D 11 -20.20 22.35 -33.15
C PHE D 11 -18.82 22.76 -32.57
N ARG D 12 -18.81 23.46 -31.44
CA ARG D 12 -17.56 24.06 -30.85
C ARG D 12 -16.95 25.21 -31.64
N THR D 13 -17.84 25.94 -32.32
CA THR D 13 -17.49 27.14 -33.05
C THR D 13 -16.95 28.19 -32.14
N GLY D 14 -15.87 28.84 -32.57
CA GLY D 14 -15.54 30.17 -32.08
C GLY D 14 -16.77 31.05 -32.01
N ILE D 15 -16.86 31.84 -30.94
CA ILE D 15 -17.96 32.81 -30.79
C ILE D 15 -17.37 34.16 -30.39
N ALA D 16 -17.86 35.23 -31.03
CA ALA D 16 -17.41 36.59 -30.72
C ALA D 16 -18.63 37.47 -30.75
N ALA D 17 -18.56 38.60 -30.06
CA ALA D 17 -19.67 39.50 -30.03
C ALA D 17 -19.24 40.94 -29.79
N VAL D 18 -20.07 41.86 -30.26
CA VAL D 18 -19.83 43.27 -30.02
C VAL D 18 -21.15 43.92 -29.88
N ASN D 19 -21.15 45.14 -29.35
CA ASN D 19 -22.40 45.83 -29.09
C ASN D 19 -22.22 47.34 -28.89
N SER D 20 -23.37 48.03 -28.95
CA SER D 20 -23.58 49.41 -28.49
C SER D 20 -24.83 49.32 -27.65
N THR D 21 -24.69 49.53 -26.34
CA THR D 21 -25.74 49.14 -25.40
C THR D 21 -26.42 47.82 -25.86
N ASN D 22 -27.74 47.85 -26.05
CA ASN D 22 -28.50 46.66 -26.33
C ASN D 22 -28.73 46.39 -27.85
N HIS D 23 -27.90 47.01 -28.69
CA HIS D 23 -27.78 46.72 -30.11
C HIS D 23 -26.60 45.77 -30.20
N LEU D 24 -26.85 44.53 -30.64
CA LEU D 24 -25.87 43.43 -30.52
C LEU D 24 -25.54 42.70 -31.82
N ARG D 25 -24.28 42.33 -31.97
CA ARG D 25 -23.81 41.47 -33.07
C ARG D 25 -23.05 40.25 -32.54
N VAL D 26 -23.49 39.05 -32.91
CA VAL D 26 -22.78 37.79 -32.60
C VAL D 26 -22.18 37.15 -33.86
N TYR D 27 -20.87 36.87 -33.84
CA TYR D 27 -20.14 36.17 -34.89
C TYR D 27 -19.84 34.68 -34.55
N PHE D 28 -19.96 33.78 -35.54
CA PHE D 28 -19.68 32.33 -35.39
C PHE D 28 -19.32 31.70 -36.75
N GLN D 29 -18.63 30.55 -36.71
CA GLN D 29 -18.25 29.81 -37.92
C GLN D 29 -19.30 28.77 -38.28
N ASP D 30 -19.72 28.71 -39.55
CA ASP D 30 -20.72 27.69 -39.99
C ASP D 30 -19.96 26.42 -40.35
N SER D 31 -20.68 25.35 -40.65
CA SER D 31 -20.04 24.04 -40.91
C SER D 31 -19.21 23.96 -42.17
N HIS D 32 -19.32 24.96 -43.05
CA HIS D 32 -18.47 25.02 -44.25
C HIS D 32 -17.31 26.01 -44.13
N GLY D 33 -17.17 26.64 -42.95
CA GLY D 33 -15.97 27.44 -42.60
C GLY D 33 -16.20 28.94 -42.70
N SER D 34 -17.38 29.36 -43.06
CA SER D 34 -17.65 30.77 -43.19
C SER D 34 -18.04 31.41 -41.84
N ILE D 35 -17.42 32.57 -41.58
CA ILE D 35 -17.82 33.42 -40.47
C ILE D 35 -19.11 34.20 -40.84
N ARG D 36 -20.21 33.93 -40.15
CA ARG D 36 -21.47 34.69 -40.28
C ARG D 36 -21.77 35.69 -39.14
N GLU D 37 -22.76 36.57 -39.34
CA GLU D 37 -23.22 37.52 -38.33
C GLU D 37 -24.71 37.44 -38.05
N SER D 38 -25.07 37.15 -36.82
CA SER D 38 -26.44 37.34 -36.38
C SER D 38 -26.48 38.69 -35.67
N LEU D 39 -27.67 39.27 -35.56
CA LEU D 39 -27.80 40.57 -34.91
C LEU D 39 -29.08 40.72 -34.11
N TYR D 40 -29.01 41.61 -33.11
CA TYR D 40 -30.17 41.95 -32.32
C TYR D 40 -30.38 43.47 -32.45
N GLU D 41 -31.60 43.81 -32.88
CA GLU D 41 -32.06 45.20 -33.10
C GLU D 41 -33.51 45.19 -32.75
N SER D 42 -33.80 45.40 -31.48
CA SER D 42 -35.10 45.07 -30.92
C SER D 42 -35.67 43.83 -31.59
N GLY D 43 -34.84 42.78 -31.71
CA GLY D 43 -35.23 41.51 -32.35
C GLY D 43 -34.03 40.80 -32.92
N TRP D 44 -34.09 39.48 -32.95
CA TRP D 44 -32.99 38.64 -33.43
C TRP D 44 -33.24 38.36 -34.90
N ALA D 45 -32.18 38.50 -35.72
CA ALA D 45 -32.19 38.26 -37.16
C ALA D 45 -30.85 37.79 -37.71
N ASN D 46 -30.89 37.35 -38.96
CA ASN D 46 -29.70 37.03 -39.81
C ASN D 46 -29.01 35.69 -39.48
N GLY D 47 -27.67 35.64 -39.53
CA GLY D 47 -26.93 34.39 -39.36
C GLY D 47 -27.11 33.32 -40.44
N THR D 48 -27.57 33.74 -41.63
CA THR D 48 -27.74 32.85 -42.75
C THR D 48 -26.50 32.95 -43.66
N ALA D 49 -26.47 32.14 -44.72
CA ALA D 49 -25.36 32.21 -45.69
C ALA D 49 -25.32 33.55 -46.44
N LYS D 50 -26.38 34.34 -46.36
CA LYS D 50 -26.35 35.68 -46.92
C LYS D 50 -25.47 36.62 -46.11
N ASN D 51 -25.31 36.30 -44.82
CA ASN D 51 -24.64 37.17 -43.86
C ASN D 51 -23.19 36.77 -43.56
N VAL D 52 -22.45 36.42 -44.59
CA VAL D 52 -21.07 36.03 -44.40
C VAL D 52 -20.16 37.24 -44.48
N ILE D 53 -19.24 37.36 -43.52
CA ILE D 53 -18.22 38.42 -43.50
C ILE D 53 -16.77 37.98 -43.71
N ALA D 54 -16.51 36.68 -43.67
CA ALA D 54 -15.14 36.17 -43.88
C ALA D 54 -15.22 34.68 -44.03
N LYS D 55 -14.07 34.08 -44.30
CA LYS D 55 -14.00 32.65 -44.41
C LYS D 55 -12.66 32.26 -43.78
N ALA D 56 -12.68 31.23 -42.95
CA ALA D 56 -11.55 30.92 -42.12
C ALA D 56 -11.32 29.42 -42.09
N LYS D 57 -10.14 29.02 -41.65
CA LYS D 57 -9.91 27.60 -41.35
C LYS D 57 -11.03 27.05 -40.46
N LEU D 58 -11.31 25.77 -40.61
CA LEU D 58 -12.31 25.13 -39.78
C LEU D 58 -11.77 25.03 -38.37
N GLY D 59 -12.63 25.30 -37.40
CA GLY D 59 -12.23 25.35 -35.97
C GLY D 59 -11.41 26.56 -35.60
N THR D 60 -11.52 27.66 -36.35
CA THR D 60 -10.67 28.88 -36.12
C THR D 60 -11.03 29.54 -34.80
N PRO D 61 -10.06 30.18 -34.15
CA PRO D 61 -10.45 31.16 -33.14
C PRO D 61 -11.21 32.31 -33.75
N LEU D 62 -12.03 32.96 -32.96
CA LEU D 62 -12.86 34.09 -33.38
C LEU D 62 -12.81 35.14 -32.27
N ALA D 63 -12.44 36.38 -32.63
CA ALA D 63 -12.45 37.53 -31.71
C ALA D 63 -12.99 38.73 -32.41
N ALA D 64 -13.63 39.60 -31.65
CA ALA D 64 -14.19 40.80 -32.21
C ALA D 64 -14.13 41.93 -31.18
N THR D 65 -14.14 43.14 -31.70
CA THR D 65 -14.03 44.33 -30.91
C THR D 65 -14.65 45.48 -31.70
N SER D 66 -15.12 46.47 -30.97
CA SER D 66 -15.92 47.52 -31.55
C SER D 66 -15.91 48.83 -30.78
N LYS D 67 -15.88 49.93 -31.55
CA LYS D 67 -16.30 51.25 -31.06
C LYS D 67 -17.77 51.37 -31.35
N GLU D 68 -18.62 51.10 -30.36
CA GLU D 68 -20.06 51.01 -30.56
C GLU D 68 -20.34 50.15 -31.81
N LEU D 69 -21.32 50.49 -32.65
CA LEU D 69 -21.51 49.81 -33.96
C LEU D 69 -21.08 50.65 -35.17
N LYS D 70 -20.10 51.52 -34.97
CA LYS D 70 -19.53 52.32 -36.03
C LYS D 70 -18.33 51.63 -36.62
N ASN D 71 -17.54 51.02 -35.76
CA ASN D 71 -16.36 50.28 -36.18
C ASN D 71 -16.38 48.90 -35.55
N ILE D 72 -16.34 47.87 -36.40
CA ILE D 72 -16.24 46.50 -35.94
C ILE D 72 -15.05 45.87 -36.60
N ARG D 73 -14.24 45.15 -35.84
CA ARG D 73 -13.23 44.27 -36.43
C ARG D 73 -13.54 42.84 -35.97
N VAL D 74 -13.19 41.87 -36.81
CA VAL D 74 -13.41 40.46 -36.51
C VAL D 74 -12.19 39.69 -36.98
N TYR D 75 -11.57 38.98 -36.05
CA TYR D 75 -10.31 38.31 -36.31
C TYR D 75 -10.55 36.83 -36.40
N SER D 76 -9.67 36.17 -37.14
CA SER D 76 -9.73 34.72 -37.36
C SER D 76 -8.43 34.31 -38.02
N LEU D 77 -8.29 33.01 -38.28
CA LEU D 77 -7.11 32.47 -38.92
C LEU D 77 -7.41 31.96 -40.34
N THR D 78 -6.46 32.19 -41.23
CA THR D 78 -6.46 31.58 -42.55
C THR D 78 -6.09 30.12 -42.39
N GLU D 79 -6.30 29.41 -43.50
CA GLU D 79 -5.83 28.05 -43.69
C GLU D 79 -4.33 27.88 -43.40
N ASP D 80 -3.50 28.91 -43.56
CA ASP D 80 -2.05 28.81 -43.18
C ASP D 80 -1.68 29.47 -41.85
N ASN D 81 -2.68 29.62 -40.98
CA ASN D 81 -2.45 30.14 -39.63
C ASN D 81 -1.82 31.53 -39.64
N VAL D 82 -2.38 32.36 -40.51
CA VAL D 82 -2.02 33.74 -40.64
C VAL D 82 -3.20 34.50 -40.01
N LEU D 83 -2.88 35.47 -39.17
CA LEU D 83 -3.93 36.32 -38.57
C LEU D 83 -4.58 37.20 -39.63
N GLN D 84 -5.91 37.24 -39.64
CA GLN D 84 -6.65 38.01 -40.62
C GLN D 84 -7.82 38.72 -39.96
N GLU D 85 -8.39 39.66 -40.70
CA GLU D 85 -9.25 40.68 -40.16
C GLU D 85 -10.39 41.01 -41.11
N ALA D 86 -11.61 40.96 -40.62
CA ALA D 86 -12.74 41.50 -41.34
C ALA D 86 -13.18 42.80 -40.67
N ALA D 87 -13.17 43.88 -41.45
CA ALA D 87 -13.48 45.22 -40.94
C ALA D 87 -14.87 45.72 -41.35
N TYR D 88 -15.53 46.41 -40.44
CA TYR D 88 -16.63 47.27 -40.81
C TYR D 88 -16.37 48.72 -40.27
N ASP D 89 -16.64 49.72 -41.09
CA ASP D 89 -16.76 51.11 -40.67
C ASP D 89 -18.10 51.56 -41.19
N SER D 90 -18.90 52.24 -40.37
CA SER D 90 -20.17 52.83 -40.84
C SER D 90 -19.84 53.80 -41.98
N GLY D 91 -20.61 53.73 -43.05
CA GLY D 91 -20.20 54.44 -44.29
C GLY D 91 -19.00 53.91 -45.10
N SER D 92 -18.56 52.69 -44.81
CA SER D 92 -17.87 51.87 -45.82
C SER D 92 -18.51 50.49 -46.04
N GLY D 93 -19.28 49.98 -45.07
CA GLY D 93 -19.58 48.54 -44.98
C GLY D 93 -18.38 47.62 -44.72
N TRP D 94 -18.55 46.36 -45.08
CA TRP D 94 -17.61 45.28 -44.76
C TRP D 94 -16.50 45.15 -45.80
N TYR D 95 -15.25 45.04 -45.36
CA TYR D 95 -14.13 44.88 -46.27
C TYR D 95 -12.99 44.09 -45.59
N ASN D 96 -12.01 43.60 -46.33
CA ASN D 96 -10.86 42.95 -45.70
C ASN D 96 -9.89 43.98 -45.20
N GLY D 97 -9.64 43.97 -43.89
CA GLY D 97 -8.60 44.79 -43.28
C GLY D 97 -7.23 44.34 -43.71
N ALA D 98 -6.23 45.11 -43.30
CA ALA D 98 -4.85 44.92 -43.75
C ALA D 98 -4.07 43.90 -42.93
N LEU D 99 -4.70 43.34 -41.89
CA LEU D 99 -3.96 42.50 -40.96
C LEU D 99 -3.31 41.33 -41.68
N ALA D 100 -4.08 40.65 -42.53
CA ALA D 100 -3.54 39.51 -43.32
C ALA D 100 -2.21 39.85 -43.98
N GLY D 101 -2.21 41.03 -44.60
CA GLY D 101 -1.05 41.62 -45.28
C GLY D 101 0.22 41.70 -44.47
N ALA D 102 0.11 41.82 -43.15
CA ALA D 102 1.30 41.84 -42.29
C ALA D 102 2.01 40.50 -42.19
N LYS D 103 1.34 39.42 -42.61
CA LYS D 103 1.91 38.07 -42.59
C LYS D 103 2.37 37.62 -41.19
N PHE D 104 1.50 37.82 -40.20
CA PHE D 104 1.71 37.28 -38.84
C PHE D 104 1.20 35.83 -38.79
N THR D 105 2.12 34.89 -38.72
CA THR D 105 1.80 33.49 -38.59
C THR D 105 1.85 33.10 -37.11
N VAL D 106 0.75 32.51 -36.64
CA VAL D 106 0.66 31.98 -35.27
C VAL D 106 0.63 30.45 -35.21
N ALA D 107 0.59 29.90 -34.00
CA ALA D 107 0.48 28.44 -33.85
C ALA D 107 -0.86 28.00 -34.41
N PRO D 108 -0.91 26.78 -34.96
CA PRO D 108 -2.20 26.28 -35.44
C PRO D 108 -3.29 26.28 -34.39
N TYR D 109 -2.89 26.13 -33.12
CA TYR D 109 -3.85 26.05 -32.00
C TYR D 109 -4.15 27.39 -31.26
N SER D 110 -3.57 28.46 -31.81
CA SER D 110 -3.64 29.79 -31.23
C SER D 110 -5.05 30.24 -31.15
N ARG D 111 -5.36 30.96 -30.10
CA ARG D 111 -6.61 31.66 -30.00
C ARG D 111 -6.33 33.11 -30.34
N ILE D 112 -7.35 33.94 -30.27
CA ILE D 112 -7.22 35.35 -30.49
C ILE D 112 -8.00 36.17 -29.49
N GLY D 113 -7.35 37.23 -29.02
CA GLY D 113 -8.05 38.35 -28.34
C GLY D 113 -7.87 39.74 -28.97
N SER D 114 -8.91 40.55 -28.90
CA SER D 114 -8.89 41.82 -29.59
C SER D 114 -9.63 42.95 -28.84
N VAL D 115 -8.97 44.12 -28.75
CA VAL D 115 -9.59 45.36 -28.25
C VAL D 115 -9.19 46.62 -29.05
N PHE D 116 -10.18 47.44 -29.35
CA PHE D 116 -9.91 48.90 -29.50
C PHE D 116 -9.53 49.52 -28.15
N LEU D 117 -8.50 50.37 -28.13
CA LEU D 117 -8.12 51.11 -26.89
C LEU D 117 -9.19 52.13 -26.54
N ALA D 118 -9.65 52.14 -25.28
CA ALA D 118 -10.81 52.94 -24.84
C ALA D 118 -10.45 54.42 -24.56
N GLY D 119 -11.49 55.26 -24.52
CA GLY D 119 -11.36 56.73 -24.29
C GLY D 119 -10.34 57.41 -25.20
N THR D 120 -10.55 57.26 -26.50
CA THR D 120 -9.85 58.04 -27.53
C THR D 120 -10.61 57.84 -28.81
N ASN D 121 -10.69 58.88 -29.62
CA ASN D 121 -11.45 58.80 -30.86
C ASN D 121 -10.63 58.13 -31.94
N ALA D 122 -9.30 58.16 -31.81
CA ALA D 122 -8.43 57.45 -32.72
C ALA D 122 -8.75 55.94 -32.66
N LEU D 123 -8.66 55.26 -33.81
CA LEU D 123 -8.74 53.80 -33.87
C LEU D 123 -7.39 53.24 -33.56
N GLN D 124 -7.24 52.70 -32.37
CA GLN D 124 -6.06 51.88 -32.06
C GLN D 124 -6.50 50.50 -31.61
N LEU D 125 -5.76 49.48 -32.07
CA LEU D 125 -6.13 48.11 -31.83
C LEU D 125 -5.00 47.36 -31.20
N ARG D 126 -5.35 46.51 -30.25
CA ARG D 126 -4.40 45.55 -29.73
C ARG D 126 -5.04 44.17 -29.86
N ILE D 127 -4.34 43.29 -30.56
CA ILE D 127 -4.80 41.93 -30.67
C ILE D 127 -3.75 41.03 -30.07
N TYR D 128 -4.22 39.93 -29.45
CA TYR D 128 -3.33 38.95 -28.79
C TYR D 128 -3.54 37.55 -29.39
N ALA D 129 -2.43 36.87 -29.61
CA ALA D 129 -2.44 35.49 -30.15
C ALA D 129 -1.16 34.76 -29.74
N GLN D 130 -1.09 33.46 -30.01
CA GLN D 130 0.01 32.64 -29.50
C GLN D 130 0.89 32.17 -30.63
N LYS D 131 2.18 32.40 -30.55
CA LYS D 131 3.09 32.05 -31.63
C LYS D 131 3.53 30.60 -31.51
N THR D 132 4.25 30.06 -32.48
CA THR D 132 4.71 28.67 -32.42
C THR D 132 5.68 28.38 -31.28
N ASP D 133 6.27 29.39 -30.69
CA ASP D 133 7.02 29.19 -29.44
C ASP D 133 6.11 29.23 -28.19
N ASN D 134 4.81 29.38 -28.38
CA ASN D 134 3.78 29.36 -27.30
C ASN D 134 3.61 30.65 -26.48
N THR D 135 4.41 31.68 -26.78
CA THR D 135 4.30 32.96 -26.08
C THR D 135 3.11 33.66 -26.60
N ILE D 136 2.53 34.52 -25.78
CA ILE D 136 1.42 35.35 -26.19
C ILE D 136 2.05 36.62 -26.71
N GLN D 137 1.82 36.88 -28.01
CA GLN D 137 2.29 38.09 -28.70
C GLN D 137 1.19 39.08 -28.87
N GLU D 138 1.47 40.32 -28.48
CA GLU D 138 0.62 41.47 -28.81
C GLU D 138 0.99 41.96 -30.23
N TYR D 139 -0.05 42.31 -31.00
CA TYR D 139 0.08 42.98 -32.30
C TYR D 139 -0.81 44.23 -32.26
N MET D 140 -0.27 45.35 -32.78
CA MET D 140 -0.93 46.67 -32.67
C MET D 140 -1.07 47.42 -33.97
N TRP D 141 -2.14 48.20 -34.02
CA TRP D 141 -2.38 49.19 -35.05
C TRP D 141 -2.55 50.55 -34.39
N ASN D 142 -1.73 51.52 -34.83
CA ASN D 142 -1.73 52.92 -34.33
C ASN D 142 -1.93 53.95 -35.47
N GLY D 143 -2.85 53.63 -36.41
CA GLY D 143 -3.02 54.33 -37.70
C GLY D 143 -1.93 54.24 -38.79
N ASP D 144 -0.82 53.52 -38.58
CA ASP D 144 0.30 53.48 -39.54
C ASP D 144 0.97 52.07 -39.70
N GLY D 145 0.17 51.12 -40.18
CA GLY D 145 0.64 49.73 -40.33
C GLY D 145 0.63 48.87 -39.05
N TRP D 146 0.43 47.57 -39.23
CA TRP D 146 0.40 46.63 -38.13
C TRP D 146 1.80 46.32 -37.75
N LYS D 147 2.10 46.34 -36.44
CA LYS D 147 3.40 45.83 -35.95
C LYS D 147 3.31 45.15 -34.58
N GLU D 148 4.37 44.45 -34.24
CA GLU D 148 4.38 43.63 -33.08
C GLU D 148 4.56 44.55 -31.91
N GLY D 149 3.77 44.30 -30.87
CA GLY D 149 3.88 44.98 -29.59
C GLY D 149 4.71 44.19 -28.60
N THR D 150 4.28 44.22 -27.35
CA THR D 150 4.96 43.54 -26.24
C THR D 150 4.66 42.04 -26.32
N ASN D 151 5.64 41.22 -26.01
CA ASN D 151 5.46 39.77 -25.85
C ASN D 151 5.13 39.50 -24.38
N LEU D 152 4.01 38.82 -24.09
CA LEU D 152 3.57 38.56 -22.69
C LEU D 152 4.00 37.22 -22.07
N GLY D 153 4.95 36.54 -22.70
CA GLY D 153 5.58 35.33 -22.17
C GLY D 153 4.82 34.04 -22.49
N VAL D 154 5.38 32.93 -22.02
CA VAL D 154 4.86 31.61 -22.29
C VAL D 154 3.50 31.29 -21.66
N ALA D 155 2.61 30.70 -22.47
CA ALA D 155 1.33 30.17 -22.04
C ALA D 155 1.13 28.73 -22.52
N LEU D 156 0.09 28.11 -21.97
CA LEU D 156 -0.27 26.73 -22.31
C LEU D 156 -0.58 26.70 -23.81
N PRO D 157 -0.07 25.72 -24.55
CA PRO D 157 -0.37 25.63 -25.99
C PRO D 157 -1.84 25.41 -26.24
N GLY D 158 -2.45 26.43 -26.83
CA GLY D 158 -3.88 26.42 -27.14
C GLY D 158 -4.71 27.11 -26.12
N THR D 159 -4.04 27.83 -25.20
CA THR D 159 -4.74 28.53 -24.15
C THR D 159 -5.85 29.37 -24.71
N GLY D 160 -6.93 29.54 -23.96
CA GLY D 160 -7.90 30.61 -24.22
C GLY D 160 -7.25 31.96 -24.01
N ILE D 161 -7.79 33.01 -24.64
CA ILE D 161 -7.31 34.36 -24.46
C ILE D 161 -8.46 35.33 -24.25
N GLY D 162 -8.52 35.87 -23.05
CA GLY D 162 -9.51 36.87 -22.67
C GLY D 162 -8.81 38.21 -22.60
N VAL D 163 -9.49 39.25 -23.05
CA VAL D 163 -8.91 40.59 -23.00
C VAL D 163 -10.00 41.63 -22.74
N THR D 164 -9.70 42.64 -21.90
CA THR D 164 -10.59 43.82 -21.83
C THR D 164 -9.78 45.12 -21.63
N CYS D 165 -10.44 46.24 -21.94
CA CYS D 165 -9.80 47.55 -21.97
C CYS D 165 -10.73 48.67 -21.56
N TRP D 166 -10.24 49.56 -20.73
CA TRP D 166 -11.01 50.72 -20.23
C TRP D 166 -10.01 51.90 -19.98
N ARG D 167 -10.57 53.11 -19.85
CA ARG D 167 -9.81 54.25 -19.39
C ARG D 167 -10.43 54.58 -18.05
N TYR D 168 -9.57 54.64 -17.03
CA TYR D 168 -10.00 55.16 -15.71
C TYR D 168 -10.22 56.68 -15.80
N THR D 169 -11.31 57.20 -15.21
CA THR D 169 -11.63 58.67 -15.34
C THR D 169 -10.53 59.61 -14.82
N ASP D 170 -9.68 59.12 -13.94
CA ASP D 170 -8.53 59.86 -13.43
C ASP D 170 -7.21 59.40 -14.04
N TYR D 171 -7.23 58.80 -15.24
CA TYR D 171 -5.97 58.43 -15.95
C TYR D 171 -5.94 59.07 -17.33
N ASP D 172 -4.75 59.12 -17.89
CA ASP D 172 -4.47 59.88 -19.09
C ASP D 172 -4.31 58.96 -20.28
N GLY D 173 -5.04 57.85 -20.30
CA GLY D 173 -4.64 56.70 -21.14
C GLY D 173 -5.24 55.34 -20.76
N PRO D 174 -5.24 54.40 -21.72
CA PRO D 174 -6.01 53.17 -21.57
C PRO D 174 -5.37 52.13 -20.61
N SER D 175 -6.23 51.44 -19.85
CA SER D 175 -5.81 50.22 -19.12
C SER D 175 -6.23 48.90 -19.84
N ILE D 176 -5.34 47.91 -19.83
CA ILE D 176 -5.61 46.60 -20.47
C ILE D 176 -5.35 45.43 -19.51
N ARG D 177 -6.32 44.49 -19.45
CA ARG D 177 -6.09 43.20 -18.77
C ARG D 177 -6.21 42.03 -19.75
N VAL D 178 -5.22 41.15 -19.71
CA VAL D 178 -5.16 39.92 -20.56
C VAL D 178 -5.14 38.73 -19.62
N TRP D 179 -6.04 37.77 -19.87
CA TRP D 179 -6.09 36.57 -19.10
C TRP D 179 -5.85 35.38 -20.02
N PHE D 180 -5.10 34.41 -19.50
CA PHE D 180 -4.87 33.16 -20.21
C PHE D 180 -4.42 32.09 -19.23
N GLN D 181 -4.12 30.88 -19.73
CA GLN D 181 -3.79 29.73 -18.91
C GLN D 181 -2.35 29.44 -19.12
N THR D 182 -1.64 29.10 -18.03
CA THR D 182 -0.20 28.78 -18.01
C THR D 182 0.03 27.27 -18.03
N ASP D 183 1.28 26.82 -18.11
CA ASP D 183 1.53 25.40 -18.24
C ASP D 183 0.90 24.61 -17.08
N ASN D 184 0.94 25.17 -15.87
CA ASN D 184 0.48 24.48 -14.67
C ASN D 184 -1.03 24.43 -14.54
N LEU D 185 -1.71 24.94 -15.56
CA LEU D 185 -3.15 24.93 -15.73
C LEU D 185 -3.88 26.01 -14.93
N LYS D 186 -3.16 26.92 -14.29
CA LYS D 186 -3.84 28.06 -13.65
C LYS D 186 -4.34 29.00 -14.73
N LEU D 187 -5.39 29.76 -14.43
CA LEU D 187 -5.73 30.97 -15.18
C LEU D 187 -5.04 32.18 -14.49
N VAL D 188 -4.37 33.00 -15.30
CA VAL D 188 -3.60 34.15 -14.82
C VAL D 188 -3.95 35.45 -15.53
N GLN D 189 -3.64 36.58 -14.89
CA GLN D 189 -3.82 37.92 -15.43
C GLN D 189 -2.45 38.58 -15.66
N ARG D 190 -2.31 39.26 -16.80
CA ARG D 190 -1.24 40.22 -17.08
C ARG D 190 -1.92 41.56 -17.21
N ALA D 191 -1.28 42.62 -16.74
CA ALA D 191 -1.93 43.97 -16.72
C ALA D 191 -1.07 45.11 -17.27
N TYR D 192 -1.74 46.02 -17.98
CA TYR D 192 -1.16 47.25 -18.48
C TYR D 192 -1.91 48.45 -17.94
N ASP D 193 -1.17 49.35 -17.32
CA ASP D 193 -1.62 50.69 -17.01
C ASP D 193 -0.63 51.67 -17.65
N PRO D 194 -1.12 52.86 -18.13
CA PRO D 194 -0.20 53.92 -18.61
C PRO D 194 0.79 54.37 -17.52
N HIS D 195 2.03 54.66 -17.91
CA HIS D 195 3.13 55.02 -16.98
C HIS D 195 3.74 53.83 -16.23
N THR D 196 2.93 52.98 -15.59
CA THR D 196 3.48 51.68 -15.09
C THR D 196 3.98 50.79 -16.25
N GLY D 197 3.31 50.83 -17.40
CA GLY D 197 3.53 49.83 -18.46
C GLY D 197 2.94 48.46 -18.08
N TRP D 198 3.57 47.40 -18.57
CA TRP D 198 3.18 46.04 -18.24
C TRP D 198 3.78 45.65 -16.89
N TYR D 199 2.91 45.28 -15.95
CA TYR D 199 3.32 44.80 -14.63
C TYR D 199 4.20 43.56 -14.87
N LYS D 200 5.25 43.35 -14.06
CA LYS D 200 6.08 42.15 -14.24
C LYS D 200 5.36 40.92 -13.76
N GLU D 201 4.47 41.07 -12.78
CA GLU D 201 3.85 39.96 -12.07
C GLU D 201 2.68 39.37 -12.85
N LEU D 202 2.61 38.04 -12.91
CA LEU D 202 1.36 37.31 -13.18
C LEU D 202 0.53 37.20 -11.93
N THR D 203 -0.75 37.51 -12.03
CA THR D 203 -1.71 37.33 -10.94
C THR D 203 -2.71 36.16 -11.18
N THR D 204 -2.82 35.27 -10.22
CA THR D 204 -3.65 34.11 -10.34
C THR D 204 -5.11 34.48 -10.13
N ILE D 205 -5.96 34.01 -11.05
CA ILE D 205 -7.39 34.15 -10.86
C ILE D 205 -8.15 32.86 -10.66
N PHE D 206 -7.55 31.72 -11.01
CA PHE D 206 -8.16 30.42 -10.75
C PHE D 206 -7.06 29.38 -10.70
N ASP D 207 -7.12 28.46 -9.75
CA ASP D 207 -5.98 27.55 -9.53
C ASP D 207 -5.86 26.46 -10.56
N LYS D 208 -6.98 25.93 -11.08
CA LYS D 208 -6.90 24.83 -12.04
C LYS D 208 -8.12 24.78 -12.93
N ALA D 209 -7.88 24.85 -14.23
CA ALA D 209 -8.94 24.84 -15.20
C ALA D 209 -8.68 23.78 -16.25
N PRO D 210 -9.71 23.34 -16.99
CA PRO D 210 -9.47 22.31 -18.00
C PRO D 210 -8.49 22.81 -19.06
N PRO D 211 -7.65 21.92 -19.62
CA PRO D 211 -6.68 22.36 -20.62
C PRO D 211 -7.41 22.92 -21.85
N ARG D 212 -6.99 24.13 -22.22
CA ARG D 212 -7.50 24.89 -23.37
C ARG D 212 -8.92 25.31 -23.19
N CYS D 213 -9.38 25.47 -21.95
CA CYS D 213 -10.72 25.96 -21.73
C CYS D 213 -10.90 27.34 -22.40
N ALA D 214 -12.06 27.56 -22.95
CA ALA D 214 -12.41 28.87 -23.43
C ALA D 214 -12.36 29.92 -22.29
N ILE D 215 -11.86 31.11 -22.62
CA ILE D 215 -11.74 32.21 -21.66
C ILE D 215 -12.14 33.53 -22.29
N ALA D 216 -12.94 34.32 -21.56
CA ALA D 216 -13.51 35.56 -22.11
C ALA D 216 -13.89 36.58 -21.02
N ALA D 217 -13.63 37.84 -21.30
CA ALA D 217 -13.67 38.87 -20.27
C ALA D 217 -14.35 40.16 -20.73
N THR D 218 -15.04 40.80 -19.79
CA THR D 218 -15.55 42.13 -20.00
C THR D 218 -15.28 43.04 -18.82
N ASN D 219 -15.70 44.29 -18.94
CA ASN D 219 -15.61 45.24 -17.85
C ASN D 219 -16.71 46.26 -17.95
N PHE D 220 -16.95 46.91 -16.82
CA PHE D 220 -17.95 47.94 -16.78
C PHE D 220 -17.73 48.93 -15.63
N ASN D 221 -18.39 50.08 -15.82
CA ASN D 221 -18.48 51.19 -14.87
C ASN D 221 -17.13 51.66 -14.39
N PRO D 222 -16.24 52.01 -15.33
CA PRO D 222 -14.95 52.58 -14.89
C PRO D 222 -15.14 53.92 -14.10
N GLY D 223 -14.18 54.24 -13.24
CA GLY D 223 -14.25 55.42 -12.42
C GLY D 223 -12.88 55.83 -11.90
N LYS D 224 -12.88 56.59 -10.80
CA LYS D 224 -11.64 57.12 -10.25
C LYS D 224 -10.91 55.96 -9.62
N SER D 225 -9.87 55.48 -10.29
CA SER D 225 -9.10 54.33 -9.84
C SER D 225 -10.00 53.11 -9.44
N SER D 226 -11.10 52.97 -10.18
CA SER D 226 -12.10 51.94 -9.96
C SER D 226 -12.54 51.30 -11.28
N ILE D 227 -12.76 49.99 -11.25
CA ILE D 227 -13.25 49.23 -12.39
C ILE D 227 -13.92 47.97 -11.88
N TYR D 228 -14.84 47.45 -12.68
CA TYR D 228 -15.50 46.18 -12.45
C TYR D 228 -15.16 45.30 -13.65
N MET D 229 -14.72 44.07 -13.37
CA MET D 229 -14.43 43.08 -14.41
C MET D 229 -15.17 41.75 -14.15
N ARG D 230 -15.47 41.07 -15.25
CA ARG D 230 -16.02 39.74 -15.22
C ARG D 230 -15.24 38.89 -16.19
N ILE D 231 -14.75 37.75 -15.73
CA ILE D 231 -14.03 36.81 -16.56
C ILE D 231 -14.77 35.49 -16.53
N TYR D 232 -15.01 34.91 -17.70
CA TYR D 232 -15.71 33.65 -17.85
C TYR D 232 -14.81 32.55 -18.45
N PHE D 233 -15.06 31.32 -18.02
CA PHE D 233 -14.34 30.18 -18.52
C PHE D 233 -15.15 28.88 -18.37
N VAL D 234 -14.80 27.86 -19.13
CA VAL D 234 -15.53 26.59 -19.07
C VAL D 234 -14.78 25.74 -18.10
N ASN D 235 -15.44 25.27 -17.05
CA ASN D 235 -14.75 24.49 -16.00
C ASN D 235 -14.93 23.02 -16.29
N SER D 236 -14.21 22.21 -15.55
CA SER D 236 -14.33 20.72 -15.61
C SER D 236 -15.72 20.10 -15.33
N ASP D 237 -16.65 20.88 -14.78
CA ASP D 237 -18.03 20.44 -14.59
C ASP D 237 -18.96 20.74 -15.79
N ASN D 238 -18.42 21.17 -16.93
CA ASN D 238 -19.21 21.44 -18.15
C ASN D 238 -20.21 22.57 -17.90
N THR D 239 -19.76 23.58 -17.17
CA THR D 239 -20.48 24.85 -17.05
C THR D 239 -19.53 26.02 -17.27
N ILE D 240 -20.13 27.18 -17.55
CA ILE D 240 -19.37 28.40 -17.49
C ILE D 240 -19.30 28.84 -16.05
N TRP D 241 -18.10 29.21 -15.61
CA TRP D 241 -17.87 29.85 -14.29
C TRP D 241 -17.49 31.32 -14.47
N GLN D 242 -17.85 32.14 -13.50
CA GLN D 242 -17.58 33.58 -13.52
C GLN D 242 -16.62 33.95 -12.40
N VAL D 243 -15.54 34.64 -12.73
CA VAL D 243 -14.68 35.27 -11.73
C VAL D 243 -14.96 36.80 -11.69
N CYS D 244 -15.34 37.31 -10.52
CA CYS D 244 -15.76 38.72 -10.35
C CYS D 244 -14.64 39.56 -9.76
N TRP D 245 -14.24 40.61 -10.47
CA TRP D 245 -13.50 41.72 -9.86
C TRP D 245 -14.50 42.84 -9.58
N ASP D 246 -14.64 43.17 -8.30
CA ASP D 246 -15.48 44.29 -7.86
C ASP D 246 -14.60 45.25 -7.08
N HIS D 247 -14.79 46.54 -7.37
CA HIS D 247 -13.90 47.57 -6.88
C HIS D 247 -13.94 47.50 -5.39
N GLY D 248 -12.76 47.47 -4.79
CA GLY D 248 -12.68 47.40 -3.34
C GLY D 248 -12.48 46.00 -2.78
N GLN D 249 -13.15 45.01 -3.40
CA GLN D 249 -13.08 43.62 -2.98
C GLN D 249 -12.06 42.82 -3.79
N GLY D 250 -11.73 43.27 -5.00
CA GLY D 250 -10.83 42.52 -5.87
C GLY D 250 -11.47 41.21 -6.35
N TYR D 251 -10.66 40.20 -6.63
CA TYR D 251 -11.18 38.90 -7.09
C TYR D 251 -11.76 38.05 -5.93
N HIS D 252 -13.02 38.26 -5.65
CA HIS D 252 -13.62 37.81 -4.44
C HIS D 252 -14.79 36.85 -4.62
N ASP D 253 -15.24 36.57 -5.85
CA ASP D 253 -16.33 35.60 -6.08
C ASP D 253 -15.97 34.75 -7.27
N LYS D 254 -16.25 33.46 -7.17
CA LYS D 254 -15.99 32.47 -8.22
C LYS D 254 -17.17 31.55 -8.11
N ARG D 255 -18.05 31.55 -9.11
CA ARG D 255 -19.21 30.64 -9.13
C ARG D 255 -19.59 30.14 -10.51
N THR D 256 -20.37 29.07 -10.52
CA THR D 256 -20.92 28.55 -11.77
C THR D 256 -22.03 29.48 -12.19
N ILE D 257 -22.26 29.58 -13.50
CA ILE D 257 -23.30 30.39 -14.12
C ILE D 257 -24.30 29.54 -14.88
N THR D 258 -23.85 28.71 -15.84
CA THR D 258 -24.79 27.97 -16.74
C THR D 258 -24.15 26.75 -17.44
N PRO D 259 -24.94 25.69 -17.68
CA PRO D 259 -24.30 24.51 -18.31
C PRO D 259 -23.91 24.77 -19.79
N VAL D 260 -22.83 24.13 -20.25
CA VAL D 260 -22.46 24.17 -21.65
C VAL D 260 -22.12 22.76 -22.14
N ILE D 261 -22.05 22.62 -23.48
CA ILE D 261 -21.57 21.41 -24.06
C ILE D 261 -20.11 21.31 -23.66
N GLN D 262 -19.60 20.09 -23.67
CA GLN D 262 -18.18 19.84 -23.52
C GLN D 262 -17.40 20.62 -24.58
N GLY D 263 -16.38 21.34 -24.14
CA GLY D 263 -15.59 22.21 -25.01
C GLY D 263 -16.30 23.36 -25.70
N SER D 264 -17.45 23.87 -25.21
CA SER D 264 -18.02 25.14 -25.76
C SER D 264 -17.00 26.28 -25.72
N GLU D 265 -17.08 27.15 -26.73
CA GLU D 265 -16.39 28.41 -26.69
C GLU D 265 -17.38 29.37 -26.07
N ILE D 266 -16.89 30.56 -25.75
CA ILE D 266 -17.69 31.58 -25.07
C ILE D 266 -17.47 32.98 -25.65
N ALA D 267 -18.51 33.79 -25.58
CA ALA D 267 -18.35 35.24 -25.74
C ALA D 267 -19.23 36.02 -24.79
N ILE D 268 -18.72 37.20 -24.45
CA ILE D 268 -19.31 38.03 -23.42
C ILE D 268 -19.39 39.48 -23.86
N ILE D 269 -20.51 40.12 -23.56
CA ILE D 269 -20.61 41.56 -23.74
C ILE D 269 -21.38 42.17 -22.60
N SER D 270 -21.17 43.47 -22.45
CA SER D 270 -21.80 44.23 -21.42
C SER D 270 -21.89 45.67 -21.82
N TRP D 271 -22.91 46.30 -21.24
CA TRP D 271 -23.09 47.75 -21.25
C TRP D 271 -23.55 48.26 -19.86
N GLU D 272 -23.59 49.57 -19.65
CA GLU D 272 -23.88 50.13 -18.30
C GLU D 272 -25.25 49.76 -17.80
N GLY D 273 -25.37 49.56 -16.49
CA GLY D 273 -26.56 48.96 -15.87
C GLY D 273 -26.18 48.36 -14.51
N PRO D 274 -25.31 47.32 -14.50
CA PRO D 274 -24.78 46.59 -15.67
C PRO D 274 -25.81 45.64 -16.29
N GLU D 275 -25.70 45.42 -17.61
CA GLU D 275 -26.38 44.33 -18.33
C GLU D 275 -25.28 43.45 -18.93
N LEU D 276 -25.43 42.13 -18.80
CA LEU D 276 -24.42 41.16 -19.27
C LEU D 276 -25.08 40.20 -20.24
N ARG D 277 -24.36 39.84 -21.30
CA ARG D 277 -24.83 38.83 -22.23
C ARG D 277 -23.70 37.88 -22.56
N LEU D 278 -23.99 36.60 -22.36
CA LEU D 278 -23.02 35.52 -22.60
C LEU D 278 -23.56 34.66 -23.70
N TYR D 279 -22.68 34.28 -24.61
CA TYR D 279 -23.03 33.35 -25.71
C TYR D 279 -22.13 32.12 -25.70
N PHE D 280 -22.70 31.00 -26.08
CA PHE D 280 -22.10 29.67 -25.88
C PHE D 280 -23.05 28.62 -26.47
N GLN D 281 -22.57 27.38 -26.55
CA GLN D 281 -23.40 26.25 -26.96
C GLN D 281 -23.74 25.35 -25.75
N ASN D 282 -25.04 25.09 -25.53
CA ASN D 282 -25.46 24.20 -24.45
C ASN D 282 -26.26 22.98 -24.91
N GLY D 283 -26.21 22.69 -26.20
CA GLY D 283 -26.88 21.53 -26.76
C GLY D 283 -28.30 21.78 -27.24
N THR D 284 -28.72 23.05 -27.31
CA THR D 284 -30.05 23.42 -27.79
C THR D 284 -30.07 23.22 -29.29
N TYR D 285 -31.04 22.43 -29.77
CA TYR D 285 -31.06 21.94 -31.13
C TYR D 285 -29.68 21.41 -31.55
N VAL D 286 -29.05 20.72 -30.62
CA VAL D 286 -27.68 20.18 -30.75
C VAL D 286 -26.55 21.22 -30.89
N SER D 287 -26.60 22.00 -31.97
CA SER D 287 -25.54 22.93 -32.33
C SER D 287 -25.91 24.43 -32.33
N ALA D 288 -27.11 24.78 -31.91
CA ALA D 288 -27.46 26.21 -31.80
C ALA D 288 -26.63 26.91 -30.73
N ILE D 289 -26.49 28.22 -30.90
CA ILE D 289 -25.86 29.08 -29.91
C ILE D 289 -26.94 29.59 -28.99
N SER D 290 -26.74 29.52 -27.67
CA SER D 290 -27.68 30.06 -26.68
C SER D 290 -27.08 31.28 -25.98
N GLU D 291 -27.94 31.97 -25.22
CA GLU D 291 -27.62 33.20 -24.55
C GLU D 291 -27.96 33.14 -23.07
N TRP D 292 -27.06 33.69 -22.24
CA TRP D 292 -27.38 33.99 -20.84
C TRP D 292 -27.39 35.51 -20.58
N THR D 293 -28.30 35.94 -19.71
CA THR D 293 -28.48 37.39 -19.39
C THR D 293 -28.40 37.67 -17.89
N TRP D 294 -27.66 38.72 -17.53
CA TRP D 294 -27.76 39.30 -16.21
C TRP D 294 -28.14 40.76 -16.36
N GLY D 295 -29.15 41.17 -15.58
CA GLY D 295 -29.52 42.59 -15.38
C GLY D 295 -30.11 42.82 -13.99
N LYS D 296 -30.10 44.07 -13.52
CA LYS D 296 -30.67 44.38 -12.19
C LYS D 296 -32.13 44.00 -12.03
N ALA D 297 -32.94 44.10 -13.09
CA ALA D 297 -34.36 43.73 -13.01
C ALA D 297 -34.60 42.30 -12.51
N HIS D 298 -34.12 41.33 -13.29
CA HIS D 298 -34.44 39.92 -13.08
C HIS D 298 -33.23 39.05 -12.72
N GLY D 299 -32.03 39.63 -12.66
CA GLY D 299 -30.83 38.90 -12.26
C GLY D 299 -30.36 37.88 -13.30
N SER D 300 -29.76 36.81 -12.80
CA SER D 300 -29.33 35.66 -13.60
C SER D 300 -30.51 34.97 -14.35
N GLN D 301 -30.59 35.16 -15.67
CA GLN D 301 -31.70 34.65 -16.47
C GLN D 301 -31.25 34.13 -17.82
N LEU D 302 -31.71 32.95 -18.19
CA LEU D 302 -31.46 32.48 -19.54
C LEU D 302 -32.16 33.39 -20.56
N GLY D 303 -31.45 33.73 -21.61
CA GLY D 303 -32.00 34.58 -22.64
C GLY D 303 -32.64 33.83 -23.79
N ARG D 304 -32.19 34.21 -25.00
CA ARG D 304 -32.58 33.61 -26.29
C ARG D 304 -32.16 32.14 -26.37
N ARG D 305 -33.11 31.21 -26.50
CA ARG D 305 -32.76 29.76 -26.44
C ARG D 305 -31.90 29.31 -27.63
N ALA D 306 -32.09 29.94 -28.79
CA ALA D 306 -31.38 29.55 -30.02
C ALA D 306 -31.22 30.73 -30.97
N LEU D 307 -30.02 31.26 -31.07
CA LEU D 307 -29.77 32.34 -31.98
C LEU D 307 -30.08 31.93 -33.44
N PRO D 308 -30.43 32.92 -34.27
CA PRO D 308 -30.43 32.79 -35.72
C PRO D 308 -29.09 32.27 -36.17
N PRO D 309 -29.07 31.36 -37.16
CA PRO D 309 -30.18 30.90 -37.99
C PRO D 309 -31.03 29.79 -37.42
N ALA D 310 -30.85 29.42 -36.16
CA ALA D 310 -31.52 28.23 -35.64
C ALA D 310 -33.04 28.31 -35.56
N GLU D 311 -33.58 29.50 -35.30
CA GLU D 311 -35.02 29.62 -34.98
C GLU D 311 -35.72 30.92 -35.43
N SER E 2 -53.03 -6.48 14.46
CA SER E 2 -53.48 -7.69 13.71
C SER E 2 -55.01 -7.90 13.61
N THR E 3 -55.43 -9.05 13.03
CA THR E 3 -56.84 -9.55 13.01
C THR E 3 -56.92 -11.10 13.14
N PRO E 4 -58.08 -11.65 13.61
CA PRO E 4 -58.27 -13.12 13.74
C PRO E 4 -58.01 -13.94 12.47
N GLY E 5 -58.41 -13.41 11.33
CA GLY E 5 -58.13 -14.07 10.04
C GLY E 5 -56.62 -14.14 9.73
N ALA E 6 -55.95 -13.01 9.87
CA ALA E 6 -54.54 -12.93 9.58
C ALA E 6 -53.70 -13.81 10.53
N GLN E 7 -54.16 -13.98 11.75
CA GLN E 7 -53.40 -14.75 12.75
C GLN E 7 -53.32 -16.21 12.36
N GLU E 8 -54.24 -16.65 11.52
CA GLU E 8 -54.20 -18.02 11.04
C GLU E 8 -53.07 -18.25 10.01
N VAL E 9 -52.64 -17.17 9.33
CA VAL E 9 -51.57 -17.22 8.33
C VAL E 9 -50.22 -17.32 9.01
N LEU E 10 -49.44 -18.34 8.61
CA LEU E 10 -48.18 -18.60 9.26
C LEU E 10 -47.15 -17.54 8.84
N PHE E 11 -46.41 -17.07 9.83
CA PHE E 11 -45.41 -16.02 9.62
C PHE E 11 -44.28 -16.62 8.77
N ARG E 12 -43.90 -15.97 7.66
CA ARG E 12 -42.91 -16.50 6.69
C ARG E 12 -43.37 -17.78 5.99
N THR E 13 -44.67 -17.94 5.87
CA THR E 13 -45.25 -19.05 5.14
C THR E 13 -44.71 -19.17 3.72
N GLY E 14 -44.58 -20.40 3.27
CA GLY E 14 -44.46 -20.64 1.87
C GLY E 14 -45.60 -19.99 1.13
N ILE E 15 -45.37 -19.57 -0.11
CA ILE E 15 -46.42 -18.99 -0.94
C ILE E 15 -46.29 -19.43 -2.39
N ALA E 16 -47.43 -19.70 -3.01
CA ALA E 16 -47.47 -20.02 -4.44
C ALA E 16 -48.70 -19.48 -5.09
N ALA E 17 -48.66 -19.32 -6.39
CA ALA E 17 -49.86 -18.86 -7.04
C ALA E 17 -49.99 -19.39 -8.43
N VAL E 18 -51.21 -19.48 -8.91
CA VAL E 18 -51.49 -19.84 -10.30
C VAL E 18 -52.59 -18.94 -10.78
N ASN E 19 -52.78 -18.94 -12.08
CA ASN E 19 -53.77 -18.07 -12.69
C ASN E 19 -54.17 -18.51 -14.10
N SER E 20 -55.26 -17.92 -14.55
CA SER E 20 -55.61 -17.91 -15.95
C SER E 20 -56.05 -16.50 -16.15
N THR E 21 -55.28 -15.74 -16.90
CA THR E 21 -55.45 -14.28 -16.94
C THR E 21 -55.78 -13.69 -15.56
N ASN E 22 -56.89 -12.98 -15.41
CA ASN E 22 -57.18 -12.30 -14.12
C ASN E 22 -57.97 -13.17 -13.13
N HIS E 23 -58.00 -14.48 -13.37
CA HIS E 23 -58.57 -15.45 -12.46
C HIS E 23 -57.42 -16.09 -11.69
N LEU E 24 -57.28 -15.74 -10.41
CA LEU E 24 -56.11 -16.06 -9.57
C LEU E 24 -56.39 -16.99 -8.40
N ARG E 25 -55.39 -17.79 -8.02
CA ARG E 25 -55.47 -18.63 -6.82
C ARG E 25 -54.16 -18.47 -6.05
N VAL E 26 -54.22 -18.26 -4.75
CA VAL E 26 -53.00 -18.10 -3.97
C VAL E 26 -52.99 -19.15 -2.88
N TYR E 27 -51.84 -19.77 -2.67
CA TYR E 27 -51.71 -20.89 -1.72
C TYR E 27 -50.71 -20.56 -0.62
N PHE E 28 -51.06 -20.88 0.62
CA PHE E 28 -50.24 -20.57 1.79
C PHE E 28 -50.46 -21.57 2.92
N GLN E 29 -49.60 -21.51 3.94
CA GLN E 29 -49.73 -22.38 5.07
C GLN E 29 -50.26 -21.63 6.28
N ASP E 30 -51.24 -22.27 6.95
CA ASP E 30 -51.82 -21.74 8.21
C ASP E 30 -50.93 -22.16 9.33
N SER E 31 -51.18 -21.63 10.51
CA SER E 31 -50.34 -21.89 11.69
C SER E 31 -50.38 -23.32 12.18
N HIS E 32 -51.39 -24.08 11.76
CA HIS E 32 -51.50 -25.50 12.09
C HIS E 32 -50.94 -26.47 11.02
N GLY E 33 -50.32 -25.92 9.96
CA GLY E 33 -49.62 -26.74 8.95
C GLY E 33 -50.44 -27.11 7.73
N SER E 34 -51.70 -26.68 7.69
CA SER E 34 -52.54 -27.00 6.55
C SER E 34 -52.32 -25.95 5.46
N ILE E 35 -52.32 -26.42 4.21
CA ILE E 35 -52.15 -25.60 3.04
C ILE E 35 -53.53 -25.21 2.62
N ARG E 36 -53.78 -23.92 2.52
CA ARG E 36 -55.06 -23.38 2.16
C ARG E 36 -55.02 -22.59 0.85
N GLU E 37 -56.16 -22.50 0.18
CA GLU E 37 -56.31 -21.76 -1.07
C GLU E 37 -57.17 -20.54 -0.83
N SER E 38 -56.72 -19.40 -1.33
CA SER E 38 -57.56 -18.23 -1.51
C SER E 38 -57.77 -18.05 -3.00
N LEU E 39 -58.73 -17.21 -3.37
CA LEU E 39 -58.95 -16.95 -4.78
C LEU E 39 -59.42 -15.58 -5.12
N TYR E 40 -59.18 -15.21 -6.38
CA TYR E 40 -59.74 -14.03 -6.98
C TYR E 40 -60.56 -14.41 -8.23
N GLU E 41 -61.89 -14.29 -8.10
CA GLU E 41 -62.82 -14.28 -9.23
C GLU E 41 -63.56 -12.97 -9.09
N SER E 42 -63.12 -11.93 -9.78
CA SER E 42 -63.68 -10.57 -9.63
C SER E 42 -63.89 -10.07 -8.16
N GLY E 43 -63.08 -10.58 -7.23
CA GLY E 43 -63.19 -10.28 -5.80
C GLY E 43 -62.47 -11.34 -4.95
N TRP E 44 -61.79 -10.91 -3.90
CA TRP E 44 -61.04 -11.85 -3.04
C TRP E 44 -61.92 -12.67 -2.07
N ALA E 45 -61.76 -14.00 -2.06
CA ALA E 45 -62.53 -14.85 -1.14
C ALA E 45 -61.77 -16.07 -0.72
N ASN E 46 -62.27 -16.69 0.34
CA ASN E 46 -61.77 -17.97 0.86
C ASN E 46 -60.50 -17.84 1.74
N GLY E 47 -59.60 -18.83 1.71
CA GLY E 47 -58.47 -18.88 2.61
C GLY E 47 -58.75 -19.34 4.02
N THR E 48 -59.95 -19.90 4.25
CA THR E 48 -60.40 -20.31 5.61
C THR E 48 -60.09 -21.79 5.82
N ALA E 49 -60.37 -22.30 7.02
CA ALA E 49 -60.14 -23.72 7.33
C ALA E 49 -60.93 -24.71 6.46
N LYS E 50 -62.00 -24.23 5.83
CA LYS E 50 -62.77 -25.05 4.87
C LYS E 50 -62.15 -25.13 3.48
N ASN E 51 -61.13 -24.31 3.20
CA ASN E 51 -60.41 -24.30 1.93
C ASN E 51 -59.01 -24.96 1.99
N VAL E 52 -58.88 -26.00 2.80
CA VAL E 52 -57.65 -26.79 2.90
C VAL E 52 -57.53 -27.76 1.71
N ILE E 53 -56.37 -27.78 1.05
CA ILE E 53 -56.03 -28.77 -0.01
C ILE E 53 -54.95 -29.81 0.34
N ALA E 54 -54.32 -29.69 1.49
CA ALA E 54 -53.19 -30.56 1.88
C ALA E 54 -52.72 -30.23 3.28
N LYS E 55 -51.82 -31.05 3.79
CA LYS E 55 -51.30 -30.90 5.12
C LYS E 55 -49.79 -31.18 4.97
N ALA E 56 -48.95 -30.26 5.42
CA ALA E 56 -47.50 -30.40 5.28
C ALA E 56 -46.77 -30.05 6.56
N LYS E 57 -45.47 -30.37 6.59
CA LYS E 57 -44.60 -29.94 7.70
C LYS E 57 -44.68 -28.42 7.89
N LEU E 58 -44.62 -27.98 9.13
CA LEU E 58 -44.52 -26.54 9.42
C LEU E 58 -43.28 -25.96 8.77
N GLY E 59 -43.49 -24.86 8.06
CA GLY E 59 -42.43 -24.16 7.33
C GLY E 59 -42.07 -24.82 6.02
N THR E 60 -42.99 -25.65 5.51
CA THR E 60 -42.79 -26.33 4.25
C THR E 60 -42.57 -25.32 3.14
N PRO E 61 -41.82 -25.70 2.11
CA PRO E 61 -41.84 -24.90 0.91
C PRO E 61 -43.10 -25.22 0.17
N LEU E 62 -43.57 -24.26 -0.62
CA LEU E 62 -44.71 -24.40 -1.49
C LEU E 62 -44.33 -24.06 -2.90
N ALA E 63 -44.89 -24.83 -3.85
CA ALA E 63 -44.89 -24.43 -5.24
C ALA E 63 -46.20 -24.86 -5.86
N ALA E 64 -46.56 -24.14 -6.90
CA ALA E 64 -47.72 -24.46 -7.65
C ALA E 64 -47.54 -24.20 -9.16
N THR E 65 -48.25 -24.97 -9.97
CA THR E 65 -48.26 -24.74 -11.40
C THR E 65 -49.57 -25.18 -12.00
N SER E 66 -49.94 -24.57 -13.12
CA SER E 66 -51.25 -24.79 -13.69
C SER E 66 -51.27 -24.63 -15.19
N LYS E 67 -52.17 -25.37 -15.83
CA LYS E 67 -52.65 -25.11 -17.21
C LYS E 67 -53.93 -24.33 -17.09
N GLU E 68 -53.89 -23.03 -17.33
CA GLU E 68 -55.03 -22.14 -16.96
C GLU E 68 -55.50 -22.50 -15.55
N LEU E 69 -56.81 -22.58 -15.31
CA LEU E 69 -57.33 -23.14 -14.07
C LEU E 69 -58.07 -24.46 -14.28
N LYS E 70 -57.61 -25.24 -15.24
CA LYS E 70 -58.20 -26.55 -15.50
C LYS E 70 -57.46 -27.61 -14.72
N ASN E 71 -56.14 -27.57 -14.81
CA ASN E 71 -55.28 -28.44 -14.05
C ASN E 71 -54.41 -27.56 -13.14
N ILE E 72 -54.47 -27.82 -11.83
CA ILE E 72 -53.59 -27.19 -10.88
C ILE E 72 -52.85 -28.27 -10.14
N ARG E 73 -51.59 -27.99 -9.77
CA ARG E 73 -50.80 -28.92 -8.94
C ARG E 73 -50.09 -28.06 -7.88
N VAL E 74 -50.04 -28.54 -6.64
CA VAL E 74 -49.43 -27.78 -5.55
C VAL E 74 -48.55 -28.77 -4.83
N TYR E 75 -47.28 -28.38 -4.60
CA TYR E 75 -46.26 -29.25 -4.00
C TYR E 75 -45.85 -28.73 -2.62
N SER E 76 -45.50 -29.65 -1.72
CA SER E 76 -45.08 -29.32 -0.40
C SER E 76 -44.28 -30.51 0.10
N LEU E 77 -43.72 -30.41 1.30
CA LEU E 77 -43.01 -31.52 1.96
C LEU E 77 -43.81 -32.15 3.09
N THR E 78 -43.68 -33.47 3.22
CA THR E 78 -44.29 -34.18 4.35
C THR E 78 -43.36 -33.97 5.55
N GLU E 79 -43.85 -34.39 6.71
CA GLU E 79 -43.10 -34.42 7.98
C GLU E 79 -41.80 -35.25 7.82
N ASP E 80 -41.74 -36.18 6.87
CA ASP E 80 -40.51 -36.95 6.60
C ASP E 80 -39.70 -36.43 5.36
N ASN E 81 -39.94 -35.18 4.95
CA ASN E 81 -39.25 -34.56 3.81
C ASN E 81 -39.34 -35.36 2.49
N VAL E 82 -40.57 -35.85 2.23
CA VAL E 82 -40.91 -36.51 1.00
C VAL E 82 -41.73 -35.52 0.19
N LEU E 83 -41.42 -35.37 -1.09
CA LEU E 83 -42.21 -34.53 -1.97
C LEU E 83 -43.64 -35.03 -2.09
N GLN E 84 -44.60 -34.12 -2.05
CA GLN E 84 -45.97 -34.51 -2.17
C GLN E 84 -46.72 -33.50 -3.00
N GLU E 85 -47.88 -33.92 -3.50
CA GLU E 85 -48.59 -33.19 -4.51
C GLU E 85 -50.06 -33.26 -4.24
N ALA E 86 -50.69 -32.10 -4.13
CA ALA E 86 -52.12 -31.92 -4.21
C ALA E 86 -52.48 -31.61 -5.62
N ALA E 87 -53.41 -32.37 -6.19
CA ALA E 87 -53.83 -32.17 -7.58
C ALA E 87 -55.29 -31.72 -7.67
N TYR E 88 -55.56 -30.92 -8.71
CA TYR E 88 -56.90 -30.44 -9.02
C TYR E 88 -57.07 -30.56 -10.53
N ASP E 89 -58.17 -31.19 -10.94
CA ASP E 89 -58.61 -31.24 -12.34
C ASP E 89 -60.07 -30.78 -12.36
N SER E 90 -60.41 -29.94 -13.33
CA SER E 90 -61.76 -29.51 -13.62
C SER E 90 -62.69 -30.73 -13.72
N GLY E 91 -63.69 -30.78 -12.84
CA GLY E 91 -64.62 -31.91 -12.79
C GLY E 91 -64.09 -33.20 -12.16
N SER E 92 -62.99 -33.14 -11.43
CA SER E 92 -62.66 -34.20 -10.46
C SER E 92 -62.41 -33.66 -9.06
N GLY E 93 -62.41 -32.33 -8.87
CA GLY E 93 -61.97 -31.70 -7.61
C GLY E 93 -60.53 -31.97 -7.17
N TRP E 94 -60.26 -31.73 -5.90
CA TRP E 94 -58.90 -31.87 -5.34
C TRP E 94 -58.63 -33.28 -4.90
N TYR E 95 -57.46 -33.82 -5.18
CA TYR E 95 -57.12 -35.15 -4.67
C TYR E 95 -55.60 -35.26 -4.46
N ASN E 96 -55.18 -36.33 -3.83
CA ASN E 96 -53.76 -36.63 -3.76
C ASN E 96 -53.17 -37.17 -5.04
N GLY E 97 -52.11 -36.51 -5.50
CA GLY E 97 -51.38 -36.88 -6.71
C GLY E 97 -50.46 -38.02 -6.40
N ALA E 98 -49.79 -38.54 -7.42
CA ALA E 98 -48.96 -39.76 -7.28
C ALA E 98 -47.59 -39.53 -6.72
N LEU E 99 -47.21 -38.26 -6.50
CA LEU E 99 -45.81 -37.91 -6.26
C LEU E 99 -45.25 -38.51 -5.00
N ALA E 100 -46.05 -38.44 -3.93
CA ALA E 100 -45.67 -39.02 -2.62
C ALA E 100 -45.37 -40.49 -2.77
N GLY E 101 -46.16 -41.15 -3.62
CA GLY E 101 -45.95 -42.54 -4.01
C GLY E 101 -44.55 -42.90 -4.46
N ALA E 102 -43.90 -41.96 -5.16
CA ALA E 102 -42.55 -42.15 -5.63
C ALA E 102 -41.47 -42.15 -4.55
N LYS E 103 -41.80 -41.67 -3.36
CA LYS E 103 -40.88 -41.66 -2.22
C LYS E 103 -39.52 -40.97 -2.49
N PHE E 104 -39.59 -39.81 -3.13
CA PHE E 104 -38.41 -38.94 -3.24
C PHE E 104 -38.21 -38.10 -1.96
N THR E 105 -37.23 -38.48 -1.15
CA THR E 105 -36.82 -37.71 0.02
C THR E 105 -35.85 -36.63 -0.41
N VAL E 106 -36.13 -35.41 0.03
CA VAL E 106 -35.21 -34.29 -0.18
C VAL E 106 -34.65 -33.77 1.14
N ALA E 107 -33.73 -32.81 1.05
CA ALA E 107 -33.19 -32.16 2.25
C ALA E 107 -34.29 -31.46 3.07
N PRO E 108 -34.15 -31.46 4.41
CA PRO E 108 -35.15 -30.77 5.22
C PRO E 108 -35.35 -29.30 4.88
N TYR E 109 -34.30 -28.64 4.38
CA TYR E 109 -34.32 -27.23 4.05
C TYR E 109 -34.61 -26.96 2.57
N SER E 110 -34.99 -28.00 1.83
CA SER E 110 -35.22 -27.90 0.39
C SER E 110 -36.37 -26.99 0.09
N ARG E 111 -36.27 -26.29 -1.02
CA ARG E 111 -37.39 -25.57 -1.57
C ARG E 111 -37.93 -26.38 -2.72
N ILE E 112 -38.89 -25.84 -3.46
CA ILE E 112 -39.49 -26.53 -4.57
C ILE E 112 -39.85 -25.50 -5.62
N GLY E 113 -39.50 -25.82 -6.86
CA GLY E 113 -40.04 -25.15 -8.02
C GLY E 113 -40.72 -26.18 -8.90
N SER E 114 -41.75 -25.72 -9.62
CA SER E 114 -42.60 -26.61 -10.42
C SER E 114 -43.16 -25.88 -11.64
N VAL E 115 -43.06 -26.53 -12.79
CA VAL E 115 -43.75 -26.05 -13.98
C VAL E 115 -44.45 -27.16 -14.73
N PHE E 116 -45.59 -26.81 -15.32
CA PHE E 116 -46.07 -27.51 -16.53
C PHE E 116 -45.22 -27.12 -17.73
N LEU E 117 -44.91 -28.08 -18.60
CA LEU E 117 -44.25 -27.74 -19.87
C LEU E 117 -45.23 -27.04 -20.81
N ALA E 118 -44.80 -25.94 -21.42
CA ALA E 118 -45.69 -25.05 -22.14
C ALA E 118 -45.83 -25.51 -23.59
N GLY E 119 -46.91 -25.05 -24.24
CA GLY E 119 -47.20 -25.33 -25.65
C GLY E 119 -47.39 -26.80 -26.06
N THR E 120 -47.91 -27.61 -25.13
CA THR E 120 -48.46 -28.95 -25.42
C THR E 120 -49.67 -29.24 -24.52
N ASN E 121 -50.62 -30.01 -25.03
CA ASN E 121 -51.86 -30.28 -24.29
C ASN E 121 -51.69 -31.42 -23.34
N ALA E 122 -50.65 -32.24 -23.55
CA ALA E 122 -50.30 -33.32 -22.62
C ALA E 122 -49.96 -32.75 -21.27
N LEU E 123 -50.18 -33.52 -20.22
CA LEU E 123 -49.86 -33.05 -18.90
C LEU E 123 -48.43 -33.55 -18.63
N GLN E 124 -47.47 -32.63 -18.76
CA GLN E 124 -46.05 -32.88 -18.42
C GLN E 124 -45.49 -31.83 -17.42
N LEU E 125 -44.76 -32.33 -16.43
CA LEU E 125 -44.33 -31.56 -15.29
C LEU E 125 -42.85 -31.74 -15.04
N ARG E 126 -42.23 -30.64 -14.64
CA ARG E 126 -40.90 -30.67 -14.11
C ARG E 126 -40.95 -30.00 -12.76
N ILE E 127 -40.33 -30.66 -11.80
CA ILE E 127 -40.31 -30.28 -10.41
C ILE E 127 -38.82 -30.19 -10.09
N TYR E 128 -38.44 -29.26 -9.22
CA TYR E 128 -37.04 -29.16 -8.80
C TYR E 128 -36.93 -28.95 -7.31
N ALA E 129 -36.01 -29.64 -6.67
CA ALA E 129 -35.88 -29.58 -5.19
C ALA E 129 -34.46 -29.92 -4.86
N GLN E 130 -34.09 -29.95 -3.59
CA GLN E 130 -32.68 -30.03 -3.26
C GLN E 130 -32.46 -31.27 -2.44
N LYS E 131 -31.57 -32.16 -2.89
CA LYS E 131 -31.31 -33.45 -2.20
C LYS E 131 -30.36 -33.30 -1.04
N THR E 132 -30.22 -34.33 -0.23
CA THR E 132 -29.39 -34.18 0.94
C THR E 132 -27.94 -33.89 0.63
N ASP E 133 -27.48 -34.19 -0.59
CA ASP E 133 -26.14 -33.77 -1.09
C ASP E 133 -26.11 -32.32 -1.63
N ASN E 134 -27.19 -31.58 -1.44
CA ASN E 134 -27.37 -30.19 -1.85
C ASN E 134 -27.49 -29.92 -3.34
N THR E 135 -27.51 -30.96 -4.17
CA THR E 135 -27.73 -30.78 -5.60
C THR E 135 -29.20 -30.45 -5.89
N ILE E 136 -29.46 -29.74 -7.00
CA ILE E 136 -30.83 -29.39 -7.42
C ILE E 136 -31.28 -30.47 -8.38
N GLN E 137 -32.19 -31.31 -7.94
CA GLN E 137 -32.66 -32.46 -8.72
C GLN E 137 -33.93 -32.10 -9.41
N GLU E 138 -33.99 -32.38 -10.72
CA GLU E 138 -35.26 -32.35 -11.48
C GLU E 138 -36.01 -33.68 -11.33
N TYR E 139 -37.32 -33.60 -11.15
CA TYR E 139 -38.19 -34.77 -11.08
C TYR E 139 -39.25 -34.55 -12.10
N MET E 140 -39.54 -35.59 -12.88
CA MET E 140 -40.41 -35.43 -14.01
C MET E 140 -41.53 -36.43 -14.10
N TRP E 141 -42.68 -35.92 -14.56
CA TRP E 141 -43.81 -36.70 -15.01
C TRP E 141 -44.04 -36.52 -16.52
N ASN E 142 -44.04 -37.62 -17.27
CA ASN E 142 -44.39 -37.63 -18.71
C ASN E 142 -45.47 -38.63 -19.11
N GLY E 143 -46.33 -38.99 -18.16
CA GLY E 143 -47.36 -39.99 -18.38
C GLY E 143 -47.05 -41.36 -17.83
N ASP E 144 -45.77 -41.70 -17.71
CA ASP E 144 -45.38 -43.04 -17.30
C ASP E 144 -44.96 -43.15 -15.83
N GLY E 145 -45.39 -42.24 -14.98
CA GLY E 145 -44.92 -42.21 -13.58
C GLY E 145 -43.80 -41.21 -13.30
N TRP E 146 -43.65 -40.85 -12.02
CA TRP E 146 -42.65 -39.88 -11.57
C TRP E 146 -41.27 -40.49 -11.58
N LYS E 147 -40.37 -39.87 -12.35
CA LYS E 147 -38.97 -40.35 -12.46
C LYS E 147 -38.00 -39.16 -12.24
N GLU E 148 -36.78 -39.50 -11.82
CA GLU E 148 -35.71 -38.53 -11.71
C GLU E 148 -35.37 -38.05 -13.13
N GLY E 149 -35.33 -36.72 -13.33
CA GLY E 149 -34.84 -36.09 -14.58
C GLY E 149 -33.37 -35.69 -14.44
N THR E 150 -32.99 -34.52 -14.96
CA THR E 150 -31.59 -34.11 -14.94
C THR E 150 -31.19 -33.53 -13.57
N ASN E 151 -30.01 -33.87 -13.08
CA ASN E 151 -29.48 -33.24 -11.87
C ASN E 151 -28.77 -31.95 -12.22
N LEU E 152 -29.04 -30.83 -11.54
CA LEU E 152 -28.48 -29.53 -11.95
C LEU E 152 -27.20 -29.05 -11.19
N GLY E 153 -26.61 -29.90 -10.34
CA GLY E 153 -25.38 -29.56 -9.61
C GLY E 153 -25.60 -28.88 -8.24
N VAL E 154 -24.51 -28.59 -7.56
CA VAL E 154 -24.54 -28.15 -6.17
C VAL E 154 -25.09 -26.74 -6.05
N ALA E 155 -25.78 -26.47 -4.95
CA ALA E 155 -26.31 -25.13 -4.63
C ALA E 155 -26.33 -24.90 -3.12
N LEU E 156 -26.53 -23.64 -2.71
CA LEU E 156 -26.42 -23.31 -1.29
C LEU E 156 -27.47 -24.13 -0.52
N PRO E 157 -27.08 -24.83 0.55
CA PRO E 157 -28.15 -25.53 1.33
C PRO E 157 -29.25 -24.55 1.72
N GLY E 158 -30.45 -24.85 1.25
CA GLY E 158 -31.65 -24.08 1.50
C GLY E 158 -32.03 -23.01 0.50
N THR E 159 -31.28 -22.97 -0.60
CA THR E 159 -31.51 -22.02 -1.68
C THR E 159 -32.95 -21.96 -2.08
N GLY E 160 -33.45 -20.76 -2.34
CA GLY E 160 -34.65 -20.59 -3.13
C GLY E 160 -34.51 -21.19 -4.53
N ILE E 161 -35.65 -21.52 -5.14
CA ILE E 161 -35.65 -22.10 -6.47
C ILE E 161 -36.75 -21.39 -7.22
N GLY E 162 -36.36 -20.63 -8.23
CA GLY E 162 -37.30 -20.04 -9.19
C GLY E 162 -37.25 -20.85 -10.47
N VAL E 163 -38.35 -20.90 -11.21
CA VAL E 163 -38.36 -21.63 -12.45
C VAL E 163 -39.45 -21.12 -13.32
N THR E 164 -39.21 -21.11 -14.63
CA THR E 164 -40.23 -20.63 -15.57
C THR E 164 -40.10 -21.43 -16.82
N CYS E 165 -41.12 -21.42 -17.64
CA CYS E 165 -41.14 -22.29 -18.78
C CYS E 165 -42.04 -21.72 -19.84
N TRP E 166 -41.59 -21.76 -21.08
CA TRP E 166 -42.39 -21.22 -22.21
C TRP E 166 -41.99 -21.96 -23.46
N ARG E 167 -42.70 -21.66 -24.55
CA ARG E 167 -42.40 -22.19 -25.90
C ARG E 167 -42.24 -21.01 -26.85
N TYR E 168 -41.03 -20.87 -27.39
CA TYR E 168 -40.74 -19.91 -28.45
C TYR E 168 -41.60 -20.25 -29.69
N THR E 169 -42.23 -19.25 -30.31
CA THR E 169 -43.06 -19.52 -31.48
C THR E 169 -42.32 -20.12 -32.71
N ASP E 170 -41.00 -20.10 -32.73
CA ASP E 170 -40.18 -20.78 -33.75
C ASP E 170 -39.44 -22.02 -33.23
N TYR E 171 -39.85 -22.61 -32.11
CA TYR E 171 -39.23 -23.85 -31.61
C TYR E 171 -40.30 -24.95 -31.54
N ASP E 172 -39.85 -26.19 -31.42
CA ASP E 172 -40.75 -27.37 -31.48
C ASP E 172 -40.90 -27.99 -30.10
N GLY E 173 -40.78 -27.18 -29.05
CA GLY E 173 -40.49 -27.71 -27.73
C GLY E 173 -40.31 -26.69 -26.62
N PRO E 174 -40.25 -27.16 -25.36
CA PRO E 174 -40.26 -26.28 -24.22
C PRO E 174 -38.89 -25.75 -23.92
N SER E 175 -38.84 -24.49 -23.50
CA SER E 175 -37.66 -23.91 -22.86
C SER E 175 -37.92 -23.75 -21.36
N ILE E 176 -36.89 -24.05 -20.59
CA ILE E 176 -36.95 -23.97 -19.16
C ILE E 176 -35.76 -23.14 -18.61
N ARG E 177 -36.05 -22.30 -17.62
CA ARG E 177 -35.04 -21.57 -16.87
C ARG E 177 -35.26 -21.78 -15.38
N VAL E 178 -34.16 -22.04 -14.68
CA VAL E 178 -34.12 -22.30 -13.25
C VAL E 178 -33.07 -21.41 -12.60
N TRP E 179 -33.48 -20.67 -11.59
CA TRP E 179 -32.58 -19.81 -10.86
C TRP E 179 -32.37 -20.33 -9.44
N PHE E 180 -31.15 -20.26 -8.95
CA PHE E 180 -30.87 -20.62 -7.55
C PHE E 180 -29.62 -19.90 -7.05
N GLN E 181 -29.18 -20.22 -5.83
CA GLN E 181 -28.10 -19.51 -5.16
C GLN E 181 -27.01 -20.51 -4.90
N THR E 182 -25.77 -20.13 -5.17
CA THR E 182 -24.62 -21.01 -5.03
C THR E 182 -23.91 -20.68 -3.76
N ASP E 183 -23.01 -21.55 -3.33
CA ASP E 183 -22.27 -21.35 -2.07
C ASP E 183 -21.67 -19.92 -1.90
N ASN E 184 -21.18 -19.31 -2.98
CA ASN E 184 -20.59 -17.97 -2.91
C ASN E 184 -21.64 -16.85 -2.73
N LEU E 185 -22.91 -17.25 -2.62
CA LEU E 185 -24.09 -16.41 -2.39
C LEU E 185 -24.62 -15.66 -3.63
N LYS E 186 -24.09 -15.95 -4.82
CA LYS E 186 -24.61 -15.37 -6.06
C LYS E 186 -25.89 -16.09 -6.44
N LEU E 187 -26.74 -15.42 -7.20
CA LEU E 187 -27.91 -15.99 -7.84
C LEU E 187 -27.56 -16.30 -9.27
N VAL E 188 -27.85 -17.53 -9.69
CA VAL E 188 -27.46 -18.01 -11.00
C VAL E 188 -28.64 -18.61 -11.73
N GLN E 189 -28.46 -18.75 -13.04
CA GLN E 189 -29.42 -19.30 -13.96
C GLN E 189 -28.85 -20.57 -14.64
N ARG E 190 -29.65 -21.65 -14.69
CA ARG E 190 -29.37 -22.81 -15.56
C ARG E 190 -30.42 -22.78 -16.65
N ALA E 191 -30.07 -23.17 -17.87
CA ALA E 191 -31.03 -23.07 -18.97
C ALA E 191 -31.12 -24.36 -19.78
N TYR E 192 -32.32 -24.57 -20.29
CA TYR E 192 -32.63 -25.71 -21.12
C TYR E 192 -33.42 -25.18 -22.31
N ASP E 193 -32.90 -25.49 -23.52
CA ASP E 193 -33.65 -25.27 -24.77
C ASP E 193 -33.75 -26.65 -25.48
N PRO E 194 -34.80 -26.87 -26.26
CA PRO E 194 -34.82 -28.14 -27.07
C PRO E 194 -33.65 -28.18 -28.07
N HIS E 195 -33.12 -29.36 -28.34
CA HIS E 195 -31.97 -29.54 -29.26
C HIS E 195 -30.65 -29.20 -28.59
N THR E 196 -30.59 -28.09 -27.86
CA THR E 196 -29.39 -27.84 -27.03
C THR E 196 -29.37 -28.69 -25.73
N GLY E 197 -30.52 -29.06 -25.18
CA GLY E 197 -30.58 -29.63 -23.81
C GLY E 197 -30.12 -28.59 -22.78
N TRP E 198 -29.57 -29.07 -21.66
CA TRP E 198 -29.12 -28.14 -20.63
C TRP E 198 -27.76 -27.54 -21.01
N TYR E 199 -27.68 -26.22 -21.09
CA TYR E 199 -26.40 -25.54 -21.31
C TYR E 199 -25.50 -25.91 -20.11
N LYS E 200 -24.18 -26.09 -20.30
CA LYS E 200 -23.29 -26.44 -19.16
C LYS E 200 -23.04 -25.29 -18.22
N GLU E 201 -23.20 -24.09 -18.77
CA GLU E 201 -22.87 -22.84 -18.12
C GLU E 201 -23.87 -22.35 -17.04
N LEU E 202 -23.39 -22.11 -15.84
CA LEU E 202 -24.15 -21.29 -14.90
C LEU E 202 -23.98 -19.87 -15.37
N THR E 203 -25.02 -19.05 -15.30
CA THR E 203 -25.01 -17.67 -15.67
C THR E 203 -25.46 -16.80 -14.50
N THR E 204 -24.63 -15.84 -14.13
CA THR E 204 -24.87 -15.03 -12.95
C THR E 204 -25.90 -13.97 -13.27
N ILE E 205 -26.90 -13.82 -12.39
CA ILE E 205 -27.85 -12.73 -12.47
C ILE E 205 -27.77 -11.70 -11.32
N PHE E 206 -27.15 -12.06 -10.20
CA PHE E 206 -26.99 -11.12 -9.10
C PHE E 206 -25.80 -11.58 -8.26
N ASP E 207 -25.01 -10.62 -7.79
CA ASP E 207 -23.69 -10.96 -7.23
C ASP E 207 -23.69 -11.46 -5.79
N LYS E 208 -24.54 -10.90 -4.95
CA LYS E 208 -24.54 -11.32 -3.56
C LYS E 208 -25.94 -11.12 -3.04
N ALA E 209 -26.50 -12.17 -2.45
CA ALA E 209 -27.86 -12.10 -1.92
C ALA E 209 -27.91 -12.76 -0.57
N PRO E 210 -28.96 -12.44 0.22
CA PRO E 210 -29.00 -13.03 1.56
C PRO E 210 -29.08 -14.56 1.50
N PRO E 211 -28.40 -15.24 2.42
CA PRO E 211 -28.39 -16.68 2.38
C PRO E 211 -29.81 -17.19 2.56
N ARG E 212 -30.23 -18.02 1.62
CA ARG E 212 -31.54 -18.68 1.56
C ARG E 212 -32.61 -17.70 1.24
N CYS E 213 -32.27 -16.62 0.56
CA CYS E 213 -33.30 -15.69 0.15
C CYS E 213 -34.28 -16.42 -0.75
N ALA E 214 -35.52 -15.98 -0.68
CA ALA E 214 -36.57 -16.42 -1.58
C ALA E 214 -36.27 -15.94 -2.98
N ILE E 215 -36.74 -16.71 -3.96
CA ILE E 215 -36.51 -16.48 -5.37
C ILE E 215 -37.72 -17.00 -6.10
N ALA E 216 -38.25 -16.23 -7.04
CA ALA E 216 -39.42 -16.64 -7.81
C ALA E 216 -39.48 -15.91 -9.15
N ALA E 217 -39.97 -16.58 -10.19
CA ALA E 217 -39.82 -16.04 -11.52
C ALA E 217 -41.03 -16.32 -12.41
N THR E 218 -41.14 -15.56 -13.48
CA THR E 218 -42.23 -15.67 -14.44
C THR E 218 -41.75 -15.26 -15.83
N ASN E 219 -42.56 -15.49 -16.84
CA ASN E 219 -42.28 -14.97 -18.16
C ASN E 219 -43.52 -14.40 -18.81
N PHE E 220 -43.31 -13.54 -19.80
CA PHE E 220 -44.38 -13.10 -20.69
C PHE E 220 -43.90 -12.85 -22.13
N ASN E 221 -44.88 -12.86 -23.05
CA ASN E 221 -44.73 -12.47 -24.45
C ASN E 221 -43.64 -13.21 -25.20
N PRO E 222 -43.69 -14.53 -25.16
CA PRO E 222 -42.78 -15.29 -25.99
C PRO E 222 -43.11 -15.08 -27.47
N GLY E 223 -42.07 -15.17 -28.30
CA GLY E 223 -42.14 -14.96 -29.73
C GLY E 223 -41.03 -15.72 -30.45
N LYS E 224 -40.62 -15.22 -31.62
CA LYS E 224 -39.57 -15.85 -32.44
C LYS E 224 -38.24 -15.57 -31.78
N SER E 225 -37.64 -16.58 -31.18
CA SER E 225 -36.37 -16.42 -30.48
C SER E 225 -36.39 -15.26 -29.43
N SER E 226 -37.55 -14.97 -28.87
CA SER E 226 -37.70 -13.81 -28.01
C SER E 226 -38.53 -14.13 -26.78
N ILE E 227 -38.15 -13.57 -25.64
CA ILE E 227 -38.81 -13.81 -24.38
C ILE E 227 -38.56 -12.63 -23.44
N TYR E 228 -39.45 -12.46 -22.46
CA TYR E 228 -39.31 -11.45 -21.41
C TYR E 228 -39.42 -12.21 -20.11
N MET E 229 -38.49 -12.02 -19.16
CA MET E 229 -38.53 -12.73 -17.88
C MET E 229 -38.36 -11.75 -16.75
N ARG E 230 -39.00 -12.08 -15.64
CA ARG E 230 -38.81 -11.37 -14.41
C ARG E 230 -38.48 -12.38 -13.32
N ILE E 231 -37.34 -12.20 -12.67
CA ILE E 231 -36.96 -12.97 -11.48
C ILE E 231 -37.00 -12.05 -10.26
N TYR E 232 -37.62 -12.51 -9.17
CA TYR E 232 -37.74 -11.74 -7.92
C TYR E 232 -37.02 -12.45 -6.77
N PHE E 233 -36.43 -11.66 -5.88
CA PHE E 233 -35.73 -12.20 -4.70
C PHE E 233 -35.76 -11.19 -3.55
N VAL E 234 -35.51 -11.68 -2.34
CA VAL E 234 -35.61 -10.81 -1.19
C VAL E 234 -34.20 -10.43 -0.90
N ASN E 235 -33.94 -9.14 -0.90
CA ASN E 235 -32.56 -8.68 -0.82
C ASN E 235 -32.25 -8.30 0.61
N SER E 236 -30.99 -7.95 0.86
CA SER E 236 -30.52 -7.58 2.21
C SER E 236 -31.10 -6.29 2.80
N ASP E 237 -31.84 -5.52 2.00
CA ASP E 237 -32.50 -4.27 2.45
C ASP E 237 -33.97 -4.53 2.87
N ASN E 238 -34.30 -5.79 3.08
CA ASN E 238 -35.64 -6.19 3.41
C ASN E 238 -36.69 -5.69 2.39
N THR E 239 -36.31 -5.73 1.11
CA THR E 239 -37.27 -5.53 0.04
C THR E 239 -37.14 -6.64 -0.98
N ILE E 240 -38.20 -6.85 -1.73
CA ILE E 240 -38.14 -7.64 -2.93
C ILE E 240 -37.44 -6.81 -4.01
N TRP E 241 -36.46 -7.43 -4.66
CA TRP E 241 -35.83 -6.92 -5.89
C TRP E 241 -36.31 -7.65 -7.17
N GLN E 242 -36.28 -6.94 -8.30
CA GLN E 242 -36.64 -7.45 -9.62
C GLN E 242 -35.42 -7.45 -10.54
N VAL E 243 -35.20 -8.57 -11.21
CA VAL E 243 -34.22 -8.69 -12.28
C VAL E 243 -35.02 -8.87 -13.59
N CYS E 244 -34.79 -7.98 -14.53
CA CYS E 244 -35.48 -8.00 -15.80
C CYS E 244 -34.62 -8.64 -16.88
N TRP E 245 -35.21 -9.56 -17.64
CA TRP E 245 -34.69 -9.94 -18.95
C TRP E 245 -35.69 -9.39 -19.98
N ASP E 246 -35.24 -8.47 -20.84
CA ASP E 246 -36.02 -7.99 -21.95
C ASP E 246 -35.33 -8.34 -23.25
N HIS E 247 -36.06 -8.89 -24.20
CA HIS E 247 -35.51 -9.30 -25.48
C HIS E 247 -34.71 -8.15 -26.07
N GLY E 248 -33.54 -8.47 -26.58
CA GLY E 248 -32.63 -7.47 -27.18
C GLY E 248 -31.58 -6.93 -26.22
N GLN E 249 -31.94 -6.84 -24.95
CA GLN E 249 -31.13 -6.23 -23.87
C GLN E 249 -30.60 -7.25 -22.86
N GLY E 250 -31.27 -8.38 -22.74
CA GLY E 250 -30.91 -9.40 -21.76
C GLY E 250 -31.15 -8.97 -20.32
N TYR E 251 -30.27 -9.42 -19.42
CA TYR E 251 -30.37 -9.04 -18.00
C TYR E 251 -29.83 -7.65 -17.75
N HIS E 252 -30.68 -6.66 -17.92
CA HIS E 252 -30.23 -5.29 -18.04
C HIS E 252 -30.71 -4.33 -16.97
N ASP E 253 -31.66 -4.74 -16.13
CA ASP E 253 -32.15 -3.90 -15.06
C ASP E 253 -32.26 -4.69 -13.79
N LYS E 254 -31.78 -4.10 -12.69
CA LYS E 254 -31.93 -4.64 -11.32
C LYS E 254 -32.48 -3.50 -10.46
N ARG E 255 -33.60 -3.69 -9.76
CA ARG E 255 -34.10 -2.68 -8.79
C ARG E 255 -35.03 -3.21 -7.68
N THR E 256 -35.21 -2.39 -6.65
CA THR E 256 -36.17 -2.67 -5.60
C THR E 256 -37.57 -2.45 -6.09
N ILE E 257 -38.48 -3.26 -5.56
CA ILE E 257 -39.89 -3.25 -5.92
C ILE E 257 -40.78 -2.84 -4.74
N THR E 258 -40.61 -3.47 -3.57
CA THR E 258 -41.49 -3.18 -2.44
C THR E 258 -40.96 -3.78 -1.15
N PRO E 259 -41.22 -3.12 0.01
CA PRO E 259 -40.80 -3.63 1.32
C PRO E 259 -41.44 -4.95 1.67
N VAL E 260 -40.71 -5.82 2.36
CA VAL E 260 -41.26 -7.06 2.89
C VAL E 260 -40.74 -7.26 4.28
N ILE E 261 -41.37 -8.16 5.03
CA ILE E 261 -40.87 -8.51 6.34
C ILE E 261 -39.60 -9.29 6.12
N GLN E 262 -38.75 -9.22 7.12
CA GLN E 262 -37.57 -10.04 7.18
C GLN E 262 -37.87 -11.52 6.88
N GLY E 263 -37.11 -12.10 5.96
CA GLY E 263 -37.32 -13.52 5.55
C GLY E 263 -38.62 -13.88 4.82
N SER E 264 -39.29 -12.91 4.24
CA SER E 264 -40.54 -13.22 3.54
C SER E 264 -40.26 -14.17 2.43
N GLU E 265 -41.26 -14.94 2.08
CA GLU E 265 -41.25 -15.75 0.86
C GLU E 265 -42.04 -14.96 -0.17
N ILE E 266 -42.02 -15.46 -1.39
CA ILE E 266 -42.57 -14.74 -2.50
C ILE E 266 -43.26 -15.71 -3.47
N ALA E 267 -44.31 -15.19 -4.10
CA ALA E 267 -44.87 -15.77 -5.32
C ALA E 267 -45.18 -14.68 -6.37
N ILE E 268 -45.07 -15.08 -7.63
CA ILE E 268 -45.26 -14.18 -8.79
C ILE E 268 -46.11 -14.94 -9.84
N ILE E 269 -47.04 -14.23 -10.47
CA ILE E 269 -47.78 -14.73 -11.65
C ILE E 269 -47.86 -13.59 -12.62
N SER E 270 -48.16 -13.93 -13.85
CA SER E 270 -48.32 -12.92 -14.87
C SER E 270 -49.27 -13.40 -15.94
N TRP E 271 -49.78 -12.43 -16.69
CA TRP E 271 -50.50 -12.73 -17.92
C TRP E 271 -50.28 -11.58 -18.91
N GLU E 272 -50.71 -11.78 -20.16
CA GLU E 272 -50.36 -10.85 -21.24
C GLU E 272 -50.90 -9.48 -21.02
N GLY E 273 -50.11 -8.51 -21.47
CA GLY E 273 -50.32 -7.13 -21.13
C GLY E 273 -49.04 -6.32 -21.19
N PRO E 274 -48.06 -6.64 -20.33
CA PRO E 274 -48.10 -7.63 -19.27
C PRO E 274 -48.76 -7.12 -18.00
N GLU E 275 -49.45 -8.03 -17.31
CA GLU E 275 -49.86 -7.80 -15.94
C GLU E 275 -49.03 -8.73 -15.05
N LEU E 276 -48.57 -8.19 -13.93
CA LEU E 276 -47.79 -8.92 -12.92
C LEU E 276 -48.47 -8.80 -11.55
N ARG E 277 -48.47 -9.89 -10.80
CA ARG E 277 -48.87 -9.85 -9.40
C ARG E 277 -47.86 -10.62 -8.54
N LEU E 278 -47.31 -9.93 -7.55
CA LEU E 278 -46.46 -10.50 -6.51
C LEU E 278 -47.24 -10.68 -5.18
N TYR E 279 -46.94 -11.75 -4.45
CA TYR E 279 -47.54 -12.02 -3.14
C TYR E 279 -46.41 -12.27 -2.15
N PHE E 280 -46.58 -11.81 -0.91
CA PHE E 280 -45.49 -11.71 0.05
C PHE E 280 -46.08 -11.22 1.36
N GLN E 281 -45.29 -11.19 2.41
CA GLN E 281 -45.72 -10.68 3.69
C GLN E 281 -44.93 -9.41 3.96
N ASN E 282 -45.65 -8.30 4.18
CA ASN E 282 -44.97 -7.03 4.53
C ASN E 282 -45.37 -6.45 5.88
N GLY E 283 -46.03 -7.22 6.73
CA GLY E 283 -46.28 -6.81 8.12
C GLY E 283 -47.69 -6.32 8.33
N THR E 284 -48.48 -6.42 7.29
CA THR E 284 -49.85 -6.00 7.32
C THR E 284 -50.65 -6.95 8.22
N TYR E 285 -51.25 -6.38 9.27
CA TYR E 285 -51.88 -7.14 10.34
C TYR E 285 -50.88 -8.19 10.84
N VAL E 286 -49.62 -7.77 10.96
CA VAL E 286 -48.49 -8.67 11.25
C VAL E 286 -48.26 -9.73 10.17
N SER E 287 -49.16 -10.70 10.09
CA SER E 287 -48.91 -11.93 9.38
C SER E 287 -49.72 -12.13 8.13
N ALA E 288 -50.44 -11.11 7.69
CA ALA E 288 -51.26 -11.26 6.50
C ALA E 288 -50.36 -11.26 5.27
N ILE E 289 -50.91 -11.73 4.17
CA ILE E 289 -50.27 -11.71 2.85
C ILE E 289 -50.76 -10.49 2.05
N SER E 290 -49.83 -9.73 1.51
CA SER E 290 -50.11 -8.56 0.69
C SER E 290 -49.81 -8.85 -0.84
N GLU E 291 -50.29 -7.95 -1.71
CA GLU E 291 -50.20 -8.07 -3.16
C GLU E 291 -49.59 -6.82 -3.75
N TRP E 292 -48.70 -7.02 -4.74
CA TRP E 292 -48.12 -5.91 -5.53
C TRP E 292 -48.45 -6.14 -6.97
N THR E 293 -48.76 -5.07 -7.69
CA THR E 293 -49.29 -5.15 -9.06
C THR E 293 -48.43 -4.33 -9.99
N TRP E 294 -48.32 -4.79 -11.23
CA TRP E 294 -47.86 -3.91 -12.32
C TRP E 294 -48.73 -4.10 -13.55
N GLY E 295 -49.16 -2.99 -14.13
CA GLY E 295 -49.92 -2.99 -15.39
C GLY E 295 -49.62 -1.72 -16.15
N LYS E 296 -49.99 -1.69 -17.44
CA LYS E 296 -49.75 -0.48 -18.26
C LYS E 296 -50.61 0.67 -17.77
N ALA E 297 -51.80 0.35 -17.25
CA ALA E 297 -52.69 1.32 -16.59
C ALA E 297 -52.01 2.29 -15.58
N HIS E 298 -51.51 1.75 -14.48
CA HIS E 298 -50.97 2.58 -13.38
C HIS E 298 -49.53 2.23 -13.00
N GLY E 299 -48.86 1.40 -13.80
CA GLY E 299 -47.55 0.90 -13.43
C GLY E 299 -47.51 0.20 -12.09
N SER E 300 -46.40 0.43 -11.39
CA SER E 300 -46.13 -0.15 -10.08
C SER E 300 -47.11 0.34 -8.98
N GLN E 301 -48.12 -0.46 -8.66
CA GLN E 301 -49.03 -0.12 -7.56
C GLN E 301 -49.17 -1.23 -6.56
N LEU E 302 -49.00 -0.93 -5.27
CA LEU E 302 -49.48 -1.84 -4.23
C LEU E 302 -50.93 -2.22 -4.49
N GLY E 303 -51.29 -3.48 -4.22
CA GLY E 303 -52.65 -4.00 -4.49
C GLY E 303 -53.37 -4.38 -3.20
N ARG E 304 -54.10 -5.49 -3.22
CA ARG E 304 -54.75 -5.98 -2.00
C ARG E 304 -53.81 -5.89 -0.76
N ARG E 305 -54.23 -5.14 0.25
CA ARG E 305 -53.41 -4.99 1.47
C ARG E 305 -53.35 -6.29 2.27
N ALA E 306 -54.44 -7.06 2.28
CA ALA E 306 -54.46 -8.33 3.02
C ALA E 306 -55.42 -9.34 2.41
N LEU E 307 -54.83 -10.38 1.84
CA LEU E 307 -55.58 -11.44 1.24
C LEU E 307 -56.46 -12.12 2.27
N PRO E 308 -57.50 -12.81 1.81
CA PRO E 308 -58.16 -13.73 2.68
C PRO E 308 -57.17 -14.72 3.27
N PRO E 309 -57.45 -15.19 4.48
CA PRO E 309 -58.58 -14.88 5.30
C PRO E 309 -58.54 -13.58 6.09
N ALA E 310 -57.53 -12.73 5.93
CA ALA E 310 -57.36 -11.60 6.87
C ALA E 310 -58.50 -10.59 6.79
N GLU E 311 -59.07 -10.44 5.59
CA GLU E 311 -60.31 -9.73 5.37
C GLU E 311 -61.06 -10.55 4.33
N SER F 2 -30.21 46.39 16.57
CA SER F 2 -30.53 46.65 18.01
C SER F 2 -31.47 47.84 18.33
N THR F 3 -31.73 48.03 19.63
CA THR F 3 -32.63 49.08 20.16
C THR F 3 -32.02 49.64 21.42
N PRO F 4 -32.43 50.86 21.80
CA PRO F 4 -31.89 51.47 23.03
C PRO F 4 -32.06 50.59 24.26
N GLY F 5 -33.21 49.96 24.39
CA GLY F 5 -33.48 49.11 25.56
C GLY F 5 -32.67 47.82 25.55
N ALA F 6 -32.57 47.22 24.37
CA ALA F 6 -31.79 46.01 24.20
C ALA F 6 -30.36 46.28 24.63
N GLN F 7 -29.84 47.43 24.25
CA GLN F 7 -28.46 47.86 24.59
C GLN F 7 -28.09 47.96 26.08
N GLU F 8 -29.09 48.09 26.95
CA GLU F 8 -28.80 48.12 28.38
C GLU F 8 -28.51 46.72 28.93
N VAL F 9 -28.96 45.68 28.21
CA VAL F 9 -28.75 44.29 28.64
C VAL F 9 -27.34 43.77 28.36
N LEU F 10 -26.65 43.40 29.44
CA LEU F 10 -25.30 42.87 29.29
C LEU F 10 -25.30 41.61 28.41
N PHE F 11 -24.36 41.56 27.47
CA PHE F 11 -24.17 40.45 26.51
C PHE F 11 -23.56 39.31 27.31
N ARG F 12 -24.18 38.13 27.26
CA ARG F 12 -23.80 36.98 28.14
C ARG F 12 -24.12 37.21 29.63
N THR F 13 -25.13 38.01 29.87
CA THR F 13 -25.60 38.21 31.21
C THR F 13 -25.99 36.91 31.88
N GLY F 14 -25.84 36.87 33.19
CA GLY F 14 -26.52 35.86 33.98
C GLY F 14 -28.01 36.06 33.78
N ILE F 15 -28.75 34.97 33.81
CA ILE F 15 -30.21 35.05 33.76
C ILE F 15 -30.78 34.09 34.79
N ALA F 16 -31.83 34.52 35.47
CA ALA F 16 -32.62 33.64 36.36
C ALA F 16 -34.08 34.02 36.28
N ALA F 17 -34.94 33.04 36.61
CA ALA F 17 -36.37 33.28 36.66
C ALA F 17 -37.02 32.51 37.82
N VAL F 18 -38.19 32.99 38.22
CA VAL F 18 -39.07 32.37 39.16
C VAL F 18 -40.48 32.60 38.65
N ASN F 19 -41.44 31.92 39.27
CA ASN F 19 -42.84 31.99 38.87
C ASN F 19 -43.80 31.41 39.91
N SER F 20 -45.05 31.79 39.76
CA SER F 20 -46.18 31.14 40.36
C SER F 20 -47.10 30.90 39.18
N THR F 21 -47.23 29.63 38.79
CA THR F 21 -47.84 29.23 37.52
C THR F 21 -47.37 30.16 36.38
N ASN F 22 -48.28 30.88 35.73
CA ASN F 22 -47.94 31.71 34.57
C ASN F 22 -47.78 33.17 34.98
N HIS F 23 -47.46 33.39 36.25
CA HIS F 23 -47.04 34.69 36.76
C HIS F 23 -45.48 34.62 36.91
N LEU F 24 -44.76 35.38 36.08
CA LEU F 24 -43.31 35.19 35.85
C LEU F 24 -42.46 36.42 36.12
N ARG F 25 -41.30 36.20 36.72
CA ARG F 25 -40.30 37.24 36.91
C ARG F 25 -38.98 36.75 36.32
N VAL F 26 -38.29 37.61 35.57
CA VAL F 26 -36.96 37.30 34.99
C VAL F 26 -35.93 38.36 35.41
N TYR F 27 -34.76 37.86 35.81
CA TYR F 27 -33.71 38.68 36.38
C TYR F 27 -32.51 38.67 35.44
N PHE F 28 -31.89 39.84 35.22
CA PHE F 28 -30.68 39.98 34.42
C PHE F 28 -29.81 41.16 34.82
N GLN F 29 -28.54 41.13 34.41
CA GLN F 29 -27.60 42.22 34.63
C GLN F 29 -27.51 43.20 33.44
N ASP F 30 -27.58 44.51 33.74
CA ASP F 30 -27.48 45.53 32.69
C ASP F 30 -26.04 45.80 32.45
N SER F 31 -25.75 46.60 31.43
CA SER F 31 -24.37 46.88 31.08
C SER F 31 -23.60 47.65 32.15
N HIS F 32 -24.30 48.33 33.08
CA HIS F 32 -23.62 49.00 34.23
C HIS F 32 -23.57 48.16 35.52
N GLY F 33 -23.97 46.89 35.41
CA GLY F 33 -23.75 45.91 36.45
C GLY F 33 -24.89 45.76 37.46
N SER F 34 -25.97 46.51 37.27
CA SER F 34 -27.13 46.39 38.13
C SER F 34 -27.98 45.19 37.70
N ILE F 35 -28.60 44.51 38.67
CA ILE F 35 -29.50 43.37 38.43
C ILE F 35 -30.89 43.94 38.34
N ARG F 36 -31.56 43.74 37.21
CA ARG F 36 -32.92 44.25 37.03
C ARG F 36 -33.90 43.11 37.02
N GLU F 37 -35.19 43.46 37.11
CA GLU F 37 -36.32 42.54 37.05
C GLU F 37 -37.34 42.93 35.96
N SER F 38 -37.59 41.98 35.06
CA SER F 38 -38.72 42.12 34.13
C SER F 38 -39.83 41.20 34.65
N LEU F 39 -41.07 41.44 34.20
CA LEU F 39 -42.19 40.64 34.65
C LEU F 39 -43.23 40.36 33.59
N TYR F 40 -43.96 39.27 33.85
CA TYR F 40 -45.14 38.87 33.11
C TYR F 40 -46.37 38.73 34.04
N GLU F 41 -47.32 39.64 33.87
CA GLU F 41 -48.61 39.61 34.54
C GLU F 41 -49.66 39.88 33.48
N SER F 42 -50.19 38.82 32.89
CA SER F 42 -51.01 38.93 31.69
C SER F 42 -50.39 39.92 30.67
N GLY F 43 -49.06 39.85 30.47
CA GLY F 43 -48.32 40.80 29.62
C GLY F 43 -46.96 41.17 30.18
N TRP F 44 -46.01 41.41 29.28
CA TRP F 44 -44.61 41.63 29.66
C TRP F 44 -44.33 43.09 29.97
N ALA F 45 -43.52 43.36 31.00
CA ALA F 45 -43.24 44.73 31.38
C ALA F 45 -41.93 44.87 32.13
N ASN F 46 -41.54 46.12 32.40
CA ASN F 46 -40.41 46.50 33.30
C ASN F 46 -39.03 46.20 32.69
N GLY F 47 -38.07 45.73 33.48
CA GLY F 47 -36.67 45.62 33.01
C GLY F 47 -35.91 46.91 32.81
N THR F 48 -36.41 48.03 33.37
CA THR F 48 -35.79 49.36 33.18
C THR F 48 -34.83 49.69 34.32
N ALA F 49 -34.19 50.87 34.21
CA ALA F 49 -33.34 51.40 35.28
C ALA F 49 -34.06 51.51 36.66
N LYS F 50 -35.39 51.59 36.62
CA LYS F 50 -36.23 51.72 37.80
C LYS F 50 -36.67 50.39 38.38
N ASN F 51 -36.20 49.29 37.79
CA ASN F 51 -36.54 47.96 38.27
C ASN F 51 -35.29 47.22 38.76
N VAL F 52 -34.39 47.97 39.38
CA VAL F 52 -33.12 47.45 39.91
C VAL F 52 -33.34 46.93 41.33
N ILE F 53 -32.89 45.70 41.57
CA ILE F 53 -33.00 45.06 42.91
C ILE F 53 -31.65 44.82 43.58
N ALA F 54 -30.55 44.94 42.86
CA ALA F 54 -29.23 44.71 43.43
C ALA F 54 -28.17 45.24 42.51
N LYS F 55 -26.90 45.14 42.95
CA LYS F 55 -25.74 45.48 42.15
C LYS F 55 -24.57 44.51 42.40
N ALA F 56 -23.99 43.98 41.32
CA ALA F 56 -22.95 42.94 41.44
C ALA F 56 -21.85 43.22 40.48
N LYS F 57 -20.78 42.44 40.60
CA LYS F 57 -19.67 42.49 39.64
C LYS F 57 -20.18 42.30 38.22
N LEU F 58 -19.50 42.89 37.26
CA LEU F 58 -19.83 42.67 35.85
C LEU F 58 -19.55 41.21 35.49
N GLY F 59 -20.54 40.60 34.85
CA GLY F 59 -20.45 39.18 34.52
C GLY F 59 -20.75 38.25 35.68
N THR F 60 -21.56 38.72 36.61
CA THR F 60 -21.89 37.92 37.77
C THR F 60 -22.72 36.72 37.37
N PRO F 61 -22.52 35.59 38.07
CA PRO F 61 -23.61 34.61 38.05
C PRO F 61 -24.90 35.20 38.63
N LEU F 62 -26.01 34.68 38.18
CA LEU F 62 -27.29 34.93 38.80
C LEU F 62 -28.01 33.62 39.12
N ALA F 63 -28.63 33.52 40.28
CA ALA F 63 -29.53 32.41 40.60
C ALA F 63 -30.73 32.98 41.32
N ALA F 64 -31.88 32.35 41.15
CA ALA F 64 -33.06 32.78 41.84
C ALA F 64 -33.93 31.59 42.22
N THR F 65 -34.82 31.80 43.19
CA THR F 65 -35.75 30.78 43.66
C THR F 65 -36.86 31.43 44.47
N SER F 66 -38.04 30.80 44.47
CA SER F 66 -39.20 31.41 45.07
C SER F 66 -40.17 30.45 45.71
N LYS F 67 -41.08 31.00 46.51
CA LYS F 67 -42.26 30.29 47.00
C LYS F 67 -43.38 31.07 46.39
N GLU F 68 -44.02 30.47 45.38
CA GLU F 68 -44.88 31.22 44.47
C GLU F 68 -44.20 32.55 44.14
N LEU F 69 -44.93 33.67 44.16
CA LEU F 69 -44.32 35.00 44.17
C LEU F 69 -44.52 35.68 45.53
N LYS F 70 -44.50 34.87 46.58
CA LYS F 70 -44.68 35.36 47.96
C LYS F 70 -43.31 35.68 48.52
N ASN F 71 -42.35 34.80 48.29
CA ASN F 71 -40.98 34.99 48.72
C ASN F 71 -40.03 34.70 47.53
N ILE F 72 -39.18 35.68 47.17
CA ILE F 72 -38.20 35.52 46.08
C ILE F 72 -36.84 35.83 46.63
N ARG F 73 -35.85 35.04 46.26
CA ARG F 73 -34.47 35.34 46.60
C ARG F 73 -33.64 35.32 45.30
N VAL F 74 -32.87 36.37 45.06
CA VAL F 74 -31.95 36.45 43.92
C VAL F 74 -30.51 36.55 44.45
N TYR F 75 -29.60 35.75 43.87
CA TYR F 75 -28.19 35.61 44.29
C TYR F 75 -27.20 36.06 43.21
N SER F 76 -26.10 36.63 43.66
CA SER F 76 -25.16 37.33 42.76
C SER F 76 -23.88 37.47 43.54
N LEU F 77 -22.84 37.98 42.88
CA LEU F 77 -21.54 38.10 43.52
C LEU F 77 -21.08 39.52 43.64
N THR F 78 -20.46 39.85 44.77
CA THR F 78 -19.92 41.19 44.94
C THR F 78 -18.64 41.27 44.13
N GLU F 79 -18.19 42.50 43.92
CA GLU F 79 -16.87 42.80 43.39
C GLU F 79 -15.76 41.97 44.08
N ASP F 80 -15.95 41.61 45.34
CA ASP F 80 -14.95 40.82 46.04
C ASP F 80 -15.29 39.32 46.05
N ASN F 81 -16.27 38.91 45.24
CA ASN F 81 -16.62 37.51 45.06
C ASN F 81 -17.14 36.89 46.33
N VAL F 82 -18.09 37.59 46.94
CA VAL F 82 -18.72 37.16 48.17
C VAL F 82 -20.16 36.95 47.78
N LEU F 83 -20.77 35.88 48.25
CA LEU F 83 -22.17 35.65 47.90
C LEU F 83 -23.08 36.67 48.57
N GLN F 84 -24.07 37.16 47.84
CA GLN F 84 -25.02 38.16 48.33
C GLN F 84 -26.41 37.85 47.78
N GLU F 85 -27.42 38.49 48.35
CA GLU F 85 -28.80 38.06 48.26
C GLU F 85 -29.72 39.27 48.30
N ALA F 86 -30.56 39.41 47.28
CA ALA F 86 -31.64 40.39 47.26
C ALA F 86 -32.89 39.60 47.59
N ALA F 87 -33.65 40.06 48.59
CA ALA F 87 -34.86 39.39 49.05
C ALA F 87 -36.08 40.22 48.81
N TYR F 88 -37.15 39.53 48.45
CA TYR F 88 -38.49 40.08 48.40
C TYR F 88 -39.37 39.19 49.24
N ASP F 89 -40.09 39.78 50.20
CA ASP F 89 -41.23 39.14 50.85
C ASP F 89 -42.46 39.99 50.51
N SER F 90 -43.53 39.34 50.07
CA SER F 90 -44.81 40.00 49.81
C SER F 90 -45.24 40.90 50.99
N GLY F 91 -45.55 42.16 50.68
CA GLY F 91 -45.87 43.15 51.73
C GLY F 91 -44.70 43.79 52.46
N SER F 92 -43.47 43.40 52.15
CA SER F 92 -42.29 44.01 52.73
C SER F 92 -41.37 44.66 51.66
N GLY F 93 -41.69 44.50 50.36
CA GLY F 93 -40.81 44.94 49.25
C GLY F 93 -39.47 44.20 49.14
N TRP F 94 -38.52 44.82 48.44
CA TRP F 94 -37.15 44.30 48.24
C TRP F 94 -36.18 44.84 49.29
N TYR F 95 -35.20 44.07 49.72
CA TYR F 95 -34.18 44.54 50.69
C TYR F 95 -32.95 43.60 50.72
N ASN F 96 -31.91 43.92 51.49
CA ASN F 96 -30.75 43.03 51.56
C ASN F 96 -30.99 41.84 52.44
N GLY F 97 -30.89 40.67 51.85
CA GLY F 97 -30.81 39.45 52.60
C GLY F 97 -29.52 39.38 53.39
N ALA F 98 -29.47 38.41 54.29
CA ALA F 98 -28.43 38.26 55.30
C ALA F 98 -27.17 37.61 54.78
N LEU F 99 -27.23 37.01 53.59
CA LEU F 99 -26.13 36.19 53.05
C LEU F 99 -24.77 36.89 52.97
N ALA F 100 -24.74 38.13 52.50
CA ALA F 100 -23.48 38.88 52.43
C ALA F 100 -22.73 38.94 53.77
N GLY F 101 -23.48 39.19 54.86
CA GLY F 101 -23.00 39.11 56.25
C GLY F 101 -22.23 37.84 56.57
N ALA F 102 -22.61 36.72 55.97
CA ALA F 102 -21.91 35.44 56.18
C ALA F 102 -20.52 35.46 55.68
N LYS F 103 -20.24 36.38 54.76
CA LYS F 103 -18.89 36.53 54.25
C LYS F 103 -18.36 35.24 53.60
N PHE F 104 -19.22 34.60 52.80
CA PHE F 104 -18.82 33.40 52.03
C PHE F 104 -18.18 33.83 50.71
N THR F 105 -16.87 33.66 50.63
CA THR F 105 -16.08 34.04 49.47
C THR F 105 -15.87 32.84 48.56
N VAL F 106 -16.22 33.03 47.29
CA VAL F 106 -16.04 32.01 46.25
C VAL F 106 -15.02 32.39 45.19
N ALA F 107 -14.74 31.42 44.32
CA ALA F 107 -13.86 31.63 43.14
C ALA F 107 -14.44 32.71 42.26
N PRO F 108 -13.59 33.53 41.63
CA PRO F 108 -14.11 34.58 40.74
C PRO F 108 -15.05 34.07 39.61
N TYR F 109 -14.73 32.87 39.14
CA TYR F 109 -15.50 32.22 38.09
C TYR F 109 -16.68 31.38 38.56
N SER F 110 -16.95 31.38 39.88
CA SER F 110 -18.02 30.55 40.44
C SER F 110 -19.35 30.85 39.81
N ARG F 111 -20.14 29.84 39.55
CA ARG F 111 -21.56 30.08 39.27
C ARG F 111 -22.34 29.92 40.57
N ILE F 112 -23.66 30.01 40.47
CA ILE F 112 -24.50 29.82 41.64
C ILE F 112 -25.76 29.08 41.28
N GLY F 113 -26.14 28.16 42.17
CA GLY F 113 -27.51 27.56 42.14
C GLY F 113 -28.24 27.74 43.46
N SER F 114 -29.55 27.93 43.37
CA SER F 114 -30.36 28.24 44.54
C SER F 114 -31.71 27.48 44.52
N VAL F 115 -32.08 26.87 45.65
CA VAL F 115 -33.47 26.39 45.87
C VAL F 115 -34.01 26.58 47.27
N PHE F 116 -35.29 26.93 47.33
CA PHE F 116 -36.18 26.65 48.47
C PHE F 116 -36.51 25.14 48.52
N LEU F 117 -36.39 24.54 49.70
CA LEU F 117 -36.76 23.15 49.89
C LEU F 117 -38.26 23.05 49.75
N ALA F 118 -38.75 22.08 48.98
CA ALA F 118 -40.19 21.95 48.73
C ALA F 118 -40.89 21.09 49.79
N GLY F 119 -42.22 21.21 49.80
CA GLY F 119 -43.10 20.44 50.72
C GLY F 119 -43.44 21.07 52.07
N THR F 120 -42.65 22.09 52.46
CA THR F 120 -42.73 22.77 53.74
C THR F 120 -43.09 24.25 53.53
N ASN F 121 -43.91 24.82 54.39
CA ASN F 121 -44.21 26.26 54.33
C ASN F 121 -43.10 27.09 55.12
N ALA F 122 -42.16 26.41 55.81
CA ALA F 122 -40.99 27.11 56.39
C ALA F 122 -40.03 27.56 55.26
N LEU F 123 -39.35 28.69 55.48
CA LEU F 123 -38.42 29.24 54.50
C LEU F 123 -37.04 28.67 54.81
N GLN F 124 -36.70 27.61 54.09
CA GLN F 124 -35.38 26.99 54.13
C GLN F 124 -34.80 26.96 52.70
N LEU F 125 -33.49 27.14 52.59
CA LEU F 125 -32.86 27.35 51.29
C LEU F 125 -31.58 26.57 51.23
N ARG F 126 -31.28 26.04 50.03
CA ARG F 126 -29.93 25.59 49.68
C ARG F 126 -29.37 26.34 48.46
N ILE F 127 -28.10 26.71 48.59
CA ILE F 127 -27.41 27.51 47.60
C ILE F 127 -26.16 26.73 47.32
N TYR F 128 -25.75 26.68 46.05
CA TYR F 128 -24.48 26.02 45.66
C TYR F 128 -23.56 26.94 44.83
N ALA F 129 -22.29 26.90 45.15
CA ALA F 129 -21.31 27.74 44.50
C ALA F 129 -19.97 27.03 44.57
N GLN F 130 -18.96 27.61 43.91
CA GLN F 130 -17.71 26.95 43.71
C GLN F 130 -16.64 27.73 44.43
N LYS F 131 -16.05 27.09 45.43
CA LYS F 131 -14.98 27.69 46.20
C LYS F 131 -13.70 27.75 45.40
N THR F 132 -12.69 28.42 45.95
CA THR F 132 -11.49 28.62 45.22
C THR F 132 -10.77 27.31 44.99
N ASP F 133 -11.08 26.26 45.75
CA ASP F 133 -10.49 24.93 45.49
C ASP F 133 -11.28 24.15 44.41
N ASN F 134 -12.18 24.81 43.70
CA ASN F 134 -13.06 24.21 42.69
C ASN F 134 -14.09 23.22 43.18
N THR F 135 -14.19 22.98 44.50
CA THR F 135 -15.23 22.09 45.04
C THR F 135 -16.56 22.81 44.98
N ILE F 136 -17.66 22.10 44.75
CA ILE F 136 -19.00 22.69 44.80
C ILE F 136 -19.47 22.61 46.26
N GLN F 137 -19.71 23.78 46.88
CA GLN F 137 -20.07 23.88 48.29
C GLN F 137 -21.50 24.26 48.42
N GLU F 138 -22.20 23.55 49.30
CA GLU F 138 -23.58 23.92 49.68
C GLU F 138 -23.54 24.89 50.86
N TYR F 139 -24.44 25.87 50.79
CA TYR F 139 -24.63 26.88 51.81
C TYR F 139 -26.10 26.84 52.16
N MET F 140 -26.43 26.89 53.47
CA MET F 140 -27.83 26.70 53.88
C MET F 140 -28.39 27.69 54.90
N TRP F 141 -29.70 27.92 54.76
CA TRP F 141 -30.48 28.70 55.70
C TRP F 141 -31.63 27.82 56.21
N ASN F 142 -31.60 27.53 57.51
CA ASN F 142 -32.69 26.79 58.21
C ASN F 142 -33.34 27.62 59.31
N GLY F 143 -33.27 28.94 59.16
CA GLY F 143 -33.78 29.88 60.16
C GLY F 143 -32.82 30.36 61.24
N ASP F 144 -31.63 29.74 61.38
CA ASP F 144 -30.63 30.09 62.40
C ASP F 144 -29.37 30.82 61.90
N GLY F 145 -29.45 31.40 60.70
CA GLY F 145 -28.28 31.99 60.05
C GLY F 145 -27.71 31.14 58.92
N TRP F 146 -26.88 31.78 58.08
CA TRP F 146 -26.26 31.14 56.93
C TRP F 146 -25.09 30.30 57.36
N LYS F 147 -25.16 29.00 57.08
CA LYS F 147 -24.12 28.02 57.45
C LYS F 147 -23.70 27.16 56.22
N GLU F 148 -22.45 26.72 56.23
CA GLU F 148 -21.95 25.79 55.24
C GLU F 148 -22.67 24.49 55.44
N GLY F 149 -23.22 23.94 54.36
CA GLY F 149 -23.79 22.59 54.32
C GLY F 149 -22.80 21.54 53.82
N THR F 150 -23.30 20.57 53.06
CA THR F 150 -22.44 19.51 52.54
C THR F 150 -21.61 20.02 51.36
N ASN F 151 -20.35 19.63 51.31
CA ASN F 151 -19.51 19.89 50.14
C ASN F 151 -19.65 18.69 49.18
N LEU F 152 -19.94 18.97 47.91
CA LEU F 152 -20.09 17.92 46.89
C LEU F 152 -18.83 17.61 46.01
N GLY F 153 -17.61 17.92 46.45
CA GLY F 153 -16.39 17.64 45.67
C GLY F 153 -16.03 18.53 44.45
N VAL F 154 -14.95 18.15 43.78
CA VAL F 154 -14.38 18.92 42.70
C VAL F 154 -15.16 18.91 41.40
N ALA F 155 -15.28 20.08 40.78
CA ALA F 155 -15.91 20.25 39.46
C ALA F 155 -14.97 21.09 38.58
N LEU F 156 -15.27 21.17 37.28
CA LEU F 156 -14.45 21.99 36.39
C LEU F 156 -14.48 23.44 36.90
N PRO F 157 -13.31 24.11 36.95
CA PRO F 157 -13.34 25.53 37.33
C PRO F 157 -14.21 26.36 36.36
N GLY F 158 -15.28 26.96 36.89
CA GLY F 158 -16.20 27.81 36.15
C GLY F 158 -17.45 27.06 35.69
N THR F 159 -17.54 25.80 36.13
CA THR F 159 -18.68 24.98 35.74
C THR F 159 -20.00 25.68 35.95
N GLY F 160 -20.94 25.48 35.04
CA GLY F 160 -22.37 25.77 35.27
C GLY F 160 -22.88 24.95 36.46
N ILE F 161 -23.98 25.39 37.05
CA ILE F 161 -24.54 24.72 38.25
C ILE F 161 -26.03 24.74 38.15
N GLY F 162 -26.59 23.57 37.91
CA GLY F 162 -28.04 23.47 37.81
C GLY F 162 -28.48 22.81 39.10
N VAL F 163 -29.71 23.08 39.51
CA VAL F 163 -30.23 22.44 40.70
C VAL F 163 -31.74 22.49 40.69
N THR F 164 -32.37 21.41 41.15
CA THR F 164 -33.83 21.41 41.30
C THR F 164 -34.22 20.67 42.58
N CYS F 165 -35.45 20.91 43.03
CA CYS F 165 -35.90 20.36 44.33
C CYS F 165 -37.37 20.06 44.33
N TRP F 166 -37.76 18.90 44.86
CA TRP F 166 -39.20 18.50 44.94
C TRP F 166 -39.41 17.61 46.16
N ARG F 167 -40.67 17.37 46.52
CA ARG F 167 -41.07 16.42 47.58
C ARG F 167 -41.82 15.30 46.88
N TYR F 168 -41.35 14.07 47.01
CA TYR F 168 -42.15 12.91 46.56
C TYR F 168 -43.44 12.81 47.44
N THR F 169 -44.61 12.52 46.85
CA THR F 169 -45.87 12.42 47.63
C THR F 169 -45.82 11.31 48.70
N ASP F 170 -44.94 10.34 48.50
CA ASP F 170 -44.68 9.26 49.47
C ASP F 170 -43.41 9.45 50.27
N TYR F 171 -42.91 10.67 50.38
CA TYR F 171 -41.65 10.84 51.12
C TYR F 171 -41.79 11.85 52.25
N ASP F 172 -40.76 11.75 53.11
CA ASP F 172 -40.63 12.32 54.43
C ASP F 172 -40.07 13.76 54.45
N GLY F 173 -39.91 14.39 53.28
CA GLY F 173 -38.99 15.51 53.12
C GLY F 173 -38.64 15.85 51.66
N PRO F 174 -37.57 16.66 51.46
CA PRO F 174 -37.22 17.15 50.14
C PRO F 174 -36.16 16.31 49.40
N SER F 175 -36.33 16.20 48.09
CA SER F 175 -35.26 15.69 47.22
C SER F 175 -34.60 16.85 46.47
N ILE F 176 -33.28 16.75 46.35
CA ILE F 176 -32.49 17.71 45.61
C ILE F 176 -31.61 17.06 44.54
N ARG F 177 -31.57 17.68 43.37
CA ARG F 177 -30.65 17.27 42.30
C ARG F 177 -29.79 18.46 41.86
N VAL F 178 -28.49 18.25 41.92
CA VAL F 178 -27.49 19.23 41.53
C VAL F 178 -26.68 18.67 40.32
N TRP F 179 -26.65 19.43 39.22
CA TRP F 179 -25.82 19.09 38.06
C TRP F 179 -24.66 20.05 37.78
N PHE F 180 -23.50 19.52 37.46
CA PHE F 180 -22.37 20.34 37.10
C PHE F 180 -21.42 19.62 36.16
N GLN F 181 -20.30 20.25 35.80
CA GLN F 181 -19.35 19.70 34.87
C GLN F 181 -18.07 19.36 35.58
N THR F 182 -17.53 18.19 35.28
CA THR F 182 -16.27 17.74 35.87
C THR F 182 -15.06 18.02 34.98
N ASP F 183 -13.86 17.81 35.49
CA ASP F 183 -12.62 18.10 34.75
C ASP F 183 -12.63 17.51 33.34
N ASN F 184 -13.17 16.30 33.20
CA ASN F 184 -13.19 15.60 31.92
C ASN F 184 -14.23 16.14 30.97
N LEU F 185 -15.00 17.13 31.40
CA LEU F 185 -15.97 17.88 30.57
C LEU F 185 -17.29 17.18 30.43
N LYS F 186 -17.47 16.09 31.18
CA LYS F 186 -18.78 15.45 31.30
C LYS F 186 -19.68 16.26 32.20
N LEU F 187 -20.97 16.17 31.95
CA LEU F 187 -21.99 16.74 32.80
C LEU F 187 -22.56 15.63 33.69
N VAL F 188 -22.46 15.83 35.00
CA VAL F 188 -22.85 14.87 36.03
C VAL F 188 -23.99 15.35 36.94
N GLN F 189 -24.50 14.43 37.75
CA GLN F 189 -25.60 14.66 38.69
C GLN F 189 -25.15 14.17 40.06
N ARG F 190 -25.34 15.00 41.09
CA ARG F 190 -25.41 14.57 42.51
C ARG F 190 -26.84 14.55 43.01
N ALA F 191 -27.14 13.61 43.89
CA ALA F 191 -28.53 13.44 44.32
C ALA F 191 -28.63 13.41 45.83
N TYR F 192 -29.67 14.07 46.34
CA TYR F 192 -30.05 13.98 47.75
C TYR F 192 -31.48 13.52 47.88
N ASP F 193 -31.64 12.42 48.63
CA ASP F 193 -32.95 11.96 49.08
C ASP F 193 -32.97 11.94 50.63
N PRO F 194 -34.15 12.20 51.25
CA PRO F 194 -34.20 12.31 52.72
C PRO F 194 -33.50 11.22 53.57
N HIS F 195 -33.73 9.92 53.30
CA HIS F 195 -33.13 8.93 54.22
C HIS F 195 -31.73 8.55 53.81
N THR F 196 -31.46 8.46 52.52
CA THR F 196 -30.07 8.20 52.05
C THR F 196 -29.06 9.32 52.30
N GLY F 197 -29.54 10.56 52.35
CA GLY F 197 -28.68 11.72 52.21
C GLY F 197 -28.12 11.81 50.79
N TRP F 198 -26.83 12.14 50.71
CA TRP F 198 -26.13 12.39 49.45
C TRP F 198 -25.60 11.06 48.99
N TYR F 199 -26.08 10.57 47.85
CA TYR F 199 -25.55 9.30 47.29
C TYR F 199 -24.07 9.50 47.00
N LYS F 200 -23.24 8.48 47.11
CA LYS F 200 -21.78 8.72 46.95
C LYS F 200 -21.26 8.60 45.52
N GLU F 201 -22.16 8.64 44.55
CA GLU F 201 -21.88 8.29 43.16
C GLU F 201 -22.23 9.48 42.29
N LEU F 202 -21.34 9.81 41.34
CA LEU F 202 -21.68 10.74 40.23
C LEU F 202 -22.43 9.96 39.16
N THR F 203 -23.57 10.47 38.72
CA THR F 203 -24.32 9.89 37.59
C THR F 203 -24.12 10.78 36.34
N THR F 204 -23.62 10.20 35.24
CA THR F 204 -23.29 10.96 34.03
C THR F 204 -24.56 11.23 33.29
N ILE F 205 -24.81 12.49 32.93
CA ILE F 205 -25.97 12.83 32.07
C ILE F 205 -25.63 13.24 30.62
N PHE F 206 -24.36 13.50 30.34
CA PHE F 206 -23.92 13.87 28.98
C PHE F 206 -22.42 13.70 28.88
N ASP F 207 -21.96 13.14 27.77
CA ASP F 207 -20.58 12.66 27.68
C ASP F 207 -19.56 13.77 27.51
N LYS F 208 -19.93 14.85 26.83
CA LYS F 208 -18.98 15.89 26.48
C LYS F 208 -19.74 17.16 26.25
N ALA F 209 -19.33 18.21 26.95
CA ALA F 209 -19.96 19.50 26.76
C ALA F 209 -18.90 20.60 26.74
N PRO F 210 -19.27 21.78 26.23
CA PRO F 210 -18.23 22.82 26.19
C PRO F 210 -17.83 23.26 27.60
N PRO F 211 -16.57 23.59 27.79
CA PRO F 211 -16.10 24.04 29.07
C PRO F 211 -16.85 25.31 29.51
N ARG F 212 -17.28 25.29 30.78
CA ARG F 212 -18.10 26.30 31.41
C ARG F 212 -19.39 26.56 30.68
N CYS F 213 -19.99 25.56 30.04
CA CYS F 213 -21.29 25.81 29.42
C CYS F 213 -22.31 26.03 30.51
N ALA F 214 -23.35 26.79 30.17
CA ALA F 214 -24.41 27.08 31.07
C ALA F 214 -25.18 25.80 31.31
N ILE F 215 -25.71 25.66 32.53
CA ILE F 215 -26.51 24.51 32.94
C ILE F 215 -27.69 25.00 33.78
N ALA F 216 -28.88 24.55 33.45
CA ALA F 216 -30.04 24.91 34.27
C ALA F 216 -31.09 23.79 34.32
N ALA F 217 -31.85 23.70 35.41
CA ALA F 217 -32.80 22.59 35.59
C ALA F 217 -34.10 22.97 36.27
N THR F 218 -35.10 22.15 35.97
CA THR F 218 -36.40 22.23 36.59
C THR F 218 -36.89 20.81 36.82
N ASN F 219 -38.03 20.70 37.51
CA ASN F 219 -38.75 19.43 37.66
C ASN F 219 -40.23 19.70 37.63
N PHE F 220 -41.01 18.66 37.40
CA PHE F 220 -42.46 18.78 37.38
C PHE F 220 -43.15 17.45 37.67
N ASN F 221 -44.42 17.59 38.08
CA ASN F 221 -45.31 16.49 38.46
C ASN F 221 -44.63 15.43 39.35
N PRO F 222 -44.24 15.82 40.58
CA PRO F 222 -43.73 14.77 41.48
C PRO F 222 -44.89 13.86 41.93
N GLY F 223 -44.57 12.62 42.30
CA GLY F 223 -45.57 11.64 42.70
C GLY F 223 -44.97 10.58 43.59
N LYS F 224 -45.61 9.41 43.62
CA LYS F 224 -45.17 8.29 44.47
C LYS F 224 -43.93 7.67 43.86
N SER F 225 -42.79 7.97 44.45
CA SER F 225 -41.48 7.57 43.93
C SER F 225 -41.26 7.90 42.42
N SER F 226 -41.97 8.93 41.95
CA SER F 226 -41.99 9.35 40.56
C SER F 226 -41.67 10.88 40.42
N ILE F 227 -40.83 11.19 39.43
CA ILE F 227 -40.45 12.57 39.08
C ILE F 227 -40.14 12.72 37.59
N TYR F 228 -40.36 13.91 37.06
CA TYR F 228 -39.97 14.28 35.70
C TYR F 228 -39.04 15.48 35.80
N MET F 229 -37.82 15.33 35.31
CA MET F 229 -36.87 16.42 35.33
C MET F 229 -36.48 16.81 33.90
N ARG F 230 -36.04 18.06 33.76
CA ARG F 230 -35.50 18.59 32.53
C ARG F 230 -34.23 19.34 32.89
N ILE F 231 -33.12 19.00 32.22
CA ILE F 231 -31.86 19.74 32.34
C ILE F 231 -31.53 20.36 30.95
N TYR F 232 -31.09 21.62 30.97
CA TYR F 232 -30.72 22.36 29.78
C TYR F 232 -29.28 22.78 29.90
N PHE F 233 -28.57 22.76 28.78
CA PHE F 233 -27.25 23.31 28.69
C PHE F 233 -26.93 23.78 27.26
N VAL F 234 -25.87 24.56 27.14
CA VAL F 234 -25.45 25.07 25.87
C VAL F 234 -24.39 24.13 25.31
N ASN F 235 -24.72 23.56 24.14
CA ASN F 235 -23.84 22.61 23.47
C ASN F 235 -22.92 23.26 22.41
N SER F 236 -21.95 22.49 21.94
CA SER F 236 -20.98 23.02 20.99
C SER F 236 -21.54 23.41 19.60
N ASP F 237 -22.78 23.10 19.32
CA ASP F 237 -23.43 23.59 18.11
C ASP F 237 -24.16 24.91 18.34
N ASN F 238 -23.82 25.64 19.40
CA ASN F 238 -24.44 26.94 19.69
C ASN F 238 -25.96 26.89 19.80
N THR F 239 -26.46 25.85 20.44
CA THR F 239 -27.90 25.74 20.75
C THR F 239 -28.10 25.20 22.16
N ILE F 240 -29.20 25.57 22.78
CA ILE F 240 -29.57 24.93 24.04
C ILE F 240 -29.99 23.46 23.76
N TRP F 241 -29.38 22.50 24.47
CA TRP F 241 -29.86 21.08 24.47
C TRP F 241 -30.73 20.68 25.71
N GLN F 242 -31.56 19.63 25.57
CA GLN F 242 -32.41 19.12 26.65
C GLN F 242 -32.17 17.64 26.90
N VAL F 243 -31.75 17.35 28.14
CA VAL F 243 -31.81 16.02 28.74
C VAL F 243 -33.11 15.82 29.55
N CYS F 244 -33.99 14.91 29.08
CA CYS F 244 -35.17 14.47 29.83
C CYS F 244 -34.87 13.36 30.84
N TRP F 245 -35.48 13.46 32.02
CA TRP F 245 -35.67 12.32 32.90
C TRP F 245 -37.15 12.19 32.91
N ASP F 246 -37.63 11.02 32.52
CA ASP F 246 -39.05 10.72 32.63
C ASP F 246 -39.13 9.50 33.53
N HIS F 247 -40.15 9.44 34.39
CA HIS F 247 -40.30 8.30 35.34
C HIS F 247 -40.47 7.01 34.56
N GLY F 248 -39.75 5.98 35.01
CA GLY F 248 -39.71 4.71 34.33
C GLY F 248 -38.52 4.61 33.39
N GLN F 249 -38.33 5.63 32.55
CA GLN F 249 -37.36 5.61 31.46
C GLN F 249 -35.98 6.10 31.94
N GLY F 250 -36.00 7.13 32.79
CA GLY F 250 -34.75 7.71 33.27
C GLY F 250 -34.17 8.66 32.22
N TYR F 251 -32.84 8.78 32.18
CA TYR F 251 -32.19 9.70 31.24
C TYR F 251 -32.18 9.12 29.80
N HIS F 252 -33.29 9.29 29.12
CA HIS F 252 -33.56 8.58 27.90
C HIS F 252 -33.66 9.42 26.64
N ASP F 253 -33.74 10.74 26.75
CA ASP F 253 -33.80 11.61 25.57
C ASP F 253 -32.83 12.78 25.74
N LYS F 254 -32.26 13.20 24.62
CA LYS F 254 -31.22 14.20 24.57
C LYS F 254 -31.35 14.79 23.17
N ARG F 255 -31.88 16.02 23.05
CA ARG F 255 -32.08 16.70 21.77
C ARG F 255 -31.83 18.20 21.87
N THR F 256 -31.53 18.87 20.75
CA THR F 256 -31.47 20.34 20.65
C THR F 256 -32.86 20.91 20.82
N ILE F 257 -32.93 22.15 21.30
CA ILE F 257 -34.18 22.88 21.53
C ILE F 257 -34.25 24.17 20.74
N THR F 258 -33.24 25.02 20.91
CA THR F 258 -33.22 26.31 20.24
C THR F 258 -31.83 26.92 20.15
N PRO F 259 -31.59 27.72 19.08
CA PRO F 259 -30.26 28.32 18.93
C PRO F 259 -30.02 29.48 19.91
N VAL F 260 -28.76 29.66 20.29
CA VAL F 260 -28.36 30.74 21.19
C VAL F 260 -27.08 31.39 20.66
N ILE F 261 -26.75 32.55 21.21
CA ILE F 261 -25.52 33.20 20.85
C ILE F 261 -24.47 32.39 21.54
N GLN F 262 -23.28 32.42 20.98
CA GLN F 262 -22.17 31.80 21.61
C GLN F 262 -22.07 32.20 23.09
N GLY F 263 -21.99 31.20 23.96
CA GLY F 263 -21.76 31.41 25.38
C GLY F 263 -22.94 31.99 26.11
N SER F 264 -24.14 31.89 25.56
CA SER F 264 -25.34 32.35 26.27
C SER F 264 -25.47 31.65 27.59
N GLU F 265 -26.06 32.34 28.54
CA GLU F 265 -26.46 31.75 29.79
C GLU F 265 -27.95 31.41 29.62
N ILE F 266 -28.46 30.65 30.58
CA ILE F 266 -29.80 30.07 30.50
C ILE F 266 -30.52 30.18 31.83
N ALA F 267 -31.85 30.40 31.73
CA ALA F 267 -32.78 30.12 32.84
C ALA F 267 -33.97 29.30 32.36
N ILE F 268 -34.44 28.46 33.29
CA ILE F 268 -35.62 27.58 33.09
C ILE F 268 -36.58 27.67 34.27
N ILE F 269 -37.87 27.74 33.97
CA ILE F 269 -38.94 27.60 34.95
C ILE F 269 -40.03 26.70 34.37
N SER F 270 -40.83 26.16 35.27
CA SER F 270 -41.92 25.28 34.91
C SER F 270 -43.08 25.41 35.88
N TRP F 271 -44.28 25.19 35.37
CA TRP F 271 -45.45 24.94 36.19
C TRP F 271 -46.29 23.79 35.61
N GLU F 272 -47.25 23.28 36.39
CA GLU F 272 -47.90 22.02 36.06
C GLU F 272 -48.82 22.16 34.85
N GLY F 273 -48.78 21.15 34.00
CA GLY F 273 -49.39 21.21 32.66
C GLY F 273 -48.93 20.00 31.85
N PRO F 274 -47.60 19.86 31.63
CA PRO F 274 -46.53 20.82 31.97
C PRO F 274 -46.43 22.02 31.05
N GLU F 275 -45.99 23.13 31.64
CA GLU F 275 -45.57 24.31 30.91
C GLU F 275 -44.10 24.55 31.28
N LEU F 276 -43.31 24.84 30.22
CA LEU F 276 -41.90 25.14 30.33
C LEU F 276 -41.61 26.48 29.68
N ARG F 277 -40.78 27.27 30.36
CA ARG F 277 -40.25 28.47 29.77
C ARG F 277 -38.75 28.54 29.96
N LEU F 278 -38.05 28.71 28.84
CA LEU F 278 -36.60 28.94 28.81
C LEU F 278 -36.28 30.36 28.41
N TYR F 279 -35.24 30.93 29.05
CA TYR F 279 -34.78 32.32 28.76
C TYR F 279 -33.28 32.30 28.47
N PHE F 280 -32.88 33.12 27.49
CA PHE F 280 -31.52 33.06 26.90
C PHE F 280 -31.34 34.25 25.91
N GLN F 281 -30.14 34.36 25.37
CA GLN F 281 -29.85 35.33 24.32
C GLN F 281 -29.64 34.55 22.99
N ASN F 282 -30.41 34.88 21.94
CA ASN F 282 -30.19 34.26 20.62
C ASN F 282 -29.79 35.29 19.56
N GLY F 283 -29.42 36.49 20.00
CA GLY F 283 -28.99 37.56 19.10
C GLY F 283 -30.11 38.50 18.70
N THR F 284 -31.30 38.35 19.28
CA THR F 284 -32.40 39.25 18.96
C THR F 284 -32.00 40.63 19.48
N TYR F 285 -32.05 41.61 18.58
CA TYR F 285 -31.62 42.98 18.86
C TYR F 285 -30.23 43.01 19.42
N VAL F 286 -29.40 42.11 18.87
CA VAL F 286 -28.07 41.78 19.39
C VAL F 286 -28.05 41.16 20.80
N SER F 287 -28.59 41.89 21.79
CA SER F 287 -28.36 41.62 23.20
C SER F 287 -29.62 41.40 24.01
N ALA F 288 -30.80 41.42 23.37
CA ALA F 288 -32.05 41.18 24.07
C ALA F 288 -32.21 39.73 24.48
N ILE F 289 -33.12 39.52 25.42
CA ILE F 289 -33.44 38.19 25.94
C ILE F 289 -34.67 37.65 25.25
N SER F 290 -34.60 36.38 24.94
CA SER F 290 -35.65 35.72 24.20
C SER F 290 -36.17 34.58 25.09
N GLU F 291 -37.42 34.18 24.81
CA GLU F 291 -38.14 33.12 25.53
C GLU F 291 -38.50 31.96 24.60
N TRP F 292 -38.16 30.72 24.98
CA TRP F 292 -38.71 29.53 24.29
C TRP F 292 -39.74 28.85 25.19
N THR F 293 -40.87 28.42 24.60
CA THR F 293 -42.02 27.84 25.34
C THR F 293 -42.34 26.37 24.99
N TRP F 294 -42.90 25.65 25.95
CA TRP F 294 -43.46 24.32 25.69
C TRP F 294 -44.75 24.17 26.42
N GLY F 295 -45.78 23.73 25.70
CA GLY F 295 -47.04 23.27 26.32
C GLY F 295 -47.68 22.11 25.56
N LYS F 296 -48.75 21.55 26.13
CA LYS F 296 -49.53 20.52 25.46
C LYS F 296 -50.29 21.06 24.22
N ALA F 297 -50.79 22.29 24.31
CA ALA F 297 -51.51 22.91 23.19
C ALA F 297 -50.70 23.01 21.88
N HIS F 298 -49.44 23.45 21.94
CA HIS F 298 -48.66 23.73 20.73
C HIS F 298 -47.24 23.14 20.65
N GLY F 299 -46.79 22.43 21.69
CA GLY F 299 -45.41 21.91 21.69
C GLY F 299 -44.34 23.00 21.72
N SER F 300 -43.16 22.66 21.19
CA SER F 300 -42.06 23.63 21.01
C SER F 300 -42.52 24.81 20.21
N GLN F 301 -42.52 25.97 20.82
CA GLN F 301 -42.59 27.21 20.08
C GLN F 301 -41.82 28.32 20.73
N LEU F 302 -41.19 29.16 19.91
CA LEU F 302 -40.58 30.39 20.40
C LEU F 302 -41.66 31.27 20.99
N GLY F 303 -41.31 31.95 22.07
CA GLY F 303 -42.21 32.86 22.74
C GLY F 303 -41.78 34.29 22.50
N ARG F 304 -41.89 35.09 23.55
CA ARG F 304 -41.46 36.48 23.52
C ARG F 304 -40.07 36.63 22.88
N ARG F 305 -40.02 37.32 21.74
CA ARG F 305 -38.78 37.52 21.00
C ARG F 305 -37.77 38.38 21.76
N ALA F 306 -38.26 39.48 22.35
CA ALA F 306 -37.41 40.41 23.08
C ALA F 306 -38.09 40.92 24.36
N LEU F 307 -37.59 40.41 25.49
CA LEU F 307 -38.11 40.78 26.78
C LEU F 307 -37.87 42.27 27.00
N PRO F 308 -38.75 42.93 27.77
CA PRO F 308 -38.42 44.24 28.31
C PRO F 308 -37.04 44.25 28.97
N PRO F 309 -36.28 45.35 28.81
CA PRO F 309 -36.62 46.66 28.23
C PRO F 309 -36.45 46.81 26.72
N ALA F 310 -36.13 45.74 26.01
CA ALA F 310 -35.88 45.82 24.58
C ALA F 310 -37.13 46.24 23.78
N GLU F 311 -38.29 45.67 24.14
CA GLU F 311 -39.61 46.18 23.75
C GLU F 311 -40.46 46.17 25.00
N SER G 2 -5.94 -30.67 13.28
CA SER G 2 -6.17 -31.96 12.62
C SER G 2 -7.64 -32.25 12.68
N THR G 3 -8.08 -33.38 12.14
CA THR G 3 -9.47 -33.83 12.26
C THR G 3 -9.49 -35.27 12.82
N PRO G 4 -10.62 -35.72 13.39
CA PRO G 4 -10.75 -37.11 13.82
C PRO G 4 -10.36 -38.08 12.72
N GLY G 5 -10.95 -37.92 11.53
CA GLY G 5 -10.59 -38.73 10.35
C GLY G 5 -9.12 -38.65 9.91
N ALA G 6 -8.55 -37.45 9.84
CA ALA G 6 -7.16 -37.32 9.44
C ALA G 6 -6.23 -38.10 10.36
N GLN G 7 -6.56 -38.14 11.65
CA GLN G 7 -5.78 -38.88 12.65
C GLN G 7 -5.74 -40.39 12.44
N GLU G 8 -6.76 -40.95 11.82
CA GLU G 8 -6.75 -42.35 11.50
C GLU G 8 -5.66 -42.70 10.47
N VAL G 9 -5.14 -41.72 9.74
CA VAL G 9 -4.22 -41.97 8.64
C VAL G 9 -2.82 -41.97 9.19
N LEU G 10 -2.09 -43.08 8.98
CA LEU G 10 -0.73 -43.26 9.53
C LEU G 10 0.24 -42.28 8.96
N PHE G 11 1.10 -41.76 9.82
CA PHE G 11 2.09 -40.75 9.43
C PHE G 11 3.20 -41.45 8.67
N ARG G 12 3.50 -40.93 7.47
CA ARG G 12 4.40 -41.58 6.54
C ARG G 12 3.85 -42.91 6.04
N THR G 13 2.54 -43.07 6.00
CA THR G 13 1.96 -44.24 5.39
C THR G 13 2.46 -44.46 3.99
N GLY G 14 2.59 -45.70 3.62
CA GLY G 14 2.74 -46.02 2.20
C GLY G 14 1.46 -45.66 1.49
N ILE G 15 1.58 -45.31 0.20
CA ILE G 15 0.43 -44.95 -0.63
C ILE G 15 0.54 -45.61 -2.00
N ALA G 16 -0.60 -46.01 -2.53
CA ALA G 16 -0.68 -46.50 -3.89
C ALA G 16 -1.97 -46.05 -4.50
N ALA G 17 -2.00 -45.96 -5.83
CA ALA G 17 -3.24 -45.65 -6.49
C ALA G 17 -3.40 -46.33 -7.81
N VAL G 18 -4.67 -46.48 -8.17
CA VAL G 18 -5.06 -46.98 -9.46
C VAL G 18 -6.21 -46.15 -10.02
N ASN G 19 -6.43 -46.31 -11.32
CA ASN G 19 -7.49 -45.55 -12.01
C ASN G 19 -7.93 -46.19 -13.34
N SER G 20 -9.12 -45.78 -13.77
CA SER G 20 -9.57 -45.89 -15.19
C SER G 20 -9.95 -44.47 -15.63
N THR G 21 -9.11 -43.87 -16.47
CA THR G 21 -9.15 -42.43 -16.75
C THR G 21 -9.28 -41.67 -15.43
N ASN G 22 -10.42 -41.01 -15.22
CA ASN G 22 -10.59 -40.15 -14.05
C ASN G 22 -11.48 -40.78 -13.00
N HIS G 23 -11.58 -42.11 -13.02
CA HIS G 23 -12.20 -42.88 -11.94
C HIS G 23 -11.04 -43.45 -11.12
N LEU G 24 -10.91 -43.02 -9.86
CA LEU G 24 -9.66 -43.22 -9.11
C LEU G 24 -9.86 -44.01 -7.85
N ARG G 25 -8.80 -44.74 -7.48
CA ARG G 25 -8.72 -45.45 -6.19
C ARG G 25 -7.36 -45.19 -5.57
N VAL G 26 -7.38 -44.80 -4.29
CA VAL G 26 -6.16 -44.54 -3.51
C VAL G 26 -6.13 -45.45 -2.28
N TYR G 27 -4.96 -46.05 -2.03
CA TYR G 27 -4.77 -47.02 -0.93
C TYR G 27 -3.75 -46.46 0.03
N PHE G 28 -4.05 -46.59 1.33
CA PHE G 28 -3.14 -46.16 2.38
C PHE G 28 -3.40 -46.96 3.66
N GLN G 29 -2.48 -46.84 4.59
CA GLN G 29 -2.48 -47.57 5.83
C GLN G 29 -2.95 -46.69 6.96
N ASP G 30 -3.95 -47.16 7.70
CA ASP G 30 -4.35 -46.49 8.94
C ASP G 30 -3.34 -46.74 10.10
N SER G 31 -3.61 -46.11 11.24
CA SER G 31 -2.66 -46.09 12.36
C SER G 31 -2.65 -47.41 13.11
N HIS G 32 -3.70 -48.23 12.92
CA HIS G 32 -3.81 -49.59 13.50
C HIS G 32 -3.45 -50.69 12.48
N GLY G 33 -2.73 -50.34 11.42
CA GLY G 33 -2.19 -51.31 10.46
C GLY G 33 -3.02 -51.78 9.26
N SER G 34 -4.33 -51.52 9.25
CA SER G 34 -5.18 -51.88 8.12
C SER G 34 -4.95 -51.00 6.86
N ILE G 35 -5.22 -51.61 5.71
CA ILE G 35 -5.06 -50.96 4.42
C ILE G 35 -6.43 -50.52 3.93
N ARG G 36 -6.61 -49.22 3.69
CA ARG G 36 -7.94 -48.69 3.30
C ARG G 36 -8.00 -48.12 1.88
N GLU G 37 -9.22 -48.10 1.34
CA GLU G 37 -9.45 -47.60 0.00
C GLU G 37 -10.25 -46.32 0.03
N SER G 38 -9.69 -45.19 -0.42
CA SER G 38 -10.53 -44.01 -0.79
C SER G 38 -10.82 -44.07 -2.28
N LEU G 39 -11.94 -43.48 -2.70
CA LEU G 39 -12.31 -43.45 -4.12
C LEU G 39 -12.72 -42.09 -4.66
N TYR G 40 -12.47 -41.87 -5.95
CA TYR G 40 -13.04 -40.73 -6.68
C TYR G 40 -13.92 -41.21 -7.85
N GLU G 41 -15.23 -41.03 -7.72
CA GLU G 41 -16.20 -41.28 -8.79
C GLU G 41 -17.01 -40.00 -8.91
N SER G 42 -16.54 -39.04 -9.71
CA SER G 42 -17.11 -37.69 -9.74
C SER G 42 -17.33 -37.07 -8.35
N GLY G 43 -16.43 -37.37 -7.42
CA GLY G 43 -16.56 -37.00 -6.00
C GLY G 43 -15.79 -37.97 -5.15
N TRP G 44 -14.92 -37.44 -4.30
CA TRP G 44 -14.16 -38.22 -3.32
C TRP G 44 -15.03 -38.86 -2.24
N ALA G 45 -14.66 -40.07 -1.81
CA ALA G 45 -15.43 -40.81 -0.81
C ALA G 45 -14.60 -41.87 -0.09
N ASN G 46 -15.22 -42.46 0.93
CA ASN G 46 -14.68 -43.63 1.66
C ASN G 46 -13.37 -43.40 2.50
N GLY G 47 -12.43 -44.35 2.48
CA GLY G 47 -11.27 -44.28 3.32
C GLY G 47 -11.53 -44.55 4.80
N THR G 48 -12.71 -45.08 5.14
CA THR G 48 -13.08 -45.32 6.54
C THR G 48 -12.70 -46.73 6.96
N ALA G 49 -12.85 -47.02 8.24
CA ALA G 49 -12.62 -48.38 8.74
C ALA G 49 -13.59 -49.42 8.19
N LYS G 50 -14.68 -48.97 7.54
CA LYS G 50 -15.56 -49.84 6.76
C LYS G 50 -15.06 -50.17 5.32
N ASN G 51 -13.92 -49.60 4.91
CA ASN G 51 -13.37 -49.79 3.54
C ASN G 51 -11.96 -50.36 3.61
N VAL G 52 -11.78 -51.29 4.54
CA VAL G 52 -10.54 -52.00 4.72
C VAL G 52 -10.59 -53.14 3.71
N ILE G 53 -9.44 -53.38 3.07
CA ILE G 53 -9.25 -54.47 2.12
C ILE G 53 -8.09 -55.41 2.48
N ALA G 54 -7.27 -55.05 3.45
CA ALA G 54 -6.18 -55.90 3.88
C ALA G 54 -5.67 -55.48 5.26
N LYS G 55 -4.84 -56.32 5.86
CA LYS G 55 -4.05 -55.92 7.04
C LYS G 55 -2.56 -56.29 6.83
N ALA G 56 -1.68 -55.41 7.28
CA ALA G 56 -0.28 -55.55 7.07
C ALA G 56 0.51 -54.97 8.25
N LYS G 57 1.79 -55.31 8.32
CA LYS G 57 2.67 -54.67 9.29
C LYS G 57 2.59 -53.12 9.21
N LEU G 58 2.87 -52.45 10.32
CA LEU G 58 2.93 -50.99 10.37
C LEU G 58 4.20 -50.59 9.68
N GLY G 59 4.13 -49.56 8.86
CA GLY G 59 5.29 -49.10 8.10
C GLY G 59 5.39 -49.82 6.80
N THR G 60 4.36 -50.57 6.43
CA THR G 60 4.45 -51.44 5.25
C THR G 60 4.65 -50.63 4.00
N PRO G 61 5.48 -51.13 3.07
CA PRO G 61 5.34 -50.63 1.72
C PRO G 61 3.97 -51.00 1.16
N LEU G 62 3.53 -50.26 0.16
CA LEU G 62 2.21 -50.46 -0.42
C LEU G 62 2.37 -50.23 -1.90
N ALA G 63 1.77 -51.08 -2.73
CA ALA G 63 1.82 -50.91 -4.21
C ALA G 63 0.57 -51.42 -4.77
N ALA G 64 0.22 -50.91 -5.93
CA ALA G 64 -1.03 -51.28 -6.54
C ALA G 64 -0.97 -51.16 -8.04
N THR G 65 -1.88 -51.89 -8.70
CA THR G 65 -1.93 -51.94 -10.15
C THR G 65 -3.30 -52.42 -10.57
N SER G 66 -3.76 -52.02 -11.77
CA SER G 66 -5.09 -52.41 -12.28
C SER G 66 -5.15 -52.45 -13.81
N LYS G 67 -6.12 -53.19 -14.32
CA LYS G 67 -6.51 -53.14 -15.72
C LYS G 67 -7.80 -52.36 -15.65
N GLU G 68 -7.77 -51.11 -16.08
CA GLU G 68 -8.87 -50.17 -15.82
C GLU G 68 -9.31 -50.31 -14.33
N LEU G 69 -10.60 -50.42 -14.03
CA LEU G 69 -11.04 -50.81 -12.67
C LEU G 69 -11.70 -52.20 -12.66
N LYS G 70 -11.39 -53.02 -13.66
CA LYS G 70 -11.95 -54.37 -13.77
C LYS G 70 -11.25 -55.29 -12.80
N ASN G 71 -9.93 -55.21 -12.77
CA ASN G 71 -9.09 -56.09 -12.00
C ASN G 71 -8.15 -55.17 -11.28
N ILE G 72 -8.03 -55.33 -9.96
CA ILE G 72 -7.10 -54.52 -9.15
C ILE G 72 -6.31 -55.42 -8.19
N ARG G 73 -5.03 -55.12 -8.04
CA ARG G 73 -4.15 -55.83 -7.15
C ARG G 73 -3.34 -54.87 -6.25
N VAL G 74 -3.40 -55.06 -4.92
CA VAL G 74 -2.66 -54.27 -3.94
C VAL G 74 -1.71 -55.16 -3.12
N TYR G 75 -0.44 -54.78 -3.06
CA TYR G 75 0.65 -55.57 -2.44
C TYR G 75 1.15 -54.91 -1.16
N SER G 76 1.42 -55.70 -0.13
CA SER G 76 2.01 -55.23 1.13
C SER G 76 2.79 -56.35 1.80
N LEU G 77 3.41 -56.04 2.94
CA LEU G 77 4.07 -57.02 3.78
C LEU G 77 3.25 -57.49 4.99
N THR G 78 3.31 -58.81 5.28
CA THR G 78 2.83 -59.39 6.55
C THR G 78 3.80 -59.06 7.70
N GLU G 79 3.40 -59.37 8.92
CA GLU G 79 4.29 -59.29 10.10
C GLU G 79 5.63 -60.00 9.91
N ASP G 80 5.67 -61.09 9.13
CA ASP G 80 6.91 -61.86 8.89
C ASP G 80 7.65 -61.55 7.57
N ASN G 81 7.34 -60.41 7.00
CA ASN G 81 7.97 -59.91 5.77
C ASN G 81 7.77 -60.83 4.55
N VAL G 82 6.55 -61.34 4.48
CA VAL G 82 6.09 -62.12 3.35
C VAL G 82 5.21 -61.22 2.46
N LEU G 83 5.51 -61.23 1.15
CA LEU G 83 4.68 -60.54 0.16
C LEU G 83 3.30 -61.13 0.11
N GLN G 84 2.31 -60.26 0.25
CA GLN G 84 0.90 -60.65 0.13
C GLN G 84 0.14 -59.71 -0.81
N GLU G 85 -1.05 -60.13 -1.20
CA GLU G 85 -1.79 -59.54 -2.27
C GLU G 85 -3.25 -59.50 -1.92
N ALA G 86 -3.85 -58.32 -2.00
CA ALA G 86 -5.28 -58.20 -1.97
C ALA G 86 -5.75 -58.01 -3.38
N ALA G 87 -6.83 -58.68 -3.75
CA ALA G 87 -7.27 -58.74 -5.15
C ALA G 87 -8.72 -58.38 -5.33
N TYR G 88 -8.99 -57.59 -6.37
CA TYR G 88 -10.36 -57.27 -6.76
C TYR G 88 -10.56 -57.59 -8.22
N ASP G 89 -11.59 -58.38 -8.53
CA ASP G 89 -12.08 -58.54 -9.92
C ASP G 89 -13.55 -58.16 -9.89
N SER G 90 -13.95 -57.38 -10.89
CA SER G 90 -15.35 -56.98 -11.09
C SER G 90 -16.30 -58.18 -10.90
N GLY G 91 -17.39 -58.00 -10.17
CA GLY G 91 -18.37 -59.07 -10.01
C GLY G 91 -18.02 -60.15 -8.99
N SER G 92 -16.73 -60.33 -8.71
CA SER G 92 -16.28 -61.18 -7.62
C SER G 92 -16.12 -60.40 -6.29
N GLY G 93 -15.83 -59.10 -6.34
CA GLY G 93 -15.45 -58.34 -5.14
C GLY G 93 -14.02 -58.59 -4.69
N TRP G 94 -13.73 -58.33 -3.40
CA TRP G 94 -12.35 -58.35 -2.84
C TRP G 94 -12.01 -59.71 -2.19
N TYR G 95 -10.78 -60.18 -2.36
CA TYR G 95 -10.38 -61.50 -1.85
C TYR G 95 -8.84 -61.63 -1.75
N ASN G 96 -8.37 -62.69 -1.10
CA ASN G 96 -6.92 -62.87 -0.92
C ASN G 96 -6.33 -63.64 -2.11
N GLY G 97 -5.39 -63.02 -2.82
CA GLY G 97 -4.77 -63.64 -3.97
C GLY G 97 -3.70 -64.61 -3.52
N ALA G 98 -3.10 -65.34 -4.46
CA ALA G 98 -2.27 -66.48 -4.12
C ALA G 98 -0.87 -66.18 -3.62
N LEU G 99 -0.45 -64.92 -3.66
CA LEU G 99 0.96 -64.57 -3.51
C LEU G 99 1.61 -64.92 -2.15
N ALA G 100 0.81 -64.84 -1.09
CA ALA G 100 1.34 -65.16 0.24
C ALA G 100 1.65 -66.66 0.29
N GLY G 101 0.76 -67.43 -0.33
CA GLY G 101 0.94 -68.88 -0.53
C GLY G 101 2.27 -69.28 -1.14
N ALA G 102 2.87 -68.43 -1.95
CA ALA G 102 4.23 -68.72 -2.46
C ALA G 102 5.35 -68.45 -1.45
N LYS G 103 5.02 -67.86 -0.30
CA LYS G 103 5.93 -67.58 0.82
C LYS G 103 7.21 -66.89 0.38
N PHE G 104 7.09 -65.73 -0.26
CA PHE G 104 8.28 -65.01 -0.69
C PHE G 104 8.70 -64.07 0.42
N THR G 105 9.83 -64.35 1.03
CA THR G 105 10.25 -63.62 2.18
C THR G 105 11.21 -62.55 1.72
N VAL G 106 10.93 -61.30 2.10
CA VAL G 106 11.80 -60.15 1.76
C VAL G 106 12.45 -59.44 2.96
N ALA G 107 13.37 -58.52 2.68
CA ALA G 107 13.95 -57.69 3.71
C ALA G 107 12.84 -56.91 4.43
N PRO G 108 12.98 -56.68 5.75
CA PRO G 108 11.94 -55.92 6.49
C PRO G 108 11.73 -54.50 5.96
N TYR G 109 12.80 -53.94 5.47
CA TYR G 109 12.81 -52.62 4.87
C TYR G 109 12.46 -52.58 3.38
N SER G 110 12.04 -53.71 2.81
CA SER G 110 11.81 -53.78 1.38
C SER G 110 10.63 -52.90 1.04
N ARG G 111 10.72 -52.32 -0.15
CA ARG G 111 9.59 -51.69 -0.82
C ARG G 111 8.97 -52.66 -1.84
N ILE G 112 7.87 -52.25 -2.46
CA ILE G 112 7.17 -53.09 -3.45
C ILE G 112 6.77 -52.25 -4.67
N GLY G 113 7.12 -52.71 -5.89
CA GLY G 113 6.55 -52.16 -7.14
C GLY G 113 5.67 -53.21 -7.81
N SER G 114 4.69 -52.78 -8.59
CA SER G 114 3.74 -53.71 -9.18
C SER G 114 3.11 -53.21 -10.47
N VAL G 115 3.23 -53.97 -11.55
CA VAL G 115 2.53 -53.68 -12.82
C VAL G 115 1.83 -54.89 -13.41
N PHE G 116 0.65 -54.67 -13.98
CA PHE G 116 0.11 -55.54 -15.01
C PHE G 116 0.84 -55.24 -16.31
N LEU G 117 1.03 -56.25 -17.15
CA LEU G 117 1.68 -56.06 -18.43
C LEU G 117 0.68 -55.53 -19.42
N ALA G 118 1.13 -54.49 -20.11
CA ALA G 118 0.31 -53.78 -21.06
C ALA G 118 0.28 -54.54 -22.39
N GLY G 119 -0.82 -54.40 -23.11
CA GLY G 119 -1.01 -54.93 -24.45
C GLY G 119 -1.45 -56.38 -24.53
N THR G 120 -2.03 -56.90 -23.46
CA THR G 120 -2.60 -58.26 -23.44
C THR G 120 -3.79 -58.24 -22.49
N ASN G 121 -4.91 -58.80 -22.93
CA ASN G 121 -6.07 -58.90 -22.04
C ASN G 121 -5.81 -59.90 -20.90
N ALA G 122 -4.91 -60.85 -21.12
CA ALA G 122 -4.48 -61.78 -20.08
C ALA G 122 -3.93 -61.02 -18.86
N LEU G 123 -4.21 -61.56 -17.66
CA LEU G 123 -3.76 -60.97 -16.40
C LEU G 123 -2.40 -61.50 -16.13
N GLN G 124 -1.38 -60.73 -16.44
CA GLN G 124 0.01 -61.11 -16.13
C GLN G 124 0.59 -60.00 -15.24
N LEU G 125 1.42 -60.37 -14.25
CA LEU G 125 1.90 -59.42 -13.28
C LEU G 125 3.36 -59.53 -13.10
N ARG G 126 3.99 -58.40 -12.81
CA ARG G 126 5.38 -58.33 -12.37
C ARG G 126 5.46 -57.45 -11.10
N ILE G 127 6.11 -57.99 -10.08
CA ILE G 127 6.16 -57.43 -8.75
C ILE G 127 7.61 -57.36 -8.46
N TYR G 128 8.06 -56.25 -7.92
CA TYR G 128 9.46 -56.06 -7.60
C TYR G 128 9.61 -55.72 -6.10
N ALA G 129 10.54 -56.39 -5.42
CA ALA G 129 10.84 -56.19 -4.01
C ALA G 129 12.33 -56.42 -3.73
N GLN G 130 12.78 -56.12 -2.51
CA GLN G 130 14.17 -56.26 -2.14
C GLN G 130 14.41 -57.41 -1.19
N LYS G 131 15.28 -58.34 -1.56
CA LYS G 131 15.54 -59.50 -0.71
C LYS G 131 16.58 -59.10 0.35
N THR G 132 16.84 -60.00 1.29
CA THR G 132 17.73 -59.75 2.43
C THR G 132 19.21 -59.62 2.02
N ASP G 133 19.55 -60.05 0.80
CA ASP G 133 20.86 -59.69 0.20
C ASP G 133 20.84 -58.33 -0.50
N ASN G 134 19.76 -57.58 -0.32
CA ASN G 134 19.58 -56.22 -0.90
C ASN G 134 19.41 -56.14 -2.41
N THR G 135 19.21 -57.29 -3.06
CA THR G 135 18.98 -57.32 -4.47
C THR G 135 17.48 -57.14 -4.74
N ILE G 136 17.19 -56.59 -5.92
CA ILE G 136 15.80 -56.39 -6.34
C ILE G 136 15.40 -57.61 -7.14
N GLN G 137 14.40 -58.33 -6.63
CA GLN G 137 13.89 -59.54 -7.27
C GLN G 137 12.57 -59.30 -7.95
N GLU G 138 12.44 -59.79 -9.19
CA GLU G 138 11.15 -59.81 -9.89
C GLU G 138 10.41 -61.09 -9.54
N TYR G 139 9.11 -60.97 -9.33
CA TYR G 139 8.24 -62.09 -9.06
C TYR G 139 7.16 -61.94 -10.07
N MET G 140 6.72 -63.06 -10.65
CA MET G 140 5.77 -63.01 -11.78
C MET G 140 4.57 -63.94 -11.66
N TRP G 141 3.45 -63.49 -12.19
CA TRP G 141 2.32 -64.35 -12.45
C TRP G 141 2.05 -64.37 -13.96
N ASN G 142 2.13 -65.55 -14.58
CA ASN G 142 1.74 -65.75 -15.97
C ASN G 142 0.63 -66.79 -16.10
N GLY G 143 -0.18 -66.97 -15.06
CA GLY G 143 -1.32 -67.91 -15.10
C GLY G 143 -1.06 -69.30 -14.53
N ASP G 144 0.20 -69.60 -14.18
CA ASP G 144 0.65 -70.93 -13.77
C ASP G 144 1.09 -71.00 -12.30
N GLY G 145 0.65 -70.04 -11.48
CA GLY G 145 1.16 -69.86 -10.11
C GLY G 145 2.39 -68.96 -10.04
N TRP G 146 2.66 -68.43 -8.83
CA TRP G 146 3.61 -67.35 -8.66
C TRP G 146 5.03 -67.88 -8.72
N LYS G 147 5.98 -67.16 -9.35
CA LYS G 147 7.35 -67.65 -9.52
C LYS G 147 8.34 -66.54 -9.62
N GLU G 148 9.59 -66.83 -9.28
CA GLU G 148 10.62 -65.81 -9.37
C GLU G 148 10.96 -65.58 -10.84
N GLY G 149 11.08 -64.29 -11.22
CA GLY G 149 11.57 -63.88 -12.54
C GLY G 149 13.01 -63.41 -12.48
N THR G 150 13.33 -62.32 -13.20
CA THR G 150 14.71 -61.83 -13.29
C THR G 150 15.10 -61.16 -11.99
N ASN G 151 16.38 -61.17 -11.66
CA ASN G 151 16.90 -60.46 -10.53
C ASN G 151 17.64 -59.26 -11.08
N LEU G 152 17.28 -58.04 -10.63
CA LEU G 152 17.90 -56.79 -11.13
C LEU G 152 19.11 -56.26 -10.35
N GLY G 153 19.69 -57.04 -9.44
CA GLY G 153 20.98 -56.68 -8.78
C GLY G 153 20.95 -55.86 -7.47
N VAL G 154 22.14 -55.53 -6.94
CA VAL G 154 22.23 -54.86 -5.62
C VAL G 154 21.69 -53.45 -5.68
N ALA G 155 20.86 -53.13 -4.71
CA ALA G 155 20.36 -51.78 -4.45
C ALA G 155 20.53 -51.42 -2.99
N LEU G 156 20.62 -50.10 -2.75
CA LEU G 156 20.59 -49.54 -1.40
C LEU G 156 19.51 -50.20 -0.55
N PRO G 157 19.86 -50.56 0.68
CA PRO G 157 18.87 -51.17 1.54
C PRO G 157 17.73 -50.21 1.90
N GLY G 158 16.52 -50.59 1.50
CA GLY G 158 15.31 -49.86 1.78
C GLY G 158 14.94 -48.83 0.71
N THR G 159 15.71 -48.83 -0.38
CA THR G 159 15.44 -48.00 -1.56
C THR G 159 14.01 -48.05 -1.98
N GLY G 160 13.51 -46.91 -2.43
CA GLY G 160 12.24 -46.86 -3.15
C GLY G 160 12.27 -47.69 -4.41
N ILE G 161 11.09 -48.13 -4.84
CA ILE G 161 10.98 -48.87 -6.06
C ILE G 161 9.86 -48.26 -6.88
N GLY G 162 10.23 -47.63 -8.00
CA GLY G 162 9.26 -47.14 -8.98
C GLY G 162 9.30 -48.06 -10.17
N VAL G 163 8.14 -48.30 -10.76
CA VAL G 163 8.05 -49.16 -11.92
C VAL G 163 6.90 -48.67 -12.81
N THR G 164 7.10 -48.78 -14.12
CA THR G 164 6.02 -48.51 -15.09
C THR G 164 6.13 -49.45 -16.28
N CYS G 165 5.00 -49.66 -16.92
CA CYS G 165 4.88 -50.61 -18.01
C CYS G 165 3.94 -50.10 -19.13
N TRP G 166 4.42 -50.20 -20.37
CA TRP G 166 3.65 -49.92 -21.57
C TRP G 166 4.08 -50.87 -22.69
N ARG G 167 3.31 -50.81 -23.77
CA ARG G 167 3.62 -51.50 -25.02
C ARG G 167 3.72 -50.45 -26.12
N TYR G 168 4.92 -50.28 -26.69
CA TYR G 168 5.09 -49.46 -27.88
C TYR G 168 4.12 -49.98 -28.99
N THR G 169 3.52 -49.10 -29.79
CA THR G 169 2.53 -49.55 -30.82
C THR G 169 3.17 -50.41 -31.96
N ASP G 170 4.49 -50.33 -32.12
CA ASP G 170 5.26 -51.04 -33.15
C ASP G 170 6.07 -52.23 -32.61
N TYR G 171 5.74 -52.70 -31.41
CA TYR G 171 6.52 -53.79 -30.78
C TYR G 171 5.65 -55.02 -30.49
N ASP G 172 6.34 -56.11 -30.15
CA ASP G 172 5.82 -57.50 -30.02
C ASP G 172 5.32 -57.88 -28.60
N GLY G 173 5.24 -56.93 -27.70
CA GLY G 173 4.94 -57.21 -26.30
C GLY G 173 5.25 -56.02 -25.42
N PRO G 174 5.38 -56.23 -24.11
CA PRO G 174 5.48 -55.11 -23.19
C PRO G 174 6.91 -54.65 -22.92
N SER G 175 7.06 -53.36 -22.61
CA SER G 175 8.29 -52.78 -22.06
C SER G 175 8.09 -52.43 -20.58
N ILE G 176 9.17 -52.58 -19.81
CA ILE G 176 9.16 -52.27 -18.39
C ILE G 176 10.33 -51.39 -18.02
N ARG G 177 10.07 -50.38 -17.19
CA ARG G 177 11.16 -49.58 -16.62
C ARG G 177 11.00 -49.61 -15.09
N VAL G 178 12.14 -49.79 -14.43
CA VAL G 178 12.22 -49.96 -13.00
C VAL G 178 13.32 -49.01 -12.54
N TRP G 179 13.04 -48.27 -11.47
CA TRP G 179 13.92 -47.23 -10.94
C TRP G 179 14.07 -47.46 -9.42
N PHE G 180 15.30 -47.38 -8.95
CA PHE G 180 15.61 -47.55 -7.53
C PHE G 180 16.95 -46.85 -7.24
N GLN G 181 17.42 -46.96 -5.98
CA GLN G 181 18.59 -46.23 -5.49
C GLN G 181 19.74 -47.19 -5.20
N THR G 182 20.93 -46.90 -5.71
CA THR G 182 22.14 -47.70 -5.52
C THR G 182 22.93 -47.22 -4.31
N ASP G 183 23.92 -48.00 -3.89
CA ASP G 183 24.68 -47.71 -2.67
C ASP G 183 25.35 -46.34 -2.63
N ASN G 184 25.82 -45.87 -3.78
CA ASN G 184 26.37 -44.52 -3.92
C ASN G 184 25.32 -43.37 -3.79
N LEU G 185 24.04 -43.73 -3.55
CA LEU G 185 22.91 -42.81 -3.33
C LEU G 185 22.33 -42.17 -4.60
N LYS G 186 22.78 -42.60 -5.79
CA LYS G 186 22.19 -42.16 -7.05
C LYS G 186 20.90 -42.91 -7.32
N LEU G 187 19.98 -42.29 -8.08
CA LEU G 187 18.79 -42.96 -8.58
C LEU G 187 19.07 -43.44 -9.99
N VAL G 188 18.69 -44.69 -10.28
CA VAL G 188 18.96 -45.32 -11.58
C VAL G 188 17.77 -46.04 -12.17
N GLN G 189 17.89 -46.32 -13.46
CA GLN G 189 16.88 -47.01 -14.27
C GLN G 189 17.41 -48.40 -14.73
N ARG G 190 16.55 -49.41 -14.69
CA ARG G 190 16.76 -50.67 -15.40
C ARG G 190 15.64 -50.76 -16.42
N ALA G 191 16.00 -51.24 -17.61
CA ALA G 191 15.10 -51.31 -18.72
C ALA G 191 14.99 -52.73 -19.25
N TYR G 192 13.76 -53.08 -19.61
CA TYR G 192 13.41 -54.30 -20.33
C TYR G 192 12.58 -53.95 -21.56
N ASP G 193 13.03 -54.39 -22.74
CA ASP G 193 12.19 -54.41 -23.97
C ASP G 193 12.04 -55.85 -24.45
N PRO G 194 10.95 -56.14 -25.21
CA PRO G 194 10.60 -57.51 -25.60
C PRO G 194 11.65 -58.25 -26.39
N HIS G 195 12.33 -57.58 -27.31
CA HIS G 195 13.26 -58.32 -28.15
C HIS G 195 14.62 -58.37 -27.48
N THR G 196 15.03 -57.28 -26.85
CA THR G 196 16.33 -57.25 -26.15
C THR G 196 16.39 -57.91 -24.74
N GLY G 197 15.26 -58.18 -24.10
CA GLY G 197 15.30 -58.53 -22.68
C GLY G 197 15.79 -57.36 -21.83
N TRP G 198 16.29 -57.65 -20.62
CA TRP G 198 16.83 -56.60 -19.74
C TRP G 198 18.16 -56.08 -20.24
N TYR G 199 18.34 -54.77 -20.28
CA TYR G 199 19.60 -54.17 -20.73
C TYR G 199 20.63 -54.42 -19.61
N LYS G 200 21.89 -54.61 -19.92
CA LYS G 200 22.93 -54.84 -18.87
C LYS G 200 23.18 -53.59 -18.06
N GLU G 201 23.04 -52.44 -18.71
CA GLU G 201 23.47 -51.16 -18.19
C GLU G 201 22.43 -50.54 -17.22
N LEU G 202 22.93 -50.05 -16.08
CA LEU G 202 22.18 -49.11 -15.21
C LEU G 202 22.25 -47.73 -15.85
N THR G 203 21.13 -47.02 -15.92
CA THR G 203 21.18 -45.64 -16.39
C THR G 203 20.84 -44.66 -15.24
N THR G 204 21.73 -43.71 -15.00
CA THR G 204 21.49 -42.69 -13.98
C THR G 204 20.37 -41.68 -14.35
N ILE G 205 19.46 -41.41 -13.42
CA ILE G 205 18.49 -40.31 -13.61
C ILE G 205 18.59 -39.14 -12.62
N PHE G 206 19.35 -39.29 -11.53
CA PHE G 206 19.57 -38.22 -10.55
C PHE G 206 20.83 -38.50 -9.73
N ASP G 207 21.72 -37.52 -9.59
CA ASP G 207 23.08 -37.78 -9.06
C ASP G 207 23.18 -38.09 -7.58
N LYS G 208 22.24 -37.64 -6.77
CA LYS G 208 22.28 -37.90 -5.32
C LYS G 208 20.90 -37.63 -4.75
N ALA G 209 20.33 -38.56 -4.01
CA ALA G 209 19.03 -38.38 -3.42
C ALA G 209 19.07 -38.85 -1.95
N PRO G 210 18.10 -38.45 -1.11
CA PRO G 210 18.18 -38.86 0.30
C PRO G 210 18.11 -40.39 0.46
N PRO G 211 18.75 -40.95 1.50
CA PRO G 211 18.63 -42.37 1.73
C PRO G 211 17.20 -42.82 1.89
N ARG G 212 16.84 -43.84 1.12
CA ARG G 212 15.51 -44.46 1.11
C ARG G 212 14.38 -43.52 0.79
N CYS G 213 14.68 -42.52 -0.02
CA CYS G 213 13.66 -41.63 -0.51
C CYS G 213 12.62 -42.41 -1.26
N ALA G 214 11.38 -42.00 -1.11
CA ALA G 214 10.30 -42.54 -1.90
C ALA G 214 10.56 -42.36 -3.43
N ILE G 215 9.95 -43.27 -4.21
CA ILE G 215 10.09 -43.31 -5.66
C ILE G 215 8.83 -43.89 -6.28
N ALA G 216 8.32 -43.25 -7.33
CA ALA G 216 7.12 -43.68 -8.03
C ALA G 216 7.15 -43.16 -9.44
N ALA G 217 6.45 -43.81 -10.34
CA ALA G 217 6.60 -43.42 -11.74
C ALA G 217 5.37 -43.74 -12.55
N THR G 218 5.23 -43.04 -13.68
CA THR G 218 4.15 -43.33 -14.64
C THR G 218 4.65 -43.11 -16.10
N ASN G 219 3.85 -43.58 -17.06
CA ASN G 219 4.07 -43.29 -18.46
C ASN G 219 2.81 -42.81 -19.10
N PHE G 220 2.94 -42.12 -20.21
CA PHE G 220 1.75 -41.79 -21.01
C PHE G 220 2.06 -41.72 -22.51
N ASN G 221 0.97 -41.82 -23.29
CA ASN G 221 0.99 -41.68 -24.72
C ASN G 221 2.10 -42.52 -25.38
N PRO G 222 2.01 -43.84 -25.22
CA PRO G 222 2.90 -44.73 -25.97
C PRO G 222 2.67 -44.62 -27.48
N GLY G 223 3.73 -44.72 -28.29
CA GLY G 223 3.60 -44.70 -29.75
C GLY G 223 4.62 -45.56 -30.49
N LYS G 224 4.96 -45.13 -31.71
CA LYS G 224 5.95 -45.80 -32.55
C LYS G 224 7.36 -45.48 -32.03
N SER G 225 7.96 -46.41 -31.29
CA SER G 225 9.27 -46.23 -30.64
C SER G 225 9.41 -44.90 -29.89
N SER G 226 8.30 -44.52 -29.27
CA SER G 226 8.19 -43.25 -28.56
C SER G 226 7.40 -43.45 -27.25
N ILE G 227 7.87 -42.81 -26.17
CA ILE G 227 7.18 -42.80 -24.88
C ILE G 227 7.48 -41.52 -24.06
N TYR G 228 6.55 -41.20 -23.15
CA TYR G 228 6.69 -40.12 -22.16
C TYR G 228 6.64 -40.74 -20.74
N MET G 229 7.68 -40.50 -19.93
CA MET G 229 7.74 -41.03 -18.57
C MET G 229 7.96 -39.94 -17.53
N ARG G 230 7.37 -40.15 -16.36
CA ARG G 230 7.57 -39.26 -15.25
C ARG G 230 7.94 -40.07 -14.06
N ILE G 231 9.10 -39.73 -13.48
CA ILE G 231 9.51 -40.29 -12.22
C ILE G 231 9.48 -39.21 -11.12
N TYR G 232 8.91 -39.57 -9.98
CA TYR G 232 8.84 -38.69 -8.85
C TYR G 232 9.59 -39.28 -7.66
N PHE G 233 10.35 -38.44 -6.98
CA PHE G 233 10.95 -38.75 -5.69
C PHE G 233 11.01 -37.57 -4.69
N VAL G 234 11.16 -37.89 -3.42
CA VAL G 234 11.30 -36.87 -2.39
C VAL G 234 12.75 -36.50 -2.30
N ASN G 235 13.04 -35.23 -2.55
CA ASN G 235 14.44 -34.74 -2.54
C ASN G 235 14.84 -34.18 -1.16
N SER G 236 16.09 -33.77 -1.00
CA SER G 236 16.60 -33.31 0.30
C SER G 236 16.05 -31.96 0.74
N ASP G 237 15.39 -31.23 -0.16
CA ASP G 237 14.65 -29.99 0.18
C ASP G 237 13.23 -30.26 0.72
N ASN G 238 12.88 -31.50 1.02
CA ASN G 238 11.54 -31.83 1.50
C ASN G 238 10.42 -31.47 0.50
N THR G 239 10.69 -31.70 -0.76
CA THR G 239 9.69 -31.58 -1.81
C THR G 239 9.78 -32.81 -2.71
N ILE G 240 8.71 -33.12 -3.40
CA ILE G 240 8.76 -34.05 -4.52
C ILE G 240 9.43 -33.33 -5.69
N TRP G 241 10.42 -33.97 -6.32
CA TRP G 241 10.95 -33.56 -7.63
C TRP G 241 10.37 -34.48 -8.68
N GLN G 242 10.39 -34.00 -9.92
CA GLN G 242 9.97 -34.75 -11.10
C GLN G 242 11.14 -34.90 -12.06
N VAL G 243 11.36 -36.10 -12.59
CA VAL G 243 12.31 -36.32 -13.69
C VAL G 243 11.45 -36.65 -14.92
N CYS G 244 11.62 -35.87 -15.99
CA CYS G 244 10.87 -36.07 -17.24
C CYS G 244 11.68 -36.85 -18.25
N TRP G 245 11.03 -37.84 -18.87
CA TRP G 245 11.51 -38.45 -20.09
C TRP G 245 10.48 -38.05 -21.10
N ASP G 246 10.90 -37.29 -22.10
CA ASP G 246 9.99 -36.93 -23.21
C ASP G 246 10.63 -37.42 -24.51
N HIS G 247 9.85 -38.12 -25.35
CA HIS G 247 10.32 -38.57 -26.68
C HIS G 247 10.95 -37.41 -27.41
N GLY G 248 12.12 -37.68 -27.99
CA GLY G 248 12.89 -36.66 -28.64
C GLY G 248 13.98 -36.11 -27.76
N GLN G 249 13.75 -36.03 -26.46
CA GLN G 249 14.70 -35.33 -25.60
C GLN G 249 15.30 -36.15 -24.47
N GLY G 250 14.71 -37.29 -24.17
CA GLY G 250 15.26 -38.14 -23.10
C GLY G 250 15.01 -37.52 -21.73
N TYR G 251 16.01 -37.65 -20.86
CA TYR G 251 15.88 -37.22 -19.47
C TYR G 251 16.37 -35.78 -19.36
N HIS G 252 15.50 -34.88 -19.79
CA HIS G 252 15.97 -33.52 -20.09
C HIS G 252 15.63 -32.46 -19.04
N ASP G 253 14.66 -32.75 -18.17
CA ASP G 253 14.17 -31.81 -17.17
C ASP G 253 14.02 -32.44 -15.78
N LYS G 254 14.46 -31.67 -14.79
CA LYS G 254 14.44 -32.10 -13.38
C LYS G 254 14.01 -30.91 -12.56
N ARG G 255 12.86 -30.93 -11.92
CA ARG G 255 12.49 -29.80 -11.08
C ARG G 255 11.63 -30.20 -9.90
N THR G 256 11.56 -29.28 -8.92
CA THR G 256 10.70 -29.43 -7.75
C THR G 256 9.26 -29.35 -8.19
N ILE G 257 8.40 -30.13 -7.55
CA ILE G 257 6.97 -30.09 -7.83
C ILE G 257 6.19 -29.51 -6.67
N THR G 258 6.24 -30.12 -5.50
CA THR G 258 5.41 -29.65 -4.39
C THR G 258 6.04 -30.03 -3.05
N PRO G 259 5.85 -29.20 -1.99
CA PRO G 259 6.34 -29.57 -0.66
C PRO G 259 5.68 -30.79 -0.05
N VAL G 260 6.47 -31.57 0.67
CA VAL G 260 5.92 -32.68 1.47
C VAL G 260 6.54 -32.69 2.84
N ILE G 261 5.94 -33.48 3.71
CA ILE G 261 6.58 -33.77 5.00
C ILE G 261 7.88 -34.52 4.79
N GLN G 262 8.72 -34.45 5.80
CA GLN G 262 9.95 -35.18 5.85
C GLN G 262 9.61 -36.65 5.72
N GLY G 263 10.21 -37.34 4.77
CA GLY G 263 9.94 -38.77 4.58
C GLY G 263 8.57 -39.21 4.07
N SER G 264 7.84 -38.33 3.39
CA SER G 264 6.56 -38.69 2.77
C SER G 264 6.76 -39.79 1.75
N GLU G 265 5.76 -40.64 1.62
CA GLU G 265 5.73 -41.57 0.53
C GLU G 265 4.97 -40.90 -0.63
N ILE G 266 5.02 -41.54 -1.80
CA ILE G 266 4.42 -40.99 -3.00
C ILE G 266 3.64 -42.06 -3.78
N ALA G 267 2.54 -41.66 -4.37
CA ALA G 267 1.90 -42.38 -5.46
C ALA G 267 1.68 -41.42 -6.63
N ILE G 268 1.45 -42.01 -7.78
CA ILE G 268 1.25 -41.30 -9.04
C ILE G 268 0.37 -42.16 -9.94
N ILE G 269 -0.63 -41.54 -10.57
CA ILE G 269 -1.38 -42.17 -11.63
C ILE G 269 -1.41 -41.22 -12.77
N SER G 270 -1.86 -41.74 -13.91
CA SER G 270 -2.05 -40.91 -15.09
C SER G 270 -3.02 -41.53 -16.07
N TRP G 271 -3.49 -40.65 -16.95
CA TRP G 271 -4.31 -41.01 -18.08
C TRP G 271 -4.12 -40.03 -19.24
N GLU G 272 -4.71 -40.32 -20.39
CA GLU G 272 -4.38 -39.61 -21.63
C GLU G 272 -4.94 -38.19 -21.64
N GLY G 273 -4.11 -37.28 -22.14
CA GLY G 273 -4.31 -35.83 -22.00
C GLY G 273 -3.02 -35.07 -22.25
N PRO G 274 -2.03 -35.24 -21.37
CA PRO G 274 -1.97 -36.07 -20.18
C PRO G 274 -2.61 -35.42 -18.98
N GLU G 275 -3.19 -36.25 -18.12
CA GLU G 275 -3.60 -35.82 -16.79
C GLU G 275 -2.81 -36.61 -15.74
N LEU G 276 -2.14 -35.90 -14.83
CA LEU G 276 -1.34 -36.50 -13.73
C LEU G 276 -2.00 -36.23 -12.40
N ARG G 277 -2.00 -37.22 -11.52
CA ARG G 277 -2.45 -37.00 -10.15
C ARG G 277 -1.40 -37.61 -9.23
N LEU G 278 -0.85 -36.80 -8.32
CA LEU G 278 0.18 -37.22 -7.37
C LEU G 278 -0.44 -37.22 -5.97
N TYR G 279 -0.12 -38.25 -5.16
CA TYR G 279 -0.64 -38.37 -3.79
C TYR G 279 0.55 -38.43 -2.86
N PHE G 280 0.39 -37.84 -1.67
CA PHE G 280 1.52 -37.61 -0.73
C PHE G 280 0.99 -36.96 0.57
N GLN G 281 1.87 -36.77 1.55
CA GLN G 281 1.56 -36.04 2.79
C GLN G 281 2.36 -34.74 2.87
N ASN G 282 1.65 -33.62 3.05
CA ASN G 282 2.35 -32.34 3.18
C ASN G 282 2.06 -31.65 4.48
N GLY G 283 1.32 -32.29 5.37
CA GLY G 283 1.06 -31.68 6.66
C GLY G 283 -0.34 -31.18 6.83
N THR G 284 -1.13 -31.34 5.80
CA THR G 284 -2.51 -30.95 5.85
C THR G 284 -3.21 -31.83 6.88
N TYR G 285 -3.74 -31.17 7.91
CA TYR G 285 -4.26 -31.79 9.10
C TYR G 285 -3.22 -32.71 9.77
N VAL G 286 -1.95 -32.31 9.64
CA VAL G 286 -0.84 -33.14 10.04
C VAL G 286 -0.65 -34.37 9.17
N SER G 287 -1.59 -35.30 9.23
CA SER G 287 -1.41 -36.62 8.67
C SER G 287 -2.33 -36.98 7.51
N ALA G 288 -3.16 -36.06 7.05
CA ALA G 288 -4.04 -36.36 5.93
C ALA G 288 -3.25 -36.42 4.64
N ILE G 289 -3.75 -37.17 3.67
CA ILE G 289 -3.14 -37.25 2.33
C ILE G 289 -3.67 -36.12 1.47
N SER G 290 -2.76 -35.47 0.73
CA SER G 290 -3.06 -34.39 -0.23
C SER G 290 -2.81 -34.83 -1.70
N GLU G 291 -3.42 -34.08 -2.63
CA GLU G 291 -3.31 -34.36 -4.06
C GLU G 291 -2.69 -33.18 -4.80
N TRP G 292 -1.88 -33.48 -5.81
CA TRP G 292 -1.42 -32.49 -6.76
C TRP G 292 -1.86 -32.93 -8.12
N THR G 293 -2.14 -31.97 -8.99
CA THR G 293 -2.66 -32.22 -10.33
C THR G 293 -1.85 -31.52 -11.40
N TRP G 294 -1.86 -32.16 -12.56
CA TRP G 294 -1.46 -31.55 -13.82
C TRP G 294 -2.47 -31.93 -14.86
N GLY G 295 -2.92 -30.92 -15.60
CA GLY G 295 -3.76 -31.05 -16.80
C GLY G 295 -3.43 -29.85 -17.67
N LYS G 296 -3.79 -29.86 -18.95
CA LYS G 296 -3.48 -28.75 -19.87
C LYS G 296 -4.36 -27.54 -19.56
N ALA G 297 -5.58 -27.80 -19.08
CA ALA G 297 -6.48 -26.77 -18.57
C ALA G 297 -5.78 -25.76 -17.64
N HIS G 298 -5.08 -26.24 -16.61
CA HIS G 298 -4.56 -25.35 -15.56
C HIS G 298 -3.08 -25.54 -15.15
N GLY G 299 -2.33 -26.43 -15.82
CA GLY G 299 -0.93 -26.70 -15.46
C GLY G 299 -0.79 -27.39 -14.09
N SER G 300 0.32 -27.10 -13.39
CA SER G 300 0.54 -27.54 -12.00
C SER G 300 -0.41 -26.84 -11.04
N GLN G 301 -1.30 -27.59 -10.40
CA GLN G 301 -2.18 -27.01 -9.38
C GLN G 301 -2.47 -28.06 -8.35
N LEU G 302 -2.33 -27.70 -7.07
CA LEU G 302 -2.84 -28.54 -5.96
C LEU G 302 -4.29 -28.93 -6.17
N GLY G 303 -4.65 -30.17 -5.88
CA GLY G 303 -6.01 -30.67 -6.05
C GLY G 303 -6.67 -30.81 -4.70
N ARG G 304 -7.24 -31.99 -4.43
CA ARG G 304 -7.83 -32.29 -3.12
C ARG G 304 -6.80 -32.06 -2.00
N ARG G 305 -7.21 -31.31 -0.97
CA ARG G 305 -6.33 -30.95 0.11
C ARG G 305 -6.25 -32.09 1.14
N ALA G 306 -7.37 -32.75 1.40
CA ALA G 306 -7.42 -33.80 2.40
C ALA G 306 -8.34 -34.86 1.85
N LEU G 307 -7.73 -35.97 1.43
CA LEU G 307 -8.51 -37.11 0.95
C LEU G 307 -9.33 -37.66 2.09
N PRO G 308 -10.47 -38.30 1.78
CA PRO G 308 -11.16 -39.18 2.73
C PRO G 308 -10.17 -40.16 3.41
N PRO G 309 -10.33 -40.41 4.71
CA PRO G 309 -11.43 -40.02 5.58
C PRO G 309 -11.28 -38.66 6.28
N ALA G 310 -10.24 -37.87 5.99
CA ALA G 310 -9.98 -36.63 6.72
C ALA G 310 -11.05 -35.54 6.56
N GLU G 311 -11.68 -35.50 5.36
CA GLU G 311 -12.64 -34.42 4.99
C GLU G 311 -13.58 -34.73 3.85
N SER H 2 -21.41 -24.25 3.58
CA SER H 2 -21.90 -24.81 4.84
C SER H 2 -21.11 -26.05 5.20
N THR H 3 -21.55 -26.74 6.25
CA THR H 3 -20.93 -27.98 6.75
C THR H 3 -22.05 -28.99 7.05
N PRO H 4 -21.73 -30.29 7.12
CA PRO H 4 -22.82 -31.22 7.45
C PRO H 4 -23.46 -30.93 8.81
N GLY H 5 -22.66 -30.65 9.83
CA GLY H 5 -23.19 -30.30 11.12
C GLY H 5 -23.98 -29.01 11.09
N ALA H 6 -23.52 -28.01 10.35
CA ALA H 6 -24.25 -26.72 10.34
C ALA H 6 -25.64 -26.85 9.71
N GLN H 7 -25.74 -27.72 8.72
CA GLN H 7 -27.01 -28.04 8.04
C GLN H 7 -28.07 -28.65 8.96
N GLU H 8 -27.60 -29.25 10.06
CA GLU H 8 -28.50 -29.79 11.04
C GLU H 8 -29.20 -28.73 11.89
N VAL H 9 -28.67 -27.51 11.95
CA VAL H 9 -29.29 -26.48 12.76
C VAL H 9 -30.38 -25.83 11.94
N LEU H 10 -31.59 -25.77 12.48
CA LEU H 10 -32.73 -25.16 11.79
C LEU H 10 -32.56 -23.64 11.55
N PHE H 11 -32.85 -23.18 10.34
CA PHE H 11 -32.80 -21.74 10.02
C PHE H 11 -33.84 -21.00 10.82
N ARG H 12 -33.43 -19.97 11.52
CA ARG H 12 -34.33 -19.22 12.40
C ARG H 12 -34.78 -20.04 13.61
N THR H 13 -33.98 -21.02 14.02
CA THR H 13 -34.26 -21.73 15.23
C THR H 13 -34.38 -20.83 16.44
N GLY H 14 -35.23 -21.25 17.37
CA GLY H 14 -35.26 -20.65 18.69
C GLY H 14 -33.94 -20.97 19.33
N ILE H 15 -33.52 -20.13 20.27
CA ILE H 15 -32.26 -20.29 20.99
C ILE H 15 -32.45 -19.86 22.43
N ALA H 16 -31.81 -20.60 23.32
CA ALA H 16 -31.82 -20.25 24.74
C ALA H 16 -30.53 -20.73 25.34
N ALA H 17 -30.20 -20.21 26.50
CA ALA H 17 -28.95 -20.54 27.11
C ALA H 17 -29.00 -20.32 28.59
N VAL H 18 -28.11 -21.02 29.28
CA VAL H 18 -27.97 -20.93 30.72
C VAL H 18 -26.49 -21.06 31.07
N ASN H 19 -26.12 -20.57 32.24
CA ASN H 19 -24.72 -20.67 32.68
C ASN H 19 -24.55 -20.63 34.20
N SER H 20 -23.39 -21.12 34.61
CA SER H 20 -22.79 -20.80 35.89
C SER H 20 -21.41 -20.25 35.57
N THR H 21 -21.21 -18.97 35.90
CA THR H 21 -20.13 -18.18 35.33
C THR H 21 -19.90 -18.58 33.85
N ASN H 22 -18.70 -19.10 33.52
CA ASN H 22 -18.31 -19.41 32.13
C ASN H 22 -18.36 -20.93 31.81
N HIS H 23 -19.35 -21.56 32.46
CA HIS H 23 -19.77 -22.92 32.21
C HIS H 23 -21.14 -22.64 31.65
N LEU H 24 -21.29 -22.87 30.35
CA LEU H 24 -22.45 -22.43 29.53
C LEU H 24 -23.10 -23.61 28.81
N ARG H 25 -24.40 -23.46 28.60
CA ARG H 25 -25.18 -24.42 27.84
C ARG H 25 -26.03 -23.58 26.89
N VAL H 26 -26.15 -24.06 25.66
CA VAL H 26 -26.92 -23.39 24.62
C VAL H 26 -27.87 -24.45 24.02
N TYR H 27 -29.14 -24.07 23.88
CA TYR H 27 -30.17 -24.97 23.37
C TYR H 27 -30.69 -24.44 22.04
N PHE H 28 -30.84 -25.35 21.07
CA PHE H 28 -31.46 -25.01 19.75
C PHE H 28 -32.23 -26.20 19.18
N GLN H 29 -32.98 -25.94 18.11
CA GLN H 29 -33.73 -26.97 17.42
C GLN H 29 -33.03 -27.38 16.12
N ASP H 30 -32.82 -28.70 15.96
CA ASP H 30 -32.30 -29.26 14.70
C ASP H 30 -33.40 -29.22 13.65
N SER H 31 -33.06 -29.57 12.40
CA SER H 31 -34.01 -29.52 11.30
C SER H 31 -35.08 -30.62 11.36
N HIS H 32 -34.88 -31.69 12.14
CA HIS H 32 -35.97 -32.68 12.34
C HIS H 32 -36.82 -32.43 13.61
N GLY H 33 -36.60 -31.29 14.27
CA GLY H 33 -37.47 -30.83 15.34
C GLY H 33 -37.06 -31.21 16.74
N SER H 34 -35.95 -31.92 16.90
CA SER H 34 -35.42 -32.19 18.22
C SER H 34 -34.66 -30.97 18.81
N ILE H 35 -34.77 -30.78 20.13
CA ILE H 35 -34.01 -29.75 20.83
C ILE H 35 -32.72 -30.35 21.32
N ARG H 36 -31.60 -29.75 20.95
CA ARG H 36 -30.29 -30.25 21.35
C ARG H 36 -29.57 -29.28 22.30
N GLU H 37 -28.53 -29.81 22.94
CA GLU H 37 -27.71 -29.08 23.88
C GLU H 37 -26.27 -29.09 23.40
N SER H 38 -25.72 -27.91 23.17
CA SER H 38 -24.29 -27.76 23.04
C SER H 38 -23.77 -27.17 24.35
N LEU H 39 -22.52 -27.44 24.70
CA LEU H 39 -21.98 -26.96 25.98
C LEU H 39 -20.60 -26.35 25.84
N TYR H 40 -20.26 -25.50 26.81
CA TYR H 40 -18.93 -24.92 26.92
C TYR H 40 -18.41 -25.20 28.29
N GLU H 41 -17.35 -26.02 28.35
CA GLU H 41 -16.62 -26.38 29.59
C GLU H 41 -15.11 -26.29 29.31
N SER H 42 -14.55 -25.09 29.47
CA SER H 42 -13.20 -24.78 28.94
C SER H 42 -13.04 -25.27 27.48
N GLY H 43 -14.08 -25.03 26.68
CA GLY H 43 -14.16 -25.46 25.29
C GLY H 43 -15.51 -26.01 24.86
N TRP H 44 -15.78 -25.92 23.56
CA TRP H 44 -17.10 -26.15 22.99
C TRP H 44 -17.27 -27.57 22.56
N ALA H 45 -18.40 -28.17 22.87
CA ALA H 45 -18.67 -29.55 22.46
C ALA H 45 -20.15 -29.82 22.25
N ASN H 46 -20.41 -30.98 21.64
CA ASN H 46 -21.76 -31.59 21.56
C ASN H 46 -22.64 -30.94 20.48
N GLY H 47 -23.93 -30.71 20.74
CA GLY H 47 -24.85 -30.28 19.69
C GLY H 47 -25.19 -31.29 18.60
N THR H 48 -24.82 -32.57 18.79
CA THR H 48 -25.07 -33.67 17.82
C THR H 48 -26.43 -34.33 18.09
N ALA H 49 -26.81 -35.33 17.28
CA ALA H 49 -28.06 -36.08 17.52
C ALA H 49 -28.06 -36.91 18.84
N LYS H 50 -26.90 -37.15 19.42
CA LYS H 50 -26.88 -37.80 20.72
C LYS H 50 -27.06 -36.84 21.92
N ASN H 51 -27.20 -35.54 21.68
CA ASN H 51 -27.41 -34.56 22.75
C ASN H 51 -28.83 -33.96 22.75
N VAL H 52 -29.83 -34.79 22.51
CA VAL H 52 -31.22 -34.36 22.44
C VAL H 52 -31.87 -34.42 23.80
N ILE H 53 -32.65 -33.40 24.14
CA ILE H 53 -33.28 -33.29 25.44
C ILE H 53 -34.80 -33.11 25.36
N ALA H 54 -35.33 -33.02 24.14
CA ALA H 54 -36.76 -32.80 23.93
C ALA H 54 -37.04 -32.82 22.44
N LYS H 55 -38.32 -32.81 22.09
CA LYS H 55 -38.78 -32.81 20.73
C LYS H 55 -39.94 -31.85 20.75
N ALA H 56 -40.12 -31.07 19.69
CA ALA H 56 -41.08 -29.99 19.72
C ALA H 56 -41.57 -29.68 18.36
N LYS H 57 -42.58 -28.83 18.27
CA LYS H 57 -43.10 -28.45 16.98
C LYS H 57 -41.99 -27.72 16.24
N LEU H 58 -41.96 -27.86 14.93
CA LEU H 58 -40.92 -27.16 14.18
C LEU H 58 -41.19 -25.67 14.25
N GLY H 59 -40.15 -24.91 14.57
CA GLY H 59 -40.31 -23.47 14.72
C GLY H 59 -40.73 -23.13 16.13
N THR H 60 -40.60 -24.06 17.06
CA THR H 60 -40.95 -23.80 18.43
C THR H 60 -40.21 -22.59 18.98
N PRO H 61 -40.89 -21.73 19.74
CA PRO H 61 -40.09 -20.90 20.64
C PRO H 61 -39.32 -21.76 21.59
N LEU H 62 -38.17 -21.28 22.06
CA LEU H 62 -37.43 -21.90 23.17
C LEU H 62 -37.17 -20.89 24.25
N ALA H 63 -37.11 -21.37 25.49
CA ALA H 63 -36.67 -20.59 26.64
C ALA H 63 -36.01 -21.51 27.65
N ALA H 64 -35.10 -20.95 28.41
CA ALA H 64 -34.36 -21.72 29.43
C ALA H 64 -34.01 -20.86 30.63
N THR H 65 -33.92 -21.49 31.78
CA THR H 65 -33.49 -20.85 33.01
C THR H 65 -32.83 -21.88 33.90
N SER H 66 -32.05 -21.40 34.86
CA SER H 66 -31.24 -22.30 35.63
C SER H 66 -30.84 -21.70 36.96
N LYS H 67 -30.49 -22.58 37.89
CA LYS H 67 -29.79 -22.23 39.13
C LYS H 67 -28.44 -22.89 38.98
N GLU H 68 -27.45 -22.05 38.66
CA GLU H 68 -26.14 -22.50 38.24
C GLU H 68 -26.37 -23.58 37.16
N LEU H 69 -25.56 -24.64 37.11
CA LEU H 69 -25.84 -25.81 36.28
C LEU H 69 -26.27 -26.97 37.16
N LYS H 70 -26.95 -26.62 38.24
CA LYS H 70 -27.39 -27.61 39.18
C LYS H 70 -28.82 -27.96 38.81
N ASN H 71 -29.60 -26.93 38.43
CA ASN H 71 -30.96 -27.12 37.90
C ASN H 71 -31.20 -26.31 36.61
N ILE H 72 -31.45 -27.00 35.48
CA ILE H 72 -31.78 -26.37 34.18
C ILE H 72 -33.19 -26.75 33.78
N ARG H 73 -33.96 -25.81 33.26
CA ARG H 73 -35.30 -26.09 32.73
C ARG H 73 -35.42 -25.46 31.34
N VAL H 74 -35.78 -26.26 30.34
CA VAL H 74 -35.92 -25.77 28.99
C VAL H 74 -37.39 -25.86 28.55
N TYR H 75 -37.98 -24.75 28.11
CA TYR H 75 -39.40 -24.68 27.70
C TYR H 75 -39.56 -24.67 26.17
N SER H 76 -40.54 -25.42 25.69
CA SER H 76 -40.92 -25.47 24.26
C SER H 76 -42.40 -25.75 24.11
N LEU H 77 -42.86 -25.78 22.85
CA LEU H 77 -44.22 -26.15 22.52
C LEU H 77 -44.29 -27.53 21.86
N THR H 78 -45.34 -28.30 22.19
CA THR H 78 -45.64 -29.57 21.47
C THR H 78 -46.33 -29.27 20.14
N GLU H 79 -46.58 -30.30 19.34
CA GLU H 79 -47.40 -30.14 18.13
C GLU H 79 -48.71 -29.46 18.40
N ASP H 80 -49.29 -29.66 19.58
CA ASP H 80 -50.63 -29.12 19.93
C ASP H 80 -50.60 -27.77 20.68
N ASN H 81 -49.40 -27.19 20.82
CA ASN H 81 -49.20 -25.84 21.35
C ASN H 81 -49.51 -25.84 22.85
N VAL H 82 -49.05 -26.89 23.49
CA VAL H 82 -49.11 -27.04 24.92
C VAL H 82 -47.71 -26.78 25.36
N LEU H 83 -47.55 -25.98 26.41
CA LEU H 83 -46.24 -25.78 27.01
C LEU H 83 -45.69 -27.07 27.61
N GLN H 84 -44.43 -27.32 27.34
CA GLN H 84 -43.76 -28.46 27.90
C GLN H 84 -42.39 -28.03 28.42
N GLU H 85 -41.80 -28.93 29.21
CA GLU H 85 -40.64 -28.67 30.03
C GLU H 85 -39.71 -29.85 30.03
N ALA H 86 -38.48 -29.66 29.57
CA ALA H 86 -37.40 -30.62 29.84
C ALA H 86 -36.58 -30.13 31.07
N ALA H 87 -36.19 -31.04 31.96
CA ALA H 87 -35.62 -30.70 33.26
C ALA H 87 -34.38 -31.47 33.52
N TYR H 88 -33.45 -30.83 34.21
CA TYR H 88 -32.21 -31.47 34.58
C TYR H 88 -31.88 -31.06 35.98
N ASP H 89 -31.56 -32.05 36.79
CA ASP H 89 -31.20 -31.87 38.18
C ASP H 89 -29.88 -32.63 38.32
N SER H 90 -28.91 -32.04 38.98
CA SER H 90 -27.56 -32.64 39.10
C SER H 90 -27.57 -34.06 39.73
N GLY H 91 -27.18 -35.09 38.96
CA GLY H 91 -27.24 -36.48 39.42
C GLY H 91 -28.58 -37.21 39.26
N SER H 92 -29.61 -36.53 38.76
CA SER H 92 -30.86 -37.17 38.27
C SER H 92 -30.87 -37.36 36.74
N GLY H 93 -30.14 -36.51 36.01
CA GLY H 93 -30.20 -36.48 34.56
C GLY H 93 -31.37 -35.69 34.01
N TRP H 94 -31.58 -35.88 32.72
CA TRP H 94 -32.62 -35.18 31.99
C TRP H 94 -33.91 -35.93 32.12
N TYR H 95 -35.04 -35.24 32.26
CA TYR H 95 -36.34 -35.89 32.35
C TYR H 95 -37.48 -34.92 32.01
N ASN H 96 -38.71 -35.43 31.90
CA ASN H 96 -39.84 -34.58 31.61
C ASN H 96 -40.44 -33.96 32.85
N GLY H 97 -40.62 -32.65 32.81
CA GLY H 97 -41.24 -31.89 33.88
C GLY H 97 -42.73 -32.05 33.79
N ALA H 98 -43.42 -31.60 34.84
CA ALA H 98 -44.87 -31.75 34.91
C ALA H 98 -45.64 -30.73 34.11
N LEU H 99 -44.94 -29.72 33.58
CA LEU H 99 -45.60 -28.61 32.91
C LEU H 99 -46.65 -29.07 31.87
N ALA H 100 -46.25 -30.05 31.04
CA ALA H 100 -47.16 -30.62 30.01
C ALA H 100 -48.48 -31.07 30.63
N GLY H 101 -48.37 -31.80 31.75
CA GLY H 101 -49.52 -32.29 32.51
C GLY H 101 -50.57 -31.25 32.86
N ALA H 102 -50.19 -29.99 33.03
CA ALA H 102 -51.15 -28.93 33.30
C ALA H 102 -52.02 -28.54 32.09
N LYS H 103 -51.62 -28.95 30.87
CA LYS H 103 -52.36 -28.65 29.65
C LYS H 103 -52.63 -27.15 29.37
N PHE H 104 -51.60 -26.33 29.57
CA PHE H 104 -51.64 -24.90 29.18
C PHE H 104 -51.46 -24.76 27.68
N THR H 105 -52.49 -24.31 27.00
CA THR H 105 -52.46 -24.23 25.57
C THR H 105 -52.36 -22.77 25.16
N VAL H 106 -51.36 -22.51 24.31
CA VAL H 106 -51.06 -21.15 23.89
C VAL H 106 -51.38 -20.97 22.42
N ALA H 107 -51.31 -19.72 21.96
CA ALA H 107 -51.45 -19.44 20.53
C ALA H 107 -50.30 -20.13 19.80
N PRO H 108 -50.51 -20.65 18.56
CA PRO H 108 -49.41 -21.30 17.80
C PRO H 108 -48.16 -20.42 17.61
N TYR H 109 -48.35 -19.12 17.44
CA TYR H 109 -47.23 -18.16 17.33
C TYR H 109 -46.55 -17.71 18.63
N SER H 110 -47.01 -18.24 19.78
CA SER H 110 -46.58 -17.72 21.07
C SER H 110 -45.11 -17.96 21.27
N ARG H 111 -44.44 -17.04 21.93
CA ARG H 111 -43.08 -17.28 22.40
C ARG H 111 -43.15 -17.65 23.86
N ILE H 112 -41.98 -17.87 24.45
CA ILE H 112 -41.89 -18.24 25.85
C ILE H 112 -40.75 -17.49 26.55
N GLY H 113 -41.02 -17.06 27.80
CA GLY H 113 -39.99 -16.60 28.75
C GLY H 113 -39.99 -17.40 30.02
N SER H 114 -38.83 -17.57 30.62
CA SER H 114 -38.73 -18.39 31.78
C SER H 114 -37.62 -17.95 32.74
N VAL H 115 -37.98 -17.77 34.01
CA VAL H 115 -37.02 -17.48 35.09
C VAL H 115 -37.24 -18.33 36.33
N PHE H 116 -36.16 -18.84 36.88
CA PHE H 116 -36.11 -19.19 38.28
C PHE H 116 -36.10 -17.87 39.08
N LEU H 117 -36.83 -17.82 40.20
CA LEU H 117 -36.82 -16.64 41.05
C LEU H 117 -35.53 -16.60 41.82
N ALA H 118 -34.96 -15.39 41.88
CA ALA H 118 -33.65 -15.16 42.50
C ALA H 118 -33.72 -14.99 44.02
N GLY H 119 -32.57 -15.25 44.66
CA GLY H 119 -32.36 -14.98 46.07
C GLY H 119 -33.10 -15.90 47.02
N THR H 120 -33.34 -17.13 46.58
CA THR H 120 -33.85 -18.21 47.44
C THR H 120 -33.05 -19.50 47.12
N ASN H 121 -33.15 -20.50 47.97
CA ASN H 121 -32.70 -21.86 47.66
C ASN H 121 -33.85 -22.70 47.10
N ALA H 122 -35.08 -22.37 47.46
CA ALA H 122 -36.32 -22.94 46.87
C ALA H 122 -36.42 -22.77 45.34
N LEU H 123 -36.88 -23.81 44.68
CA LEU H 123 -37.05 -23.82 43.24
C LEU H 123 -38.43 -23.29 42.96
N GLN H 124 -38.48 -22.01 42.59
CA GLN H 124 -39.73 -21.39 42.13
C GLN H 124 -39.49 -20.85 40.71
N LEU H 125 -40.48 -21.02 39.82
CA LEU H 125 -40.34 -20.63 38.42
C LEU H 125 -41.49 -19.77 38.01
N ARG H 126 -41.18 -18.82 37.12
CA ARG H 126 -42.18 -18.02 36.41
C ARG H 126 -41.94 -18.14 34.89
N ILE H 127 -43.01 -18.43 34.15
CA ILE H 127 -42.95 -18.74 32.75
C ILE H 127 -43.97 -17.82 32.12
N TYR H 128 -43.64 -17.26 30.97
CA TYR H 128 -44.53 -16.30 30.30
C TYR H 128 -44.77 -16.77 28.89
N ALA H 129 -46.00 -16.60 28.41
CA ALA H 129 -46.36 -17.07 27.10
C ALA H 129 -47.63 -16.37 26.65
N GLN H 130 -47.98 -16.50 25.37
CA GLN H 130 -49.05 -15.72 24.79
C GLN H 130 -50.23 -16.64 24.47
N LYS H 131 -51.39 -16.35 25.07
CA LYS H 131 -52.59 -17.17 24.90
C LYS H 131 -53.25 -16.84 23.58
N THR H 132 -54.22 -17.64 23.19
CA THR H 132 -54.96 -17.40 21.94
C THR H 132 -55.66 -16.06 21.91
N ASP H 133 -55.90 -15.45 23.07
CA ASP H 133 -56.41 -14.07 23.13
C ASP H 133 -55.30 -13.01 23.05
N ASN H 134 -54.06 -13.40 22.80
CA ASN H 134 -52.89 -12.50 22.64
C ASN H 134 -52.40 -11.82 23.91
N THR H 135 -52.94 -12.22 25.05
CA THR H 135 -52.54 -11.68 26.33
C THR H 135 -51.34 -12.49 26.74
N ILE H 136 -50.45 -11.85 27.46
CA ILE H 136 -49.29 -12.50 27.98
C ILE H 136 -49.66 -13.05 29.35
N GLN H 137 -49.63 -14.37 29.47
CA GLN H 137 -49.90 -15.06 30.70
C GLN H 137 -48.64 -15.57 31.41
N GLU H 138 -48.59 -15.35 32.74
CA GLU H 138 -47.60 -15.94 33.62
C GLU H 138 -48.12 -17.25 34.15
N TYR H 139 -47.24 -18.23 34.27
CA TYR H 139 -47.53 -19.54 34.81
C TYR H 139 -46.45 -19.72 35.83
N MET H 140 -46.77 -20.32 36.98
CA MET H 140 -45.78 -20.44 38.07
C MET H 140 -45.68 -21.83 38.67
N TRP H 141 -44.51 -22.14 39.19
CA TRP H 141 -44.29 -23.28 40.04
C TRP H 141 -43.70 -22.82 41.39
N ASN H 142 -44.34 -23.23 42.51
CA ASN H 142 -43.90 -22.93 43.90
C ASN H 142 -43.67 -24.20 44.76
N GLY H 143 -43.67 -25.39 44.15
CA GLY H 143 -43.56 -26.68 44.86
C GLY H 143 -44.83 -27.52 45.00
N ASP H 144 -45.99 -26.96 44.63
CA ASP H 144 -47.31 -27.61 44.75
C ASP H 144 -48.10 -27.45 43.43
N GLY H 145 -47.45 -27.89 42.35
CA GLY H 145 -48.09 -27.96 41.03
C GLY H 145 -48.22 -26.66 40.26
N TRP H 146 -48.27 -26.77 38.93
CA TRP H 146 -48.25 -25.62 38.04
C TRP H 146 -49.59 -24.93 38.05
N LYS H 147 -49.57 -23.59 38.08
CA LYS H 147 -50.78 -22.74 38.23
C LYS H 147 -50.69 -21.42 37.49
N GLU H 148 -51.81 -20.95 36.94
CA GLU H 148 -51.89 -19.61 36.33
C GLU H 148 -51.61 -18.48 37.37
N GLY H 149 -50.65 -17.60 37.06
CA GLY H 149 -50.27 -16.46 37.89
C GLY H 149 -50.93 -15.25 37.29
N THR H 150 -50.21 -14.13 37.26
CA THR H 150 -50.79 -12.85 36.78
C THR H 150 -50.80 -12.77 35.27
N ASN H 151 -51.86 -12.21 34.73
CA ASN H 151 -51.98 -11.95 33.31
C ASN H 151 -51.53 -10.50 33.01
N LEU H 152 -50.53 -10.33 32.13
CA LEU H 152 -49.91 -9.03 31.84
C LEU H 152 -50.51 -8.25 30.65
N GLY H 153 -51.64 -8.70 30.12
CA GLY H 153 -52.36 -7.88 29.15
C GLY H 153 -51.93 -8.09 27.71
N VAL H 154 -52.62 -7.39 26.82
CA VAL H 154 -52.55 -7.64 25.39
C VAL H 154 -51.17 -7.30 24.83
N ALA H 155 -50.67 -8.16 23.93
CA ALA H 155 -49.45 -7.92 23.14
C ALA H 155 -49.70 -8.24 21.66
N LEU H 156 -48.79 -7.77 20.81
CA LEU H 156 -48.85 -8.07 19.38
C LEU H 156 -48.91 -9.60 19.20
N PRO H 157 -49.79 -10.09 18.35
CA PRO H 157 -49.69 -11.56 18.15
C PRO H 157 -48.31 -11.97 17.62
N GLY H 158 -47.61 -12.82 18.37
CA GLY H 158 -46.32 -13.31 17.96
C GLY H 158 -45.16 -12.58 18.59
N THR H 159 -45.43 -11.64 19.46
CA THR H 159 -44.38 -10.90 20.13
C THR H 159 -43.26 -11.79 20.68
N GLY H 160 -42.02 -11.34 20.56
CA GLY H 160 -40.95 -11.84 21.40
C GLY H 160 -41.27 -11.58 22.88
N ILE H 161 -40.67 -12.35 23.78
CA ILE H 161 -40.95 -12.19 25.20
C ILE H 161 -39.62 -12.25 25.87
N GLY H 162 -39.20 -11.13 26.45
CA GLY H 162 -37.92 -11.09 27.15
C GLY H 162 -38.32 -11.01 28.58
N VAL H 163 -37.52 -11.58 29.46
CA VAL H 163 -37.83 -11.58 30.88
C VAL H 163 -36.55 -11.74 31.66
N THR H 164 -36.43 -11.05 32.79
CA THR H 164 -35.27 -11.23 33.69
C THR H 164 -35.69 -11.02 35.14
N CYS H 165 -34.88 -11.57 36.03
CA CYS H 165 -35.24 -11.64 37.44
C CYS H 165 -34.02 -11.50 38.36
N TRP H 166 -34.15 -10.66 39.39
CA TRP H 166 -33.06 -10.49 40.36
C TRP H 166 -33.65 -10.16 41.75
N ARG H 167 -32.77 -10.18 42.75
CA ARG H 167 -33.12 -9.71 44.12
C ARG H 167 -32.21 -8.60 44.50
N TYR H 168 -32.79 -7.41 44.70
CA TYR H 168 -32.03 -6.27 45.24
C TYR H 168 -31.47 -6.63 46.62
N THR H 169 -30.20 -6.29 46.92
CA THR H 169 -29.61 -6.64 48.24
C THR H 169 -30.24 -5.91 49.46
N ASP H 170 -31.10 -4.92 49.23
CA ASP H 170 -31.87 -4.26 50.30
C ASP H 170 -33.37 -4.59 50.24
N TYR H 171 -33.73 -5.71 49.62
CA TYR H 171 -35.15 -6.12 49.50
C TYR H 171 -35.36 -7.52 50.06
N ASP H 172 -36.63 -7.84 50.28
CA ASP H 172 -37.04 -9.12 50.88
C ASP H 172 -37.68 -10.07 49.86
N GLY H 173 -37.37 -9.91 48.59
CA GLY H 173 -38.05 -10.66 47.55
C GLY H 173 -37.43 -10.45 46.19
N PRO H 174 -37.98 -11.11 45.17
CA PRO H 174 -37.45 -11.02 43.82
C PRO H 174 -38.17 -9.92 43.05
N SER H 175 -37.39 -9.21 42.23
CA SER H 175 -37.96 -8.31 41.24
C SER H 175 -37.97 -9.03 39.84
N ILE H 176 -38.97 -8.73 39.04
CA ILE H 176 -39.05 -9.31 37.69
C ILE H 176 -39.36 -8.22 36.66
N ARG H 177 -38.72 -8.32 35.50
CA ARG H 177 -39.03 -7.42 34.40
C ARG H 177 -39.34 -8.24 33.17
N VAL H 178 -40.42 -7.88 32.50
CA VAL H 178 -40.84 -8.56 31.29
C VAL H 178 -40.97 -7.52 30.17
N TRP H 179 -40.34 -7.81 29.03
CA TRP H 179 -40.44 -6.93 27.87
C TRP H 179 -41.10 -7.61 26.71
N PHE H 180 -41.97 -6.90 25.99
CA PHE H 180 -42.67 -7.45 24.83
C PHE H 180 -43.17 -6.32 23.93
N GLN H 181 -43.98 -6.63 22.92
CA GLN H 181 -44.29 -5.72 21.82
C GLN H 181 -45.78 -5.59 21.69
N THR H 182 -46.25 -4.35 21.60
CA THR H 182 -47.68 -4.06 21.66
C THR H 182 -48.13 -3.82 20.27
N ASP H 183 -49.43 -3.65 20.07
CA ASP H 183 -50.01 -3.53 18.73
C ASP H 183 -49.45 -2.37 17.89
N ASN H 184 -49.10 -1.26 18.54
CA ASN H 184 -48.41 -0.14 17.87
C ASN H 184 -46.94 -0.43 17.51
N LEU H 185 -46.46 -1.65 17.77
CA LEU H 185 -45.11 -2.10 17.43
C LEU H 185 -44.03 -1.54 18.35
N LYS H 186 -44.43 -0.81 19.39
CA LYS H 186 -43.49 -0.40 20.44
C LYS H 186 -43.01 -1.61 21.20
N LEU H 187 -41.82 -1.48 21.79
CA LEU H 187 -41.33 -2.41 22.79
C LEU H 187 -41.55 -1.78 24.17
N VAL H 188 -42.10 -2.54 25.11
CA VAL H 188 -42.48 -2.04 26.43
C VAL H 188 -41.98 -2.92 27.54
N GLN H 189 -41.96 -2.36 28.77
CA GLN H 189 -41.56 -3.01 30.02
C GLN H 189 -42.68 -2.98 31.06
N ARG H 190 -42.94 -4.16 31.65
CA ARG H 190 -43.76 -4.34 32.84
C ARG H 190 -42.82 -4.86 33.90
N ALA H 191 -43.00 -4.31 35.12
CA ALA H 191 -42.11 -4.61 36.23
C ALA H 191 -42.93 -5.13 37.40
N TYR H 192 -42.31 -6.02 38.15
CA TYR H 192 -42.84 -6.50 39.38
C TYR H 192 -41.75 -6.30 40.40
N ASP H 193 -42.14 -5.64 41.50
CA ASP H 193 -41.33 -5.56 42.73
C ASP H 193 -42.18 -6.14 43.90
N PRO H 194 -41.50 -6.77 44.88
CA PRO H 194 -42.14 -7.42 46.05
C PRO H 194 -43.35 -6.71 46.70
N HIS H 195 -43.16 -5.51 47.25
CA HIS H 195 -44.20 -4.84 48.04
C HIS H 195 -45.23 -4.15 47.20
N THR H 196 -44.81 -3.68 46.03
CA THR H 196 -45.73 -3.02 45.10
C THR H 196 -46.54 -4.00 44.23
N GLY H 197 -45.99 -5.19 43.98
CA GLY H 197 -46.59 -6.13 43.01
C GLY H 197 -46.38 -5.66 41.58
N TRP H 198 -47.32 -5.96 40.69
CA TRP H 198 -47.19 -5.59 39.28
C TRP H 198 -47.53 -4.13 39.05
N TYR H 199 -46.57 -3.36 38.53
CA TYR H 199 -46.80 -1.93 38.28
C TYR H 199 -47.85 -1.87 37.19
N LYS H 200 -48.86 -1.03 37.36
CA LYS H 200 -49.93 -0.83 36.35
C LYS H 200 -49.45 -0.20 35.04
N GLU H 201 -48.38 0.59 35.13
CA GLU H 201 -47.82 1.34 33.99
C GLU H 201 -46.86 0.52 33.06
N LEU H 202 -47.17 0.55 31.75
CA LEU H 202 -46.22 0.12 30.70
C LEU H 202 -45.12 1.16 30.53
N THR H 203 -43.85 0.76 30.57
CA THR H 203 -42.72 1.66 30.28
C THR H 203 -42.05 1.35 28.89
N THR H 204 -42.30 2.22 27.88
CA THR H 204 -41.63 2.12 26.57
C THR H 204 -40.11 2.15 26.64
N ILE H 205 -39.48 1.11 26.05
CA ILE H 205 -38.04 1.09 25.83
C ILE H 205 -37.58 1.29 24.38
N PHE H 206 -38.50 1.18 23.42
CA PHE H 206 -38.16 1.41 22.01
C PHE H 206 -39.39 1.78 21.24
N ASP H 207 -39.27 2.70 20.30
CA ASP H 207 -40.46 3.28 19.68
C ASP H 207 -41.08 2.47 18.57
N LYS H 208 -40.28 1.81 17.77
CA LYS H 208 -40.83 1.00 16.69
C LYS H 208 -39.88 -0.11 16.43
N ALA H 209 -40.37 -1.34 16.34
CA ALA H 209 -39.51 -2.48 16.07
C ALA H 209 -40.17 -3.34 15.05
N PRO H 210 -39.38 -4.13 14.32
CA PRO H 210 -40.00 -4.99 13.31
C PRO H 210 -41.02 -5.91 13.96
N PRO H 211 -42.12 -6.21 13.25
CA PRO H 211 -43.13 -7.05 13.86
C PRO H 211 -42.57 -8.44 14.16
N ARG H 212 -42.84 -8.91 15.36
CA ARG H 212 -42.35 -10.21 15.87
C ARG H 212 -40.84 -10.32 15.95
N CYS H 213 -40.14 -9.20 16.12
CA CYS H 213 -38.69 -9.22 16.36
C CYS H 213 -38.39 -9.99 17.63
N ALA H 214 -37.27 -10.70 17.66
CA ALA H 214 -36.87 -11.42 18.85
C ALA H 214 -36.49 -10.40 19.91
N ILE H 215 -36.67 -10.81 21.17
CA ILE H 215 -36.40 -10.00 22.37
C ILE H 215 -35.81 -10.90 23.47
N ALA H 216 -34.72 -10.45 24.09
CA ALA H 216 -33.98 -11.27 25.05
C ALA H 216 -33.22 -10.41 26.08
N ALA H 217 -33.27 -10.78 27.35
CA ALA H 217 -32.76 -9.91 28.37
C ALA H 217 -31.98 -10.60 29.45
N THR H 218 -31.14 -9.81 30.09
CA THR H 218 -30.32 -10.25 31.22
C THR H 218 -30.11 -9.11 32.20
N ASN H 219 -29.54 -9.42 33.36
CA ASN H 219 -29.26 -8.40 34.37
C ASN H 219 -27.97 -8.78 35.06
N PHE H 220 -27.27 -7.80 35.62
CA PHE H 220 -26.08 -8.09 36.39
C PHE H 220 -25.91 -7.03 37.46
N ASN H 221 -24.98 -7.30 38.38
CA ASN H 221 -24.65 -6.46 39.52
C ASN H 221 -25.88 -5.87 40.23
N PRO H 222 -26.73 -6.74 40.79
CA PRO H 222 -27.75 -6.21 41.69
C PRO H 222 -27.11 -5.70 42.99
N GLY H 223 -27.73 -4.68 43.59
CA GLY H 223 -27.21 -4.09 44.84
C GLY H 223 -28.32 -3.34 45.52
N LYS H 224 -27.99 -2.46 46.49
CA LYS H 224 -29.02 -1.69 47.20
C LYS H 224 -29.79 -0.78 46.21
N SER H 225 -31.05 -1.12 45.93
CA SER H 225 -31.92 -0.36 45.02
C SER H 225 -31.31 -0.08 43.62
N SER H 226 -30.28 -0.86 43.27
CA SER H 226 -29.51 -0.70 42.07
C SER H 226 -29.50 -2.00 41.24
N ILE H 227 -29.62 -1.84 39.93
CA ILE H 227 -29.53 -2.95 38.98
C ILE H 227 -28.93 -2.50 37.63
N TYR H 228 -28.28 -3.44 36.94
CA TYR H 228 -27.90 -3.27 35.53
C TYR H 228 -28.64 -4.29 34.63
N MET H 229 -29.38 -3.78 33.64
CA MET H 229 -30.11 -4.60 32.69
C MET H 229 -29.67 -4.34 31.24
N ARG H 230 -29.89 -5.34 30.38
CA ARG H 230 -29.62 -5.26 28.94
C ARG H 230 -30.69 -5.99 28.21
N ILE H 231 -31.39 -5.30 27.32
CA ILE H 231 -32.39 -5.94 26.48
C ILE H 231 -31.94 -5.89 25.02
N TYR H 232 -32.09 -7.02 24.33
CA TYR H 232 -31.62 -7.17 22.97
C TYR H 232 -32.79 -7.51 22.09
N PHE H 233 -32.80 -6.94 20.90
CA PHE H 233 -33.75 -7.29 19.86
C PHE H 233 -33.20 -7.17 18.45
N VAL H 234 -33.94 -7.71 17.49
CA VAL H 234 -33.53 -7.66 16.09
C VAL H 234 -34.20 -6.44 15.51
N ASN H 235 -33.39 -5.51 15.01
CA ASN H 235 -33.94 -4.27 14.47
C ASN H 235 -34.13 -4.39 12.96
N SER H 236 -34.79 -3.39 12.40
CA SER H 236 -35.12 -3.42 11.00
C SER H 236 -33.93 -3.27 10.04
N ASP H 237 -32.74 -3.01 10.58
CA ASP H 237 -31.47 -3.04 9.77
C ASP H 237 -30.77 -4.42 9.77
N ASN H 238 -31.49 -5.47 10.18
CA ASN H 238 -30.94 -6.81 10.32
C ASN H 238 -29.73 -6.92 11.20
N THR H 239 -29.81 -6.24 12.32
CA THR H 239 -28.81 -6.35 13.37
C THR H 239 -29.48 -6.46 14.71
N ILE H 240 -28.79 -7.05 15.68
CA ILE H 240 -29.20 -6.97 17.05
C ILE H 240 -28.85 -5.59 17.63
N TRP H 241 -29.85 -4.95 18.25
CA TRP H 241 -29.64 -3.76 19.06
C TRP H 241 -29.72 -4.09 20.54
N GLN H 242 -28.98 -3.30 21.32
CA GLN H 242 -28.93 -3.37 22.77
C GLN H 242 -29.50 -2.09 23.39
N VAL H 243 -30.31 -2.27 24.45
CA VAL H 243 -30.88 -1.18 25.23
C VAL H 243 -30.42 -1.35 26.65
N CYS H 244 -29.57 -0.42 27.08
CA CYS H 244 -28.99 -0.46 28.41
C CYS H 244 -29.91 0.19 29.45
N TRP H 245 -30.04 -0.47 30.61
CA TRP H 245 -30.39 0.20 31.85
C TRP H 245 -29.17 0.19 32.75
N ASP H 246 -28.65 1.38 33.05
CA ASP H 246 -27.58 1.48 34.00
C ASP H 246 -28.18 2.27 35.13
N HIS H 247 -27.86 1.86 36.36
CA HIS H 247 -28.30 2.55 37.57
C HIS H 247 -27.97 4.05 37.49
N GLY H 248 -28.92 4.90 37.86
CA GLY H 248 -28.68 6.34 37.78
C GLY H 248 -29.15 6.91 36.47
N GLN H 249 -28.74 6.26 35.37
CA GLN H 249 -28.97 6.73 34.00
C GLN H 249 -30.30 6.22 33.46
N GLY H 250 -30.72 5.04 33.88
CA GLY H 250 -32.01 4.50 33.39
C GLY H 250 -31.84 3.98 31.99
N TYR H 251 -32.89 4.10 31.17
CA TYR H 251 -32.83 3.59 29.78
C TYR H 251 -32.16 4.64 28.87
N HIS H 252 -30.83 4.67 28.93
CA HIS H 252 -30.07 5.81 28.45
C HIS H 252 -29.23 5.53 27.25
N ASP H 253 -29.35 4.36 26.65
CA ASP H 253 -28.51 4.02 25.51
C ASP H 253 -29.16 2.96 24.65
N LYS H 254 -29.23 3.25 23.36
CA LYS H 254 -29.79 2.36 22.36
C LYS H 254 -28.78 2.37 21.22
N ARG H 255 -28.12 1.21 21.00
CA ARG H 255 -27.20 1.03 19.83
C ARG H 255 -27.29 -0.35 19.16
N THR H 256 -26.82 -0.40 17.92
CA THR H 256 -26.60 -1.67 17.24
C THR H 256 -25.42 -2.39 17.89
N ILE H 257 -25.37 -3.71 17.74
CA ILE H 257 -24.35 -4.57 18.35
C ILE H 257 -23.62 -5.43 17.34
N THR H 258 -24.38 -6.14 16.50
CA THR H 258 -23.82 -7.11 15.53
C THR H 258 -24.86 -7.49 14.45
N PRO H 259 -24.41 -7.77 13.21
CA PRO H 259 -25.39 -8.15 12.16
C PRO H 259 -25.88 -9.58 12.36
N VAL H 260 -27.11 -9.84 11.93
CA VAL H 260 -27.73 -11.18 12.01
C VAL H 260 -28.47 -11.47 10.73
N ILE H 261 -28.84 -12.73 10.50
CA ILE H 261 -29.74 -13.05 9.39
C ILE H 261 -31.11 -12.46 9.65
N GLN H 262 -31.83 -12.26 8.55
CA GLN H 262 -33.18 -11.83 8.59
C GLN H 262 -33.97 -12.79 9.49
N GLY H 263 -34.58 -12.25 10.53
CA GLY H 263 -35.44 -13.02 11.41
C GLY H 263 -34.72 -13.94 12.35
N SER H 264 -33.46 -13.66 12.68
CA SER H 264 -32.77 -14.45 13.69
C SER H 264 -33.52 -14.33 15.02
N GLU H 265 -33.50 -15.41 15.79
CA GLU H 265 -33.87 -15.38 17.18
C GLU H 265 -32.59 -15.07 17.91
N ILE H 266 -32.68 -14.83 19.23
CA ILE H 266 -31.48 -14.56 20.02
C ILE H 266 -31.57 -15.06 21.45
N ALA H 267 -30.39 -15.29 22.04
CA ALA H 267 -30.28 -15.55 23.47
C ALA H 267 -29.12 -14.83 24.07
N ILE H 268 -29.30 -14.47 25.34
CA ILE H 268 -28.33 -13.70 26.13
C ILE H 268 -28.16 -14.33 27.48
N ILE H 269 -26.91 -14.47 27.91
CA ILE H 269 -26.60 -14.84 29.28
C ILE H 269 -25.59 -13.84 29.81
N SER H 270 -25.55 -13.68 31.12
CA SER H 270 -24.48 -12.87 31.73
C SER H 270 -24.00 -13.45 33.02
N TRP H 271 -22.79 -13.06 33.38
CA TRP H 271 -22.30 -13.19 34.75
C TRP H 271 -21.57 -11.94 35.20
N GLU H 272 -21.25 -11.87 36.50
CA GLU H 272 -20.63 -10.68 37.09
C GLU H 272 -19.25 -10.51 36.50
N GLY H 273 -18.89 -9.26 36.28
CA GLY H 273 -17.70 -8.89 35.52
C GLY H 273 -17.83 -7.44 35.12
N PRO H 274 -18.87 -7.10 34.34
CA PRO H 274 -19.77 -8.03 33.65
C PRO H 274 -19.07 -8.76 32.49
N GLU H 275 -19.45 -10.03 32.28
CA GLU H 275 -19.25 -10.75 31.02
C GLU H 275 -20.66 -10.96 30.35
N LEU H 276 -20.76 -10.71 29.04
CA LEU H 276 -22.00 -10.92 28.31
C LEU H 276 -21.77 -11.91 27.16
N ARG H 277 -22.76 -12.76 26.86
CA ARG H 277 -22.71 -13.64 25.68
C ARG H 277 -24.04 -13.70 24.96
N LEU H 278 -24.00 -13.33 23.68
CA LEU H 278 -25.16 -13.34 22.81
C LEU H 278 -25.02 -14.50 21.86
N TYR H 279 -26.14 -15.13 21.51
CA TYR H 279 -26.19 -16.24 20.55
C TYR H 279 -27.27 -15.90 19.57
N PHE H 280 -27.00 -16.22 18.30
CA PHE H 280 -27.81 -15.78 17.16
C PHE H 280 -27.29 -16.50 15.90
N GLN H 281 -27.99 -16.29 14.80
CA GLN H 281 -27.59 -16.76 13.47
C GLN H 281 -27.25 -15.56 12.62
N ASN H 282 -26.03 -15.51 12.11
CA ASN H 282 -25.60 -14.38 11.25
C ASN H 282 -25.22 -14.77 9.84
N GLY H 283 -25.32 -16.06 9.52
CA GLY H 283 -25.08 -16.55 8.18
C GLY H 283 -23.86 -17.38 8.07
N THR H 284 -23.18 -17.60 9.18
CA THR H 284 -21.99 -18.41 9.17
C THR H 284 -22.37 -19.85 8.86
N TYR H 285 -21.74 -20.40 7.82
CA TYR H 285 -22.14 -21.69 7.26
C TYR H 285 -23.62 -21.78 6.98
N VAL H 286 -24.18 -20.66 6.52
CA VAL H 286 -25.62 -20.44 6.40
C VAL H 286 -26.39 -20.44 7.73
N SER H 287 -26.38 -21.55 8.44
CA SER H 287 -27.33 -21.84 9.53
C SER H 287 -26.70 -22.15 10.88
N ALA H 288 -25.38 -22.03 11.01
CA ALA H 288 -24.73 -22.26 12.30
C ALA H 288 -25.06 -21.13 13.25
N ILE H 289 -25.03 -21.43 14.55
CA ILE H 289 -25.22 -20.38 15.56
C ILE H 289 -23.89 -19.73 15.84
N SER H 290 -23.87 -18.40 15.87
CA SER H 290 -22.66 -17.63 16.26
C SER H 290 -22.81 -16.99 17.65
N GLU H 291 -21.67 -16.54 18.17
CA GLU H 291 -21.56 -15.92 19.50
C GLU H 291 -21.01 -14.49 19.42
N TRP H 292 -21.54 -13.61 20.24
CA TRP H 292 -20.94 -12.31 20.48
C TRP H 292 -20.56 -12.18 21.95
N THR H 293 -19.45 -11.48 22.23
CA THR H 293 -18.91 -11.32 23.59
C THR H 293 -18.74 -9.86 24.02
N TRP H 294 -18.97 -9.61 25.30
CA TRP H 294 -18.49 -8.41 25.94
C TRP H 294 -17.76 -8.83 27.21
N GLY H 295 -16.54 -8.30 27.35
CA GLY H 295 -15.73 -8.43 28.55
C GLY H 295 -15.10 -7.08 28.85
N LYS H 296 -14.63 -6.88 30.08
CA LYS H 296 -13.84 -5.68 30.44
C LYS H 296 -12.51 -5.75 29.69
N ALA H 297 -11.90 -6.95 29.66
CA ALA H 297 -10.66 -7.23 28.93
C ALA H 297 -10.64 -6.65 27.50
N HIS H 298 -11.62 -7.01 26.66
CA HIS H 298 -11.62 -6.62 25.24
C HIS H 298 -12.83 -5.82 24.71
N GLY H 299 -13.84 -5.53 25.53
CA GLY H 299 -15.07 -4.88 25.02
C GLY H 299 -15.86 -5.79 24.07
N SER H 300 -16.47 -5.22 23.03
CA SER H 300 -17.19 -5.98 22.01
C SER H 300 -16.27 -6.76 21.09
N GLN H 301 -16.32 -8.09 21.17
CA GLN H 301 -15.66 -8.99 20.21
C GLN H 301 -16.64 -10.10 19.80
N LEU H 302 -16.64 -10.46 18.53
CA LEU H 302 -17.26 -11.70 18.12
C LEU H 302 -16.53 -12.84 18.85
N GLY H 303 -17.28 -13.85 19.25
CA GLY H 303 -16.72 -15.02 19.93
C GLY H 303 -16.78 -16.18 18.96
N ARG H 304 -17.15 -17.36 19.45
CA ARG H 304 -17.23 -18.56 18.62
C ARG H 304 -18.08 -18.32 17.37
N ARG H 305 -17.49 -18.58 16.21
CA ARG H 305 -18.05 -18.24 14.91
C ARG H 305 -19.16 -19.22 14.55
N ALA H 306 -18.94 -20.50 14.82
CA ALA H 306 -19.95 -21.54 14.59
C ALA H 306 -19.99 -22.56 15.72
N LEU H 307 -21.08 -22.53 16.48
CA LEU H 307 -21.25 -23.46 17.59
C LEU H 307 -21.38 -24.89 17.07
N PRO H 308 -20.84 -25.89 17.82
CA PRO H 308 -21.16 -27.32 17.61
C PRO H 308 -22.67 -27.52 17.43
N PRO H 309 -23.08 -28.35 16.47
CA PRO H 309 -22.31 -29.24 15.62
C PRO H 309 -21.65 -28.62 14.37
N ALA H 310 -21.76 -27.32 14.13
CA ALA H 310 -21.21 -26.75 12.86
C ALA H 310 -19.72 -27.04 12.73
N GLU H 311 -19.01 -26.74 13.82
CA GLU H 311 -17.68 -27.25 14.10
C GLU H 311 -17.75 -27.74 15.54
N SER I 2 12.96 -11.19 -37.27
CA SER I 2 13.46 -10.16 -38.25
C SER I 2 12.46 -9.59 -39.28
N THR I 3 12.91 -8.70 -40.18
CA THR I 3 12.10 -8.13 -41.28
C THR I 3 12.94 -8.00 -42.58
N PRO I 4 12.28 -7.87 -43.74
CA PRO I 4 13.02 -7.67 -45.02
C PRO I 4 14.04 -6.52 -44.99
N GLY I 5 13.66 -5.36 -44.45
CA GLY I 5 14.59 -4.24 -44.29
C GLY I 5 15.73 -4.51 -43.29
N ALA I 6 15.40 -5.10 -42.17
CA ALA I 6 16.41 -5.38 -41.15
C ALA I 6 17.48 -6.28 -41.71
N GLN I 7 17.08 -7.20 -42.59
CA GLN I 7 17.98 -8.20 -43.17
C GLN I 7 19.04 -7.57 -44.07
N GLU I 8 18.75 -6.39 -44.59
CA GLU I 8 19.73 -5.66 -45.39
C GLU I 8 20.87 -5.06 -44.58
N VAL I 9 20.71 -4.91 -43.27
CA VAL I 9 21.72 -4.25 -42.43
C VAL I 9 22.78 -5.25 -42.04
N LEU I 10 24.03 -4.94 -42.28
CA LEU I 10 25.10 -5.85 -41.90
C LEU I 10 25.19 -6.07 -40.39
N PHE I 11 25.41 -7.32 -39.99
CA PHE I 11 25.54 -7.68 -38.59
C PHE I 11 26.90 -7.20 -38.11
N ARG I 12 26.94 -6.47 -36.99
CA ARG I 12 28.16 -5.76 -36.57
C ARG I 12 28.71 -4.68 -37.55
N THR I 13 27.80 -4.10 -38.33
CA THR I 13 28.09 -2.96 -39.18
C THR I 13 28.75 -1.87 -38.39
N GLY I 14 29.66 -1.16 -39.06
CA GLY I 14 30.11 0.12 -38.60
C GLY I 14 28.94 1.07 -38.65
N ILE I 15 28.95 2.05 -37.75
CA ILE I 15 27.90 3.02 -37.61
C ILE I 15 28.50 4.38 -37.38
N ALA I 16 27.93 5.37 -38.06
CA ALA I 16 28.34 6.75 -37.89
C ALA I 16 27.12 7.65 -37.92
N ALA I 17 27.19 8.79 -37.21
CA ALA I 17 26.10 9.77 -37.24
C ALA I 17 26.61 11.19 -37.18
N VAL I 18 25.82 12.09 -37.77
CA VAL I 18 26.08 13.53 -37.70
C VAL I 18 24.76 14.23 -37.48
N ASN I 19 24.80 15.51 -37.12
CA ASN I 19 23.57 16.25 -36.88
C ASN I 19 23.71 17.76 -36.90
N SER I 20 22.56 18.42 -37.01
CA SER I 20 22.41 19.80 -36.63
C SER I 20 21.19 19.83 -35.73
N THR I 21 21.40 20.17 -34.46
CA THR I 21 20.45 19.90 -33.37
C THR I 21 19.76 18.54 -33.59
N ASN I 22 18.46 18.55 -33.87
CA ASN I 22 17.66 17.31 -33.92
C ASN I 22 17.28 16.94 -35.37
N HIS I 23 18.18 17.31 -36.28
CA HIS I 23 18.07 16.98 -37.69
C HIS I 23 19.22 16.00 -37.86
N LEU I 24 18.94 14.71 -38.11
CA LEU I 24 19.97 13.67 -37.92
C LEU I 24 20.21 12.85 -39.18
N ARG I 25 21.43 12.34 -39.30
CA ARG I 25 21.80 11.41 -40.36
C ARG I 25 22.56 10.31 -39.70
N VAL I 26 22.21 9.06 -40.03
CA VAL I 26 22.95 7.89 -39.56
C VAL I 26 23.38 7.09 -40.78
N TYR I 27 24.62 6.59 -40.77
CA TYR I 27 25.24 5.86 -41.88
C TYR I 27 25.63 4.47 -41.40
N PHE I 28 25.46 3.49 -42.29
CA PHE I 28 25.76 2.10 -41.94
C PHE I 28 26.02 1.32 -43.23
N GLN I 29 26.59 0.13 -43.07
CA GLN I 29 26.90 -0.73 -44.18
C GLN I 29 25.87 -1.83 -44.36
N ASP I 30 25.27 -1.91 -45.56
CA ASP I 30 24.36 -3.03 -45.94
C ASP I 30 25.07 -4.33 -46.17
N SER I 31 24.31 -5.42 -46.26
CA SER I 31 24.90 -6.78 -46.38
C SER I 31 25.68 -6.98 -47.70
N HIS I 32 25.37 -6.18 -48.73
CA HIS I 32 26.18 -6.18 -49.95
C HIS I 32 27.37 -5.15 -49.95
N GLY I 33 27.77 -4.64 -48.79
CA GLY I 33 28.89 -3.66 -48.71
C GLY I 33 28.66 -2.17 -49.08
N SER I 34 27.50 -1.77 -49.58
CA SER I 34 27.24 -0.35 -49.80
C SER I 34 27.04 0.36 -48.46
N ILE I 35 27.45 1.63 -48.41
CA ILE I 35 27.16 2.54 -47.29
C ILE I 35 25.88 3.34 -47.57
N ARG I 36 24.96 3.30 -46.60
CA ARG I 36 23.63 3.89 -46.76
C ARG I 36 23.38 4.98 -45.73
N GLU I 37 22.41 5.85 -46.02
CA GLU I 37 22.12 6.98 -45.17
C GLU I 37 20.67 6.91 -44.77
N SER I 38 20.42 6.78 -43.47
CA SER I 38 19.07 6.98 -42.94
C SER I 38 19.05 8.36 -42.37
N LEU I 39 17.89 9.00 -42.39
CA LEU I 39 17.76 10.35 -41.85
C LEU I 39 16.58 10.53 -40.90
N TYR I 40 16.71 11.50 -40.00
CA TYR I 40 15.61 12.00 -39.19
C TYR I 40 15.40 13.48 -39.50
N GLU I 41 14.29 13.80 -40.14
CA GLU I 41 13.81 15.19 -40.26
C GLU I 41 12.37 15.27 -39.85
N SER I 42 12.11 15.56 -38.57
CA SER I 42 10.76 15.44 -38.04
C SER I 42 10.17 14.03 -38.33
N GLY I 43 10.99 12.98 -38.26
CA GLY I 43 10.56 11.62 -38.53
C GLY I 43 11.66 10.87 -39.24
N TRP I 44 11.66 9.55 -39.11
CA TRP I 44 12.67 8.69 -39.70
C TRP I 44 12.36 8.29 -41.13
N ALA I 45 13.40 8.21 -41.96
CA ALA I 45 13.25 7.80 -43.35
C ALA I 45 14.50 7.24 -43.98
N ASN I 46 14.30 6.67 -45.15
CA ASN I 46 15.37 6.26 -46.07
C ASN I 46 16.17 5.04 -45.57
N GLY I 47 17.48 5.03 -45.70
CA GLY I 47 18.24 3.83 -45.45
C GLY I 47 18.03 2.71 -46.46
N THR I 48 17.50 3.00 -47.66
CA THR I 48 17.24 1.95 -48.68
C THR I 48 18.43 1.83 -49.64
N ALA I 49 18.31 0.92 -50.61
CA ALA I 49 19.30 0.78 -51.73
C ALA I 49 19.41 2.03 -52.61
N LYS I 50 18.38 2.89 -52.55
CA LYS I 50 18.34 4.19 -53.21
C LYS I 50 18.99 5.35 -52.42
N ASN I 51 19.72 5.05 -51.33
CA ASN I 51 20.37 6.04 -50.47
C ASN I 51 21.83 5.63 -50.22
N VAL I 52 22.45 5.01 -51.23
CA VAL I 52 23.87 4.62 -51.16
C VAL I 52 24.71 5.90 -51.34
N ILE I 53 25.74 6.07 -50.52
CA ILE I 53 26.68 7.20 -50.68
C ILE I 53 28.11 6.75 -51.01
N ALA I 54 28.39 5.46 -50.79
CA ALA I 54 29.70 4.87 -51.07
C ALA I 54 29.59 3.32 -51.12
N LYS I 55 30.64 2.66 -51.61
CA LYS I 55 30.82 1.21 -51.50
C LYS I 55 32.14 0.99 -50.84
N ALA I 56 32.24 -0.06 -50.03
CA ALA I 56 33.41 -0.25 -49.19
C ALA I 56 33.62 -1.73 -48.94
N LYS I 57 34.78 -2.08 -48.43
CA LYS I 57 35.04 -3.45 -48.03
C LYS I 57 34.01 -3.91 -46.98
N LEU I 58 33.49 -5.13 -47.09
CA LEU I 58 32.67 -5.70 -46.01
C LEU I 58 33.41 -5.62 -44.68
N GLY I 59 32.69 -5.18 -43.61
CA GLY I 59 33.30 -5.06 -42.27
C GLY I 59 34.08 -3.78 -42.07
N THR I 60 33.95 -2.85 -43.00
CA THR I 60 34.66 -1.58 -42.92
C THR I 60 34.32 -0.80 -41.67
N PRO I 61 35.30 -0.09 -41.12
CA PRO I 61 34.88 0.96 -40.20
C PRO I 61 34.08 2.05 -40.91
N LEU I 62 33.36 2.82 -40.13
CA LEU I 62 32.70 4.01 -40.58
C LEU I 62 33.05 5.16 -39.62
N ALA I 63 33.10 6.36 -40.17
CA ALA I 63 33.31 7.56 -39.39
C ALA I 63 32.68 8.69 -40.15
N ALA I 64 32.22 9.68 -39.43
CA ALA I 64 31.52 10.77 -40.06
C ALA I 64 31.56 12.00 -39.20
N THR I 65 31.48 13.16 -39.84
CA THR I 65 31.63 14.45 -39.17
C THR I 65 30.94 15.48 -40.05
N SER I 66 30.59 16.61 -39.46
CA SER I 66 29.78 17.58 -40.15
C SER I 66 29.87 18.98 -39.58
N LYS I 67 29.49 19.94 -40.41
CA LYS I 67 29.33 21.31 -40.02
C LYS I 67 27.87 21.48 -40.23
N GLU I 68 27.13 21.45 -39.12
CA GLU I 68 25.68 21.29 -39.16
C GLU I 68 25.32 20.20 -40.21
N LEU I 69 24.36 20.43 -41.10
CA LEU I 69 24.13 19.54 -42.27
C LEU I 69 24.46 20.21 -43.60
N LYS I 70 25.38 21.19 -43.59
CA LYS I 70 25.78 21.89 -44.82
C LYS I 70 26.94 21.15 -45.47
N ASN I 71 27.85 20.64 -44.63
CA ASN I 71 28.96 19.82 -45.08
C ASN I 71 29.02 18.55 -44.27
N ILE I 72 29.11 17.39 -44.92
CA ILE I 72 29.20 16.09 -44.26
C ILE I 72 30.32 15.33 -44.94
N ARG I 73 31.16 14.67 -44.15
CA ARG I 73 32.18 13.79 -44.71
C ARG I 73 32.06 12.42 -44.06
N VAL I 74 32.12 11.36 -44.87
CA VAL I 74 31.98 9.98 -44.41
C VAL I 74 33.13 9.09 -44.90
N TYR I 75 33.83 8.47 -43.94
CA TYR I 75 35.10 7.81 -44.15
C TYR I 75 34.91 6.30 -44.03
N SER I 76 35.46 5.56 -44.99
CA SER I 76 35.41 4.09 -45.02
C SER I 76 36.70 3.55 -45.59
N LEU I 77 36.81 2.23 -45.73
CA LEU I 77 37.96 1.59 -46.35
C LEU I 77 37.57 0.95 -47.68
N THR I 78 38.45 1.11 -48.69
CA THR I 78 38.36 0.37 -49.95
C THR I 78 38.76 -1.07 -49.73
N GLU I 79 38.41 -1.90 -50.70
CA GLU I 79 38.84 -3.30 -50.73
C GLU I 79 40.36 -3.45 -50.56
N ASP I 80 41.13 -2.43 -50.96
CA ASP I 80 42.58 -2.39 -50.72
C ASP I 80 43.05 -1.66 -49.46
N ASN I 81 42.19 -1.50 -48.46
CA ASN I 81 42.53 -0.81 -47.21
C ASN I 81 43.07 0.60 -47.33
N VAL I 82 42.50 1.35 -48.26
CA VAL I 82 42.81 2.77 -48.40
C VAL I 82 41.64 3.61 -47.86
N LEU I 83 41.96 4.67 -47.11
CA LEU I 83 40.98 5.61 -46.61
C LEU I 83 40.33 6.34 -47.78
N GLN I 84 39.02 6.24 -47.86
CA GLN I 84 38.23 6.98 -48.85
C GLN I 84 37.23 7.88 -48.14
N GLU I 85 36.58 8.75 -48.92
CA GLU I 85 35.84 9.86 -48.40
C GLU I 85 34.69 10.18 -49.30
N ALA I 86 33.48 9.99 -48.78
CA ALA I 86 32.28 10.44 -49.43
C ALA I 86 31.94 11.79 -48.86
N ALA I 87 31.58 12.73 -49.74
CA ALA I 87 31.46 14.12 -49.33
C ALA I 87 30.17 14.66 -49.75
N TYR I 88 29.57 15.44 -48.87
CA TYR I 88 28.35 16.18 -49.17
C TYR I 88 28.56 17.66 -48.83
N ASP I 89 28.17 18.54 -49.75
CA ASP I 89 28.16 20.01 -49.54
C ASP I 89 26.85 20.47 -50.08
N SER I 90 26.15 21.26 -49.28
CA SER I 90 24.79 21.69 -49.61
C SER I 90 24.80 22.43 -50.96
N GLY I 91 23.88 22.07 -51.86
CA GLY I 91 23.91 22.62 -53.23
C GLY I 91 24.85 21.90 -54.21
N SER I 92 25.76 21.06 -53.77
CA SER I 92 26.54 20.23 -54.68
C SER I 92 26.14 18.75 -54.65
N GLY I 93 25.31 18.35 -53.69
CA GLY I 93 25.02 16.92 -53.51
C GLY I 93 26.21 16.10 -53.03
N TRP I 94 26.18 14.78 -53.31
CA TRP I 94 27.19 13.80 -52.82
C TRP I 94 28.22 13.51 -53.89
N TYR I 95 29.47 13.37 -53.48
CA TYR I 95 30.55 13.16 -54.45
C TYR I 95 31.74 12.54 -53.75
N ASN I 96 32.66 12.02 -54.54
CA ASN I 96 33.87 11.40 -54.03
C ASN I 96 34.86 12.46 -53.64
N GLY I 97 35.22 12.50 -52.37
CA GLY I 97 36.23 13.41 -51.91
C GLY I 97 37.61 12.94 -52.29
N ALA I 98 38.62 13.76 -52.06
CA ALA I 98 39.93 13.54 -52.62
C ALA I 98 40.84 12.71 -51.71
N LEU I 99 40.31 12.03 -50.70
CA LEU I 99 41.17 11.29 -49.75
C LEU I 99 41.79 9.98 -50.30
N ALA I 100 41.00 9.25 -51.08
CA ALA I 100 41.51 8.05 -51.78
C ALA I 100 42.70 8.49 -52.66
N GLY I 101 42.44 9.58 -53.40
CA GLY I 101 43.45 10.32 -54.17
C GLY I 101 44.83 10.38 -53.56
N ALA I 102 44.94 10.59 -52.25
CA ALA I 102 46.27 10.60 -51.59
C ALA I 102 46.77 9.23 -51.14
N LYS I 103 46.14 8.14 -51.57
CA LYS I 103 46.65 6.78 -51.31
C LYS I 103 47.25 6.52 -49.90
N PHE I 104 46.46 6.80 -48.84
CA PHE I 104 46.81 6.42 -47.45
C PHE I 104 46.37 4.96 -47.14
N THR I 105 47.33 4.04 -47.06
CA THR I 105 47.06 2.64 -46.73
C THR I 105 47.20 2.45 -45.20
N VAL I 106 46.19 1.79 -44.62
CA VAL I 106 46.10 1.51 -43.17
C VAL I 106 46.07 -0.01 -42.97
N ALA I 107 46.03 -0.47 -41.72
CA ALA I 107 45.89 -1.92 -41.45
C ALA I 107 44.48 -2.37 -41.80
N PRO I 108 44.27 -3.65 -42.22
CA PRO I 108 42.91 -4.13 -42.61
C PRO I 108 41.80 -4.10 -41.50
N TYR I 109 42.24 -4.17 -40.25
CA TYR I 109 41.40 -4.10 -39.05
C TYR I 109 41.32 -2.67 -38.45
N SER I 110 41.75 -1.65 -39.19
CA SER I 110 41.86 -0.32 -38.62
C SER I 110 40.48 0.30 -38.54
N ARG I 111 40.27 1.06 -37.47
CA ARG I 111 39.10 1.89 -37.34
C ARG I 111 39.43 3.26 -37.87
N ILE I 112 38.43 4.13 -37.87
CA ILE I 112 38.56 5.50 -38.29
C ILE I 112 37.81 6.41 -37.32
N GLY I 113 38.45 7.53 -36.95
CA GLY I 113 37.80 8.68 -36.31
C GLY I 113 37.91 9.92 -37.18
N SER I 114 37.01 10.88 -37.02
CA SER I 114 36.92 12.02 -37.93
C SER I 114 36.20 13.25 -37.37
N VAL I 115 36.89 14.40 -37.33
CA VAL I 115 36.31 15.65 -36.87
C VAL I 115 36.66 16.85 -37.75
N PHE I 116 35.69 17.71 -37.97
CA PHE I 116 35.93 19.05 -38.45
C PHE I 116 36.39 19.81 -37.20
N LEU I 117 37.45 20.63 -37.34
CA LEU I 117 37.95 21.42 -36.22
C LEU I 117 36.90 22.48 -35.93
N ALA I 118 36.52 22.61 -34.67
CA ALA I 118 35.46 23.56 -34.29
C ALA I 118 35.99 24.99 -34.21
N GLY I 119 35.05 25.93 -34.32
CA GLY I 119 35.30 27.36 -34.07
C GLY I 119 35.89 28.16 -35.21
N THR I 120 35.41 27.89 -36.40
CA THR I 120 35.95 28.47 -37.63
C THR I 120 35.01 27.99 -38.69
N ASN I 121 34.70 28.83 -39.67
CA ASN I 121 33.82 28.41 -40.78
C ASN I 121 34.60 27.85 -41.93
N ALA I 122 35.94 27.83 -41.81
CA ALA I 122 36.76 27.01 -42.70
C ALA I 122 36.47 25.52 -42.48
N LEU I 123 36.59 24.80 -43.59
CA LEU I 123 36.45 23.37 -43.60
C LEU I 123 37.80 22.71 -43.38
N GLN I 124 38.24 22.61 -42.11
CA GLN I 124 39.49 21.91 -41.76
C GLN I 124 39.14 20.57 -41.15
N LEU I 125 39.82 19.48 -41.51
CA LEU I 125 39.47 18.11 -41.02
C LEU I 125 40.61 17.38 -40.40
N ARG I 126 40.34 16.55 -39.40
CA ARG I 126 41.32 15.63 -38.82
C ARG I 126 40.78 14.20 -38.71
N ILE I 127 41.41 13.28 -39.42
CA ILE I 127 41.02 11.87 -39.52
C ILE I 127 42.04 11.11 -38.71
N TYR I 128 41.66 9.97 -38.14
CA TYR I 128 42.61 9.16 -37.37
C TYR I 128 42.41 7.71 -37.72
N ALA I 129 43.48 6.98 -37.96
CA ALA I 129 43.35 5.55 -38.28
C ALA I 129 44.58 4.80 -37.84
N GLN I 130 44.59 3.48 -38.07
CA GLN I 130 45.69 2.63 -37.63
C GLN I 130 46.52 2.09 -38.80
N LYS I 131 47.80 2.49 -38.84
CA LYS I 131 48.75 2.06 -39.88
C LYS I 131 49.12 0.61 -39.59
N THR I 132 49.74 -0.05 -40.56
CA THR I 132 50.12 -1.44 -40.44
C THR I 132 51.17 -1.66 -39.35
N ASP I 133 51.91 -0.63 -38.94
CA ASP I 133 52.74 -0.74 -37.71
C ASP I 133 51.99 -0.56 -36.36
N ASN I 134 50.64 -0.50 -36.41
CA ASN I 134 49.71 -0.36 -35.24
C ASN I 134 49.77 1.00 -34.55
N THR I 135 50.27 2.02 -35.23
CA THR I 135 50.28 3.36 -34.67
C THR I 135 49.04 4.10 -35.11
N ILE I 136 48.61 5.07 -34.30
CA ILE I 136 47.45 5.85 -34.66
C ILE I 136 47.96 7.11 -35.34
N GLN I 137 47.67 7.22 -36.63
CA GLN I 137 48.17 8.30 -37.47
C GLN I 137 47.09 9.36 -37.65
N GLU I 138 47.42 10.60 -37.38
CA GLU I 138 46.53 11.72 -37.79
C GLU I 138 46.70 12.03 -39.28
N TYR I 139 45.62 12.40 -39.95
CA TYR I 139 45.64 12.83 -41.34
C TYR I 139 44.86 14.10 -41.41
N MET I 140 45.33 15.08 -42.17
CA MET I 140 44.72 16.41 -42.13
C MET I 140 44.44 17.03 -43.49
N TRP I 141 43.49 17.95 -43.47
CA TRP I 141 43.15 18.75 -44.62
C TRP I 141 42.96 20.17 -44.10
N ASN I 142 43.76 21.09 -44.63
CA ASN I 142 43.70 22.50 -44.25
C ASN I 142 43.32 23.44 -45.40
N GLY I 143 42.71 22.86 -46.43
CA GLY I 143 42.22 23.59 -47.60
C GLY I 143 43.20 23.55 -48.75
N ASP I 144 44.29 22.77 -48.65
CA ASP I 144 45.33 22.72 -49.67
C ASP I 144 45.95 21.32 -49.75
N GLY I 145 45.09 20.32 -49.99
CA GLY I 145 45.51 18.91 -50.13
C GLY I 145 45.60 18.10 -48.82
N TRP I 146 45.41 16.79 -48.95
CA TRP I 146 45.47 15.87 -47.79
C TRP I 146 46.91 15.58 -47.43
N LYS I 147 47.26 15.65 -46.13
CA LYS I 147 48.67 15.49 -45.64
C LYS I 147 48.73 14.82 -44.28
N GLU I 148 49.77 14.02 -44.02
CA GLU I 148 49.95 13.42 -42.69
C GLU I 148 50.12 14.48 -41.62
N GLY I 149 49.58 14.20 -40.44
CA GLY I 149 49.67 15.04 -39.24
C GLY I 149 50.47 14.33 -38.16
N THR I 150 50.12 14.54 -36.89
CA THR I 150 50.84 13.89 -35.78
C THR I 150 50.63 12.37 -35.72
N ASN I 151 51.59 11.65 -35.14
CA ASN I 151 51.45 10.21 -34.95
C ASN I 151 51.37 10.08 -33.45
N LEU I 152 50.32 9.41 -32.98
CA LEU I 152 49.92 9.42 -31.55
C LEU I 152 50.40 8.16 -30.83
N GLY I 153 51.00 7.25 -31.60
CA GLY I 153 51.70 6.15 -31.01
C GLY I 153 51.02 4.82 -31.21
N VAL I 154 51.61 3.81 -30.60
CA VAL I 154 51.14 2.45 -30.73
C VAL I 154 49.85 2.23 -29.90
N ALA I 155 48.95 1.41 -30.48
CA ALA I 155 47.69 0.98 -29.87
C ALA I 155 47.47 -0.49 -30.18
N LEU I 156 46.51 -1.10 -29.49
CA LEU I 156 46.14 -2.49 -29.74
C LEU I 156 45.59 -2.64 -31.17
N PRO I 157 45.94 -3.71 -31.87
CA PRO I 157 45.43 -3.88 -33.23
C PRO I 157 43.89 -4.04 -33.36
N GLY I 158 43.27 -3.10 -34.08
CA GLY I 158 41.83 -3.07 -34.27
C GLY I 158 41.11 -2.25 -33.21
N THR I 159 41.86 -1.56 -32.34
CA THR I 159 41.27 -0.72 -31.31
C THR I 159 40.18 0.13 -31.91
N GLY I 160 39.13 0.35 -31.15
CA GLY I 160 38.21 1.41 -31.47
C GLY I 160 38.93 2.73 -31.38
N ILE I 161 38.39 3.72 -32.05
CA ILE I 161 38.95 5.05 -32.05
C ILE I 161 37.84 6.04 -31.86
N GLY I 162 37.88 6.70 -30.71
CA GLY I 162 36.95 7.79 -30.46
C GLY I 162 37.66 9.12 -30.50
N VAL I 163 36.93 10.14 -30.93
CA VAL I 163 37.49 11.45 -31.11
C VAL I 163 36.41 12.53 -31.05
N THR I 164 36.71 13.65 -30.37
CA THR I 164 35.78 14.77 -30.29
C THR I 164 36.59 16.08 -30.31
N CYS I 165 35.95 17.18 -30.66
CA CYS I 165 36.66 18.43 -30.79
C CYS I 165 35.72 19.58 -30.53
N TRP I 166 36.21 20.56 -29.80
CA TRP I 166 35.44 21.76 -29.50
C TRP I 166 36.42 22.93 -29.39
N ARG I 167 35.89 24.15 -29.25
CA ARG I 167 36.69 25.31 -28.98
C ARG I 167 36.23 25.91 -27.68
N TYR I 168 37.12 26.01 -26.70
CA TYR I 168 36.80 26.73 -25.45
C TYR I 168 36.50 28.21 -25.73
N THR I 169 35.52 28.82 -25.08
CA THR I 169 35.22 30.23 -25.40
C THR I 169 36.41 31.18 -25.12
N ASP I 170 37.30 30.83 -24.19
CA ASP I 170 38.49 31.66 -23.88
C ASP I 170 39.84 31.13 -24.48
N TYR I 171 39.79 30.52 -25.67
CA TYR I 171 41.00 30.09 -26.42
C TYR I 171 40.90 30.54 -27.88
N ASP I 172 42.02 30.47 -28.60
CA ASP I 172 42.16 31.02 -29.97
C ASP I 172 42.37 29.89 -31.00
N GLY I 173 41.65 28.79 -30.82
CA GLY I 173 42.01 27.56 -31.48
C GLY I 173 41.31 26.33 -30.92
N PRO I 174 41.31 25.26 -31.72
CA PRO I 174 40.50 24.11 -31.40
C PRO I 174 41.21 23.23 -30.42
N SER I 175 40.45 22.62 -29.52
CA SER I 175 40.96 21.48 -28.71
C SER I 175 40.46 20.12 -29.25
N ILE I 176 41.25 19.08 -29.09
CA ILE I 176 40.92 17.76 -29.60
C ILE I 176 41.22 16.73 -28.52
N ARG I 177 40.38 15.70 -28.45
CA ARG I 177 40.63 14.58 -27.56
C ARG I 177 40.44 13.35 -28.38
N VAL I 178 41.36 12.39 -28.24
CA VAL I 178 41.26 11.10 -28.92
C VAL I 178 41.38 10.01 -27.87
N TRP I 179 40.55 8.97 -27.99
CA TRP I 179 40.55 7.82 -27.06
C TRP I 179 40.68 6.55 -27.85
N PHE I 180 41.38 5.59 -27.26
CA PHE I 180 41.63 4.31 -27.91
C PHE I 180 42.21 3.35 -26.91
N GLN I 181 42.49 2.14 -27.37
CA GLN I 181 42.78 1.04 -26.49
C GLN I 181 44.21 0.61 -26.71
N THR I 182 44.98 0.56 -25.64
CA THR I 182 46.38 0.12 -25.68
C THR I 182 46.54 -1.42 -25.44
N ASP I 183 47.77 -1.91 -25.62
CA ASP I 183 48.06 -3.35 -25.68
C ASP I 183 47.70 -4.07 -24.41
N ASN I 184 47.79 -3.38 -23.28
CA ASN I 184 47.36 -3.90 -21.95
C ASN I 184 45.82 -3.89 -21.73
N LEU I 185 45.08 -3.68 -22.82
CA LEU I 185 43.64 -3.66 -22.86
C LEU I 185 43.00 -2.47 -22.12
N LYS I 186 43.80 -1.49 -21.67
CA LYS I 186 43.25 -0.28 -21.07
C LYS I 186 42.67 0.66 -22.13
N LEU I 187 41.78 1.54 -21.71
CA LEU I 187 41.29 2.62 -22.56
C LEU I 187 41.90 3.93 -22.10
N VAL I 188 42.49 4.68 -23.04
CA VAL I 188 43.29 5.87 -22.72
C VAL I 188 42.89 7.07 -23.53
N GLN I 189 43.39 8.23 -23.10
CA GLN I 189 43.11 9.53 -23.70
C GLN I 189 44.40 10.26 -24.12
N ARG I 190 44.42 10.75 -25.36
CA ARG I 190 45.43 11.71 -25.79
C ARG I 190 44.68 13.00 -26.05
N ALA I 191 45.34 14.12 -25.76
CA ALA I 191 44.70 15.44 -25.82
C ALA I 191 45.51 16.45 -26.63
N TYR I 192 44.84 17.38 -27.28
CA TYR I 192 45.48 18.49 -27.96
C TYR I 192 44.83 19.76 -27.50
N ASP I 193 45.64 20.73 -27.06
CA ASP I 193 45.14 22.11 -26.90
C ASP I 193 46.06 23.03 -27.72
N PRO I 194 45.60 24.26 -28.07
CA PRO I 194 46.35 25.13 -29.00
C PRO I 194 47.75 25.56 -28.53
N HIS I 195 47.85 26.24 -27.39
CA HIS I 195 49.15 26.77 -26.90
C HIS I 195 50.11 25.66 -26.44
N THR I 196 49.59 24.47 -26.12
CA THR I 196 50.40 23.35 -25.61
C THR I 196 50.71 22.26 -26.65
N GLY I 197 49.89 22.18 -27.71
CA GLY I 197 49.94 21.06 -28.66
C GLY I 197 49.46 19.77 -28.00
N TRP I 198 49.93 18.64 -28.53
CA TRP I 198 49.64 17.31 -27.97
C TRP I 198 50.32 17.13 -26.61
N TYR I 199 49.52 16.77 -25.59
CA TYR I 199 50.07 16.39 -24.29
C TYR I 199 50.87 15.11 -24.57
N LYS I 200 51.96 14.93 -23.82
CA LYS I 200 52.78 13.74 -23.96
C LYS I 200 52.18 12.56 -23.23
N GLU I 201 51.41 12.84 -22.17
CA GLU I 201 50.88 11.79 -21.28
C GLU I 201 49.55 11.18 -21.78
N LEU I 202 49.52 9.85 -21.76
CA LEU I 202 48.32 9.03 -21.89
C LEU I 202 47.57 9.10 -20.56
N THR I 203 46.28 9.46 -20.61
CA THR I 203 45.43 9.45 -19.43
C THR I 203 44.43 8.28 -19.49
N THR I 204 44.47 7.41 -18.48
CA THR I 204 43.58 6.23 -18.43
C THR I 204 42.12 6.64 -18.12
N ILE I 205 41.17 6.10 -18.88
CA ILE I 205 39.75 6.22 -18.57
C ILE I 205 39.04 4.93 -18.14
N PHE I 206 39.59 3.76 -18.47
CA PHE I 206 39.02 2.48 -18.00
C PHE I 206 40.14 1.45 -17.86
N ASP I 207 40.16 0.73 -16.74
CA ASP I 207 41.25 -0.23 -16.50
C ASP I 207 41.28 -1.42 -17.45
N LYS I 208 40.15 -1.89 -17.91
CA LYS I 208 40.16 -3.04 -18.81
C LYS I 208 38.87 -3.25 -19.58
N ALA I 209 39.01 -3.45 -20.89
CA ALA I 209 37.90 -3.48 -21.82
C ALA I 209 38.07 -4.69 -22.73
N PRO I 210 36.99 -5.12 -23.37
CA PRO I 210 37.20 -6.21 -24.31
C PRO I 210 38.06 -5.78 -25.52
N PRO I 211 38.88 -6.72 -26.02
CA PRO I 211 39.79 -6.42 -27.10
C PRO I 211 39.03 -6.02 -28.37
N ARG I 212 39.42 -4.89 -28.92
CA ARG I 212 38.79 -4.30 -30.08
C ARG I 212 37.33 -3.92 -29.86
N CYS I 213 36.97 -3.56 -28.63
CA CYS I 213 35.66 -2.99 -28.37
C CYS I 213 35.54 -1.68 -29.11
N ALA I 214 34.33 -1.41 -29.58
CA ALA I 214 33.97 -0.14 -30.14
C ALA I 214 34.09 0.93 -29.06
N ILE I 215 34.44 2.14 -29.53
CA ILE I 215 34.67 3.32 -28.73
C ILE I 215 34.13 4.50 -29.50
N ALA I 216 33.36 5.36 -28.84
CA ALA I 216 32.81 6.57 -29.46
C ALA I 216 32.65 7.66 -28.44
N ALA I 217 32.61 8.91 -28.87
CA ALA I 217 32.63 10.01 -27.94
C ALA I 217 32.04 11.27 -28.52
N THR I 218 31.61 12.16 -27.62
CA THR I 218 31.05 13.45 -27.99
C THR I 218 31.40 14.47 -26.93
N ASN I 219 31.05 15.72 -27.18
CA ASN I 219 31.19 16.74 -26.17
C ASN I 219 30.02 17.66 -26.23
N PHE I 220 29.81 18.45 -25.18
CA PHE I 220 28.80 19.47 -25.21
C PHE I 220 29.11 20.63 -24.26
N ASN I 221 28.42 21.74 -24.51
CA ASN I 221 28.50 22.94 -23.70
C ASN I 221 29.94 23.38 -23.39
N PRO I 222 30.71 23.71 -24.44
CA PRO I 222 32.03 24.31 -24.19
C PRO I 222 31.88 25.71 -23.55
N GLY I 223 32.73 26.02 -22.60
CA GLY I 223 32.74 27.37 -22.00
C GLY I 223 34.14 27.88 -21.69
N LYS I 224 34.18 28.90 -20.84
CA LYS I 224 35.43 29.46 -20.35
C LYS I 224 36.15 28.37 -19.57
N SER I 225 37.18 27.76 -20.19
CA SER I 225 38.02 26.68 -19.62
C SER I 225 37.23 25.52 -19.00
N SER I 226 36.18 25.14 -19.74
CA SER I 226 35.22 24.13 -19.29
C SER I 226 34.65 23.34 -20.48
N ILE I 227 34.59 22.02 -20.32
CA ILE I 227 33.93 21.14 -21.27
C ILE I 227 33.15 20.05 -20.52
N TYR I 228 32.15 19.48 -21.19
CA TYR I 228 31.55 18.21 -20.81
C TYR I 228 31.75 17.22 -21.96
N MET I 229 32.30 16.04 -21.65
CA MET I 229 32.55 14.94 -22.59
C MET I 229 31.86 13.62 -22.17
N ARG I 230 31.60 12.75 -23.14
CA ARG I 230 31.00 11.43 -22.90
C ARG I 230 31.67 10.44 -23.84
N ILE I 231 32.29 9.41 -23.28
CA ILE I 231 32.88 8.33 -24.07
C ILE I 231 32.13 7.02 -23.79
N TYR I 232 31.79 6.32 -24.86
CA TYR I 232 31.02 5.10 -24.81
C TYR I 232 31.82 3.95 -25.35
N PHE I 233 31.69 2.79 -24.73
CA PHE I 233 32.37 1.63 -25.27
C PHE I 233 31.59 0.38 -24.95
N VAL I 234 31.82 -0.70 -25.70
CA VAL I 234 31.16 -1.95 -25.43
C VAL I 234 31.98 -2.71 -24.41
N ASN I 235 31.39 -3.08 -23.28
CA ASN I 235 32.14 -3.74 -22.19
C ASN I 235 31.93 -5.24 -22.24
N SER I 236 32.55 -5.94 -21.29
CA SER I 236 32.53 -7.41 -21.27
C SER I 236 31.18 -7.98 -20.93
N ASP I 237 30.29 -7.16 -20.37
CA ASP I 237 28.92 -7.55 -20.01
C ASP I 237 27.94 -7.40 -21.17
N ASN I 238 28.44 -7.19 -22.39
CA ASN I 238 27.60 -6.98 -23.54
C ASN I 238 26.61 -5.84 -23.38
N THR I 239 27.08 -4.78 -22.75
CA THR I 239 26.35 -3.52 -22.73
C THR I 239 27.28 -2.37 -23.16
N ILE I 240 26.72 -1.27 -23.62
CA ILE I 240 27.50 -0.03 -23.73
C ILE I 240 27.68 0.60 -22.33
N TRP I 241 28.90 1.01 -22.00
CA TRP I 241 29.19 1.80 -20.80
C TRP I 241 29.52 3.24 -21.21
N GLN I 242 29.31 4.14 -20.26
CA GLN I 242 29.52 5.58 -20.43
C GLN I 242 30.55 6.07 -19.41
N VAL I 243 31.51 6.87 -19.87
CA VAL I 243 32.49 7.53 -19.00
C VAL I 243 32.14 9.00 -19.13
N CYS I 244 31.79 9.62 -18.01
CA CYS I 244 31.49 11.07 -17.96
C CYS I 244 32.73 11.91 -17.62
N TRP I 245 32.94 12.97 -18.39
CA TRP I 245 33.78 14.09 -18.00
C TRP I 245 32.84 15.25 -17.79
N ASP I 246 32.84 15.82 -16.58
CA ASP I 246 32.03 16.99 -16.26
C ASP I 246 32.90 18.04 -15.60
N HIS I 247 32.85 19.26 -16.11
CA HIS I 247 33.68 20.34 -15.61
C HIS I 247 33.69 20.36 -14.09
N GLY I 248 34.89 20.34 -13.52
CA GLY I 248 35.05 20.50 -12.08
C GLY I 248 35.18 19.19 -11.38
N GLN I 249 34.59 18.13 -11.97
CA GLN I 249 34.65 16.78 -11.40
C GLN I 249 35.55 15.82 -12.18
N GLY I 250 35.81 16.14 -13.45
CA GLY I 250 36.69 15.32 -14.26
C GLY I 250 36.02 14.00 -14.60
N TYR I 251 36.83 12.96 -14.74
CA TYR I 251 36.35 11.63 -15.10
C TYR I 251 35.77 10.89 -13.86
N HIS I 252 34.55 11.25 -13.49
CA HIS I 252 33.98 10.88 -12.18
C HIS I 252 32.83 9.85 -12.16
N ASP I 253 32.48 9.27 -13.29
CA ASP I 253 31.31 8.39 -13.35
C ASP I 253 31.47 7.43 -14.49
N LYS I 254 31.39 6.15 -14.17
CA LYS I 254 31.41 5.09 -15.13
C LYS I 254 30.21 4.20 -14.84
N ARG I 255 29.32 4.00 -15.82
CA ARG I 255 28.17 3.09 -15.62
C ARG I 255 27.68 2.45 -16.91
N THR I 256 26.88 1.40 -16.74
CA THR I 256 26.20 0.76 -17.87
C THR I 256 25.11 1.69 -18.41
N ILE I 257 24.86 1.58 -19.72
CA ILE I 257 23.81 2.37 -20.37
C ILE I 257 22.68 1.49 -20.95
N THR I 258 23.03 0.55 -21.82
CA THR I 258 22.02 -0.25 -22.43
C THR I 258 22.63 -1.50 -23.02
N PRO I 259 21.84 -2.58 -23.13
CA PRO I 259 22.45 -3.79 -23.72
C PRO I 259 22.67 -3.70 -25.23
N VAL I 260 23.64 -4.45 -25.70
CA VAL I 260 23.93 -4.57 -27.14
C VAL I 260 24.21 -6.02 -27.47
N ILE I 261 24.10 -6.35 -28.76
CA ILE I 261 24.57 -7.64 -29.22
C ILE I 261 26.05 -7.71 -29.00
N GLN I 262 26.55 -8.93 -28.93
CA GLN I 262 27.96 -9.21 -28.86
C GLN I 262 28.73 -8.51 -30.03
N GLY I 263 29.76 -7.71 -29.66
CA GLY I 263 30.60 -6.98 -30.60
C GLY I 263 29.92 -5.94 -31.44
N SER I 264 28.93 -5.26 -30.91
CA SER I 264 28.26 -4.19 -31.64
C SER I 264 29.26 -3.04 -31.77
N GLU I 265 29.01 -2.23 -32.79
CA GLU I 265 29.70 -0.98 -32.99
C GLU I 265 28.78 0.10 -32.44
N ILE I 266 29.29 1.33 -32.31
CA ILE I 266 28.61 2.42 -31.62
C ILE I 266 28.76 3.71 -32.40
N ALA I 267 27.73 4.53 -32.36
CA ALA I 267 27.85 5.94 -32.72
C ALA I 267 27.08 6.81 -31.73
N ILE I 268 27.58 8.05 -31.56
CA ILE I 268 27.05 9.03 -30.62
C ILE I 268 27.00 10.38 -31.32
N ILE I 269 25.96 11.14 -31.07
CA ILE I 269 25.87 12.52 -31.49
C ILE I 269 25.30 13.25 -30.30
N SER I 270 25.41 14.57 -30.31
CA SER I 270 24.78 15.39 -29.27
C SER I 270 24.50 16.79 -29.75
N TRP I 271 23.60 17.43 -29.01
CA TRP I 271 23.32 18.85 -29.17
C TRP I 271 22.97 19.54 -27.84
N GLU I 272 22.78 20.86 -27.87
CA GLU I 272 22.63 21.63 -26.63
C GLU I 272 21.31 21.34 -25.93
N GLY I 273 21.41 21.13 -24.63
CA GLY I 273 20.28 20.69 -23.81
C GLY I 273 20.77 20.24 -22.44
N PRO I 274 21.59 19.19 -22.39
CA PRO I 274 22.01 18.36 -23.51
C PRO I 274 20.98 17.31 -23.94
N GLU I 275 21.14 16.92 -25.21
CA GLU I 275 20.45 15.80 -25.85
C GLU I 275 21.51 14.87 -26.43
N LEU I 276 21.51 13.60 -25.99
CA LEU I 276 22.35 12.56 -26.54
C LEU I 276 21.51 11.52 -27.32
N ARG I 277 22.08 11.01 -28.41
CA ARG I 277 21.57 9.85 -29.15
C ARG I 277 22.69 8.88 -29.42
N LEU I 278 22.55 7.64 -28.98
CA LEU I 278 23.51 6.57 -29.25
C LEU I 278 22.89 5.61 -30.21
N TYR I 279 23.68 5.07 -31.16
CA TYR I 279 23.21 4.09 -32.15
C TYR I 279 24.02 2.83 -32.07
N PHE I 280 23.34 1.69 -32.18
CA PHE I 280 23.96 0.41 -31.90
C PHE I 280 23.04 -0.73 -32.38
N GLN I 281 23.50 -1.98 -32.27
CA GLN I 281 22.71 -3.18 -32.58
C GLN I 281 22.46 -3.89 -31.27
N ASN I 282 21.18 -4.11 -30.95
CA ASN I 282 20.80 -4.83 -29.72
C ASN I 282 19.96 -6.05 -29.96
N GLY I 283 19.80 -6.49 -31.21
CA GLY I 283 19.07 -7.69 -31.47
C GLY I 283 17.70 -7.46 -32.03
N THR I 284 17.30 -6.21 -32.14
CA THR I 284 15.98 -5.88 -32.57
C THR I 284 15.89 -6.23 -34.04
N TYR I 285 14.95 -7.13 -34.36
CA TYR I 285 14.84 -7.75 -35.68
C TYR I 285 16.17 -8.33 -36.08
N VAL I 286 16.86 -8.90 -35.11
CA VAL I 286 18.16 -9.48 -35.29
C VAL I 286 19.27 -8.47 -35.65
N SER I 287 19.13 -7.79 -36.78
CA SER I 287 20.21 -6.96 -37.30
C SER I 287 19.87 -5.48 -37.44
N ALA I 288 18.71 -5.06 -36.95
CA ALA I 288 18.35 -3.64 -37.06
C ALA I 288 19.20 -2.82 -36.13
N ILE I 289 19.22 -1.52 -36.40
CA ILE I 289 19.90 -0.55 -35.55
C ILE I 289 18.89 0.09 -34.60
N SER I 290 19.27 0.21 -33.34
CA SER I 290 18.43 0.77 -32.33
C SER I 290 19.08 2.06 -31.78
N GLU I 291 18.25 2.88 -31.14
CA GLU I 291 18.65 4.17 -30.60
C GLU I 291 18.42 4.24 -29.08
N TRP I 292 19.34 4.92 -28.38
CA TRP I 292 19.17 5.25 -26.97
C TRP I 292 19.27 6.76 -26.88
N THR I 293 18.42 7.37 -26.05
CA THR I 293 18.39 8.81 -25.85
C THR I 293 18.69 9.19 -24.42
N TRP I 294 19.21 10.42 -24.27
CA TRP I 294 19.13 11.11 -23.00
C TRP I 294 18.69 12.53 -23.27
N GLY I 295 17.74 13.02 -22.49
CA GLY I 295 17.38 14.45 -22.45
C GLY I 295 16.87 14.86 -21.08
N LYS I 296 16.77 16.17 -20.82
CA LYS I 296 16.28 16.67 -19.52
C LYS I 296 14.85 16.22 -19.13
N ALA I 297 14.02 15.94 -20.12
CA ALA I 297 12.62 15.52 -19.90
C ALA I 297 12.49 14.10 -19.31
N HIS I 298 13.19 13.12 -19.87
CA HIS I 298 13.00 11.70 -19.50
C HIS I 298 14.25 10.96 -19.04
N GLY I 299 15.41 11.62 -19.03
CA GLY I 299 16.64 10.97 -18.66
C GLY I 299 16.99 9.90 -19.67
N SER I 300 17.58 8.82 -19.15
CA SER I 300 17.96 7.68 -19.95
C SER I 300 16.73 6.93 -20.45
N GLN I 301 16.50 6.91 -21.77
CA GLN I 301 15.44 6.06 -22.34
C GLN I 301 15.65 5.59 -23.76
N LEU I 302 15.32 4.34 -24.04
CA LEU I 302 15.39 3.82 -25.39
C LEU I 302 14.57 4.63 -26.34
N GLY I 303 15.14 4.98 -27.49
CA GLY I 303 14.45 5.73 -28.53
C GLY I 303 13.99 4.74 -29.57
N ARG I 304 13.97 5.16 -30.83
CA ARG I 304 13.69 4.30 -31.99
C ARG I 304 14.25 2.86 -31.91
N ARG I 305 13.38 1.85 -31.98
CA ARG I 305 13.83 0.46 -31.87
C ARG I 305 14.55 -0.03 -33.12
N ALA I 306 14.06 0.41 -34.26
CA ALA I 306 14.55 -0.10 -35.52
C ALA I 306 14.64 1.03 -36.53
N LEU I 307 15.85 1.50 -36.78
CA LEU I 307 16.04 2.54 -37.79
C LEU I 307 15.66 2.02 -39.16
N PRO I 308 15.19 2.93 -40.02
CA PRO I 308 15.10 2.61 -41.45
C PRO I 308 16.38 1.97 -41.96
N PRO I 309 16.26 0.93 -42.81
CA PRO I 309 15.10 0.39 -43.44
C PRO I 309 14.33 -0.70 -42.67
N ALA I 310 14.77 -1.06 -41.46
CA ALA I 310 14.09 -2.12 -40.67
C ALA I 310 12.56 -1.93 -40.42
N GLU I 311 12.13 -0.69 -40.27
CA GLU I 311 10.75 -0.39 -39.94
C GLU I 311 10.35 0.95 -40.54
N SER J 2 25.61 -49.24 3.04
CA SER J 2 25.32 -49.83 4.40
C SER J 2 26.24 -51.00 4.98
N THR J 3 25.73 -51.70 6.01
CA THR J 3 26.37 -52.88 6.64
C THR J 3 25.30 -53.74 7.30
N PRO J 4 25.65 -55.00 7.61
CA PRO J 4 24.57 -55.94 7.97
C PRO J 4 23.90 -55.71 9.31
N GLY J 5 24.68 -55.26 10.28
CA GLY J 5 24.15 -54.86 11.57
C GLY J 5 23.39 -53.54 11.51
N ALA J 6 23.92 -52.59 10.74
CA ALA J 6 23.23 -51.32 10.58
C ALA J 6 21.83 -51.55 10.04
N GLN J 7 21.70 -52.52 9.17
CA GLN J 7 20.42 -52.88 8.58
C GLN J 7 19.38 -53.36 9.62
N GLU J 8 19.83 -53.75 10.81
CA GLU J 8 18.87 -54.22 11.83
C GLU J 8 18.20 -53.07 12.56
N VAL J 9 18.80 -51.88 12.49
CA VAL J 9 18.25 -50.70 13.12
C VAL J 9 17.09 -50.17 12.26
N LEU J 10 15.91 -50.08 12.87
CA LEU J 10 14.72 -49.53 12.22
C LEU J 10 14.93 -48.04 11.84
N PHE J 11 14.56 -47.73 10.60
CA PHE J 11 14.64 -46.37 10.04
C PHE J 11 13.56 -45.52 10.78
N ARG J 12 13.99 -44.33 11.23
CA ARG J 12 13.16 -43.45 12.04
C ARG J 12 12.81 -44.13 13.34
N THR J 13 13.76 -44.91 13.86
CA THR J 13 13.55 -45.53 15.18
C THR J 13 13.41 -44.46 16.26
N GLY J 14 12.44 -44.63 17.14
CA GLY J 14 12.55 -44.06 18.48
C GLY J 14 13.93 -44.32 19.08
N ILE J 15 14.51 -43.32 19.73
CA ILE J 15 15.76 -43.43 20.44
C ILE J 15 15.60 -42.86 21.84
N ALA J 16 16.22 -43.51 22.82
CA ALA J 16 16.25 -43.06 24.24
C ALA J 16 17.64 -43.32 24.76
N ALA J 17 18.07 -42.59 25.80
CA ALA J 17 19.41 -42.79 26.37
C ALA J 17 19.52 -42.36 27.81
N VAL J 18 20.17 -43.18 28.62
CA VAL J 18 20.46 -42.85 30.02
C VAL J 18 21.95 -42.93 30.26
N ASN J 19 22.35 -42.47 31.42
CA ASN J 19 23.77 -42.49 31.72
C ASN J 19 24.00 -42.34 33.23
N SER J 20 25.28 -42.43 33.57
CA SER J 20 25.86 -41.96 34.82
C SER J 20 27.26 -41.42 34.48
N THR J 21 27.48 -40.12 34.61
CA THR J 21 28.63 -39.47 33.97
C THR J 21 28.88 -40.05 32.54
N ASN J 22 30.12 -40.42 32.21
CA ASN J 22 30.49 -41.03 30.90
C ASN J 22 30.25 -42.57 30.76
N HIS J 23 29.32 -43.13 31.55
CA HIS J 23 28.88 -44.51 31.51
C HIS J 23 27.49 -44.48 30.87
N LEU J 24 27.41 -44.78 29.57
CA LEU J 24 26.20 -44.50 28.77
C LEU J 24 25.44 -45.76 28.39
N ARG J 25 24.12 -45.67 28.28
CA ARG J 25 23.32 -46.72 27.63
C ARG J 25 22.39 -46.07 26.60
N VAL J 26 22.34 -46.59 25.36
CA VAL J 26 21.37 -46.11 24.33
C VAL J 26 20.36 -47.20 23.91
N TYR J 27 19.07 -46.86 23.89
CA TYR J 27 17.99 -47.78 23.50
C TYR J 27 17.46 -47.43 22.10
N PHE J 28 17.13 -48.45 21.28
CA PHE J 28 16.57 -48.26 19.94
C PHE J 28 15.70 -49.44 19.56
N GLN J 29 15.01 -49.37 18.41
CA GLN J 29 14.14 -50.46 17.92
C GLN J 29 14.76 -51.12 16.69
N ASP J 30 14.71 -52.46 16.63
CA ASP J 30 15.24 -53.17 15.45
C ASP J 30 14.13 -53.35 14.46
N SER J 31 14.54 -53.63 13.21
CA SER J 31 13.59 -53.88 12.13
C SER J 31 12.51 -54.88 12.47
N HIS J 32 12.71 -55.73 13.48
CA HIS J 32 11.67 -56.68 13.86
C HIS J 32 10.78 -56.27 15.03
N GLY J 33 11.06 -55.13 15.66
CA GLY J 33 10.16 -54.55 16.68
C GLY J 33 10.57 -54.78 18.13
N SER J 34 11.87 -55.05 18.32
CA SER J 34 12.42 -55.44 19.60
C SER J 34 13.28 -54.28 20.01
N ILE J 35 13.18 -53.93 21.29
CA ILE J 35 13.99 -52.87 21.86
C ILE J 35 15.32 -53.47 22.32
N ARG J 36 16.43 -52.85 21.93
CA ARG J 36 17.77 -53.32 22.29
C ARG J 36 18.56 -52.26 23.05
N GLU J 37 19.62 -52.67 23.75
CA GLU J 37 20.52 -51.78 24.44
C GLU J 37 21.94 -51.89 23.91
N SER J 38 22.47 -50.81 23.38
CA SER J 38 23.91 -50.65 23.19
C SER J 38 24.45 -49.90 24.40
N LEU J 39 25.77 -49.83 24.56
CA LEU J 39 26.37 -49.26 25.77
C LEU J 39 27.81 -48.83 25.59
N TYR J 40 28.22 -47.87 26.42
CA TYR J 40 29.61 -47.39 26.42
C TYR J 40 30.24 -47.57 27.78
N GLU J 41 31.40 -48.24 27.80
CA GLU J 41 32.20 -48.47 29.02
C GLU J 41 33.65 -48.46 28.56
N SER J 42 34.33 -47.31 28.69
CA SER J 42 35.57 -47.00 27.91
C SER J 42 35.68 -47.59 26.46
N GLY J 43 34.52 -47.63 25.76
CA GLY J 43 34.39 -48.22 24.43
C GLY J 43 32.96 -48.73 24.15
N TRP J 44 32.60 -48.71 22.87
CA TRP J 44 31.21 -49.04 22.43
C TRP J 44 31.03 -50.53 22.21
N ALA J 45 29.95 -51.09 22.73
CA ALA J 45 29.68 -52.51 22.56
C ALA J 45 28.19 -52.80 22.58
N ASN J 46 27.82 -53.97 22.06
CA ASN J 46 26.45 -54.57 22.13
C ASN J 46 25.49 -54.13 20.97
N GLY J 47 24.22 -53.84 21.24
CA GLY J 47 23.23 -53.55 20.22
C GLY J 47 22.76 -54.74 19.37
N THR J 48 23.02 -55.98 19.85
CA THR J 48 22.76 -57.20 19.07
C THR J 48 21.42 -57.85 19.44
N ALA J 49 21.12 -59.00 18.82
CA ALA J 49 19.87 -59.71 19.02
C ALA J 49 19.72 -60.28 20.43
N LYS J 50 20.86 -60.46 21.10
CA LYS J 50 20.88 -61.00 22.46
C LYS J 50 20.63 -59.92 23.49
N ASN J 51 20.94 -58.66 23.13
CA ASN J 51 20.69 -57.50 23.98
C ASN J 51 19.24 -56.91 23.95
N VAL J 52 18.20 -57.75 23.91
CA VAL J 52 16.79 -57.29 23.82
C VAL J 52 16.17 -57.13 25.19
N ILE J 53 15.62 -55.95 25.48
CA ILE J 53 14.98 -55.65 26.77
C ILE J 53 13.48 -55.59 26.76
N ALA J 54 12.85 -55.51 25.60
CA ALA J 54 11.39 -55.60 25.49
C ALA J 54 11.00 -55.67 24.02
N LYS J 55 9.69 -55.84 23.76
CA LYS J 55 9.10 -55.92 22.40
C LYS J 55 7.91 -54.98 22.26
N ALA J 56 7.86 -54.28 21.14
CA ALA J 56 6.95 -53.16 20.95
C ALA J 56 6.40 -53.06 19.53
N LYS J 57 5.23 -52.42 19.41
CA LYS J 57 4.72 -52.05 18.10
C LYS J 57 5.83 -51.37 17.33
N LEU J 58 5.85 -51.64 16.02
CA LEU J 58 6.82 -50.99 15.15
C LEU J 58 6.56 -49.48 15.10
N GLY J 59 7.66 -48.72 15.18
CA GLY J 59 7.61 -47.24 15.20
C GLY J 59 7.02 -46.75 16.49
N THR J 60 7.32 -47.48 17.55
CA THR J 60 6.92 -47.07 18.89
C THR J 60 7.69 -45.83 19.24
N PRO J 61 7.10 -44.97 20.05
CA PRO J 61 7.97 -44.05 20.77
C PRO J 61 8.83 -44.82 21.78
N LEU J 62 10.02 -44.30 22.06
CA LEU J 62 10.84 -44.72 23.17
C LEU J 62 11.10 -43.61 24.17
N ALA J 63 11.31 -43.97 25.42
CA ALA J 63 11.73 -43.01 26.45
C ALA J 63 12.37 -43.75 27.61
N ALA J 64 13.36 -43.13 28.21
CA ALA J 64 14.15 -43.77 29.22
C ALA J 64 14.63 -42.80 30.27
N THR J 65 14.59 -43.24 31.51
CA THR J 65 15.19 -42.47 32.59
C THR J 65 15.76 -43.34 33.71
N SER J 66 16.75 -42.81 34.41
CA SER J 66 17.54 -43.56 35.31
C SER J 66 18.03 -42.73 36.50
N LYS J 67 18.17 -43.35 37.68
CA LYS J 67 19.01 -42.79 38.76
C LYS J 67 20.39 -43.37 38.55
N GLU J 68 21.31 -42.55 38.05
CA GLU J 68 22.63 -43.02 37.55
C GLU J 68 22.43 -44.31 36.70
N LEU J 69 23.33 -45.31 36.75
CA LEU J 69 23.01 -46.64 36.18
C LEU J 69 22.63 -47.66 37.26
N LYS J 70 21.99 -47.19 38.33
CA LYS J 70 21.51 -48.09 39.38
C LYS J 70 20.08 -48.54 39.10
N ASN J 71 19.23 -47.63 38.65
CA ASN J 71 17.88 -48.01 38.18
C ASN J 71 17.66 -47.39 36.80
N ILE J 72 17.13 -48.17 35.84
CA ILE J 72 16.84 -47.70 34.48
C ILE J 72 15.44 -48.11 34.15
N ARG J 73 14.65 -47.24 33.53
CA ARG J 73 13.31 -47.60 33.04
C ARG J 73 13.19 -47.17 31.58
N VAL J 74 12.49 -48.00 30.80
CA VAL J 74 12.39 -47.86 29.36
C VAL J 74 10.91 -48.06 28.98
N TYR J 75 10.31 -47.01 28.38
CA TYR J 75 8.88 -47.00 28.05
C TYR J 75 8.73 -47.08 26.54
N SER J 76 7.62 -47.68 26.15
CA SER J 76 7.37 -48.04 24.78
C SER J 76 5.93 -48.44 24.77
N LEU J 77 5.39 -48.74 23.59
CA LEU J 77 4.00 -49.09 23.43
C LEU J 77 3.78 -50.53 22.90
N THR J 78 2.68 -51.13 23.36
CA THR J 78 2.20 -52.40 22.86
C THR J 78 1.47 -52.22 21.55
N GLU J 79 1.18 -53.35 20.92
CA GLU J 79 0.36 -53.37 19.72
C GLU J 79 -1.00 -52.71 19.94
N ASP J 80 -1.54 -52.81 21.16
CA ASP J 80 -2.82 -52.18 21.51
C ASP J 80 -2.65 -50.77 22.10
N ASN J 81 -1.45 -50.22 21.97
CA ASN J 81 -1.16 -48.83 22.32
C ASN J 81 -1.37 -48.61 23.81
N VAL J 82 -0.76 -49.50 24.61
CA VAL J 82 -0.83 -49.41 26.06
C VAL J 82 0.57 -49.05 26.48
N LEU J 83 0.67 -48.22 27.51
CA LEU J 83 2.00 -47.87 28.04
C LEU J 83 2.60 -49.09 28.75
N GLN J 84 3.85 -49.38 28.47
CA GLN J 84 4.52 -50.52 29.05
C GLN J 84 5.93 -50.10 29.38
N GLU J 85 6.53 -50.87 30.30
CA GLU J 85 7.76 -50.48 30.97
C GLU J 85 8.68 -51.67 31.17
N ALA J 86 9.91 -51.49 30.75
CA ALA J 86 10.96 -52.43 30.95
C ALA J 86 11.92 -51.86 31.98
N ALA J 87 12.03 -52.50 33.13
CA ALA J 87 12.84 -51.99 34.24
C ALA J 87 14.11 -52.78 34.50
N TYR J 88 15.15 -52.10 34.97
CA TYR J 88 16.40 -52.72 35.45
C TYR J 88 16.76 -52.12 36.79
N ASP J 89 17.13 -52.97 37.75
CA ASP J 89 17.68 -52.57 39.06
C ASP J 89 18.98 -53.34 39.24
N SER J 90 20.06 -52.66 39.62
CA SER J 90 21.34 -53.31 39.89
C SER J 90 21.14 -54.40 40.94
N GLY J 91 21.75 -55.56 40.71
CA GLY J 91 21.42 -56.77 41.48
C GLY J 91 19.93 -57.12 41.43
N SER J 92 19.40 -57.13 40.22
CA SER J 92 18.08 -57.65 39.94
C SER J 92 17.82 -57.98 38.47
N GLY J 93 18.73 -57.62 37.54
CA GLY J 93 18.50 -57.72 36.06
C GLY J 93 17.24 -57.04 35.49
N TRP J 94 16.95 -57.30 34.21
CA TRP J 94 15.76 -56.73 33.52
C TRP J 94 14.45 -57.43 33.84
N TYR J 95 13.39 -56.68 34.07
CA TYR J 95 12.05 -57.26 34.26
C TYR J 95 10.93 -56.37 33.71
N ASN J 96 9.74 -56.93 33.67
CA ASN J 96 8.55 -56.23 33.28
C ASN J 96 8.13 -55.43 34.46
N GLY J 97 8.19 -54.10 34.33
CA GLY J 97 7.59 -53.19 35.31
C GLY J 97 6.08 -53.34 35.37
N ALA J 98 5.47 -52.77 36.39
CA ALA J 98 4.05 -53.00 36.64
C ALA J 98 3.14 -52.14 35.77
N LEU J 99 3.74 -51.32 34.90
CA LEU J 99 3.04 -50.22 34.21
C LEU J 99 1.97 -50.73 33.28
N ALA J 100 2.38 -51.67 32.41
CA ALA J 100 1.45 -52.36 31.50
C ALA J 100 0.17 -52.83 32.23
N GLY J 101 0.36 -53.40 33.44
CA GLY J 101 -0.72 -53.76 34.36
C GLY J 101 -1.79 -52.70 34.59
N ALA J 102 -1.38 -51.43 34.57
CA ALA J 102 -2.32 -50.30 34.72
C ALA J 102 -3.32 -50.12 33.59
N LYS J 103 -2.97 -50.61 32.40
CA LYS J 103 -3.86 -50.53 31.23
C LYS J 103 -4.23 -49.09 30.83
N PHE J 104 -3.16 -48.31 30.66
CA PHE J 104 -3.26 -46.95 30.13
C PHE J 104 -3.14 -46.98 28.60
N THR J 105 -4.28 -46.89 27.92
CA THR J 105 -4.31 -46.85 26.46
C THR J 105 -4.19 -45.42 26.00
N VAL J 106 -3.19 -45.16 25.16
CA VAL J 106 -3.00 -43.85 24.52
C VAL J 106 -3.46 -43.87 23.04
N ALA J 107 -3.25 -42.75 22.36
CA ALA J 107 -3.57 -42.67 20.95
C ALA J 107 -2.45 -43.35 20.20
N PRO J 108 -2.74 -43.94 19.03
CA PRO J 108 -1.71 -44.68 18.25
C PRO J 108 -0.46 -43.88 17.93
N TYR J 109 -0.64 -42.57 17.78
CA TYR J 109 0.46 -41.67 17.45
C TYR J 109 1.16 -41.08 18.67
N SER J 110 0.77 -41.45 19.90
CA SER J 110 1.35 -40.84 21.11
C SER J 110 2.84 -41.00 21.19
N ARG J 111 3.51 -39.99 21.70
CA ARG J 111 4.91 -40.12 22.02
C ARG J 111 4.92 -40.40 23.53
N ILE J 112 6.14 -40.53 24.07
CA ILE J 112 6.34 -40.70 25.50
C ILE J 112 7.50 -39.88 26.02
N GLY J 113 7.28 -39.28 27.19
CA GLY J 113 8.38 -38.79 28.03
C GLY J 113 8.39 -39.39 29.43
N SER J 114 9.59 -39.47 29.99
CA SER J 114 9.82 -40.16 31.27
C SER J 114 10.90 -39.50 32.13
N VAL J 115 10.55 -39.19 33.39
CA VAL J 115 11.60 -38.87 34.38
C VAL J 115 11.43 -39.51 35.77
N PHE J 116 12.58 -39.84 36.36
CA PHE J 116 12.73 -39.96 37.82
C PHE J 116 12.81 -38.56 38.45
N LEU J 117 12.01 -38.33 39.49
CA LEU J 117 12.05 -37.09 40.28
C LEU J 117 13.38 -36.97 40.98
N ALA J 118 14.07 -35.85 40.76
CA ALA J 118 15.45 -35.62 41.22
C ALA J 118 15.53 -35.18 42.70
N GLY J 119 16.76 -35.22 43.22
CA GLY J 119 17.06 -34.86 44.62
C GLY J 119 16.43 -35.67 45.75
N THR J 120 15.77 -36.78 45.42
CA THR J 120 15.12 -37.67 46.40
C THR J 120 15.72 -39.08 46.22
N ASN J 121 15.78 -39.84 47.30
CA ASN J 121 16.23 -41.24 47.23
C ASN J 121 15.10 -42.15 46.74
N ALA J 122 13.85 -41.74 46.99
CA ALA J 122 12.69 -42.49 46.51
C ALA J 122 12.74 -42.72 44.97
N LEU J 123 12.21 -43.87 44.55
CA LEU J 123 12.08 -44.22 43.15
C LEU J 123 10.68 -43.77 42.77
N GLN J 124 10.56 -42.47 42.48
CA GLN J 124 9.31 -41.88 42.03
C GLN J 124 9.42 -41.49 40.56
N LEU J 125 8.33 -41.70 39.80
CA LEU J 125 8.37 -41.51 38.36
C LEU J 125 7.25 -40.66 37.80
N ARG J 126 7.61 -39.96 36.71
CA ARG J 126 6.69 -39.16 35.95
C ARG J 126 6.81 -39.51 34.46
N ILE J 127 5.66 -39.86 33.90
CA ILE J 127 5.53 -40.34 32.56
C ILE J 127 4.50 -39.45 31.86
N TYR J 128 4.83 -39.02 30.64
CA TYR J 128 3.95 -38.11 29.87
C TYR J 128 3.71 -38.71 28.52
N ALA J 129 2.44 -38.69 28.11
CA ALA J 129 1.99 -39.30 26.87
C ALA J 129 0.75 -38.60 26.39
N GLN J 130 0.29 -38.94 25.19
CA GLN J 130 -0.80 -38.22 24.57
C GLN J 130 -1.97 -39.13 24.43
N LYS J 131 -3.09 -38.71 25.02
CA LYS J 131 -4.32 -39.48 25.02
C LYS J 131 -5.01 -39.43 23.67
N THR J 132 -6.02 -40.28 23.55
CA THR J 132 -6.90 -40.33 22.41
C THR J 132 -7.49 -38.95 22.09
N ASP J 133 -7.64 -38.07 23.09
CA ASP J 133 -8.23 -36.73 22.88
C ASP J 133 -7.13 -35.66 22.74
N ASN J 134 -5.95 -36.07 22.32
CA ASN J 134 -4.84 -35.16 22.09
C ASN J 134 -4.26 -34.40 23.28
N THR J 135 -4.82 -34.58 24.49
CA THR J 135 -4.29 -33.92 25.70
C THR J 135 -3.07 -34.68 26.18
N ILE J 136 -2.11 -33.98 26.81
CA ILE J 136 -0.88 -34.59 27.32
C ILE J 136 -1.07 -35.03 28.78
N GLN J 137 -1.39 -36.31 28.98
CA GLN J 137 -1.57 -36.90 30.33
C GLN J 137 -0.24 -37.19 31.05
N GLU J 138 -0.21 -36.84 32.32
CA GLU J 138 0.86 -37.26 33.23
C GLU J 138 0.36 -38.54 33.93
N TYR J 139 1.31 -39.46 34.07
CA TYR J 139 1.09 -40.72 34.78
C TYR J 139 2.23 -40.85 35.76
N MET J 140 1.91 -41.18 37.01
CA MET J 140 2.91 -41.22 38.09
C MET J 140 2.93 -42.53 38.89
N TRP J 141 4.14 -42.84 39.36
CA TRP J 141 4.42 -43.86 40.33
C TRP J 141 5.04 -43.19 41.59
N ASN J 142 4.27 -43.30 42.69
CA ASN J 142 4.69 -42.90 44.04
C ASN J 142 4.65 -44.11 44.98
N GLY J 143 5.29 -45.20 44.58
CA GLY J 143 5.39 -46.41 45.40
C GLY J 143 4.16 -47.26 45.77
N ASP J 144 2.95 -46.87 45.34
CA ASP J 144 1.66 -47.54 45.68
C ASP J 144 0.70 -47.67 44.47
N GLY J 145 1.22 -48.08 43.33
CA GLY J 145 0.42 -48.24 42.08
C GLY J 145 0.53 -47.08 41.08
N TRP J 146 0.48 -47.39 39.78
CA TRP J 146 0.51 -46.35 38.75
C TRP J 146 -0.80 -45.59 38.76
N LYS J 147 -0.70 -44.27 38.89
CA LYS J 147 -1.86 -43.40 38.88
C LYS J 147 -1.72 -42.25 37.90
N GLU J 148 -2.88 -41.80 37.44
CA GLU J 148 -2.98 -40.60 36.64
C GLU J 148 -2.65 -39.37 37.51
N GLY J 149 -1.69 -38.57 37.02
CA GLY J 149 -1.38 -37.24 37.54
C GLY J 149 -2.17 -36.11 36.86
N THR J 150 -1.49 -34.99 36.66
CA THR J 150 -2.10 -33.75 36.12
C THR J 150 -2.24 -33.87 34.59
N ASN J 151 -3.39 -33.52 34.02
CA ASN J 151 -3.49 -33.39 32.56
C ASN J 151 -3.01 -32.02 32.11
N LEU J 152 -2.11 -31.99 31.13
CA LEU J 152 -1.46 -30.73 30.65
C LEU J 152 -2.10 -30.09 29.39
N GLY J 153 -3.30 -30.51 29.04
CA GLY J 153 -4.05 -29.92 27.91
C GLY J 153 -3.60 -30.26 26.49
N VAL J 154 -4.30 -29.66 25.52
CA VAL J 154 -4.25 -30.12 24.13
C VAL J 154 -2.91 -29.84 23.45
N ALA J 155 -2.39 -30.84 22.76
CA ALA J 155 -1.23 -30.64 21.88
C ALA J 155 -1.48 -31.26 20.52
N LEU J 156 -0.61 -30.90 19.57
CA LEU J 156 -0.70 -31.38 18.19
C LEU J 156 -0.76 -32.92 18.19
N PRO J 157 -1.75 -33.53 17.48
CA PRO J 157 -1.74 -34.99 17.43
C PRO J 157 -0.39 -35.48 16.89
N GLY J 158 0.31 -36.26 17.71
CA GLY J 158 1.60 -36.84 17.38
C GLY J 158 2.78 -36.06 17.84
N THR J 159 2.54 -35.07 18.69
CA THR J 159 3.62 -34.17 19.09
C THR J 159 4.76 -34.91 19.76
N GLY J 160 5.98 -34.44 19.50
CA GLY J 160 7.15 -34.80 20.28
C GLY J 160 6.92 -34.42 21.72
N ILE J 161 7.65 -35.04 22.62
CA ILE J 161 7.55 -34.77 24.06
C ILE J 161 8.93 -34.82 24.70
N GLY J 162 9.38 -33.63 25.09
CA GLY J 162 10.57 -33.46 25.87
C GLY J 162 10.21 -33.29 27.35
N VAL J 163 11.15 -33.67 28.21
CA VAL J 163 10.95 -33.50 29.64
C VAL J 163 12.30 -33.60 30.30
N THR J 164 12.39 -32.93 31.44
CA THR J 164 13.63 -32.92 32.22
C THR J 164 13.24 -32.53 33.63
N CYS J 165 14.12 -32.84 34.58
CA CYS J 165 13.78 -32.76 35.99
C CYS J 165 15.00 -32.52 36.81
N TRP J 166 14.91 -31.59 37.76
CA TRP J 166 16.06 -31.23 38.61
C TRP J 166 15.49 -30.74 39.95
N ARG J 167 16.41 -30.56 40.89
CA ARG J 167 16.10 -29.94 42.19
C ARG J 167 17.03 -28.77 42.39
N TYR J 168 16.42 -27.60 42.45
CA TYR J 168 17.12 -26.40 42.85
C TYR J 168 17.62 -26.66 44.27
N THR J 169 18.89 -26.36 44.53
CA THR J 169 19.46 -26.56 45.87
C THR J 169 18.76 -25.79 47.00
N ASP J 170 18.07 -24.69 46.66
CA ASP J 170 17.28 -23.90 47.64
C ASP J 170 15.76 -24.17 47.64
N TYR J 171 15.34 -25.34 47.17
CA TYR J 171 13.93 -25.74 47.19
C TYR J 171 13.81 -27.09 47.86
N ASP J 172 12.61 -27.40 48.32
CA ASP J 172 12.37 -28.61 49.10
C ASP J 172 11.89 -29.80 48.25
N GLY J 173 11.74 -29.59 46.93
CA GLY J 173 11.19 -30.61 46.02
C GLY J 173 11.79 -30.60 44.61
N PRO J 174 11.07 -31.22 43.63
CA PRO J 174 11.55 -31.33 42.26
C PRO J 174 10.85 -30.32 41.30
N SER J 175 11.64 -29.83 40.34
CA SER J 175 11.09 -29.03 39.24
C SER J 175 11.11 -29.80 37.91
N ILE J 176 9.94 -29.92 37.32
CA ILE J 176 9.77 -30.51 36.01
C ILE J 176 9.46 -29.42 34.95
N ARG J 177 9.99 -29.64 33.74
CA ARG J 177 9.64 -28.87 32.54
C ARG J 177 9.31 -29.85 31.42
N VAL J 178 8.18 -29.62 30.76
CA VAL J 178 7.70 -30.41 29.65
C VAL J 178 7.58 -29.53 28.39
N TRP J 179 8.03 -30.06 27.26
CA TRP J 179 7.99 -29.38 25.99
C TRP J 179 7.25 -30.23 24.94
N PHE J 180 6.36 -29.57 24.21
CA PHE J 180 5.63 -30.20 23.16
C PHE J 180 5.14 -29.14 22.16
N GLN J 181 4.33 -29.57 21.21
CA GLN J 181 3.95 -28.76 20.09
C GLN J 181 2.45 -28.64 20.10
N THR J 182 1.97 -27.42 19.84
CA THR J 182 0.55 -27.09 19.85
C THR J 182 0.00 -27.12 18.41
N ASP J 183 -1.31 -27.08 18.30
CA ASP J 183 -2.01 -27.02 17.02
C ASP J 183 -1.43 -26.00 16.03
N ASN J 184 -1.01 -24.84 16.54
CA ASN J 184 -0.38 -23.80 15.69
C ASN J 184 1.06 -24.13 15.22
N LEU J 185 1.57 -25.31 15.59
CA LEU J 185 2.93 -25.72 15.30
C LEU J 185 4.03 -25.04 16.10
N LYS J 186 3.70 -24.23 17.10
CA LYS J 186 4.74 -23.70 17.97
C LYS J 186 5.21 -24.79 18.91
N LEU J 187 6.45 -24.69 19.33
CA LEU J 187 6.95 -25.48 20.42
C LEU J 187 6.89 -24.68 21.73
N VAL J 188 6.16 -25.21 22.72
CA VAL J 188 5.94 -24.55 23.99
C VAL J 188 6.45 -25.33 25.18
N GLN J 189 6.58 -24.65 26.31
CA GLN J 189 6.93 -25.18 27.62
C GLN J 189 5.78 -25.10 28.62
N ARG J 190 5.51 -26.19 29.34
CA ARG J 190 4.75 -26.19 30.59
C ARG J 190 5.76 -26.40 31.73
N ALA J 191 5.40 -26.00 32.96
CA ALA J 191 6.41 -25.97 34.04
C ALA J 191 5.81 -26.28 35.39
N TYR J 192 6.55 -27.08 36.17
CA TYR J 192 6.19 -27.46 37.55
C TYR J 192 7.32 -27.07 38.45
N ASP J 193 6.99 -26.26 39.46
CA ASP J 193 7.88 -25.99 40.58
C ASP J 193 7.07 -26.39 41.83
N PRO J 194 7.74 -26.87 42.91
CA PRO J 194 7.00 -27.45 44.06
C PRO J 194 5.97 -26.53 44.80
N HIS J 195 6.32 -25.30 45.15
CA HIS J 195 5.41 -24.46 45.94
C HIS J 195 4.30 -23.86 45.04
N THR J 196 4.61 -23.66 43.75
CA THR J 196 3.64 -23.10 42.78
C THR J 196 2.68 -24.15 42.16
N GLY J 197 3.07 -25.41 42.13
CA GLY J 197 2.35 -26.40 41.28
C GLY J 197 2.66 -26.20 39.79
N TRP J 198 1.68 -26.45 38.94
CA TRP J 198 1.83 -26.25 37.49
C TRP J 198 1.44 -24.79 37.12
N TYR J 199 2.40 -24.03 36.58
CA TYR J 199 2.10 -22.67 36.05
C TYR J 199 0.97 -22.81 35.03
N LYS J 200 0.00 -21.88 35.03
CA LYS J 200 -1.05 -21.88 33.99
C LYS J 200 -0.56 -21.59 32.59
N GLU J 201 0.49 -20.77 32.49
CA GLU J 201 0.96 -20.18 31.22
C GLU J 201 1.84 -21.15 30.41
N LEU J 202 1.56 -21.25 29.12
CA LEU J 202 2.48 -21.84 28.14
C LEU J 202 3.61 -20.88 27.79
N THR J 203 4.87 -21.30 27.82
CA THR J 203 5.94 -20.44 27.35
C THR J 203 6.48 -20.91 25.96
N THR J 204 6.40 -20.05 24.95
CA THR J 204 6.86 -20.36 23.61
C THR J 204 8.36 -20.34 23.58
N ILE J 205 8.96 -21.43 23.09
CA ILE J 205 10.43 -21.49 22.86
C ILE J 205 10.85 -21.56 21.41
N PHE J 206 9.95 -21.95 20.49
CA PHE J 206 10.19 -21.83 19.04
C PHE J 206 8.88 -21.56 18.29
N ASP J 207 8.91 -20.71 17.26
CA ASP J 207 7.64 -20.19 16.72
C ASP J 207 7.00 -21.16 15.72
N LYS J 208 7.79 -21.83 14.91
CA LYS J 208 7.23 -22.69 13.86
C LYS J 208 8.13 -23.88 13.67
N ALA J 209 7.57 -25.08 13.81
CA ALA J 209 8.35 -26.30 13.67
C ALA J 209 7.60 -27.31 12.85
N PRO J 210 8.33 -28.26 12.25
CA PRO J 210 7.59 -29.20 11.43
C PRO J 210 6.62 -29.98 12.27
N PRO J 211 5.52 -30.41 11.67
CA PRO J 211 4.56 -31.20 12.43
C PRO J 211 5.14 -32.57 12.83
N ARG J 212 4.94 -32.86 14.10
CA ARG J 212 5.38 -34.11 14.77
C ARG J 212 6.87 -34.23 14.82
N CYS J 213 7.59 -33.13 14.79
CA CYS J 213 9.04 -33.18 14.88
C CYS J 213 9.39 -33.79 16.21
N ALA J 214 10.50 -34.47 16.25
CA ALA J 214 11.02 -34.96 17.51
C ALA J 214 11.44 -33.79 18.42
N ILE J 215 11.20 -33.96 19.71
CA ILE J 215 11.69 -33.05 20.74
C ILE J 215 12.34 -33.86 21.91
N ALA J 216 13.49 -33.40 22.37
CA ALA J 216 14.22 -34.01 23.47
C ALA J 216 14.97 -32.98 24.32
N ALA J 217 14.82 -33.08 25.64
CA ALA J 217 15.45 -32.11 26.56
C ALA J 217 16.29 -32.74 27.68
N THR J 218 17.31 -32.00 28.12
CA THR J 218 18.13 -32.34 29.30
C THR J 218 18.36 -31.07 30.15
N ASN J 219 18.91 -31.25 31.34
CA ASN J 219 19.36 -30.14 32.18
C ASN J 219 20.68 -30.42 32.82
N PHE J 220 21.36 -29.38 33.27
CA PHE J 220 22.57 -29.51 34.03
C PHE J 220 22.87 -28.33 34.96
N ASN J 221 23.83 -28.57 35.87
CA ASN J 221 24.33 -27.65 36.87
C ASN J 221 23.25 -26.96 37.68
N PRO J 222 22.31 -27.73 38.25
CA PRO J 222 21.33 -27.09 39.13
C PRO J 222 22.02 -26.42 40.34
N GLY J 223 21.54 -25.22 40.70
CA GLY J 223 22.13 -24.38 41.74
C GLY J 223 21.12 -23.60 42.57
N LYS J 224 21.61 -22.54 43.21
CA LYS J 224 20.76 -21.68 44.03
C LYS J 224 19.85 -20.87 43.05
N SER J 225 18.58 -21.28 42.97
CA SER J 225 17.59 -20.72 42.05
C SER J 225 18.13 -20.54 40.58
N SER J 226 18.95 -21.50 40.15
CA SER J 226 19.61 -21.44 38.85
C SER J 226 19.56 -22.81 38.19
N ILE J 227 19.35 -22.86 36.87
CA ILE J 227 19.32 -24.11 36.08
C ILE J 227 19.83 -23.81 34.67
N TYR J 228 20.36 -24.84 34.02
CA TYR J 228 20.76 -24.76 32.63
C TYR J 228 19.99 -25.86 31.94
N MET J 229 19.29 -25.52 30.86
CA MET J 229 18.53 -26.48 30.09
C MET J 229 18.97 -26.47 28.63
N ARG J 230 18.63 -27.54 27.93
CA ARG J 230 18.85 -27.65 26.47
C ARG J 230 17.67 -28.39 25.91
N ILE J 231 17.04 -27.83 24.87
CA ILE J 231 15.97 -28.53 24.17
C ILE J 231 16.42 -28.69 22.73
N TYR J 232 16.16 -29.88 22.16
CA TYR J 232 16.57 -30.23 20.81
C TYR J 232 15.34 -30.66 20.08
N PHE J 233 15.31 -30.34 18.80
CA PHE J 233 14.20 -30.73 17.93
C PHE J 233 14.68 -30.77 16.49
N VAL J 234 13.95 -31.51 15.66
CA VAL J 234 14.33 -31.60 14.23
C VAL J 234 13.60 -30.49 13.49
N ASN J 235 14.36 -29.61 12.86
CA ASN J 235 13.76 -28.49 12.14
C ASN J 235 13.54 -28.81 10.66
N SER J 236 12.75 -27.95 10.01
CA SER J 236 12.49 -27.98 8.54
C SER J 236 13.71 -27.99 7.58
N ASP J 237 14.90 -27.69 8.09
CA ASP J 237 16.13 -27.79 7.28
C ASP J 237 16.84 -29.14 7.46
N ASN J 238 16.10 -30.14 8.00
CA ASN J 238 16.58 -31.49 8.23
C ASN J 238 17.87 -31.51 9.04
N THR J 239 17.87 -30.69 10.07
CA THR J 239 18.94 -30.65 11.06
C THR J 239 18.29 -30.60 12.45
N ILE J 240 19.07 -30.97 13.47
CA ILE J 240 18.66 -30.76 14.85
C ILE J 240 19.01 -29.34 15.25
N TRP J 241 18.07 -28.71 15.95
CA TRP J 241 18.23 -27.34 16.46
C TRP J 241 18.24 -27.40 17.98
N GLN J 242 19.01 -26.48 18.59
CA GLN J 242 19.17 -26.38 20.04
C GLN J 242 18.56 -25.09 20.56
N VAL J 243 17.64 -25.18 21.51
CA VAL J 243 17.24 -24.03 22.28
C VAL J 243 17.93 -24.10 23.63
N CYS J 244 18.85 -23.15 23.93
CA CYS J 244 19.53 -23.01 25.24
C CYS J 244 18.75 -22.16 26.27
N TRP J 245 18.58 -22.69 27.48
CA TRP J 245 18.31 -21.87 28.65
C TRP J 245 19.59 -21.81 29.49
N ASP J 246 20.17 -20.62 29.65
CA ASP J 246 21.26 -20.40 30.60
C ASP J 246 20.83 -19.43 31.67
N HIS J 247 21.24 -19.70 32.91
CA HIS J 247 20.82 -18.92 34.05
C HIS J 247 21.31 -17.49 33.92
N GLY J 248 20.40 -16.56 34.19
CA GLY J 248 20.62 -15.16 33.93
C GLY J 248 20.16 -14.75 32.55
N GLN J 249 20.25 -15.65 31.58
CA GLN J 249 19.98 -15.31 30.20
C GLN J 249 18.61 -15.79 29.72
N GLY J 250 18.10 -16.85 30.31
CA GLY J 250 16.87 -17.48 29.87
C GLY J 250 17.06 -18.08 28.50
N TYR J 251 15.94 -18.25 27.79
CA TYR J 251 15.93 -18.73 26.42
C TYR J 251 16.52 -17.74 25.41
N HIS J 252 17.84 -17.72 25.30
CA HIS J 252 18.58 -16.64 24.66
C HIS J 252 19.35 -16.99 23.42
N ASP J 253 19.30 -18.25 22.97
CA ASP J 253 20.07 -18.74 21.77
C ASP J 253 19.32 -19.88 21.11
N LYS J 254 19.21 -19.82 19.79
CA LYS J 254 18.58 -20.87 18.99
C LYS J 254 19.54 -21.11 17.84
N ARG J 255 20.14 -22.31 17.73
CA ARG J 255 20.97 -22.67 16.54
C ARG J 255 20.82 -24.10 16.03
N THR J 256 21.23 -24.27 14.78
CA THR J 256 21.43 -25.58 14.22
C THR J 256 22.60 -26.22 14.93
N ILE J 257 22.56 -27.55 15.03
CA ILE J 257 23.63 -28.36 15.62
C ILE J 257 24.25 -29.34 14.62
N THR J 258 23.45 -30.23 14.05
CA THR J 258 23.98 -31.17 13.09
C THR J 258 22.88 -31.71 12.15
N PRO J 259 23.26 -32.17 10.94
CA PRO J 259 22.29 -32.78 10.00
C PRO J 259 21.69 -34.13 10.40
N VAL J 260 20.47 -34.36 9.95
CA VAL J 260 19.82 -35.63 10.19
C VAL J 260 19.01 -36.00 8.99
N ILE J 261 18.53 -37.23 9.02
CA ILE J 261 17.66 -37.73 7.99
C ILE J 261 16.33 -37.06 8.24
N GLN J 262 15.54 -37.00 7.18
CA GLN J 262 14.16 -36.59 7.25
C GLN J 262 13.48 -37.45 8.27
N GLY J 263 12.83 -36.83 9.24
CA GLY J 263 12.07 -37.54 10.25
C GLY J 263 12.86 -38.32 11.29
N SER J 264 14.13 -38.00 11.52
CA SER J 264 14.87 -38.61 12.65
C SER J 264 14.26 -38.32 14.01
N GLU J 265 14.44 -39.26 14.94
CA GLU J 265 14.02 -39.05 16.29
C GLU J 265 15.31 -38.72 16.98
N ILE J 266 15.21 -38.34 18.26
CA ILE J 266 16.33 -37.80 19.02
C ILE J 266 16.38 -38.30 20.49
N ALA J 267 17.58 -38.40 21.03
CA ALA J 267 17.75 -38.43 22.46
C ALA J 267 19.00 -37.69 22.88
N ILE J 268 18.95 -37.22 24.12
CA ILE J 268 20.00 -36.35 24.66
C ILE J 268 20.31 -36.75 26.10
N ILE J 269 21.58 -36.67 26.43
CA ILE J 269 22.03 -36.91 27.80
C ILE J 269 23.14 -35.93 28.11
N SER J 270 23.30 -35.72 29.41
CA SER J 270 24.29 -34.80 29.89
C SER J 270 24.75 -35.27 31.26
N TRP J 271 25.98 -34.87 31.57
CA TRP J 271 26.52 -34.97 32.92
C TRP J 271 27.39 -33.74 33.18
N GLU J 272 27.78 -33.50 34.44
CA GLU J 272 28.38 -32.24 34.78
C GLU J 272 29.64 -32.03 34.03
N GLY J 273 29.98 -30.77 33.76
CA GLY J 273 31.17 -30.39 33.01
C GLY J 273 31.06 -29.02 32.36
N PRO J 274 30.02 -28.82 31.54
CA PRO J 274 29.08 -29.82 31.00
C PRO J 274 29.65 -30.73 29.85
N GLU J 275 29.02 -31.90 29.74
CA GLU J 275 29.22 -32.86 28.67
C GLU J 275 27.84 -33.23 28.14
N LEU J 276 27.66 -33.11 26.83
CA LEU J 276 26.40 -33.44 26.16
C LEU J 276 26.57 -34.54 25.12
N ARG J 277 25.65 -35.48 25.09
CA ARG J 277 25.63 -36.45 24.00
C ARG J 277 24.26 -36.55 23.36
N LEU J 278 24.24 -36.38 22.04
CA LEU J 278 23.02 -36.37 21.22
C LEU J 278 23.05 -37.60 20.32
N TYR J 279 21.95 -38.34 20.28
CA TYR J 279 21.85 -39.55 19.45
C TYR J 279 20.73 -39.41 18.44
N PHE J 280 20.99 -39.85 17.21
CA PHE J 280 20.06 -39.61 16.08
C PHE J 280 20.44 -40.45 14.85
N GLN J 281 19.64 -40.38 13.79
CA GLN J 281 20.00 -41.00 12.55
C GLN J 281 20.34 -39.92 11.58
N ASN J 282 21.57 -39.92 11.04
CA ASN J 282 21.92 -39.00 9.96
C ASN J 282 22.20 -39.67 8.62
N GLY J 283 21.88 -40.95 8.51
CA GLY J 283 22.08 -41.64 7.25
C GLY J 283 23.42 -42.35 7.08
N THR J 284 24.22 -42.38 8.15
CA THR J 284 25.43 -43.20 8.21
C THR J 284 24.99 -44.66 8.10
N TYR J 285 25.61 -45.34 7.13
CA TYR J 285 25.26 -46.70 6.74
C TYR J 285 23.77 -46.80 6.58
N VAL J 286 23.17 -45.76 5.98
CA VAL J 286 21.72 -45.60 5.81
C VAL J 286 20.97 -45.47 7.14
N SER J 287 20.96 -46.55 7.91
CA SER J 287 20.14 -46.66 9.08
C SER J 287 20.92 -46.72 10.41
N ALA J 288 22.22 -46.49 10.39
CA ALA J 288 22.91 -46.53 11.68
C ALA J 288 22.52 -45.30 12.52
N ILE J 289 22.75 -45.43 13.81
CA ILE J 289 22.60 -44.35 14.75
C ILE J 289 23.93 -43.67 14.95
N SER J 290 23.96 -42.36 14.85
CA SER J 290 25.18 -41.60 15.03
C SER J 290 25.08 -40.79 16.31
N GLU J 291 26.21 -40.13 16.66
CA GLU J 291 26.35 -39.42 17.91
C GLU J 291 26.96 -38.06 17.66
N TRP J 292 26.41 -37.06 18.38
CA TRP J 292 27.05 -35.73 18.51
C TRP J 292 27.48 -35.46 19.98
N THR J 293 28.65 -34.84 20.13
CA THR J 293 29.19 -34.49 21.45
C THR J 293 29.48 -32.98 21.62
N TRP J 294 29.24 -32.48 22.82
CA TRP J 294 29.79 -31.19 23.24
C TRP J 294 30.54 -31.42 24.53
N GLY J 295 31.74 -30.87 24.62
CA GLY J 295 32.46 -30.77 25.90
C GLY J 295 33.35 -29.53 25.94
N LYS J 296 33.82 -29.16 27.13
CA LYS J 296 34.73 -28.02 27.25
C LYS J 296 36.02 -28.21 26.44
N ALA J 297 36.53 -29.44 26.39
CA ALA J 297 37.79 -29.76 25.70
C ALA J 297 37.81 -29.31 24.26
N HIS J 298 36.87 -29.83 23.47
CA HIS J 298 36.85 -29.64 22.01
C HIS J 298 35.66 -28.84 21.46
N GLY J 299 34.68 -28.57 22.30
CA GLY J 299 33.48 -27.87 21.88
C GLY J 299 32.61 -28.82 21.09
N SER J 300 31.89 -28.24 20.14
CA SER J 300 31.00 -28.97 19.26
C SER J 300 31.79 -29.94 18.30
N GLN J 301 31.57 -31.26 18.45
CA GLN J 301 32.31 -32.29 17.67
C GLN J 301 31.45 -33.51 17.45
N LEU J 302 31.39 -33.98 16.21
CA LEU J 302 30.75 -35.27 15.92
C LEU J 302 31.45 -36.40 16.67
N GLY J 303 30.67 -37.24 17.34
CA GLY J 303 31.21 -38.42 18.06
C GLY J 303 31.15 -39.70 17.20
N ARG J 304 30.68 -40.79 17.82
CA ARG J 304 30.66 -42.10 17.18
C ARG J 304 29.81 -42.11 15.91
N ARG J 305 30.43 -42.30 14.73
CA ARG J 305 29.69 -42.30 13.47
C ARG J 305 28.53 -43.26 13.53
N ALA J 306 28.78 -44.48 14.01
CA ALA J 306 27.79 -45.56 13.92
C ALA J 306 27.78 -46.41 15.17
N LEU J 307 26.69 -46.33 15.92
CA LEU J 307 26.55 -47.09 17.14
C LEU J 307 26.45 -48.54 16.76
N PRO J 308 27.01 -49.44 17.61
CA PRO J 308 26.51 -50.79 17.68
C PRO J 308 25.03 -50.91 17.34
N PRO J 309 24.65 -51.92 16.52
CA PRO J 309 25.44 -52.99 15.91
C PRO J 309 26.08 -52.72 14.55
N ALA J 310 26.04 -51.49 14.04
CA ALA J 310 26.61 -51.20 12.72
C ALA J 310 28.14 -51.44 12.68
N GLU J 311 28.80 -51.08 13.78
CA GLU J 311 30.19 -51.38 14.04
C GLU J 311 30.28 -51.65 15.52
N SER K 2 49.10 -8.56 -29.24
CA SER K 2 49.16 -9.30 -30.56
C SER K 2 50.58 -9.69 -31.04
N THR K 3 50.61 -10.43 -32.17
CA THR K 3 51.82 -10.77 -32.93
C THR K 3 51.52 -10.58 -34.41
N PRO K 4 52.55 -10.23 -35.23
CA PRO K 4 52.37 -10.05 -36.69
C PRO K 4 51.62 -11.16 -37.46
N GLY K 5 51.73 -12.41 -36.99
CA GLY K 5 51.03 -13.53 -37.64
C GLY K 5 49.56 -13.59 -37.24
N ALA K 6 49.31 -13.38 -35.95
CA ALA K 6 47.95 -13.32 -35.41
C ALA K 6 47.11 -12.24 -36.10
N GLN K 7 47.74 -11.11 -36.42
CA GLN K 7 47.06 -9.99 -37.08
C GLN K 7 46.49 -10.31 -38.46
N GLU K 8 47.01 -11.36 -39.07
CA GLU K 8 46.50 -11.80 -40.34
C GLU K 8 45.20 -12.59 -40.18
N VAL K 9 44.97 -13.16 -38.99
CA VAL K 9 43.66 -13.79 -38.67
C VAL K 9 42.50 -12.75 -38.55
N LEU K 10 41.44 -12.96 -39.35
CA LEU K 10 40.26 -12.11 -39.35
C LEU K 10 39.45 -12.33 -38.06
N PHE K 11 39.28 -11.23 -37.32
CA PHE K 11 38.38 -11.17 -36.16
C PHE K 11 36.98 -11.67 -36.52
N ARG K 12 36.55 -12.70 -35.77
CA ARG K 12 35.26 -13.36 -35.92
C ARG K 12 35.23 -14.08 -37.23
N THR K 13 36.39 -14.61 -37.61
CA THR K 13 36.50 -15.49 -38.77
C THR K 13 35.70 -16.71 -38.57
N GLY K 14 35.02 -17.13 -39.63
CA GLY K 14 34.41 -18.46 -39.69
C GLY K 14 35.51 -19.48 -39.47
N ILE K 15 35.13 -20.63 -38.91
CA ILE K 15 36.08 -21.72 -38.63
C ILE K 15 35.40 -23.03 -38.98
N ALA K 16 36.08 -23.89 -39.71
CA ALA K 16 35.64 -25.29 -39.94
C ALA K 16 36.86 -26.15 -39.73
N ALA K 17 36.65 -27.44 -39.57
CA ALA K 17 37.75 -28.37 -39.37
C ALA K 17 37.32 -29.80 -39.72
N VAL K 18 38.33 -30.59 -40.11
CA VAL K 18 38.18 -32.01 -40.41
C VAL K 18 39.37 -32.74 -39.79
N ASN K 19 39.26 -34.07 -39.77
CA ASN K 19 40.29 -34.91 -39.18
C ASN K 19 40.14 -36.42 -39.49
N SER K 20 41.24 -37.12 -39.24
CA SER K 20 41.31 -38.60 -39.16
C SER K 20 42.13 -38.96 -37.90
N THR K 21 41.45 -39.52 -36.89
CA THR K 21 41.98 -39.63 -35.51
C THR K 21 42.70 -38.31 -35.08
N ASN K 22 43.96 -38.38 -34.63
CA ASN K 22 44.66 -37.14 -34.21
C ASN K 22 45.44 -36.44 -35.34
N HIS K 23 45.00 -36.65 -36.59
CA HIS K 23 45.55 -35.98 -37.77
C HIS K 23 44.54 -34.90 -38.18
N LEU K 24 44.92 -33.61 -38.04
CA LEU K 24 43.96 -32.47 -37.95
C LEU K 24 44.14 -31.32 -38.94
N ARG K 25 43.06 -30.99 -39.63
CA ARG K 25 43.01 -29.81 -40.50
C ARG K 25 42.02 -28.74 -39.96
N VAL K 26 42.52 -27.50 -39.86
CA VAL K 26 41.76 -26.33 -39.41
C VAL K 26 41.83 -25.19 -40.44
N TYR K 27 40.65 -24.75 -40.88
CA TYR K 27 40.52 -23.72 -41.90
C TYR K 27 39.92 -22.41 -41.35
N PHE K 28 40.51 -21.27 -41.75
CA PHE K 28 40.01 -19.95 -41.37
C PHE K 28 40.19 -18.89 -42.48
N GLN K 29 39.63 -17.70 -42.30
CA GLN K 29 39.73 -16.62 -43.28
C GLN K 29 40.69 -15.59 -42.72
N ASP K 30 41.65 -15.17 -43.58
CA ASP K 30 42.59 -14.08 -43.24
C ASP K 30 41.95 -12.72 -43.46
N SER K 31 42.60 -11.69 -42.93
CA SER K 31 42.19 -10.31 -43.11
C SER K 31 41.99 -9.87 -44.55
N HIS K 32 42.71 -10.48 -45.51
CA HIS K 32 42.57 -10.10 -46.93
C HIS K 32 41.53 -10.93 -47.62
N GLY K 33 40.98 -11.92 -46.94
CA GLY K 33 39.79 -12.64 -47.43
C GLY K 33 40.04 -14.03 -47.95
N SER K 34 41.29 -14.49 -47.82
CA SER K 34 41.68 -15.80 -48.35
C SER K 34 41.53 -16.82 -47.25
N ILE K 35 41.12 -18.03 -47.64
CA ILE K 35 40.98 -19.13 -46.71
C ILE K 35 42.30 -19.86 -46.61
N ARG K 36 42.76 -20.07 -45.38
CA ARG K 36 44.03 -20.75 -45.10
C ARG K 36 43.82 -22.06 -44.37
N GLU K 37 44.82 -22.94 -44.48
CA GLU K 37 44.81 -24.24 -43.81
C GLU K 37 45.99 -24.28 -42.87
N SER K 38 45.70 -24.44 -41.59
CA SER K 38 46.68 -24.86 -40.61
C SER K 38 46.48 -26.34 -40.44
N LEU K 39 47.53 -27.05 -40.01
CA LEU K 39 47.39 -28.48 -39.72
C LEU K 39 48.20 -28.92 -38.52
N TYR K 40 47.73 -30.06 -37.97
CA TYR K 40 48.44 -30.81 -36.93
C TYR K 40 48.78 -32.20 -37.45
N GLU K 41 50.10 -32.48 -37.54
CA GLU K 41 50.65 -33.82 -37.83
C GLU K 41 51.80 -34.00 -36.86
N SER K 42 51.56 -34.67 -35.75
CA SER K 42 52.48 -34.67 -34.60
C SER K 42 53.06 -33.30 -34.26
N GLY K 43 52.27 -32.25 -34.42
CA GLY K 43 52.71 -30.85 -34.16
C GLY K 43 51.94 -29.86 -35.03
N TRP K 44 51.97 -28.58 -34.66
CA TRP K 44 51.21 -27.55 -35.39
C TRP K 44 52.05 -26.80 -36.42
N ALA K 45 51.53 -26.68 -37.64
CA ALA K 45 52.24 -25.98 -38.73
C ALA K 45 51.35 -25.16 -39.65
N ASN K 46 52.01 -24.39 -40.51
CA ASN K 46 51.43 -23.70 -41.66
C ASN K 46 50.64 -22.44 -41.25
N GLY K 47 49.48 -22.20 -41.89
CA GLY K 47 48.72 -20.97 -41.75
C GLY K 47 49.22 -19.73 -42.47
N THR K 48 50.29 -19.85 -43.27
CA THR K 48 50.93 -18.69 -43.96
C THR K 48 50.21 -18.39 -45.28
N ALA K 49 50.62 -17.33 -45.97
CA ALA K 49 50.01 -16.98 -47.29
C ALA K 49 50.22 -18.07 -48.39
N LYS K 50 51.24 -18.92 -48.21
CA LYS K 50 51.44 -20.10 -49.05
C LYS K 50 50.37 -21.20 -48.89
N ASN K 51 49.60 -21.14 -47.79
CA ASN K 51 48.62 -22.17 -47.43
C ASN K 51 47.16 -21.82 -47.79
N VAL K 52 46.99 -20.97 -48.81
CA VAL K 52 45.68 -20.63 -49.33
C VAL K 52 45.03 -21.77 -50.08
N ILE K 53 43.78 -22.03 -49.76
CA ILE K 53 42.96 -23.00 -50.50
C ILE K 53 41.66 -22.43 -51.08
N ALA K 54 41.35 -21.16 -50.81
CA ALA K 54 40.30 -20.45 -51.57
C ALA K 54 40.26 -18.96 -51.26
N LYS K 55 39.45 -18.24 -52.01
CA LYS K 55 39.13 -16.84 -51.69
C LYS K 55 37.62 -16.75 -51.61
N ALA K 56 37.14 -16.11 -50.55
CA ALA K 56 35.72 -15.81 -50.41
C ALA K 56 35.51 -14.35 -50.01
N LYS K 57 34.25 -13.92 -50.14
CA LYS K 57 33.76 -12.70 -49.48
C LYS K 57 34.27 -12.68 -48.03
N LEU K 58 34.70 -11.51 -47.55
CA LEU K 58 35.13 -11.36 -46.16
C LEU K 58 34.00 -11.63 -45.20
N GLY K 59 34.33 -12.25 -44.07
CA GLY K 59 33.36 -12.69 -43.08
C GLY K 59 32.46 -13.82 -43.58
N THR K 60 32.99 -14.65 -44.49
CA THR K 60 32.25 -15.77 -45.06
C THR K 60 32.05 -16.83 -43.98
N PRO K 61 30.95 -17.59 -44.09
CA PRO K 61 30.89 -18.81 -43.31
C PRO K 61 31.86 -19.84 -43.88
N LEU K 62 32.46 -20.64 -42.99
CA LEU K 62 33.25 -21.80 -43.39
C LEU K 62 32.59 -23.10 -42.94
N ALA K 63 32.87 -24.16 -43.68
CA ALA K 63 32.31 -25.46 -43.40
C ALA K 63 33.19 -26.50 -44.10
N ALA K 64 33.42 -27.62 -43.41
CA ALA K 64 34.32 -28.67 -43.83
C ALA K 64 33.75 -30.05 -43.47
N THR K 65 34.15 -31.06 -44.22
CA THR K 65 33.81 -32.45 -43.93
C THR K 65 34.82 -33.28 -44.71
N SER K 66 35.12 -34.47 -44.22
CA SER K 66 36.11 -35.30 -44.84
C SER K 66 35.79 -36.76 -44.64
N LYS K 67 36.16 -37.60 -45.61
CA LYS K 67 36.37 -39.04 -45.39
C LYS K 67 37.81 -39.20 -44.96
N GLU K 68 38.04 -39.34 -43.66
CA GLU K 68 39.39 -39.45 -43.14
C GLU K 68 40.19 -38.26 -43.71
N LEU K 69 41.46 -38.45 -44.09
CA LEU K 69 42.24 -37.41 -44.78
C LEU K 69 42.50 -37.68 -46.26
N LYS K 70 41.61 -38.47 -46.88
CA LYS K 70 41.65 -38.77 -48.31
C LYS K 70 40.85 -37.71 -49.07
N ASN K 71 39.54 -37.68 -48.89
CA ASN K 71 38.69 -36.64 -49.49
C ASN K 71 38.36 -35.54 -48.47
N ILE K 72 38.75 -34.29 -48.76
CA ILE K 72 38.34 -33.12 -47.98
C ILE K 72 37.53 -32.15 -48.85
N ARG K 73 36.51 -31.54 -48.26
CA ARG K 73 35.76 -30.51 -48.95
C ARG K 73 35.63 -29.32 -47.99
N VAL K 74 35.84 -28.11 -48.50
CA VAL K 74 35.72 -26.87 -47.70
C VAL K 74 34.81 -25.88 -48.42
N TYR K 75 33.78 -25.43 -47.71
CA TYR K 75 32.72 -24.63 -48.32
C TYR K 75 32.81 -23.15 -47.90
N SER K 76 32.24 -22.25 -48.72
CA SER K 76 32.23 -20.79 -48.49
C SER K 76 31.35 -20.05 -49.51
N LEU K 77 31.27 -18.73 -49.37
CA LEU K 77 30.54 -17.88 -50.34
C LEU K 77 31.42 -16.96 -51.24
N THR K 78 31.04 -16.88 -52.51
CA THR K 78 31.63 -15.91 -53.44
C THR K 78 31.04 -14.56 -53.06
N GLU K 79 31.68 -13.48 -53.52
CA GLU K 79 31.13 -12.11 -53.43
C GLU K 79 29.66 -12.00 -53.84
N ASP K 80 29.15 -12.90 -54.66
CA ASP K 80 27.73 -12.89 -55.05
C ASP K 80 26.89 -13.87 -54.27
N ASN K 81 27.41 -14.36 -53.13
CA ASN K 81 26.64 -15.21 -52.24
C ASN K 81 26.15 -16.48 -52.95
N VAL K 82 27.13 -17.15 -53.54
CA VAL K 82 26.92 -18.40 -54.25
C VAL K 82 27.77 -19.42 -53.53
N LEU K 83 27.18 -20.57 -53.28
CA LEU K 83 27.89 -21.65 -52.60
C LEU K 83 29.00 -22.17 -53.51
N GLN K 84 30.24 -22.10 -53.00
CA GLN K 84 31.41 -22.55 -53.74
C GLN K 84 32.14 -23.58 -52.90
N GLU K 85 32.93 -24.41 -53.58
CA GLU K 85 33.49 -25.61 -52.99
C GLU K 85 34.96 -25.73 -53.39
N ALA K 86 35.83 -25.72 -52.38
CA ALA K 86 37.20 -26.10 -52.53
C ALA K 86 37.23 -27.58 -52.20
N ALA K 87 38.09 -28.32 -52.89
CA ALA K 87 38.12 -29.79 -52.82
C ALA K 87 39.55 -30.32 -52.81
N TYR K 88 39.79 -31.31 -51.96
CA TYR K 88 41.01 -32.12 -51.99
C TYR K 88 40.63 -33.62 -52.22
N ASP K 89 41.39 -34.31 -53.06
CA ASP K 89 41.43 -35.79 -53.11
C ASP K 89 42.91 -36.15 -53.05
N SER K 90 43.32 -37.02 -52.12
CA SER K 90 44.76 -37.40 -51.95
C SER K 90 45.37 -37.94 -53.27
N GLY K 91 46.52 -37.37 -53.65
CA GLY K 91 47.15 -37.65 -54.95
C GLY K 91 46.47 -36.99 -56.15
N SER K 92 45.59 -36.04 -55.88
CA SER K 92 45.02 -35.18 -56.90
C SER K 92 45.26 -33.69 -56.54
N GLY K 93 45.95 -33.41 -55.41
CA GLY K 93 46.02 -32.06 -54.80
C GLY K 93 44.68 -31.34 -54.54
N TRP K 94 44.80 -30.04 -54.23
CA TRP K 94 43.64 -29.14 -54.07
C TRP K 94 43.04 -28.64 -55.39
N TYR K 95 41.75 -28.38 -55.44
CA TYR K 95 41.14 -27.86 -56.67
C TYR K 95 39.71 -27.35 -56.45
N ASN K 96 39.14 -26.72 -57.48
CA ASN K 96 37.79 -26.17 -57.44
C ASN K 96 36.73 -27.19 -57.80
N GLY K 97 35.82 -27.46 -56.87
CA GLY K 97 34.67 -28.33 -57.10
C GLY K 97 33.57 -27.74 -57.98
N ALA K 98 32.66 -28.61 -58.40
CA ALA K 98 31.61 -28.24 -59.37
C ALA K 98 30.44 -27.43 -58.79
N LEU K 99 30.46 -27.15 -57.48
CA LEU K 99 29.32 -26.56 -56.76
C LEU K 99 28.98 -25.18 -57.29
N ALA K 100 30.02 -24.37 -57.48
CA ALA K 100 29.89 -23.00 -57.97
C ALA K 100 29.06 -23.02 -59.27
N GLY K 101 29.43 -23.96 -60.15
CA GLY K 101 28.71 -24.23 -61.39
C GLY K 101 27.21 -24.48 -61.30
N ALA K 102 26.75 -25.10 -60.22
CA ALA K 102 25.28 -25.23 -59.95
C ALA K 102 24.60 -23.86 -59.74
N LYS K 103 25.41 -22.86 -59.35
CA LYS K 103 24.98 -21.47 -59.14
C LYS K 103 23.92 -21.52 -58.04
N PHE K 104 24.31 -22.00 -56.86
CA PHE K 104 23.38 -22.02 -55.72
C PHE K 104 23.47 -20.72 -54.94
N THR K 105 22.50 -19.83 -55.13
CA THR K 105 22.54 -18.49 -54.50
C THR K 105 21.84 -18.52 -53.14
N VAL K 106 22.59 -18.21 -52.08
CA VAL K 106 22.07 -18.19 -50.70
C VAL K 106 22.01 -16.75 -50.14
N ALA K 107 21.26 -16.56 -49.05
CA ALA K 107 21.23 -15.25 -48.35
C ALA K 107 22.64 -14.78 -47.94
N PRO K 108 22.89 -13.45 -47.98
CA PRO K 108 24.26 -12.98 -47.70
C PRO K 108 24.75 -13.24 -46.31
N TYR K 109 23.79 -13.37 -45.40
CA TYR K 109 24.08 -13.69 -44.00
C TYR K 109 24.15 -15.20 -43.74
N SER K 110 23.89 -16.03 -44.78
CA SER K 110 23.74 -17.51 -44.63
C SER K 110 24.99 -18.13 -44.09
N ARG K 111 24.83 -19.14 -43.27
CA ARG K 111 25.93 -19.94 -42.84
C ARG K 111 25.85 -21.20 -43.70
N ILE K 112 26.77 -22.12 -43.41
CA ILE K 112 26.87 -23.36 -44.13
C ILE K 112 27.18 -24.54 -43.22
N GLY K 113 26.45 -25.64 -43.44
CA GLY K 113 26.78 -26.94 -42.88
C GLY K 113 27.06 -28.02 -43.93
N SER K 114 28.12 -28.79 -43.71
CA SER K 114 28.61 -29.80 -44.65
C SER K 114 28.96 -31.17 -44.02
N VAL K 115 28.35 -32.25 -44.56
CA VAL K 115 28.84 -33.63 -44.28
C VAL K 115 28.82 -34.63 -45.43
N PHE K 116 29.77 -35.58 -45.37
CA PHE K 116 29.72 -36.88 -46.12
C PHE K 116 28.87 -37.91 -45.41
N LEU K 117 27.98 -38.56 -46.15
CA LEU K 117 27.09 -39.58 -45.58
C LEU K 117 27.94 -40.75 -45.15
N ALA K 118 28.00 -41.01 -43.84
CA ALA K 118 28.89 -42.04 -43.27
C ALA K 118 28.43 -43.48 -43.57
N GLY K 119 29.28 -44.45 -43.21
CA GLY K 119 29.00 -45.88 -43.43
C GLY K 119 28.76 -46.30 -44.88
N THR K 120 29.60 -45.78 -45.79
CA THR K 120 29.57 -46.08 -47.25
C THR K 120 30.88 -45.49 -47.87
N ASN K 121 31.56 -46.26 -48.72
CA ASN K 121 32.75 -45.74 -49.44
C ASN K 121 32.37 -44.71 -50.51
N ALA K 122 31.10 -44.76 -51.01
CA ALA K 122 30.57 -43.79 -52.01
C ALA K 122 30.57 -42.33 -51.49
N LEU K 123 31.04 -41.41 -52.34
CA LEU K 123 31.11 -39.99 -52.02
C LEU K 123 29.76 -39.37 -52.32
N GLN K 124 28.97 -39.28 -51.24
CA GLN K 124 27.71 -38.58 -51.23
C GLN K 124 27.83 -37.49 -50.17
N LEU K 125 27.32 -36.30 -50.52
CA LEU K 125 27.50 -35.13 -49.69
C LEU K 125 26.19 -34.49 -49.40
N ARG K 126 26.03 -34.07 -48.14
CA ARG K 126 24.92 -33.22 -47.74
C ARG K 126 25.42 -31.84 -47.26
N ILE K 127 24.85 -30.81 -47.92
CA ILE K 127 25.17 -29.41 -47.67
C ILE K 127 23.91 -28.67 -47.25
N TYR K 128 24.07 -27.82 -46.23
CA TYR K 128 22.95 -27.10 -45.63
C TYR K 128 23.31 -25.64 -45.55
N ALA K 129 22.38 -24.80 -46.02
CA ALA K 129 22.56 -23.35 -46.00
C ALA K 129 21.21 -22.67 -46.10
N GLN K 130 21.21 -21.36 -45.90
CA GLN K 130 19.99 -20.57 -45.81
C GLN K 130 19.78 -19.74 -47.06
N LYS K 131 18.66 -19.98 -47.74
CA LYS K 131 18.25 -19.20 -48.89
C LYS K 131 17.82 -17.82 -48.47
N THR K 132 17.54 -16.98 -49.48
CA THR K 132 17.05 -15.63 -49.25
C THR K 132 15.68 -15.61 -48.59
N ASP K 133 14.92 -16.72 -48.66
CA ASP K 133 13.64 -16.81 -47.92
C ASP K 133 13.77 -17.29 -46.49
N ASN K 134 15.00 -17.40 -45.99
CA ASN K 134 15.33 -17.85 -44.61
C ASN K 134 15.17 -19.32 -44.30
N THR K 135 14.60 -20.12 -45.23
CA THR K 135 14.50 -21.61 -45.09
C THR K 135 15.88 -22.22 -45.17
N ILE K 136 16.13 -23.27 -44.39
CA ILE K 136 17.36 -24.06 -44.51
C ILE K 136 17.17 -25.05 -45.66
N GLN K 137 18.11 -25.00 -46.61
CA GLN K 137 18.05 -25.84 -47.79
C GLN K 137 19.17 -26.85 -47.79
N GLU K 138 18.79 -28.06 -48.12
CA GLU K 138 19.76 -29.14 -48.31
C GLU K 138 20.14 -29.17 -49.78
N TYR K 139 21.44 -29.34 -50.00
CA TYR K 139 22.00 -29.41 -51.33
C TYR K 139 22.78 -30.72 -51.32
N MET K 140 22.63 -31.52 -52.37
CA MET K 140 23.27 -32.83 -52.39
C MET K 140 24.07 -33.17 -53.62
N TRP K 141 25.09 -34.00 -53.36
CA TRP K 141 25.86 -34.74 -54.35
C TRP K 141 25.77 -36.28 -54.17
N ASN K 142 25.33 -36.99 -55.21
CA ASN K 142 25.22 -38.47 -55.21
C ASN K 142 25.95 -39.18 -56.38
N GLY K 143 26.97 -38.53 -56.95
CA GLY K 143 27.75 -39.06 -58.06
C GLY K 143 27.37 -38.48 -59.41
N ASP K 144 26.09 -38.13 -59.60
CA ASP K 144 25.59 -37.63 -60.88
C ASP K 144 25.07 -36.18 -60.77
N GLY K 145 25.97 -35.20 -60.68
CA GLY K 145 25.58 -33.75 -60.61
C GLY K 145 24.89 -33.28 -59.31
N TRP K 146 25.08 -32.01 -58.92
CA TRP K 146 24.43 -31.46 -57.68
C TRP K 146 22.94 -31.16 -57.85
N LYS K 147 22.14 -31.41 -56.80
CA LYS K 147 20.73 -31.00 -56.79
C LYS K 147 20.30 -30.51 -55.40
N GLU K 148 19.28 -29.66 -55.41
CA GLU K 148 18.57 -29.31 -54.19
C GLU K 148 17.94 -30.59 -53.59
N GLY K 149 18.09 -30.76 -52.27
CA GLY K 149 17.46 -31.85 -51.50
C GLY K 149 16.20 -31.39 -50.80
N THR K 150 15.95 -31.88 -49.58
CA THR K 150 14.76 -31.46 -48.81
C THR K 150 15.05 -30.11 -48.19
N ASN K 151 14.02 -29.26 -48.17
CA ASN K 151 14.02 -27.97 -47.52
C ASN K 151 13.63 -28.23 -46.07
N LEU K 152 14.54 -27.88 -45.15
CA LEU K 152 14.27 -28.05 -43.71
C LEU K 152 13.45 -26.94 -43.00
N GLY K 153 12.76 -26.06 -43.74
CA GLY K 153 11.90 -24.99 -43.15
C GLY K 153 12.60 -23.71 -42.61
N VAL K 154 11.77 -22.76 -42.16
CA VAL K 154 12.19 -21.38 -41.79
C VAL K 154 13.05 -21.35 -40.53
N ALA K 155 14.16 -20.62 -40.58
CA ALA K 155 15.02 -20.40 -39.41
C ALA K 155 15.32 -18.91 -39.22
N LEU K 156 16.05 -18.58 -38.16
CA LEU K 156 16.42 -17.19 -37.93
C LEU K 156 17.35 -16.74 -39.04
N PRO K 157 17.05 -15.59 -39.67
CA PRO K 157 18.02 -15.05 -40.66
C PRO K 157 19.39 -14.93 -40.02
N GLY K 158 20.34 -15.74 -40.50
CA GLY K 158 21.71 -15.68 -40.07
C GLY K 158 22.07 -16.72 -39.05
N THR K 159 21.10 -17.57 -38.71
CA THR K 159 21.30 -18.63 -37.73
C THR K 159 22.57 -19.36 -38.00
N GLY K 160 23.20 -19.81 -36.93
CA GLY K 160 24.20 -20.87 -36.98
C GLY K 160 23.60 -22.17 -37.52
N ILE K 161 24.44 -23.00 -38.15
CA ILE K 161 24.01 -24.31 -38.67
C ILE K 161 25.06 -25.30 -38.28
N GLY K 162 24.71 -26.18 -37.34
CA GLY K 162 25.57 -27.31 -36.96
C GLY K 162 24.97 -28.57 -37.57
N VAL K 163 25.83 -29.55 -37.82
CA VAL K 163 25.37 -30.74 -38.51
C VAL K 163 26.33 -31.90 -38.31
N THR K 164 25.75 -33.07 -38.08
CA THR K 164 26.53 -34.28 -37.88
C THR K 164 25.80 -35.48 -38.48
N CYS K 165 26.57 -36.54 -38.72
CA CYS K 165 26.10 -37.71 -39.47
C CYS K 165 26.81 -38.95 -39.01
N TRP K 166 26.07 -40.04 -38.92
CA TRP K 166 26.61 -41.33 -38.53
C TRP K 166 25.72 -42.43 -39.16
N ARG K 167 26.16 -43.67 -38.98
CA ARG K 167 25.33 -44.84 -39.29
C ARG K 167 25.28 -45.74 -38.08
N TYR K 168 24.05 -46.01 -37.65
CA TYR K 168 23.83 -46.97 -36.57
C TYR K 168 24.27 -48.37 -37.09
N THR K 169 24.97 -49.15 -36.27
CA THR K 169 25.46 -50.47 -36.73
C THR K 169 24.31 -51.44 -37.16
N ASP K 170 23.13 -51.28 -36.55
CA ASP K 170 21.94 -52.08 -36.93
C ASP K 170 21.02 -51.44 -38.02
N TYR K 171 21.50 -50.40 -38.72
CA TYR K 171 20.73 -49.76 -39.82
C TYR K 171 21.52 -49.88 -41.12
N ASP K 172 20.79 -49.93 -42.23
CA ASP K 172 21.36 -50.08 -43.59
C ASP K 172 21.87 -48.76 -44.20
N GLY K 173 21.16 -47.66 -43.93
CA GLY K 173 21.55 -46.33 -44.40
C GLY K 173 22.15 -45.37 -43.36
N PRO K 174 22.24 -44.06 -43.71
CA PRO K 174 22.87 -43.09 -42.81
C PRO K 174 21.83 -42.24 -42.01
N SER K 175 22.23 -41.78 -40.82
CA SER K 175 21.37 -40.87 -40.02
C SER K 175 21.96 -39.47 -39.93
N ILE K 176 21.11 -38.45 -40.16
CA ILE K 176 21.56 -37.04 -40.10
C ILE K 176 20.82 -36.21 -39.03
N ARG K 177 21.60 -35.48 -38.22
CA ARG K 177 21.08 -34.44 -37.31
C ARG K 177 21.60 -33.05 -37.65
N VAL K 178 20.67 -32.14 -37.94
CA VAL K 178 20.96 -30.72 -38.21
C VAL K 178 20.42 -29.85 -37.07
N TRP K 179 21.22 -28.91 -36.60
CA TRP K 179 20.77 -27.98 -35.55
C TRP K 179 20.81 -26.50 -35.98
N PHE K 180 19.72 -25.79 -35.70
CA PHE K 180 19.71 -24.36 -35.93
C PHE K 180 18.82 -23.58 -34.96
N GLN K 181 18.68 -22.27 -35.22
CA GLN K 181 18.02 -21.32 -34.34
C GLN K 181 16.83 -20.82 -35.06
N THR K 182 15.71 -20.74 -34.34
CA THR K 182 14.40 -20.36 -34.90
C THR K 182 14.10 -18.90 -34.50
N ASP K 183 13.05 -18.32 -35.06
CA ASP K 183 12.74 -16.90 -34.88
C ASP K 183 12.66 -16.56 -33.39
N ASN K 184 12.08 -17.48 -32.61
CA ASN K 184 11.87 -17.34 -31.18
C ASN K 184 13.16 -17.44 -30.35
N LEU K 185 14.28 -17.64 -31.05
CA LEU K 185 15.64 -17.67 -30.49
C LEU K 185 16.01 -19.00 -29.79
N LYS K 186 15.19 -20.02 -29.90
CA LYS K 186 15.55 -21.35 -29.37
C LYS K 186 16.53 -22.05 -30.34
N LEU K 187 17.37 -22.94 -29.82
CA LEU K 187 18.20 -23.84 -30.64
C LEU K 187 17.46 -25.17 -30.76
N VAL K 188 17.19 -25.58 -32.00
CA VAL K 188 16.34 -26.75 -32.30
C VAL K 188 17.04 -27.82 -33.16
N GLN K 189 16.47 -29.01 -33.24
CA GLN K 189 17.01 -30.14 -34.01
C GLN K 189 16.01 -30.63 -35.07
N ARG K 190 16.46 -30.85 -36.31
CA ARG K 190 15.76 -31.70 -37.27
C ARG K 190 16.53 -33.03 -37.40
N ALA K 191 15.78 -34.12 -37.61
CA ALA K 191 16.38 -35.46 -37.65
C ALA K 191 15.99 -36.22 -38.89
N TYR K 192 17.00 -36.81 -39.55
CA TYR K 192 16.79 -37.78 -40.63
C TYR K 192 17.29 -39.15 -40.20
N ASP K 193 16.37 -40.12 -40.25
CA ASP K 193 16.72 -41.54 -40.12
C ASP K 193 16.31 -42.29 -41.41
N PRO K 194 17.09 -43.33 -41.84
CA PRO K 194 16.73 -44.16 -43.02
C PRO K 194 15.37 -44.84 -42.85
N HIS K 195 14.65 -45.03 -43.96
CA HIS K 195 13.28 -45.61 -43.99
C HIS K 195 12.22 -44.69 -43.37
N THR K 196 12.48 -44.14 -42.18
CA THR K 196 11.68 -43.02 -41.62
C THR K 196 11.64 -41.75 -42.46
N GLY K 197 12.80 -41.30 -42.91
CA GLY K 197 12.93 -40.00 -43.58
C GLY K 197 13.25 -38.90 -42.57
N TRP K 198 12.83 -37.68 -42.91
CA TRP K 198 12.99 -36.53 -42.00
C TRP K 198 11.84 -36.55 -41.02
N TYR K 199 12.13 -36.59 -39.72
CA TYR K 199 11.08 -36.41 -38.71
C TYR K 199 10.39 -35.06 -38.90
N LYS K 200 9.07 -35.05 -38.88
CA LYS K 200 8.31 -33.79 -38.96
C LYS K 200 8.62 -32.78 -37.85
N GLU K 201 9.01 -33.25 -36.66
CA GLU K 201 9.16 -32.42 -35.45
C GLU K 201 10.54 -31.82 -35.28
N LEU K 202 10.51 -30.53 -34.94
CA LEU K 202 11.59 -29.75 -34.36
C LEU K 202 11.73 -30.12 -32.90
N THR K 203 12.91 -30.49 -32.47
CA THR K 203 13.16 -30.82 -31.10
C THR K 203 14.05 -29.74 -30.45
N THR K 204 13.54 -29.13 -29.38
CA THR K 204 14.23 -28.03 -28.72
C THR K 204 15.40 -28.57 -27.92
N ILE K 205 16.61 -28.04 -28.16
CA ILE K 205 17.77 -28.34 -27.30
C ILE K 205 18.22 -27.21 -26.35
N PHE K 206 17.76 -25.98 -26.58
CA PHE K 206 18.05 -24.84 -25.67
C PHE K 206 17.00 -23.74 -25.86
N ASP K 207 16.59 -23.06 -24.78
CA ASP K 207 15.42 -22.15 -24.86
C ASP K 207 15.72 -20.76 -25.39
N LYS K 208 16.88 -20.21 -25.03
CA LYS K 208 17.19 -18.87 -25.51
C LYS K 208 18.68 -18.71 -25.74
N ALA K 209 19.03 -18.35 -26.98
CA ALA K 209 20.41 -18.07 -27.35
C ALA K 209 20.58 -16.72 -28.06
N PRO K 210 21.79 -16.14 -27.96
CA PRO K 210 22.06 -14.92 -28.68
C PRO K 210 21.64 -15.06 -30.12
N PRO K 211 21.10 -14.00 -30.69
CA PRO K 211 20.78 -14.08 -32.10
C PRO K 211 22.06 -14.22 -32.93
N ARG K 212 21.98 -15.13 -33.92
CA ARG K 212 23.08 -15.54 -34.80
C ARG K 212 24.30 -16.05 -34.07
N CYS K 213 24.11 -16.60 -32.86
CA CYS K 213 25.15 -17.35 -32.19
C CYS K 213 25.62 -18.47 -33.08
N ALA K 214 26.90 -18.77 -32.96
CA ALA K 214 27.52 -19.91 -33.63
C ALA K 214 26.99 -21.25 -33.08
N ILE K 215 26.86 -22.23 -33.96
CA ILE K 215 26.39 -23.55 -33.62
C ILE K 215 27.18 -24.61 -34.38
N ALA K 216 27.69 -25.60 -33.64
CA ALA K 216 28.56 -26.65 -34.20
C ALA K 216 28.43 -28.00 -33.43
N ALA K 217 28.36 -29.11 -34.20
CA ALA K 217 28.06 -30.42 -33.64
C ALA K 217 28.96 -31.55 -34.15
N THR K 218 29.06 -32.58 -33.32
CA THR K 218 29.86 -33.77 -33.58
C THR K 218 29.25 -34.99 -32.90
N ASN K 219 29.39 -36.16 -33.53
CA ASN K 219 29.00 -37.44 -32.91
C ASN K 219 30.21 -38.31 -32.67
N PHE K 220 30.05 -39.24 -31.72
CA PHE K 220 31.01 -40.33 -31.50
C PHE K 220 30.35 -41.64 -31.05
N ASN K 221 31.11 -42.73 -31.19
CA ASN K 221 30.75 -44.06 -30.70
C ASN K 221 29.32 -44.44 -31.14
N PRO K 222 29.13 -44.59 -32.46
CA PRO K 222 27.89 -45.26 -32.87
C PRO K 222 27.88 -46.75 -32.43
N GLY K 223 26.67 -47.29 -32.28
CA GLY K 223 26.45 -48.63 -31.75
C GLY K 223 25.10 -49.09 -32.25
N LYS K 224 24.51 -50.08 -31.59
CA LYS K 224 23.20 -50.59 -31.99
C LYS K 224 22.16 -49.67 -31.40
N SER K 225 21.36 -49.02 -32.25
CA SER K 225 20.41 -47.98 -31.83
C SER K 225 20.96 -46.97 -30.77
N SER K 226 22.28 -46.77 -30.74
CA SER K 226 22.96 -45.97 -29.72
C SER K 226 23.77 -44.92 -30.50
N ILE K 227 23.91 -43.75 -29.88
CA ILE K 227 24.70 -42.62 -30.42
C ILE K 227 24.94 -41.62 -29.30
N TYR K 228 26.07 -40.94 -29.37
CA TYR K 228 26.41 -39.88 -28.45
C TYR K 228 26.64 -38.62 -29.30
N MET K 229 26.01 -37.49 -28.94
CA MET K 229 26.18 -36.23 -29.67
C MET K 229 26.61 -35.09 -28.75
N ARG K 230 27.26 -34.11 -29.33
CA ARG K 230 27.67 -32.89 -28.63
C ARG K 230 27.38 -31.72 -29.53
N ILE K 231 26.60 -30.77 -29.03
CA ILE K 231 26.34 -29.56 -29.78
C ILE K 231 26.92 -28.40 -28.97
N TYR K 232 27.58 -27.49 -29.65
CA TYR K 232 28.23 -26.34 -29.01
C TYR K 232 27.68 -25.02 -29.58
N PHE K 233 27.59 -23.99 -28.75
CA PHE K 233 27.13 -22.70 -29.20
C PHE K 233 27.74 -21.61 -28.35
N VAL K 234 27.76 -20.38 -28.86
CA VAL K 234 28.20 -19.25 -28.07
C VAL K 234 26.99 -18.69 -27.36
N ASN K 235 27.09 -18.54 -26.04
CA ASN K 235 25.98 -18.08 -25.22
C ASN K 235 26.16 -16.63 -24.80
N SER K 236 25.11 -16.12 -24.15
CA SER K 236 25.06 -14.70 -23.74
C SER K 236 26.10 -14.28 -22.69
N ASP K 237 26.75 -15.25 -22.03
CA ASP K 237 27.84 -14.99 -21.07
C ASP K 237 29.20 -14.96 -21.74
N ASN K 238 29.22 -14.98 -23.08
CA ASN K 238 30.47 -14.92 -23.86
C ASN K 238 31.38 -16.08 -23.49
N THR K 239 30.76 -17.25 -23.52
CA THR K 239 31.40 -18.55 -23.40
C THR K 239 30.72 -19.49 -24.35
N ILE K 240 31.42 -20.55 -24.70
CA ILE K 240 30.82 -21.64 -25.43
C ILE K 240 30.10 -22.55 -24.44
N TRP K 241 28.89 -22.98 -24.78
CA TRP K 241 28.17 -23.98 -24.01
C TRP K 241 28.10 -25.31 -24.80
N GLN K 242 27.91 -26.40 -24.06
CA GLN K 242 27.81 -27.75 -24.62
C GLN K 242 26.52 -28.35 -24.16
N VAL K 243 25.77 -28.90 -25.11
CA VAL K 243 24.59 -29.69 -24.86
C VAL K 243 24.94 -31.14 -25.24
N CYS K 244 24.77 -32.07 -24.27
CA CYS K 244 25.05 -33.51 -24.46
C CYS K 244 23.82 -34.36 -24.75
N TRP K 245 23.85 -35.11 -25.86
CA TRP K 245 23.03 -36.32 -25.99
C TRP K 245 23.91 -37.50 -25.68
N ASP K 246 23.47 -38.31 -24.73
CA ASP K 246 24.16 -39.55 -24.35
C ASP K 246 23.11 -40.67 -24.32
N HIS K 247 23.34 -41.74 -25.07
CA HIS K 247 22.44 -42.92 -25.12
C HIS K 247 21.97 -43.32 -23.71
N GLY K 248 20.65 -43.52 -23.59
CA GLY K 248 20.03 -43.90 -22.32
C GLY K 248 19.53 -42.73 -21.47
N GLN K 249 20.23 -41.59 -21.55
CA GLN K 249 19.87 -40.32 -20.90
C GLN K 249 19.25 -39.26 -21.85
N GLY K 250 19.70 -39.22 -23.08
CA GLY K 250 19.22 -38.23 -24.05
C GLY K 250 19.82 -36.86 -23.75
N TYR K 251 19.13 -35.82 -24.21
CA TYR K 251 19.56 -34.43 -24.00
C TYR K 251 19.44 -34.04 -22.52
N HIS K 252 20.45 -34.38 -21.72
CA HIS K 252 20.39 -34.34 -20.26
C HIS K 252 21.36 -33.40 -19.54
N ASP K 253 22.36 -32.82 -20.24
CA ASP K 253 23.31 -31.88 -19.60
C ASP K 253 23.70 -30.65 -20.44
N LYS K 254 23.72 -29.47 -19.81
CA LYS K 254 24.04 -28.21 -20.47
C LYS K 254 25.00 -27.49 -19.55
N ARG K 255 26.17 -27.09 -20.05
CA ARG K 255 27.17 -26.42 -19.21
C ARG K 255 28.09 -25.51 -20.01
N THR K 256 28.66 -24.51 -19.34
CA THR K 256 29.70 -23.71 -19.95
C THR K 256 30.98 -24.53 -20.07
N ILE K 257 31.70 -24.26 -21.16
CA ILE K 257 32.91 -24.96 -21.51
C ILE K 257 34.07 -23.98 -21.33
N THR K 258 34.13 -22.94 -22.15
CA THR K 258 35.26 -22.03 -22.10
C THR K 258 34.83 -20.63 -22.58
N PRO K 259 35.50 -19.58 -22.10
CA PRO K 259 35.30 -18.21 -22.58
C PRO K 259 35.65 -18.00 -24.02
N VAL K 260 35.00 -17.07 -24.67
CA VAL K 260 35.36 -16.64 -26.02
C VAL K 260 35.21 -15.13 -26.15
N ILE K 261 35.77 -14.57 -27.20
CA ILE K 261 35.53 -13.17 -27.50
C ILE K 261 34.09 -13.07 -27.97
N GLN K 262 33.57 -11.86 -27.87
CA GLN K 262 32.23 -11.64 -28.29
C GLN K 262 32.14 -11.97 -29.77
N GLY K 263 31.14 -12.79 -30.09
CA GLY K 263 30.80 -13.12 -31.46
C GLY K 263 31.74 -14.13 -32.11
N SER K 264 32.50 -14.85 -31.29
CA SER K 264 33.43 -15.83 -31.80
C SER K 264 32.67 -16.84 -32.61
N GLU K 265 33.34 -17.40 -33.61
CA GLU K 265 32.80 -18.54 -34.30
C GLU K 265 33.42 -19.74 -33.62
N ILE K 266 32.96 -20.93 -33.99
CA ILE K 266 33.50 -22.17 -33.42
C ILE K 266 33.49 -23.32 -34.41
N ALA K 267 34.41 -24.24 -34.20
CA ALA K 267 34.36 -25.52 -34.91
C ALA K 267 34.74 -26.65 -33.98
N ILE K 268 34.18 -27.82 -34.30
CA ILE K 268 34.37 -29.03 -33.49
C ILE K 268 34.73 -30.26 -34.36
N ILE K 269 35.69 -31.03 -33.85
CA ILE K 269 36.07 -32.31 -34.43
C ILE K 269 36.31 -33.29 -33.29
N SER K 270 36.12 -34.56 -33.61
CA SER K 270 36.26 -35.62 -32.63
C SER K 270 36.64 -36.92 -33.31
N TRP K 271 37.26 -37.79 -32.51
CA TRP K 271 37.49 -39.17 -32.89
C TRP K 271 37.23 -40.07 -31.70
N GLU K 272 37.37 -41.38 -31.86
CA GLU K 272 37.13 -42.32 -30.74
C GLU K 272 38.12 -42.23 -29.53
N GLY K 273 37.59 -42.49 -28.35
CA GLY K 273 38.26 -42.22 -27.07
C GLY K 273 37.25 -42.03 -25.94
N PRO K 274 36.32 -41.08 -26.10
CA PRO K 274 36.28 -40.03 -27.11
C PRO K 274 37.30 -38.92 -26.85
N GLU K 275 37.73 -38.28 -27.94
CA GLU K 275 38.56 -37.07 -27.93
C GLU K 275 37.77 -35.97 -28.65
N LEU K 276 37.76 -34.77 -28.06
CA LEU K 276 37.06 -33.63 -28.63
C LEU K 276 38.02 -32.49 -28.84
N ARG K 277 37.89 -31.80 -29.97
CA ARG K 277 38.63 -30.57 -30.17
C ARG K 277 37.70 -29.45 -30.61
N LEU K 278 37.70 -28.37 -29.82
CA LEU K 278 36.99 -27.12 -30.15
C LEU K 278 37.97 -26.06 -30.59
N TYR K 279 37.61 -25.33 -31.63
CA TYR K 279 38.41 -24.17 -32.08
C TYR K 279 37.56 -22.91 -32.04
N PHE K 280 38.23 -21.79 -31.74
CA PHE K 280 37.56 -20.50 -31.44
C PHE K 280 38.59 -19.38 -31.18
N GLN K 281 38.12 -18.15 -31.03
CA GLN K 281 38.95 -16.99 -30.63
C GLN K 281 38.54 -16.62 -29.22
N ASN K 282 39.50 -16.46 -28.32
CA ASN K 282 39.22 -15.94 -26.98
C ASN K 282 40.05 -14.73 -26.61
N GLY K 283 40.65 -14.13 -27.63
CA GLY K 283 41.36 -12.89 -27.46
C GLY K 283 42.84 -13.09 -27.36
N THR K 284 43.33 -14.32 -27.52
CA THR K 284 44.77 -14.60 -27.41
C THR K 284 45.51 -13.91 -28.54
N TYR K 285 46.55 -13.14 -28.20
CA TYR K 285 47.19 -12.26 -29.16
C TYR K 285 46.12 -11.51 -29.96
N VAL K 286 45.05 -11.12 -29.27
CA VAL K 286 43.85 -10.50 -29.87
C VAL K 286 43.05 -11.38 -30.85
N SER K 287 43.65 -11.63 -32.02
CA SER K 287 42.95 -12.25 -33.16
C SER K 287 43.18 -13.75 -33.31
N ALA K 288 44.09 -14.33 -32.52
CA ALA K 288 44.51 -15.74 -32.69
C ALA K 288 43.40 -16.74 -32.42
N ILE K 289 43.52 -17.90 -33.06
CA ILE K 289 42.63 -19.04 -32.80
C ILE K 289 43.21 -19.86 -31.66
N SER K 290 42.34 -20.45 -30.85
CA SER K 290 42.72 -21.28 -29.71
C SER K 290 41.94 -22.57 -29.76
N GLU K 291 42.43 -23.53 -28.96
CA GLU K 291 41.91 -24.87 -28.94
C GLU K 291 41.56 -25.24 -27.52
N TRP K 292 40.43 -25.94 -27.39
CA TRP K 292 40.04 -26.62 -26.16
C TRP K 292 39.89 -28.12 -26.48
N THR K 293 40.33 -28.94 -25.51
CA THR K 293 40.43 -30.38 -25.64
C THR K 293 39.63 -31.14 -24.58
N TRP K 294 39.13 -32.30 -24.96
CA TRP K 294 38.65 -33.29 -24.01
C TRP K 294 39.18 -34.66 -24.40
N GLY K 295 39.50 -35.47 -23.39
CA GLY K 295 39.90 -36.86 -23.53
C GLY K 295 40.00 -37.48 -22.16
N LYS K 296 39.90 -38.81 -22.07
CA LYS K 296 39.82 -39.51 -20.77
C LYS K 296 41.02 -39.26 -19.86
N ALA K 297 42.18 -38.97 -20.45
CA ALA K 297 43.39 -38.63 -19.69
C ALA K 297 43.22 -37.48 -18.66
N HIS K 298 42.72 -36.34 -19.13
CA HIS K 298 42.64 -35.09 -18.31
C HIS K 298 41.27 -34.40 -18.30
N GLY K 299 40.32 -34.93 -19.06
CA GLY K 299 39.06 -34.25 -19.31
C GLY K 299 39.21 -32.88 -19.96
N SER K 300 38.72 -31.87 -19.28
CA SER K 300 38.58 -30.52 -19.80
C SER K 300 39.87 -29.73 -19.57
N GLN K 301 40.67 -29.56 -20.63
CA GLN K 301 41.92 -28.74 -20.59
C GLN K 301 42.03 -27.88 -21.84
N LEU K 302 42.54 -26.66 -21.66
CA LEU K 302 42.90 -25.82 -22.81
C LEU K 302 44.06 -26.47 -23.57
N GLY K 303 43.91 -26.59 -24.88
CA GLY K 303 44.98 -27.13 -25.75
C GLY K 303 45.92 -26.03 -26.19
N ARG K 304 46.23 -26.04 -27.48
CA ARG K 304 47.08 -25.05 -28.13
C ARG K 304 46.59 -23.61 -27.83
N ARG K 305 47.42 -22.81 -27.17
CA ARG K 305 47.06 -21.43 -26.84
C ARG K 305 46.86 -20.54 -28.11
N ALA K 306 47.62 -20.79 -29.18
CA ALA K 306 47.59 -19.92 -30.37
C ALA K 306 47.97 -20.65 -31.67
N LEU K 307 46.97 -21.11 -32.42
CA LEU K 307 47.21 -21.79 -33.70
C LEU K 307 48.13 -20.97 -34.62
N PRO K 308 48.92 -21.66 -35.48
CA PRO K 308 49.58 -20.92 -36.53
C PRO K 308 48.50 -20.39 -37.50
N PRO K 309 48.75 -19.20 -38.07
CA PRO K 309 50.01 -18.50 -38.10
C PRO K 309 50.40 -17.68 -36.87
N ALA K 310 49.66 -17.71 -35.77
CA ALA K 310 49.95 -16.76 -34.67
C ALA K 310 51.35 -16.96 -34.10
N GLU K 311 51.76 -18.23 -34.07
CA GLU K 311 53.13 -18.64 -33.80
C GLU K 311 53.57 -19.70 -34.82
N SER L 2 41.64 -0.12 28.01
CA SER L 2 42.33 1.20 27.93
C SER L 2 43.64 1.25 28.78
N THR L 3 44.20 2.47 28.91
CA THR L 3 45.45 2.77 29.64
C THR L 3 45.38 4.18 30.25
N PRO L 4 46.08 4.42 31.39
CA PRO L 4 45.88 5.70 32.11
C PRO L 4 46.13 7.00 31.32
N GLY L 5 47.00 6.92 30.32
CA GLY L 5 47.29 8.08 29.47
C GLY L 5 46.23 8.32 28.41
N ALA L 6 45.83 7.23 27.75
CA ALA L 6 44.75 7.23 26.74
C ALA L 6 43.54 8.01 27.23
N GLN L 7 43.24 7.79 28.50
CA GLN L 7 42.03 8.28 29.11
C GLN L 7 42.00 9.79 29.23
N GLU L 8 43.16 10.44 29.13
CA GLU L 8 43.20 11.89 29.22
C GLU L 8 42.77 12.54 27.89
N VAL L 9 42.78 11.73 26.81
CA VAL L 9 42.42 12.14 25.44
C VAL L 9 40.91 12.20 25.34
N LEU L 10 40.36 13.37 25.00
CA LEU L 10 38.92 13.50 24.94
C LEU L 10 38.36 12.60 23.83
N PHE L 11 37.27 11.90 24.12
CA PHE L 11 36.55 11.05 23.12
C PHE L 11 35.92 11.99 22.07
N ARG L 12 36.12 11.69 20.78
CA ARG L 12 35.70 12.58 19.67
C ARG L 12 36.38 13.91 19.75
N THR L 13 37.66 13.85 20.06
CA THR L 13 38.40 15.09 20.16
C THR L 13 38.68 15.62 18.78
N GLY L 14 38.56 16.93 18.67
CA GLY L 14 39.27 17.70 17.66
C GLY L 14 40.72 17.23 17.50
N ILE L 15 41.19 17.24 16.27
CA ILE L 15 42.53 16.83 15.95
C ILE L 15 43.02 17.79 14.89
N ALA L 16 44.23 18.31 15.08
CA ALA L 16 44.94 19.01 14.02
C ALA L 16 46.34 18.45 13.88
N ALA L 17 47.01 18.91 12.83
CA ALA L 17 48.36 18.46 12.52
C ALA L 17 49.02 19.33 11.45
N VAL L 18 50.28 19.67 11.73
CA VAL L 18 51.16 20.39 10.82
C VAL L 18 52.42 19.57 10.69
N ASN L 19 53.29 19.99 9.78
CA ASN L 19 54.58 19.39 9.72
C ASN L 19 55.54 20.17 8.82
N SER L 20 56.72 19.58 8.73
CA SER L 20 57.73 19.85 7.74
C SER L 20 58.32 18.44 7.47
N THR L 21 57.90 17.79 6.38
CA THR L 21 58.53 16.55 5.83
C THR L 21 58.55 15.23 6.67
N ASN L 22 59.06 15.22 7.89
CA ASN L 22 58.58 14.23 8.90
C ASN L 22 58.73 14.76 10.31
N HIS L 23 58.66 16.09 10.41
CA HIS L 23 58.86 16.82 11.66
C HIS L 23 57.44 17.25 12.11
N LEU L 24 56.72 16.30 12.73
CA LEU L 24 55.23 16.29 12.91
C LEU L 24 54.77 16.85 14.26
N ARG L 25 53.73 17.69 14.26
CA ARG L 25 53.10 18.14 15.52
C ARG L 25 51.60 17.82 15.44
N VAL L 26 51.07 17.10 16.43
CA VAL L 26 49.64 16.73 16.44
C VAL L 26 48.93 17.34 17.65
N TYR L 27 47.98 18.24 17.39
CA TYR L 27 47.18 18.86 18.46
C TYR L 27 45.82 18.17 18.80
N PHE L 28 45.43 18.18 20.09
CA PHE L 28 44.15 17.62 20.57
C PHE L 28 43.75 18.14 21.96
N GLN L 29 42.50 17.87 22.36
CA GLN L 29 41.92 18.31 23.65
C GLN L 29 42.03 17.15 24.60
N ASP L 30 42.43 17.45 25.83
CA ASP L 30 42.42 16.47 26.90
C ASP L 30 41.06 16.56 27.55
N SER L 31 40.73 15.60 28.42
CA SER L 31 39.42 15.61 29.07
C SER L 31 39.17 16.77 30.03
N HIS L 32 40.11 17.69 30.21
CA HIS L 32 39.86 18.87 31.05
C HIS L 32 39.73 20.18 30.29
N GLY L 33 40.04 20.16 29.00
CA GLY L 33 39.79 21.30 28.13
C GLY L 33 41.00 21.89 27.45
N SER L 34 42.17 21.38 27.80
CA SER L 34 43.42 21.99 27.38
C SER L 34 43.98 21.28 26.15
N ILE L 35 44.37 22.09 25.17
CA ILE L 35 44.88 21.62 23.90
C ILE L 35 46.35 21.30 24.08
N ARG L 36 46.71 20.05 23.81
CA ARG L 36 48.08 19.57 23.96
C ARG L 36 48.75 19.43 22.61
N GLU L 37 50.04 19.08 22.64
CA GLU L 37 50.87 18.92 21.43
C GLU L 37 51.78 17.72 21.66
N SER L 38 51.39 16.58 21.10
CA SER L 38 52.33 15.48 20.87
C SER L 38 53.27 15.88 19.72
N LEU L 39 54.29 15.05 19.49
CA LEU L 39 55.21 15.28 18.36
C LEU L 39 56.04 14.07 17.96
N TYR L 40 56.56 14.16 16.73
CA TYR L 40 57.48 13.19 16.16
C TYR L 40 58.78 13.93 15.76
N GLU L 41 59.91 13.25 16.02
CA GLU L 41 61.27 13.56 15.50
C GLU L 41 62.02 12.23 15.57
N SER L 42 62.00 11.45 14.50
CA SER L 42 62.46 10.03 14.53
C SER L 42 61.88 9.11 15.64
N GLY L 43 60.76 9.54 16.25
CA GLY L 43 60.06 8.82 17.35
C GLY L 43 58.98 9.71 18.01
N TRP L 44 57.90 9.12 18.52
CA TRP L 44 56.78 9.90 19.10
C TRP L 44 57.04 10.26 20.58
N ALA L 45 56.65 11.46 21.02
CA ALA L 45 56.80 11.89 22.44
C ALA L 45 55.82 13.00 22.85
N ASN L 46 55.87 13.40 24.13
CA ASN L 46 55.04 14.51 24.69
C ASN L 46 53.51 14.16 24.80
N GLY L 47 52.64 15.16 24.72
CA GLY L 47 51.20 14.96 24.79
C GLY L 47 50.61 14.89 26.19
N THR L 48 51.45 15.08 27.23
CA THR L 48 50.99 15.13 28.63
C THR L 48 50.75 16.59 29.07
N ALA L 49 50.24 16.79 30.29
CA ALA L 49 49.82 18.14 30.76
C ALA L 49 50.97 19.16 30.83
N LYS L 50 52.18 18.69 30.49
CA LYS L 50 53.36 19.52 30.29
C LYS L 50 53.29 20.40 29.01
N ASN L 51 52.57 19.91 27.99
CA ASN L 51 52.58 20.51 26.64
C ASN L 51 51.35 21.35 26.27
N VAL L 52 50.77 21.95 27.28
CA VAL L 52 49.53 22.66 27.15
C VAL L 52 49.79 24.00 26.48
N ILE L 53 49.33 24.13 25.22
CA ILE L 53 49.49 25.37 24.43
C ILE L 53 48.28 26.30 24.46
N ALA L 54 47.12 25.79 24.89
CA ALA L 54 45.98 26.66 25.24
C ALA L 54 44.82 25.90 25.88
N LYS L 55 43.87 26.66 26.36
CA LYS L 55 42.66 26.15 26.95
C LYS L 55 41.52 26.64 26.07
N ALA L 56 40.68 25.68 25.65
CA ALA L 56 39.49 25.91 24.80
C ALA L 56 38.26 25.27 25.44
N LYS L 57 37.06 25.74 25.08
CA LYS L 57 35.81 25.07 25.46
C LYS L 57 35.87 23.60 25.10
N LEU L 58 35.25 22.75 25.91
CA LEU L 58 35.29 21.31 25.64
C LEU L 58 34.59 20.92 24.31
N GLY L 59 35.16 19.93 23.64
CA GLY L 59 34.70 19.50 22.33
C GLY L 59 34.90 20.57 21.27
N THR L 60 36.08 21.20 21.28
CA THR L 60 36.35 22.37 20.42
C THR L 60 36.76 21.92 19.02
N PRO L 61 36.45 22.73 17.99
CA PRO L 61 37.13 22.48 16.73
C PRO L 61 38.62 22.77 16.87
N LEU L 62 39.45 21.99 16.20
CA LEU L 62 40.88 22.30 16.08
C LEU L 62 41.37 22.48 14.66
N ALA L 63 42.12 23.55 14.41
CA ALA L 63 42.75 23.77 13.10
C ALA L 63 44.21 24.20 13.23
N ALA L 64 45.06 23.63 12.36
CA ALA L 64 46.51 23.85 12.41
C ALA L 64 47.16 23.93 11.02
N THR L 65 47.84 25.05 10.75
CA THR L 65 48.67 25.22 9.54
C THR L 65 50.01 25.86 9.95
N SER L 66 51.05 25.62 9.16
CA SER L 66 52.42 26.05 9.51
C SER L 66 53.29 26.37 8.30
N LYS L 67 54.13 27.40 8.39
CA LYS L 67 55.26 27.55 7.44
C LYS L 67 56.37 26.64 7.90
N GLU L 68 56.40 25.41 7.41
CA GLU L 68 57.32 24.35 7.86
C GLU L 68 57.21 24.20 9.38
N LEU L 69 58.31 24.31 10.15
CA LEU L 69 58.23 24.45 11.60
C LEU L 69 58.46 25.87 12.15
N LYS L 70 58.81 26.84 11.29
CA LYS L 70 59.20 28.18 11.77
C LYS L 70 58.05 28.96 12.37
N ASN L 71 56.92 28.95 11.70
CA ASN L 71 55.71 29.57 12.23
C ASN L 71 54.59 28.51 12.29
N ILE L 72 53.98 28.35 13.46
CA ILE L 72 52.83 27.43 13.67
C ILE L 72 51.69 28.21 14.33
N ARG L 73 50.47 28.04 13.79
CA ARG L 73 49.27 28.67 14.34
C ARG L 73 48.16 27.62 14.52
N VAL L 74 47.59 27.60 15.73
CA VAL L 74 46.66 26.56 16.18
C VAL L 74 45.42 27.25 16.66
N TYR L 75 44.28 26.74 16.20
CA TYR L 75 43.03 27.46 16.42
C TYR L 75 42.06 26.60 17.23
N SER L 76 41.21 27.33 17.97
CA SER L 76 40.24 26.74 18.88
C SER L 76 39.23 27.81 19.27
N LEU L 77 38.26 27.48 20.12
CA LEU L 77 37.25 28.46 20.53
C LEU L 77 37.27 28.80 22.05
N THR L 78 36.92 30.03 22.37
CA THR L 78 36.74 30.42 23.77
C THR L 78 35.34 29.95 24.18
N GLU L 79 35.14 29.85 25.48
CA GLU L 79 33.84 29.60 26.05
C GLU L 79 32.73 30.51 25.47
N ASP L 80 33.04 31.74 25.07
CA ASP L 80 32.02 32.60 24.39
C ASP L 80 32.07 32.47 22.84
N ASN L 81 32.83 31.47 22.34
CA ASN L 81 32.90 31.05 20.94
C ASN L 81 33.41 32.19 20.11
N VAL L 82 34.57 32.67 20.55
CA VAL L 82 35.33 33.69 19.87
C VAL L 82 36.52 32.93 19.32
N LEU L 83 36.87 33.24 18.07
CA LEU L 83 38.01 32.59 17.44
C LEU L 83 39.24 32.97 18.21
N GLN L 84 40.10 31.99 18.49
CA GLN L 84 41.31 32.24 19.25
C GLN L 84 42.46 31.47 18.66
N GLU L 85 43.65 32.01 18.88
CA GLU L 85 44.86 31.63 18.18
C GLU L 85 45.99 31.40 19.19
N ALA L 86 46.45 30.16 19.28
CA ALA L 86 47.75 29.88 19.85
C ALA L 86 48.74 30.12 18.71
N ALA L 87 49.96 30.55 19.08
CA ALA L 87 50.98 31.00 18.12
C ALA L 87 52.42 30.65 18.54
N TYR L 88 53.18 30.06 17.61
CA TYR L 88 54.60 29.72 17.83
C TYR L 88 55.54 30.27 16.72
N ASP L 89 56.20 31.39 17.00
CA ASP L 89 57.27 31.96 16.15
C ASP L 89 58.65 31.43 16.61
N SER L 90 59.20 30.36 16.02
CA SER L 90 60.48 29.75 16.51
C SER L 90 61.62 30.80 16.65
N GLY L 91 61.66 31.46 17.81
CA GLY L 91 62.32 32.75 18.01
C GLY L 91 61.67 33.60 19.11
N SER L 92 60.33 33.65 19.13
CA SER L 92 59.53 34.29 20.20
C SER L 92 58.82 33.28 21.16
N GLY L 93 59.02 31.96 20.95
CA GLY L 93 58.27 30.89 21.68
C GLY L 93 56.73 30.83 21.57
N TRP L 94 56.11 30.02 22.43
CA TRP L 94 54.64 29.84 22.46
C TRP L 94 53.91 31.05 23.04
N TYR L 95 52.87 31.53 22.40
CA TYR L 95 52.27 32.80 22.81
C TYR L 95 50.87 33.05 22.21
N ASN L 96 50.18 34.06 22.70
CA ASN L 96 48.80 34.38 22.25
C ASN L 96 48.69 35.36 21.06
N GLY L 97 48.33 34.82 19.88
CA GLY L 97 47.92 35.61 18.72
C GLY L 97 46.80 36.63 19.00
N ALA L 98 46.66 37.63 18.12
CA ALA L 98 45.81 38.81 18.39
C ALA L 98 44.34 38.48 18.17
N LEU L 99 44.13 37.34 17.47
CA LEU L 99 42.87 36.97 16.87
C LEU L 99 41.72 37.27 17.80
N ALA L 100 41.81 36.69 19.00
CA ALA L 100 40.84 36.93 20.08
C ALA L 100 40.42 38.39 20.11
N GLY L 101 41.42 39.28 20.09
CA GLY L 101 41.24 40.74 20.02
C GLY L 101 40.12 41.26 19.12
N ALA L 102 40.01 40.69 17.92
CA ALA L 102 38.97 41.10 16.94
C ALA L 102 37.56 40.78 17.40
N LYS L 103 37.44 39.79 18.30
CA LYS L 103 36.17 39.31 18.85
C LYS L 103 35.26 38.78 17.73
N PHE L 104 35.84 37.93 16.87
CA PHE L 104 35.08 37.19 15.85
C PHE L 104 34.35 36.05 16.55
N THR L 105 33.05 36.27 16.81
CA THR L 105 32.16 35.28 17.38
C THR L 105 31.66 34.33 16.27
N VAL L 106 32.04 33.06 16.36
CA VAL L 106 31.49 32.04 15.46
C VAL L 106 30.27 31.37 16.08
N ALA L 107 29.64 30.46 15.31
CA ALA L 107 28.55 29.63 15.86
C ALA L 107 29.16 28.65 16.84
N PRO L 108 28.42 28.27 17.90
CA PRO L 108 28.99 27.34 18.90
C PRO L 108 29.45 25.99 18.32
N TYR L 109 28.72 25.55 17.31
CA TYR L 109 29.02 24.31 16.59
C TYR L 109 30.03 24.49 15.47
N SER L 110 30.56 25.71 15.29
CA SER L 110 31.46 26.01 14.19
C SER L 110 32.66 25.12 14.26
N ARG L 111 33.12 24.72 13.08
CA ARG L 111 34.43 24.13 12.92
C ARG L 111 35.36 25.28 12.47
N ILE L 112 36.62 24.89 12.17
CA ILE L 112 37.68 25.78 11.70
C ILE L 112 38.61 25.08 10.68
N GLY L 113 38.96 25.83 9.66
CA GLY L 113 40.08 25.43 8.79
C GLY L 113 41.04 26.60 8.67
N SER L 114 42.31 26.25 8.51
CA SER L 114 43.38 27.25 8.54
C SER L 114 44.50 26.91 7.56
N VAL L 115 44.89 27.93 6.76
CA VAL L 115 46.14 27.85 5.95
C VAL L 115 46.99 29.14 5.87
N PHE L 116 48.29 28.88 5.68
CA PHE L 116 49.22 29.86 5.16
C PHE L 116 49.19 29.70 3.67
N LEU L 117 49.02 30.83 2.99
CA LEU L 117 49.18 30.92 1.54
C LEU L 117 50.60 30.48 1.25
N ALA L 118 50.81 29.58 0.26
CA ALA L 118 52.14 29.01 -0.08
C ALA L 118 52.84 29.67 -1.30
N GLY L 119 54.12 29.32 -1.52
CA GLY L 119 54.99 29.95 -2.54
C GLY L 119 55.24 31.44 -2.35
N THR L 120 55.34 31.85 -1.09
CA THR L 120 55.63 33.24 -0.70
C THR L 120 55.99 33.15 0.78
N ASN L 121 57.15 33.70 1.16
CA ASN L 121 57.64 33.60 2.57
C ASN L 121 56.90 34.55 3.54
N ALA L 122 56.29 35.62 3.01
CA ALA L 122 55.47 36.56 3.80
C ALA L 122 54.33 35.82 4.52
N LEU L 123 54.14 36.17 5.78
CA LEU L 123 53.13 35.53 6.59
C LEU L 123 51.75 36.13 6.28
N GLN L 124 51.05 35.47 5.35
CA GLN L 124 49.62 35.72 5.12
C GLN L 124 48.84 34.48 5.55
N LEU L 125 47.72 34.69 6.23
CA LEU L 125 46.92 33.61 6.76
C LEU L 125 45.50 33.73 6.29
N ARG L 126 44.95 32.56 5.97
CA ARG L 126 43.54 32.37 5.65
C ARG L 126 42.91 31.38 6.65
N ILE L 127 41.86 31.84 7.35
CA ILE L 127 41.11 30.94 8.25
C ILE L 127 39.61 31.00 8.01
N TYR L 128 38.98 29.85 8.17
CA TYR L 128 37.60 29.62 7.73
C TYR L 128 36.77 29.06 8.90
N ALA L 129 35.59 29.62 9.12
CA ALA L 129 34.69 29.18 10.21
C ALA L 129 33.23 29.55 9.93
N GLN L 130 32.32 29.12 10.79
CA GLN L 130 30.89 29.29 10.53
C GLN L 130 30.28 30.31 11.48
N LYS L 131 29.64 31.31 10.92
CA LYS L 131 29.00 32.34 11.70
C LYS L 131 27.64 31.85 12.14
N THR L 132 27.00 32.60 13.02
CA THR L 132 25.75 32.18 13.59
C THR L 132 24.64 32.12 12.55
N ASP L 133 24.86 32.75 11.39
CA ASP L 133 23.90 32.68 10.29
C ASP L 133 24.25 31.53 9.36
N ASN L 134 25.24 30.73 9.77
CA ASN L 134 25.68 29.51 9.12
C ASN L 134 26.46 29.69 7.83
N THR L 135 26.92 30.91 7.52
CA THR L 135 27.77 31.12 6.32
C THR L 135 29.17 30.79 6.70
N ILE L 136 29.95 30.23 5.78
CA ILE L 136 31.39 30.09 5.98
C ILE L 136 32.02 31.46 5.69
N GLN L 137 32.71 31.98 6.72
CA GLN L 137 33.44 33.24 6.67
C GLN L 137 34.91 32.93 6.69
N GLU L 138 35.58 33.56 5.72
CA GLU L 138 37.02 33.62 5.64
C GLU L 138 37.47 34.79 6.51
N TYR L 139 38.52 34.61 7.30
CA TYR L 139 39.18 35.70 8.04
C TYR L 139 40.65 35.63 7.63
N MET L 140 41.23 36.81 7.40
CA MET L 140 42.60 36.90 6.87
C MET L 140 43.53 37.78 7.70
N TRP L 141 44.79 37.31 7.79
CA TRP L 141 45.93 38.15 8.15
C TRP L 141 46.80 38.38 6.90
N ASN L 142 47.18 39.64 6.67
CA ASN L 142 48.17 40.04 5.64
C ASN L 142 49.52 40.55 6.21
N GLY L 143 49.52 40.97 7.49
CA GLY L 143 50.58 41.77 8.12
C GLY L 143 50.08 43.05 8.80
N ASP L 144 48.78 43.32 8.72
CA ASP L 144 48.22 44.62 8.96
C ASP L 144 47.20 44.73 10.17
N GLY L 145 46.60 43.60 10.58
CA GLY L 145 45.42 43.59 11.49
C GLY L 145 44.36 42.64 10.94
N TRP L 146 43.80 41.72 11.73
CA TRP L 146 42.80 40.73 11.21
C TRP L 146 41.49 41.36 10.69
N LYS L 147 41.13 41.06 9.42
CA LYS L 147 39.83 41.49 8.83
C LYS L 147 39.05 40.28 8.28
N GLU L 148 37.73 40.44 8.24
CA GLU L 148 36.82 39.49 7.57
C GLU L 148 37.15 39.43 6.08
N GLY L 149 37.41 38.21 5.59
CA GLY L 149 37.70 37.95 4.19
C GLY L 149 36.44 37.89 3.34
N THR L 150 36.48 37.09 2.28
CA THR L 150 35.30 36.82 1.45
C THR L 150 34.36 35.86 2.17
N ASN L 151 33.06 36.13 2.08
CA ASN L 151 32.07 35.16 2.54
C ASN L 151 31.85 34.01 1.52
N LEU L 152 32.19 32.77 1.86
CA LEU L 152 31.93 31.62 0.97
C LEU L 152 30.47 31.09 0.96
N GLY L 153 29.53 31.75 1.63
CA GLY L 153 28.13 31.35 1.60
C GLY L 153 27.71 30.22 2.56
N VAL L 154 26.40 29.91 2.53
CA VAL L 154 25.75 29.02 3.50
C VAL L 154 26.18 27.55 3.45
N ALA L 155 26.37 26.96 4.65
CA ALA L 155 26.69 25.55 4.83
C ALA L 155 25.77 24.89 5.87
N LEU L 156 25.85 23.56 5.99
CA LEU L 156 25.11 22.83 7.03
C LEU L 156 25.59 23.32 8.40
N PRO L 157 24.68 23.63 9.32
CA PRO L 157 25.17 23.98 10.68
C PRO L 157 25.97 22.84 11.32
N GLY L 158 27.28 23.09 11.50
CA GLY L 158 28.23 22.18 12.17
C GLY L 158 29.10 21.43 11.20
N THR L 159 28.96 21.80 9.93
CA THR L 159 29.72 21.19 8.86
C THR L 159 31.20 21.13 9.17
N GLY L 160 31.80 19.98 8.87
CA GLY L 160 33.24 19.84 8.76
C GLY L 160 33.80 20.85 7.76
N ILE L 161 35.05 21.26 7.97
CA ILE L 161 35.70 22.27 7.11
C ILE L 161 37.12 21.84 6.79
N GLY L 162 37.30 21.26 5.61
CA GLY L 162 38.62 20.95 5.03
C GLY L 162 39.11 22.09 4.12
N VAL L 163 40.42 22.19 4.00
CA VAL L 163 41.03 23.34 3.31
C VAL L 163 42.47 23.07 3.04
N THR L 164 42.91 23.45 1.85
CA THR L 164 44.25 23.14 1.39
C THR L 164 44.65 24.30 0.47
N CYS L 165 45.96 24.47 0.32
CA CYS L 165 46.48 25.63 -0.36
C CYS L 165 47.79 25.36 -1.01
N TRP L 166 47.90 25.74 -2.28
CA TRP L 166 49.14 25.61 -3.03
C TRP L 166 49.30 26.78 -4.00
N ARG L 167 50.44 26.77 -4.69
CA ARG L 167 50.74 27.74 -5.73
C ARG L 167 51.23 26.93 -6.92
N TYR L 168 50.59 27.17 -8.07
CA TYR L 168 50.97 26.52 -9.32
C TYR L 168 52.34 27.11 -9.74
N THR L 169 53.22 26.25 -10.26
CA THR L 169 54.52 26.69 -10.80
C THR L 169 54.36 27.73 -11.92
N ASP L 170 53.20 27.75 -12.59
CA ASP L 170 52.90 28.67 -13.71
C ASP L 170 51.82 29.74 -13.42
N TYR L 171 51.80 30.26 -12.19
CA TYR L 171 50.84 31.30 -11.76
C TYR L 171 51.51 32.40 -10.88
N ASP L 172 50.80 33.52 -10.78
CA ASP L 172 51.27 34.73 -10.09
C ASP L 172 50.63 34.91 -8.68
N GLY L 173 50.12 33.83 -8.09
CA GLY L 173 49.43 33.89 -6.79
C GLY L 173 48.97 32.54 -6.23
N PRO L 174 48.34 32.56 -5.04
CA PRO L 174 48.00 31.30 -4.37
C PRO L 174 46.61 30.77 -4.79
N SER L 175 46.49 29.45 -4.99
CA SER L 175 45.17 28.83 -5.23
C SER L 175 44.67 28.14 -3.96
N ILE L 176 43.39 28.36 -3.62
CA ILE L 176 42.73 27.76 -2.43
C ILE L 176 41.60 26.80 -2.84
N ARG L 177 41.49 25.69 -2.10
CA ARG L 177 40.30 24.82 -2.15
C ARG L 177 39.70 24.53 -0.76
N VAL L 178 38.47 24.97 -0.55
CA VAL L 178 37.73 24.72 0.69
C VAL L 178 36.67 23.65 0.43
N TRP L 179 36.51 22.72 1.36
CA TRP L 179 35.44 21.74 1.30
C TRP L 179 34.51 21.78 2.50
N PHE L 180 33.22 21.75 2.26
CA PHE L 180 32.27 21.66 3.36
C PHE L 180 31.00 20.96 2.92
N GLN L 181 30.00 20.90 3.80
CA GLN L 181 28.73 20.21 3.60
C GLN L 181 27.57 21.22 3.54
N THR L 182 26.75 21.10 2.50
CA THR L 182 25.57 21.95 2.32
C THR L 182 24.34 21.36 3.04
N ASP L 183 23.26 22.11 3.09
CA ASP L 183 22.05 21.65 3.76
C ASP L 183 21.55 20.32 3.29
N ASN L 184 21.70 20.04 2.00
CA ASN L 184 21.24 18.78 1.40
C ASN L 184 22.16 17.59 1.70
N LEU L 185 23.17 17.79 2.54
CA LEU L 185 24.14 16.76 2.97
C LEU L 185 25.18 16.39 1.94
N LYS L 186 25.19 17.03 0.77
CA LYS L 186 26.29 16.82 -0.18
C LYS L 186 27.59 17.43 0.35
N LEU L 187 28.71 16.83 -0.01
CA LEU L 187 30.01 17.44 0.21
C LEU L 187 30.34 18.19 -1.05
N VAL L 188 30.58 19.48 -0.91
CA VAL L 188 31.00 20.32 -2.04
C VAL L 188 32.37 20.98 -1.85
N GLN L 189 32.93 21.44 -2.98
CA GLN L 189 34.21 22.17 -3.09
C GLN L 189 33.95 23.60 -3.50
N ARG L 190 34.60 24.57 -2.80
CA ARG L 190 34.79 25.93 -3.34
C ARG L 190 36.24 26.12 -3.79
N ALA L 191 36.45 27.08 -4.69
CA ALA L 191 37.75 27.29 -5.32
C ALA L 191 38.11 28.77 -5.48
N TYR L 192 39.32 29.11 -5.02
CA TYR L 192 39.94 30.39 -5.33
C TYR L 192 41.16 30.20 -6.24
N ASP L 193 41.20 30.99 -7.32
CA ASP L 193 42.40 31.14 -8.17
C ASP L 193 42.72 32.66 -8.36
N PRO L 194 44.03 33.03 -8.50
CA PRO L 194 44.50 34.44 -8.57
C PRO L 194 43.85 35.29 -9.65
N HIS L 195 43.78 34.78 -10.87
CA HIS L 195 43.23 35.55 -11.99
C HIS L 195 41.69 35.69 -11.78
N THR L 196 41.02 34.55 -11.56
CA THR L 196 39.55 34.48 -11.47
C THR L 196 38.91 35.03 -10.18
N GLY L 197 39.58 34.90 -9.04
CA GLY L 197 38.96 35.20 -7.75
C GLY L 197 38.31 33.90 -7.23
N TRP L 198 37.20 34.04 -6.52
CA TRP L 198 36.46 32.86 -6.03
C TRP L 198 35.52 32.36 -7.13
N TYR L 199 35.59 31.08 -7.49
CA TYR L 199 34.66 30.52 -8.50
C TYR L 199 33.21 30.63 -7.97
N LYS L 200 32.28 31.14 -8.78
CA LYS L 200 30.89 31.28 -8.33
C LYS L 200 30.16 29.93 -8.15
N GLU L 201 30.66 28.85 -8.76
CA GLU L 201 29.96 27.56 -8.81
C GLU L 201 30.49 26.63 -7.72
N LEU L 202 29.55 26.05 -6.98
CA LEU L 202 29.84 24.89 -6.16
C LEU L 202 30.17 23.66 -7.01
N THR L 203 30.99 22.77 -6.49
CA THR L 203 31.31 21.54 -7.22
C THR L 203 31.21 20.36 -6.26
N THR L 204 30.45 19.35 -6.65
CA THR L 204 30.16 18.22 -5.78
C THR L 204 31.30 17.19 -5.82
N ILE L 205 31.70 16.72 -4.64
CA ILE L 205 32.66 15.61 -4.54
C ILE L 205 32.13 14.34 -3.89
N PHE L 206 30.95 14.40 -3.25
CA PHE L 206 30.29 13.19 -2.66
C PHE L 206 28.83 13.50 -2.45
N ASP L 207 27.91 12.61 -2.85
CA ASP L 207 26.46 12.98 -2.94
C ASP L 207 25.73 13.07 -1.62
N LYS L 208 26.16 12.31 -0.63
CA LYS L 208 25.47 12.27 0.66
C LYS L 208 26.36 11.76 1.76
N ALA L 209 26.39 12.46 2.88
CA ALA L 209 27.33 12.16 3.95
C ALA L 209 26.71 12.38 5.31
N PRO L 210 27.25 11.74 6.36
CA PRO L 210 26.56 11.97 7.63
C PRO L 210 26.58 13.45 8.01
N PRO L 211 25.51 13.93 8.64
CA PRO L 211 25.52 15.31 9.10
C PRO L 211 26.65 15.56 10.12
N ARG L 212 27.35 16.66 9.87
CA ARG L 212 28.55 17.07 10.60
C ARG L 212 29.72 16.14 10.53
N CYS L 213 29.85 15.33 9.48
CA CYS L 213 31.02 14.44 9.39
C CYS L 213 32.25 15.29 9.36
N ALA L 214 33.35 14.72 9.84
CA ALA L 214 34.67 15.36 9.77
C ALA L 214 35.14 15.37 8.32
N ILE L 215 35.78 16.46 7.93
CA ILE L 215 36.37 16.64 6.62
C ILE L 215 37.75 17.26 6.79
N ALA L 216 38.77 16.64 6.18
CA ALA L 216 40.11 17.20 6.17
C ALA L 216 40.83 16.92 4.84
N ALA L 217 41.58 17.92 4.37
CA ALA L 217 42.17 17.86 3.03
C ALA L 217 43.62 18.34 2.93
N THR L 218 44.39 17.64 2.09
CA THR L 218 45.77 17.96 1.79
C THR L 218 46.06 17.88 0.27
N ASN L 219 46.93 18.78 -0.22
CA ASN L 219 47.41 18.78 -1.62
C ASN L 219 48.90 18.46 -1.75
N PHE L 220 49.28 17.69 -2.75
CA PHE L 220 50.68 17.47 -3.01
C PHE L 220 51.01 17.62 -4.49
N ASN L 221 52.33 17.58 -4.77
CA ASN L 221 52.98 17.58 -6.10
C ASN L 221 52.43 18.59 -7.12
N PRO L 222 52.46 19.91 -6.78
CA PRO L 222 51.99 20.90 -7.76
C PRO L 222 52.86 20.91 -9.03
N GLY L 223 52.43 21.65 -10.04
CA GLY L 223 53.06 21.54 -11.34
C GLY L 223 52.51 22.49 -12.37
N LYS L 224 52.63 22.07 -13.62
CA LYS L 224 52.36 22.95 -14.75
C LYS L 224 50.85 22.94 -15.03
N SER L 225 50.12 23.79 -14.31
CA SER L 225 48.65 23.78 -14.26
C SER L 225 48.10 22.40 -13.82
N SER L 226 48.88 21.73 -12.97
CA SER L 226 48.60 20.40 -12.45
C SER L 226 48.56 20.54 -10.93
N ILE L 227 47.94 19.56 -10.27
CA ILE L 227 47.81 19.50 -8.80
C ILE L 227 47.14 18.19 -8.44
N TYR L 228 47.49 17.64 -7.28
CA TYR L 228 46.88 16.44 -6.73
C TYR L 228 46.33 16.80 -5.35
N MET L 229 45.08 16.42 -5.06
CA MET L 229 44.44 16.68 -3.76
C MET L 229 43.91 15.38 -3.19
N ARG L 230 43.63 15.40 -1.90
CA ARG L 230 42.97 14.28 -1.22
C ARG L 230 42.12 14.83 -0.13
N ILE L 231 40.85 14.45 -0.14
CA ILE L 231 39.90 14.87 0.88
C ILE L 231 39.41 13.61 1.58
N TYR L 232 39.24 13.70 2.89
CA TYR L 232 38.83 12.56 3.71
C TYR L 232 37.63 13.01 4.53
N PHE L 233 36.70 12.08 4.74
CA PHE L 233 35.50 12.39 5.50
C PHE L 233 35.09 11.09 6.18
N VAL L 234 34.32 11.22 7.25
CA VAL L 234 33.80 10.05 7.93
C VAL L 234 32.44 9.73 7.34
N ASN L 235 32.30 8.51 6.85
CA ASN L 235 31.11 8.10 6.17
C ASN L 235 30.16 7.34 7.13
N SER L 236 28.95 7.08 6.63
CA SER L 236 27.92 6.37 7.34
C SER L 236 28.25 4.92 7.70
N ASP L 237 29.27 4.32 7.10
CA ASP L 237 29.76 2.96 7.50
C ASP L 237 30.80 2.99 8.64
N ASN L 238 30.97 4.15 9.26
CA ASN L 238 31.95 4.33 10.33
C ASN L 238 33.39 3.99 9.89
N THR L 239 33.76 4.52 8.72
CA THR L 239 35.10 4.46 8.22
C THR L 239 35.42 5.83 7.68
N ILE L 240 36.71 6.05 7.46
CA ILE L 240 37.15 7.21 6.69
C ILE L 240 37.10 6.81 5.24
N TRP L 241 36.60 7.72 4.41
CA TRP L 241 36.66 7.60 2.95
C TRP L 241 37.59 8.65 2.39
N GLN L 242 38.21 8.30 1.25
CA GLN L 242 39.09 9.18 0.47
C GLN L 242 38.54 9.45 -0.92
N VAL L 243 38.33 10.73 -1.20
CA VAL L 243 38.17 11.24 -2.57
C VAL L 243 39.53 11.71 -3.12
N CYS L 244 39.99 11.12 -4.23
CA CYS L 244 41.22 11.54 -4.93
C CYS L 244 40.91 12.47 -6.09
N TRP L 245 41.56 13.62 -6.16
CA TRP L 245 41.72 14.38 -7.43
C TRP L 245 43.12 14.13 -7.94
N ASP L 246 43.26 13.37 -9.00
CA ASP L 246 44.53 13.23 -9.71
C ASP L 246 44.48 13.92 -11.06
N HIS L 247 45.31 14.94 -11.26
CA HIS L 247 45.42 15.64 -12.55
C HIS L 247 45.43 14.61 -13.69
N GLY L 248 44.75 14.98 -14.77
CA GLY L 248 44.44 14.06 -15.85
C GLY L 248 43.01 13.58 -15.72
N GLN L 249 42.71 13.01 -14.55
CA GLN L 249 41.47 12.31 -14.28
C GLN L 249 40.46 13.00 -13.34
N GLY L 250 40.82 14.11 -12.70
CA GLY L 250 39.94 14.78 -11.73
C GLY L 250 39.51 13.89 -10.55
N TYR L 251 38.29 14.11 -10.04
CA TYR L 251 37.75 13.38 -8.90
C TYR L 251 37.20 12.06 -9.40
N HIS L 252 38.06 11.06 -9.44
CA HIS L 252 37.79 9.82 -10.16
C HIS L 252 37.90 8.56 -9.30
N ASP L 253 38.22 8.72 -8.01
CA ASP L 253 38.20 7.59 -7.10
C ASP L 253 37.64 7.98 -5.76
N LYS L 254 36.72 7.17 -5.26
CA LYS L 254 36.14 7.30 -3.93
C LYS L 254 36.24 5.91 -3.29
N ARG L 255 36.94 5.75 -2.16
CA ARG L 255 36.99 4.42 -1.50
C ARG L 255 37.14 4.47 0.03
N THR L 256 36.79 3.38 0.71
CA THR L 256 37.00 3.35 2.16
C THR L 256 38.49 3.20 2.45
N ILE L 257 38.96 4.00 3.40
CA ILE L 257 40.33 4.00 3.84
C ILE L 257 40.50 3.13 5.09
N THR L 258 40.03 3.58 6.26
CA THR L 258 40.12 2.73 7.48
C THR L 258 38.96 2.93 8.51
N PRO L 259 38.57 1.88 9.23
CA PRO L 259 37.59 2.05 10.32
C PRO L 259 37.92 3.16 11.32
N VAL L 260 36.89 3.90 11.74
CA VAL L 260 36.96 4.83 12.87
C VAL L 260 35.76 4.64 13.81
N ILE L 261 35.83 5.22 14.98
CA ILE L 261 34.70 5.20 15.88
C ILE L 261 33.62 6.14 15.36
N GLN L 262 32.42 5.93 15.86
CA GLN L 262 31.34 6.81 15.55
C GLN L 262 31.74 8.19 15.95
N GLY L 263 31.68 9.11 15.01
CA GLY L 263 31.87 10.52 15.26
C GLY L 263 33.29 11.05 15.35
N SER L 264 34.28 10.21 15.02
CA SER L 264 35.68 10.65 15.05
C SER L 264 35.95 11.92 14.23
N GLU L 265 36.80 12.80 14.76
CA GLU L 265 37.32 13.89 13.96
C GLU L 265 38.57 13.37 13.17
N ILE L 266 39.09 14.22 12.28
CA ILE L 266 40.20 13.77 11.43
C ILE L 266 41.21 14.87 11.18
N ALA L 267 42.45 14.46 11.01
CA ALA L 267 43.44 15.37 10.48
C ALA L 267 44.36 14.64 9.50
N ILE L 268 44.88 15.45 8.59
CA ILE L 268 45.69 14.94 7.50
C ILE L 268 46.83 15.93 7.21
N ILE L 269 48.01 15.35 6.94
CA ILE L 269 49.18 16.10 6.52
C ILE L 269 49.97 15.28 5.51
N SER L 270 50.74 16.02 4.69
CA SER L 270 51.60 15.39 3.69
C SER L 270 52.77 16.27 3.22
N TRP L 271 53.72 15.58 2.58
CA TRP L 271 54.86 16.17 1.88
C TRP L 271 55.11 15.36 0.60
N GLU L 272 56.17 15.70 -0.15
CA GLU L 272 56.50 14.98 -1.39
C GLU L 272 56.94 13.53 -1.25
N GLY L 273 56.59 12.73 -2.25
CA GLY L 273 56.83 11.27 -2.26
C GLY L 273 55.96 10.53 -3.28
N PRO L 274 54.62 10.53 -3.10
CA PRO L 274 53.86 11.17 -2.03
C PRO L 274 53.82 10.37 -0.71
N GLU L 275 53.80 11.11 0.41
CA GLU L 275 53.66 10.56 1.77
C GLU L 275 52.47 11.25 2.50
N LEU L 276 51.53 10.42 2.97
CA LEU L 276 50.30 10.88 3.63
C LEU L 276 50.22 10.41 5.10
N ARG L 277 49.87 11.33 6.01
CA ARG L 277 49.54 10.94 7.39
C ARG L 277 48.12 11.32 7.75
N LEU L 278 47.39 10.33 8.29
CA LEU L 278 45.98 10.43 8.67
C LEU L 278 45.79 10.07 10.15
N TYR L 279 45.18 11.00 10.89
CA TYR L 279 45.00 10.87 12.35
C TYR L 279 43.53 10.84 12.74
N PHE L 280 43.22 10.01 13.74
CA PHE L 280 41.84 9.67 14.08
C PHE L 280 41.72 8.69 15.25
N GLN L 281 40.58 8.75 15.97
CA GLN L 281 40.23 7.74 16.97
C GLN L 281 39.54 6.58 16.30
N ASN L 282 39.96 5.37 16.63
CA ASN L 282 39.32 4.16 16.14
C ASN L 282 39.11 3.13 17.24
N GLY L 283 39.12 3.58 18.50
CA GLY L 283 38.78 2.71 19.61
C GLY L 283 39.94 1.88 20.13
N THR L 284 41.14 2.32 19.79
CA THR L 284 42.31 1.68 20.32
C THR L 284 42.50 2.33 21.69
N TYR L 285 42.61 1.49 22.71
CA TYR L 285 42.49 1.90 24.12
C TYR L 285 41.32 2.85 24.37
N VAL L 286 40.18 2.56 23.72
CA VAL L 286 39.01 3.43 23.69
C VAL L 286 39.31 4.80 23.07
N SER L 287 39.94 5.68 23.85
CA SER L 287 40.14 7.09 23.50
C SER L 287 41.42 7.44 22.73
N ALA L 288 42.28 6.47 22.46
CA ALA L 288 43.55 6.78 21.81
C ALA L 288 43.37 7.22 20.34
N ILE L 289 44.26 8.13 19.95
CA ILE L 289 44.46 8.48 18.56
C ILE L 289 45.29 7.37 17.91
N SER L 290 44.95 6.99 16.68
CA SER L 290 45.72 6.07 15.87
C SER L 290 46.16 6.79 14.60
N GLU L 291 46.97 6.11 13.79
CA GLU L 291 47.54 6.69 12.56
C GLU L 291 47.32 5.75 11.39
N TRP L 292 47.14 6.35 10.22
CA TRP L 292 47.20 5.59 8.97
C TRP L 292 48.14 6.36 8.06
N THR L 293 48.94 5.56 7.34
CA THR L 293 50.09 6.02 6.56
C THR L 293 50.02 5.52 5.12
N TRP L 294 50.29 6.44 4.19
CA TRP L 294 50.50 6.05 2.80
C TRP L 294 51.84 6.55 2.33
N GLY L 295 52.58 5.65 1.68
CA GLY L 295 53.83 5.95 0.96
C GLY L 295 54.12 4.81 0.00
N LYS L 296 55.03 5.02 -0.95
CA LYS L 296 55.21 4.05 -2.08
C LYS L 296 55.73 2.66 -1.70
N ALA L 297 56.38 2.55 -0.53
CA ALA L 297 57.00 1.30 -0.02
C ALA L 297 56.04 0.08 0.13
N HIS L 298 55.11 0.16 1.07
CA HIS L 298 54.02 -0.84 1.23
C HIS L 298 52.60 -0.31 0.89
N GLY L 299 52.45 1.01 0.76
CA GLY L 299 51.19 1.64 0.36
C GLY L 299 50.25 1.98 1.52
N SER L 300 49.09 1.33 1.52
CA SER L 300 48.11 1.51 2.58
C SER L 300 48.50 0.63 3.76
N GLN L 301 49.16 1.23 4.77
CA GLN L 301 49.42 0.56 6.07
C GLN L 301 49.10 1.43 7.31
N LEU L 302 48.60 0.75 8.34
CA LEU L 302 48.23 1.38 9.62
C LEU L 302 49.49 1.75 10.38
N GLY L 303 49.64 3.02 10.68
CA GLY L 303 50.83 3.52 11.38
C GLY L 303 50.87 3.22 12.87
N ARG L 304 51.26 4.22 13.63
CA ARG L 304 51.40 4.12 15.07
C ARG L 304 50.07 3.75 15.72
N ARG L 305 49.96 2.53 16.23
CA ARG L 305 48.71 2.05 16.84
C ARG L 305 48.08 2.98 17.92
N ALA L 306 48.89 3.63 18.75
CA ALA L 306 48.42 4.52 19.83
C ALA L 306 49.38 5.69 20.15
N LEU L 307 49.01 6.90 19.79
CA LEU L 307 49.85 8.09 20.01
C LEU L 307 50.05 8.42 21.51
N PRO L 308 50.99 9.33 21.84
CA PRO L 308 51.05 9.92 23.16
C PRO L 308 49.80 10.72 23.53
N PRO L 309 49.49 10.82 24.83
CA PRO L 309 50.22 10.20 25.93
C PRO L 309 49.82 8.73 26.17
N ALA L 310 49.27 8.04 25.18
CA ALA L 310 48.73 6.70 25.39
C ALA L 310 49.77 5.62 25.53
N GLU L 311 51.00 5.86 25.06
CA GLU L 311 52.06 4.84 25.14
C GLU L 311 53.45 5.40 24.99
O3 FSW M . 2.20 1.78 -42.75
C3 FSW M . 2.71 0.48 -42.63
C4 FSW M . 1.60 -0.44 -42.12
O4 FSW M . 0.66 0.08 -41.16
C5 FSW M . 2.08 -1.87 -42.21
C6 FSW M . 0.99 -2.89 -41.92
O5 FSW M . 3.18 -2.03 -41.31
C2 FSW M . 3.84 0.38 -41.59
SE2 FSW M . 5.27 1.73 -41.87
C8 FSW M . 6.87 0.69 -41.34
C1 FSW M . 4.30 -1.13 -41.50
O1 FSW M . 5.02 -1.59 -42.65
C7 FSW M . 5.89 -2.71 -42.50
O3 FSW N . -11.79 0.93 -52.76
C3 FSW N . -11.24 -0.42 -52.80
C4 FSW N . -11.41 -1.23 -51.48
O4 FSW N . -11.12 -0.56 -50.23
C5 FSW N . -11.09 -2.72 -51.71
C6 FSW N . -11.46 -3.66 -50.59
O5 FSW N . -9.67 -2.79 -51.99
C2 FSW N . -9.73 -0.51 -53.06
SE2 FSW N . -9.29 0.50 -54.64
C8 FSW N . -7.72 -0.45 -55.32
C1 FSW N . -9.32 -2.00 -53.15
O1 FSW N . -10.02 -2.52 -54.26
C7 FSW N . -9.57 -3.83 -54.62
O3 FSW O . -27.19 -4.19 -45.73
C3 FSW O . -26.63 -5.45 -46.16
C4 FSW O . -25.39 -5.89 -45.42
O4 FSW O . -24.26 -5.09 -45.11
C5 FSW O . -25.08 -7.33 -45.83
C6 FSW O . -23.99 -7.96 -45.00
O5 FSW O . -24.67 -7.32 -47.20
C2 FSW O . -26.21 -5.46 -47.65
SE2 FSW O . -27.72 -4.93 -48.70
C8 FSW O . -27.13 -3.52 -49.82
C1 FSW O . -25.69 -6.85 -48.09
O1 FSW O . -26.77 -7.80 -48.15
C7 FSW O . -26.34 -9.12 -48.54
O3 FSW P . -29.25 -7.15 -28.97
C3 FSW P . -28.87 -8.48 -29.24
C4 FSW P . -27.39 -8.48 -29.57
O4 FSW P . -26.95 -7.39 -30.34
C5 FSW P . -26.87 -9.89 -29.74
C6 FSW P . -25.39 -9.94 -30.03
O5 FSW P . -27.54 -10.48 -30.86
C2 FSW P . -29.54 -9.04 -30.51
SE2 FSW P . -31.48 -9.02 -30.47
C8 FSW P . -31.68 -10.22 -28.97
C1 FSW P . -29.01 -10.44 -30.82
O1 FSW P . -29.52 -11.36 -29.86
C7 FSW P . -29.20 -12.75 -30.09
O3 FSW Q . -14.15 -3.67 -18.11
C3 FSW Q . -13.99 -5.10 -18.20
C4 FSW Q . -13.59 -5.66 -19.57
O4 FSW Q . -13.93 -5.07 -20.81
C5 FSW Q . -13.46 -7.18 -19.56
C6 FSW Q . -12.96 -7.71 -20.89
O5 FSW Q . -14.74 -7.78 -19.23
C2 FSW Q . -15.30 -5.82 -17.86
SE2 FSW Q . -15.95 -5.12 -16.21
C8 FSW Q . -17.78 -5.82 -16.37
C1 FSW Q . -15.18 -7.39 -17.90
O1 FSW Q . -14.27 -7.94 -16.91
C7 FSW Q . -14.78 -9.03 -16.14
O3 FSW R . 1.06 0.10 -24.98
C3 FSW R . 1.25 -1.31 -24.88
C4 FSW R . 0.43 -2.09 -25.91
O4 FSW R . -0.82 -1.52 -26.27
C5 FSW R . 0.77 -3.58 -25.85
C6 FSW R . 0.06 -4.45 -26.85
O5 FSW R . 0.44 -4.08 -24.54
C2 FSW R . 0.79 -1.83 -23.48
SE2 FSW R . 1.50 -0.76 -21.97
C8 FSW R . 0.79 -1.78 -20.43
C1 FSW R . 1.07 -3.36 -23.43
O1 FSW R . 2.49 -3.60 -23.39
C7 FSW R . 2.86 -4.93 -22.97
O3 FSW S . 7.37 44.97 30.45
C3 FSW S . 8.59 45.17 29.78
C4 FSW S . 8.33 45.42 28.28
O4 FSW S . 7.09 45.04 27.69
C5 FSW S . 9.66 45.68 27.60
C6 FSW S . 9.61 46.04 26.14
O5 FSW S . 10.50 44.54 27.82
C2 FSW S . 9.54 43.98 29.97
SE2 FSW S . 9.81 43.54 31.88
C8 FSW S . 11.35 42.36 31.61
C1 FSW S . 10.85 44.28 29.21
O1 FSW S . 11.67 45.32 29.80
C7 FSW S . 13.01 45.49 29.30
O3 FSW T . -0.70 59.76 25.96
C3 FSW T . 0.57 60.07 25.39
C4 FSW T . 0.84 59.20 24.16
O4 FSW T . 0.42 57.84 24.14
C5 FSW T . 2.14 59.64 23.49
C6 FSW T . 2.48 58.94 22.19
O5 FSW T . 3.20 59.37 24.42
C2 FSW T . 1.72 59.77 26.35
SE2 FSW T . 1.65 60.66 28.08
C8 FSW T . 1.43 62.54 27.55
C1 FSW T . 3.06 60.08 25.67
O1 FSW T . 3.14 61.46 25.39
C7 FSW T . 4.47 61.83 24.97
O3 FSW U . -8.71 60.79 10.45
C3 FSW U . -7.48 61.38 10.04
C4 FSW U . -6.35 60.38 10.06
O4 FSW U . -6.34 59.38 11.05
C5 FSW U . -5.07 60.95 9.46
C6 FSW U . -3.98 59.91 9.35
O5 FSW U . -4.70 62.02 10.32
C2 FSW U . -7.07 62.58 10.92
SE2 FSW U . -8.51 63.93 10.93
C8 FSW U . -7.46 65.59 11.05
C1 FSW U . -5.69 63.09 10.43
O1 FSW U . -5.84 63.76 9.17
C7 FSW U . -4.57 64.27 8.66
O3 FSW V . -10.41 47.74 -0.49
C3 FSW V . -9.11 48.05 -1.00
C4 FSW V . -8.03 47.52 -0.08
O4 FSW V . -8.21 48.10 1.22
C5 FSW V . -6.70 47.96 -0.67
C6 FSW V . -5.54 47.54 0.18
O5 FSW V . -6.65 49.39 -0.71
C2 FSW V . -8.99 49.57 -1.11
SE2 FSW V . -10.17 50.27 -2.44
C8 FSW V . -11.76 50.56 -1.37
C1 FSW V . -7.63 50.00 -1.56
O1 FSW V . -7.50 49.74 -2.98
C7 FSW V . -6.23 50.13 -3.56
O3 FSW W . -3.07 31.09 6.05
C3 FSW W . -2.16 31.50 5.05
C4 FSW W . -1.43 32.75 5.58
O4 FSW W . -2.15 33.70 6.40
C5 FSW W . -0.26 33.10 4.68
C6 FSW W . 0.60 34.23 5.22
O5 FSW W . -0.80 33.42 3.39
C2 FSW W . -2.81 31.93 3.70
SE2 FSW W . -4.05 30.64 2.88
C8 FSW W . -4.34 31.55 1.15
C1 FSW W . -1.68 32.42 2.75
O1 FSW W . -0.98 31.28 2.21
C7 FSW W . 0.35 31.57 1.67
O3 FSW X . 5.44 30.40 20.56
C3 FSW X . 6.60 30.45 19.76
C4 FSW X . 6.65 31.85 19.19
O4 FSW X . 5.40 32.57 19.01
C5 FSW X . 7.95 32.03 18.39
C6 FSW X . 8.24 33.40 17.91
O5 FSW X . 7.90 31.19 17.24
C2 FSW X . 6.55 29.51 18.52
SE2 FSW X . 6.26 27.61 18.96
C8 FSW X . 5.70 26.92 17.20
C1 FSW X . 7.79 29.77 17.56
O1 FSW X . 9.06 29.25 18.05
C7 FSW X . 10.08 29.10 17.06
O3 FSW Y . 9.67 22.32 35.48
C3 FSW Y . 8.31 21.91 35.77
C4 FSW Y . 8.19 20.40 36.02
O4 FSW Y . 8.94 19.44 35.24
C5 FSW Y . 6.86 20.13 36.69
C6 FSW Y . 6.65 18.71 37.20
O5 FSW Y . 5.82 20.55 35.76
C2 FSW Y . 7.26 22.34 34.72
SE2 FSW Y . 7.37 24.25 34.14
C8 FSW Y . 7.84 25.15 35.84
C1 FSW Y . 5.84 21.91 35.25
O1 FSW Y . 5.27 22.82 36.21
C7 FSW Y . 3.93 22.49 36.66
O3 FSW Z . 19.69 15.50 47.88
C3 FSW Z . 18.41 15.26 48.47
C4 FSW Z . 17.69 14.09 47.79
O4 FSW Z . 17.52 14.34 46.38
C5 FSW Z . 16.35 13.91 48.49
C6 FSW Z . 15.55 12.74 47.96
O5 FSW Z . 15.57 15.12 48.37
C2 FSW Z . 17.56 16.54 48.42
SE2 FSW Z . 18.49 17.94 49.41
C8 FSW Z . 17.53 19.58 49.16
C1 FSW Z . 16.17 16.26 49.01
O1 FSW Z . 16.28 16.04 50.43
C7 FSW Z . 15.05 15.86 51.11
O3 FSW AA . 23.75 -1.28 47.48
C3 FSW AA . 22.62 -1.42 48.33
C4 FSW AA . 21.33 -1.08 47.61
O4 FSW AA . 21.35 -0.02 46.65
C5 FSW AA . 20.15 -1.40 48.52
C6 FSW AA . 18.83 -1.11 47.83
O5 FSW AA . 20.24 -0.58 49.69
C2 FSW AA . 22.70 -0.48 49.55
SE2 FSW AA . 24.42 -0.71 50.42
C8 FSW AA . 24.16 -0.01 52.24
C1 FSW AA . 21.46 -0.68 50.47
O1 FSW AA . 21.54 -1.92 51.18
C7 FSW AA . 20.31 -2.28 51.82
O3 FSW BA . 19.38 -11.83 34.98
C3 FSW BA . 18.14 -12.20 35.57
C4 FSW BA . 17.09 -11.13 35.32
O4 FSW BA . 17.64 -9.83 35.64
C5 FSW BA . 15.84 -11.44 36.14
C6 FSW BA . 14.74 -10.40 36.01
O5 FSW BA . 16.18 -11.53 37.53
C2 FSW BA . 18.37 -12.37 37.05
SE2 FSW BA . 19.35 -14.03 37.39
C8 FSW BA . 21.15 -13.33 37.13
C1 FSW BA . 17.10 -12.57 37.83
O1 FSW BA . 16.60 -13.87 37.51
C7 FSW BA . 15.32 -14.16 38.15
O3 FSW CA . 9.89 -3.57 20.78
C3 FSW CA . 8.67 -4.21 21.18
C4 FSW CA . 8.03 -3.46 22.37
O4 FSW CA . 9.21 -3.59 23.24
C5 FSW CA . 7.02 -4.12 23.32
C6 FSW CA . 6.90 -3.48 24.68
O5 FSW CA . 7.31 -5.54 23.44
C2 FSW CA . 8.83 -5.73 21.50
SE2 FSW CA . 9.33 -6.80 19.91
C8 FSW CA . 10.74 -7.97 20.63
C1 FSW CA . 7.58 -6.33 22.25
O1 FSW CA . 6.39 -6.47 21.40
C7 FSW CA . 5.19 -6.99 22.03
O3 FSW DA . 5.03 12.46 21.15
C3 FSW DA . 3.72 12.01 21.52
C4 FSW DA . 3.67 11.78 23.03
O4 FSW DA . 4.78 10.97 23.42
C5 FSW DA . 2.38 11.09 23.43
C6 FSW DA . 2.35 10.79 24.92
O5 FSW DA . 2.24 9.87 22.70
C2 FSW DA . 3.38 10.74 20.76
SE2 FSW DA . 3.15 11.16 18.87
C8 FSW DA . 3.43 13.07 18.98
C1 FSW DA . 2.10 10.11 21.30
O1 FSW DA . 1.00 10.98 21.06
C7 FSW DA . -0.22 10.45 21.58
O3 FSW EA . -23.33 43.98 -41.07
C3 FSW EA . -23.97 45.20 -40.65
C4 FSW EA . -23.34 45.70 -39.34
O4 FSW EA . -22.85 44.79 -38.34
C5 FSW EA . -23.86 47.11 -39.07
C6 FSW EA . -23.07 47.84 -38.00
O5 FSW EA . -25.28 46.97 -38.81
C2 FSW EA . -25.53 45.20 -40.47
SE2 FSW EA . -26.42 44.52 -42.09
C8 FSW EA . -28.31 44.54 -41.50
C1 FSW EA . -26.05 46.61 -40.00
O1 FSW EA . -26.00 47.65 -41.06
C7 FSW EA . -27.05 48.63 -41.10
O3 FSW FA . -6.27 46.94 -40.30
C3 FSW FA . -6.82 48.29 -40.26
C4 FSW FA . -7.33 48.61 -38.88
O4 FSW FA . -8.43 47.76 -38.54
C5 FSW FA . -7.79 50.09 -38.91
C6 FSW FA . -8.13 50.65 -37.54
O5 FSW FA . -8.94 50.22 -39.75
C2 FSW FA . -7.98 48.61 -41.27
SE2 FSW FA . -7.38 48.45 -43.11
C8 FSW FA . -5.86 49.71 -43.24
C1 FSW FA . -8.67 50.02 -41.14
O1 FSW FA . -8.02 51.20 -41.76
C7 FSW FA . -8.80 52.41 -41.86
O3 FSW GA . 2.14 46.99 -25.16
C3 FSW GA . 1.95 48.39 -25.29
C4 FSW GA . 0.48 48.77 -25.20
O4 FSW GA . -0.50 47.90 -25.75
C5 FSW GA . 0.20 50.25 -25.21
C6 FSW GA . -1.30 50.58 -25.09
O5 FSW GA . 0.79 50.75 -26.44
C2 FSW GA . 2.45 48.94 -26.66
SE2 FSW GA . 4.33 48.59 -27.10
C8 FSW GA . 5.48 49.05 -25.59
C1 FSW GA . 2.19 50.44 -26.67
O1 FSW GA . 3.01 51.00 -25.64
C7 FSW GA . 2.83 52.40 -25.54
O3 FSW HA . -4.81 42.75 -10.42
C3 FSW HA . -5.31 44.07 -10.28
C4 FSW HA . -6.48 44.34 -11.22
O4 FSW HA . -6.58 43.53 -12.41
C5 FSW HA . -6.99 45.79 -11.08
C6 FSW HA . -8.21 46.14 -11.91
O5 FSW HA . -5.93 46.68 -11.38
C2 FSW HA . -4.21 45.06 -10.67
SE2 FSW HA . -2.74 44.86 -9.45
C8 FSW HA . -1.58 43.66 -10.43
C1 FSW HA . -4.71 46.49 -10.61
O1 FSW HA . -4.88 46.77 -9.21
C7 FSW HA . -5.39 48.06 -8.87
O3 FSW IA . -23.33 36.96 -11.64
C3 FSW IA . -23.44 38.31 -11.15
C4 FSW IA . -23.05 39.42 -12.17
O4 FSW IA . -21.90 39.29 -13.00
C5 FSW IA . -23.40 40.83 -11.67
C6 FSW IA . -23.24 41.94 -12.71
O5 FSW IA . -22.52 41.06 -10.56
C2 FSW IA . -22.52 38.61 -9.93
SE2 FSW IA . -22.76 37.36 -8.44
C8 FSW IA . -21.13 37.97 -7.50
C1 FSW IA . -22.68 40.11 -9.47
O1 FSW IA . -23.94 40.31 -8.78
C7 FSW IA . -24.21 41.65 -8.33
O3 FSW JA . -31.96 38.16 -26.25
C3 FSW JA . -32.39 39.40 -25.67
C4 FSW JA . -31.31 40.47 -25.80
O4 FSW JA . -29.93 40.11 -25.91
C5 FSW JA . -31.78 41.86 -25.33
C6 FSW JA . -30.65 42.87 -25.27
O5 FSW JA . -32.35 41.80 -24.02
C2 FSW JA . -32.84 39.36 -24.19
SE2 FSW JA . -34.14 37.94 -23.78
C8 FSW JA . -34.91 37.48 -25.53
C1 FSW JA . -33.35 40.78 -23.80
O1 FSW JA . -34.52 41.19 -24.52
C7 FSW JA . -35.44 42.04 -23.82
O3 FSW KA . -60.30 -25.19 -5.55
C3 FSW KA . -61.10 -24.95 -6.70
C4 FSW KA . -60.20 -24.66 -7.89
O4 FSW KA . -59.23 -23.67 -7.54
C5 FSW KA . -61.01 -24.17 -9.09
C6 FSW KA . -60.10 -23.81 -10.26
O5 FSW KA . -61.77 -23.02 -8.70
C2 FSW KA . -62.05 -23.78 -6.44
SE2 FSW KA . -63.38 -24.30 -5.12
C8 FSW KA . -64.30 -22.60 -4.97
C1 FSW KA . -62.74 -23.33 -7.72
O1 FSW KA . -63.58 -24.38 -8.19
C7 FSW KA . -64.46 -23.94 -9.22
O3 FSW LA . -49.13 -37.04 -10.36
C3 FSW LA . -49.99 -36.90 -11.48
C4 FSW LA . -49.73 -35.59 -12.21
O4 FSW LA . -49.52 -34.41 -11.45
C5 FSW LA . -50.47 -35.55 -13.56
C6 FSW LA . -50.13 -34.42 -14.50
O5 FSW LA . -51.91 -35.57 -13.28
C2 FSW LA . -51.53 -36.87 -11.20
SE2 FSW LA . -52.21 -38.32 -10.10
C8 FSW LA . -51.31 -39.85 -10.90
C1 FSW LA . -52.31 -36.78 -12.55
O1 FSW LA . -52.00 -37.97 -13.33
C7 FSW LA . -52.48 -37.95 -14.68
O3 FSW MA . -34.27 -32.47 -18.06
C3 FSW MA . -34.95 -32.75 -19.28
C4 FSW MA . -36.05 -31.74 -19.56
O4 FSW MA . -36.74 -31.19 -18.47
C5 FSW MA . -36.70 -31.99 -20.92
C6 FSW MA . -37.78 -30.95 -21.21
O5 FSW MA . -37.26 -33.33 -20.90
C2 FSW MA . -35.61 -34.15 -19.28
SE2 FSW MA . -34.28 -35.50 -18.95
C8 FSW MA . -34.96 -37.21 -19.60
C1 FSW MA . -36.32 -34.39 -20.60
O1 FSW MA . -35.30 -34.51 -21.60
C7 FSW MA . -35.90 -34.78 -22.89
O3 FSW NA . -29.31 -16.38 -20.28
C3 FSW NA . -29.92 -16.43 -21.56
C4 FSW NA . -31.40 -16.32 -21.31
O4 FSW NA . -31.97 -16.79 -20.07
C5 FSW NA . -32.12 -16.26 -22.64
C6 FSW NA . -33.60 -15.93 -22.53
O5 FSW NA . -31.91 -17.51 -23.29
C2 FSW NA . -29.70 -17.74 -22.34
SE2 FSW NA . -27.93 -18.08 -23.01
C8 FSW NA . -27.23 -19.00 -21.47
C1 FSW NA . -30.54 -17.78 -23.61
O1 FSW NA . -29.97 -16.83 -24.51
C7 FSW NA . -30.57 -16.77 -25.80
O3 FSW OA . -41.27 -3.42 -13.01
C3 FSW OA . -41.50 -3.14 -14.41
C4 FSW OA . -42.39 -4.27 -14.92
O4 FSW OA . -41.64 -5.42 -14.51
C5 FSW OA . -42.67 -4.16 -16.41
C6 FSW OA . -43.42 -5.38 -16.89
O5 FSW OA . -41.45 -4.08 -17.15
C2 FSW OA . -40.22 -3.06 -15.29
SE2 FSW OA . -38.99 -1.63 -14.77
C8 FSW OA . -37.64 -2.14 -16.11
C1 FSW OA . -40.62 -2.95 -16.78
O1 FSW OA . -41.22 -1.65 -16.98
C7 FSW OA . -41.81 -1.41 -18.25
O3 FSW PA . -56.02 -7.45 -6.30
C3 FSW PA . -56.59 -7.06 -7.55
C4 FSW PA . -56.59 -8.25 -8.50
O4 FSW PA . -55.30 -8.87 -8.51
C5 FSW PA . -56.96 -7.83 -9.92
C6 FSW PA . -56.90 -9.01 -10.87
O5 FSW PA . -56.06 -6.81 -10.36
C2 FSW PA . -55.78 -5.91 -8.15
SE2 FSW PA . -56.05 -4.31 -7.06
C8 FSW PA . -57.26 -5.07 -5.75
C1 FSW PA . -56.19 -5.62 -9.58
O1 FSW PA . -57.54 -5.18 -9.61
C7 FSW PA . -57.86 -4.49 -10.81
O3 FSW QA . -40.91 43.37 42.22
C3 FSW QA . -42.23 43.05 42.69
C4 FSW QA . -42.35 41.55 42.86
O4 FSW QA . -41.87 40.88 41.68
C5 FSW QA . -43.79 41.13 43.12
C6 FSW QA . -43.92 39.62 43.22
O5 FSW QA . -44.62 41.62 42.06
C2 FSW QA . -43.26 43.57 41.69
SE2 FSW QA . -43.28 45.51 41.72
C8 FSW QA . -42.21 45.82 40.12
C1 FSW QA . -44.65 43.04 42.02
O1 FSW QA . -45.06 43.55 43.29
C7 FSW QA . -46.41 43.20 43.58
O3 FSW RA . -31.15 35.59 54.32
C3 FSW RA . -32.50 35.36 54.73
C4 FSW RA . -33.27 34.38 53.84
O4 FSW RA . -33.19 34.40 52.41
C5 FSW RA . -34.58 33.98 54.52
C6 FSW RA . -35.29 32.79 53.89
O5 FSW RA . -35.45 35.14 54.54
C2 FSW RA . -33.42 36.62 54.76
SE2 FSW RA . -32.61 37.97 55.86
C8 FSW RA . -34.20 39.06 55.90
C1 FSW RA . -34.86 36.25 55.25
O1 FSW RA . -34.77 35.99 56.66
C7 FSW RA . -36.00 35.46 57.16
O3 FSW SA . -26.55 18.63 52.75
C3 FSW SA . -27.73 18.48 53.54
C4 FSW SA . -28.98 18.91 52.81
O4 FSW SA . -28.88 20.02 51.94
C5 FSW SA . -30.22 18.55 53.61
C6 FSW SA . -31.51 18.92 52.86
O5 FSW SA . -30.16 19.25 54.87
C2 FSW SA . -27.70 19.37 54.79
SE2 FSW SA . -26.07 19.19 55.80
C8 FSW SA . -25.79 17.35 56.44
C1 FSW SA . -28.95 19.10 55.63
O1 FSW SA . -28.91 17.77 56.11
C7 FSW SA . -29.19 17.63 57.52
O3 FSW TA . -30.17 9.39 39.08
C3 FSW TA . -31.45 9.04 39.61
C4 FSW TA . -32.46 10.20 39.50
O4 FSW TA . -32.03 11.54 39.29
C5 FSW TA . -33.80 9.85 40.11
C6 FSW TA . -34.91 10.88 39.97
O5 FSW TA . -33.53 9.56 41.49
C2 FSW TA . -31.28 8.70 41.08
SE2 FSW TA . -30.27 7.11 41.30
C8 FSW TA . -28.44 7.66 41.70
C1 FSW TA . -32.61 8.44 41.68
O1 FSW TA . -33.14 7.24 41.11
C7 FSW TA . -34.49 6.93 41.53
O3 FSW UA . -39.04 18.92 25.03
C3 FSW UA . -40.23 18.22 25.42
C4 FSW UA . -40.75 18.81 26.75
O4 FSW UA . -39.70 18.65 27.74
C5 FSW UA . -41.99 18.07 27.21
C6 FSW UA . -42.57 18.55 28.53
O5 FSW UA . -41.67 16.68 27.33
C2 FSW UA . -39.99 16.68 25.56
SE2 FSW UA . -39.22 15.77 23.97
C8 FSW UA . -40.56 16.14 22.56
C1 FSW UA . -41.31 16.02 26.08
O1 FSW UA . -42.41 16.04 25.14
C7 FSW UA . -43.52 15.19 25.45
O3 FSW VA . -44.27 34.75 26.49
C3 FSW VA . -45.59 34.29 26.85
C4 FSW VA . -45.64 33.98 28.34
O4 FSW VA . -44.52 33.17 28.69
C5 FSW VA . -46.92 33.27 28.70
C6 FSW VA . -46.94 32.89 30.19
O5 FSW VA . -47.06 32.09 27.93
C2 FSW VA . -45.93 33.05 26.02
SE2 FSW VA . -46.15 33.55 24.16
C8 FSW VA . -46.01 35.48 24.37
C1 FSW VA . -47.21 32.39 26.53
O1 FSW VA . -48.30 33.28 26.35
C7 FSW VA . -49.49 32.80 26.97
O3 FSW WA . -13.78 -51.35 -3.49
C3 FSW WA . -14.56 -51.36 -4.69
C4 FSW WA . -13.65 -51.29 -5.91
O4 FSW WA . -12.71 -50.22 -5.73
C5 FSW WA . -14.44 -51.07 -7.18
C6 FSW WA . -13.52 -50.93 -8.38
O5 FSW WA . -15.23 -49.88 -7.05
C2 FSW WA . -15.53 -50.18 -4.67
SE2 FSW WA . -16.88 -50.47 -3.29
C8 FSW WA . -16.25 -49.13 -2.02
C1 FSW WA . -16.22 -50.02 -6.03
O1 FSW WA . -17.02 -51.17 -6.30
C7 FSW WA . -17.65 -51.10 -7.57
O3 FSW XA . -2.56 -64.27 -7.38
C3 FSW XA . -3.43 -64.37 -8.52
C4 FSW XA . -3.09 -63.24 -9.49
O4 FSW XA . -3.26 -61.97 -8.82
C5 FSW XA . -4.03 -63.35 -10.72
C6 FSW XA . -3.82 -62.27 -11.77
O5 FSW XA . -5.40 -63.28 -10.28
C2 FSW XA . -4.93 -64.29 -8.19
SE2 FSW XA . -5.62 -65.66 -7.00
C8 FSW XA . -5.10 -67.39 -7.76
C1 FSW XA . -5.78 -64.38 -9.46
O1 FSW XA . -5.53 -65.59 -10.16
C7 FSW XA . -6.44 -65.82 -11.24
O3 FSW YA . 12.02 -60.47 -16.56
C3 FSW YA . 11.24 -60.89 -17.70
C4 FSW YA . 10.14 -59.87 -17.96
O4 FSW YA . 9.34 -59.70 -16.78
C5 FSW YA . 9.21 -60.38 -19.07
C6 FSW YA . 8.09 -59.40 -19.37
O5 FSW YA . 8.59 -61.63 -18.72
C2 FSW YA . 10.53 -62.23 -17.42
SE2 FSW YA . 11.66 -63.77 -16.97
C8 FSW YA . 13.15 -63.51 -18.18
C1 FSW YA . 9.57 -62.68 -18.53
O1 FSW YA . 10.26 -63.05 -19.75
C7 FSW YA . 9.38 -63.43 -20.81
O3 FSW ZA . 16.83 -44.97 -21.06
C3 FSW ZA . 16.09 -45.23 -22.26
C4 FSW ZA . 14.59 -45.10 -22.01
O4 FSW ZA . 14.18 -45.46 -20.69
C5 FSW ZA . 13.79 -45.20 -23.28
C6 FSW ZA . 12.30 -44.98 -23.04
O5 FSW ZA . 14.02 -46.52 -23.84
C2 FSW ZA . 16.26 -46.64 -22.86
SE2 FSW ZA . 18.08 -46.86 -23.39
C8 FSW ZA . 18.88 -47.48 -21.73
C1 FSW ZA . 15.41 -46.83 -24.11
O1 FSW ZA . 15.92 -45.99 -25.16
C7 FSW ZA . 15.09 -46.00 -26.33
O3 FSW AB . 4.98 -30.99 -14.87
C3 FSW AB . 4.80 -31.10 -16.29
C4 FSW AB . 4.09 -32.41 -16.63
O4 FSW AB . 4.36 -33.48 -15.75
C5 FSW AB . 3.62 -32.47 -18.08
C6 FSW AB . 2.80 -33.70 -18.40
O5 FSW AB . 4.77 -32.33 -18.95
C2 FSW AB . 6.10 -31.14 -17.08
SE2 FSW AB . 7.20 -29.55 -16.82
C8 FSW AB . 5.80 -28.16 -16.89
C1 FSW AB . 5.88 -31.44 -18.61
O1 FSW AB . 5.83 -30.21 -19.38
C7 FSW AB . 6.92 -29.91 -20.29
O3 FSW BB . -9.25 -34.41 -7.06
C3 FSW BB . -9.94 -34.28 -8.30
C4 FSW BB . -9.75 -35.53 -9.14
O4 FSW BB . -8.35 -35.86 -9.18
C5 FSW BB . -10.26 -35.33 -10.56
C6 FSW BB . -9.99 -36.56 -11.42
O5 FSW BB . -9.63 -34.19 -11.14
C2 FSW BB . -9.44 -33.04 -9.03
SE2 FSW BB . -9.99 -31.44 -8.06
C8 FSW BB . -8.48 -30.30 -8.55
C1 FSW BB . -9.98 -32.99 -10.46
O1 FSW BB . -11.40 -32.85 -10.42
C7 FSW BB . -11.91 -32.33 -11.65
O3 FSW CB . -26.62 -32.32 29.77
C3 FSW CB . -25.68 -32.19 30.85
C4 FSW CB . -25.85 -30.84 31.57
O4 FSW CB . -26.44 -29.63 31.02
C5 FSW CB . -24.90 -30.79 32.78
C6 FSW CB . -25.01 -29.55 33.66
O5 FSW CB . -23.57 -30.88 32.30
C2 FSW CB . -24.20 -32.35 30.44
SE2 FSW CB . -23.80 -34.03 29.54
C8 FSW CB . -25.17 -34.31 28.14
C1 FSW CB . -23.20 -32.09 31.63
O1 FSW CB . -23.08 -33.11 32.65
C7 FSW CB . -21.89 -33.03 33.47
O3 FSW DB . -41.84 -29.47 36.55
C3 FSW DB . -41.23 -29.48 37.85
C4 FSW DB . -40.62 -28.11 38.13
O4 FSW DB . -39.82 -27.70 37.01
C5 FSW DB . -39.75 -28.14 39.38
C6 FSW DB . -39.08 -26.79 39.62
O5 FSW DB . -38.75 -29.15 39.24
C2 FSW DB . -40.16 -30.56 37.90
SE2 FSW DB . -41.02 -32.32 37.83
C8 FSW DB . -42.86 -31.71 37.90
C1 FSW DB . -39.33 -30.45 39.16
O1 FSW DB . -40.16 -30.68 40.30
C7 FSW DB . -39.40 -30.79 41.50
O3 FSW EB . -47.27 -12.62 39.56
C3 FSW EB . -46.86 -12.93 40.87
C4 FSW EB . -45.35 -13.07 40.89
O4 FSW EB . -44.72 -13.57 39.74
C5 FSW EB . -44.81 -13.26 42.28
C6 FSW EB . -43.30 -13.38 42.24
O5 FSW EB . -45.49 -14.41 42.86
C2 FSW EB . -47.49 -14.22 41.43
SE2 FSW EB . -49.41 -14.02 41.40
C8 FSW EB . -50.15 -15.41 42.58
C1 FSW EB . -46.95 -14.43 42.83
O1 FSW EB . -47.56 -13.42 43.67
C7 FSW EB . -47.06 -13.43 45.03
O3 FSW FB . -38.45 1.10 34.66
C3 FSW FB . -37.76 1.06 35.90
C4 FSW FB . -36.75 -0.03 35.83
O4 FSW FB . -37.45 -1.23 35.41
C5 FSW FB . -36.00 -0.17 37.18
C6 FSW FB . -34.89 -1.21 37.17
O5 FSW FB . -36.92 -0.44 38.25
C2 FSW FB . -38.71 0.72 37.04
SE2 FSW FB . -39.83 2.23 37.35
C8 FSW FB . -41.53 2.09 36.38
C1 FSW FB . -38.01 0.51 38.37
O1 FSW FB . -37.60 1.81 38.84
C7 FSW FB . -36.66 1.83 39.95
O3 FSW GB . -22.62 -2.88 24.94
C3 FSW GB . -21.94 -2.52 26.15
C4 FSW GB . -21.91 -3.72 27.15
O4 FSW GB . -23.31 -3.85 27.01
C5 FSW GB . -21.45 -3.33 28.55
C6 FSW GB . -21.72 -4.45 29.54
O5 FSW GB . -22.13 -2.13 28.95
C2 FSW GB . -22.50 -1.20 26.74
SE2 FSW GB . -22.33 0.40 25.58
C8 FSW GB . -20.45 0.27 25.01
C1 FSW GB . -21.87 -0.96 28.15
O1 FSW GB . -20.43 -0.67 28.02
C7 FSW GB . -19.70 -0.36 29.22
O3 FSW HB . -16.75 -18.77 23.22
C3 FSW HB . -15.89 -18.55 24.35
C4 FSW HB . -16.69 -18.74 25.64
O4 FSW HB . -17.91 -17.98 25.56
C5 FSW HB . -15.88 -18.28 26.84
C6 FSW HB . -16.71 -18.39 28.13
O5 FSW HB . -15.47 -16.93 26.66
C2 FSW HB . -15.30 -17.15 24.27
SE2 FSW HB . -14.05 -17.05 22.78
C8 FSW HB . -13.82 -15.11 22.74
C1 FSW HB . -14.58 -16.79 25.56
O1 FSW HB . -13.46 -17.66 25.75
C7 FSW HB . -12.65 -17.26 26.84
O3 FSW IB . 21.64 12.89 -48.43
C3 FSW IB . 21.15 14.21 -48.12
C4 FSW IB . 21.85 14.87 -46.92
O4 FSW IB . 22.40 14.13 -45.82
C5 FSW IB . 21.38 16.31 -46.77
C6 FSW IB . 22.16 17.10 -45.76
O5 FSW IB . 19.99 16.32 -46.42
C2 FSW IB . 19.61 14.29 -47.84
SE2 FSW IB . 18.50 13.62 -49.31
C8 FSW IB . 18.26 11.75 -48.85
C1 FSW IB . 19.15 15.74 -47.44
O1 FSW IB . 19.08 16.67 -48.55
C7 FSW IB . 18.31 17.87 -48.31
O3 FSW JB . 38.99 15.90 -49.60
C3 FSW JB . 38.41 17.22 -49.59
C4 FSW JB . 38.03 17.61 -48.18
O4 FSW JB . 37.94 16.64 -47.14
C5 FSW JB . 37.37 18.99 -48.14
C6 FSW JB . 37.01 19.45 -46.73
O5 FSW JB . 36.20 19.00 -48.95
C2 FSW JB . 37.15 17.41 -50.46
SE2 FSW JB . 37.58 16.98 -52.30
C8 FSW JB . 38.53 18.55 -52.99
C1 FSW JB . 36.44 18.80 -50.34
O1 FSW JB . 37.08 19.98 -50.90
C7 FSW JB . 36.22 21.02 -51.40
O3 FSW KB . 48.22 17.35 -34.94
C3 FSW KB . 47.96 18.75 -35.18
C4 FSW KB . 46.52 19.15 -35.00
O4 FSW KB . 45.54 18.20 -35.39
C5 FSW KB . 46.34 20.67 -35.06
C6 FSW KB . 44.92 21.13 -34.83
O5 FSW KB . 46.79 21.12 -36.35
C2 FSW KB . 48.36 19.24 -36.60
SE2 FSW KB . 50.19 18.86 -37.07
C8 FSW KB . 51.21 19.29 -35.44
C1 FSW KB . 48.16 20.73 -36.73
O1 FSW KB . 49.13 21.38 -35.92
C7 FSW KB . 48.89 22.78 -35.74
O3 FSW LB . 42.14 14.79 -19.28
C3 FSW LB . 41.90 16.21 -19.27
C4 FSW LB . 40.75 16.48 -20.17
O4 FSW LB . 40.66 15.63 -21.32
C5 FSW LB . 40.31 17.92 -20.08
C6 FSW LB . 39.08 18.14 -20.93
O5 FSW LB . 41.39 18.79 -20.52
C2 FSW LB . 43.06 17.10 -19.78
SE2 FSW LB . 44.56 16.99 -18.59
C8 FSW LB . 45.56 15.48 -19.33
C1 FSW LB . 42.68 18.59 -19.87
O1 FSW LB . 42.69 19.14 -18.55
C7 FSW LB . 42.08 20.45 -18.45
O3 FSW MB . 24.37 9.29 -18.61
C3 FSW MB . 24.00 10.56 -18.09
C4 FSW MB . 23.94 11.58 -19.23
O4 FSW MB . 25.14 11.49 -20.00
C5 FSW MB . 23.79 12.99 -18.69
C6 FSW MB . 23.80 14.02 -19.82
O5 FSW MB . 24.83 13.27 -17.77
C2 FSW MB . 25.00 10.99 -17.03
SE2 FSW MB . 24.82 9.83 -15.46
C8 FSW MB . 22.90 10.05 -15.19
C1 FSW MB . 24.77 12.44 -16.61
O1 FSW MB . 23.49 12.57 -16.01
C7 FSW MB . 23.20 13.92 -15.65
O3 FSW NB . 14.21 9.04 -32.63
C3 FSW NB . 13.78 10.32 -32.18
C4 FSW NB . 14.92 11.31 -32.39
O4 FSW NB . 16.25 10.80 -32.24
C5 FSW NB . 14.50 12.72 -31.99
C6 FSW NB . 15.51 13.80 -32.23
O5 FSW NB . 14.19 12.70 -30.60
C2 FSW NB . 13.43 10.34 -30.66
SE2 FSW NB . 12.06 8.98 -30.14
C8 FSW NB . 10.45 9.74 -30.96
C1 FSW NB . 13.13 11.80 -30.20
O1 FSW NB . 11.90 12.34 -30.71
C7 FSW NB . 11.21 13.16 -29.76
O3 FSW OB . 21.60 -54.15 30.90
C3 FSW OB . 22.71 -53.91 31.81
C4 FSW OB . 22.68 -52.45 32.32
O4 FSW OB . 22.29 -51.29 31.53
C5 FSW OB . 23.68 -52.31 33.49
C6 FSW OB . 23.58 -51.04 34.29
O5 FSW OB . 24.99 -52.42 32.92
C2 FSW OB . 24.19 -54.18 31.31
SE2 FSW OB . 24.59 -56.00 30.63
C8 FSW OB . 22.91 -56.96 31.01
C1 FSW OB . 25.28 -53.73 32.36
O1 FSW OB . 25.56 -54.69 33.43
C7 FSW OB . 26.83 -54.57 34.11
O3 FSW PB . 6.45 -49.86 37.88
C3 FSW PB . 7.41 -49.82 38.96
C4 FSW PB . 8.34 -48.61 38.84
O4 FSW PB . 9.24 -48.70 37.72
C5 FSW PB . 9.22 -48.59 40.10
C6 FSW PB . 10.02 -47.30 40.21
O5 FSW PB . 10.08 -49.75 40.07
C2 FSW PB . 8.31 -51.10 39.09
SE2 FSW PB . 7.42 -52.80 39.46
C8 FSW PB . 6.05 -52.40 40.80
C1 FSW PB . 9.35 -50.97 40.21
O1 FSW PB . 8.72 -50.99 41.49
C7 FSW PB . 9.64 -51.21 42.58
O3 FSW QB . 1.41 -33.32 38.62
C3 FSW QB . 2.07 -33.35 39.88
C4 FSW QB . 3.60 -33.49 39.79
O4 FSW QB . 4.29 -34.16 38.74
C5 FSW QB . 4.23 -33.34 41.18
C6 FSW QB . 5.74 -33.49 41.23
O5 FSW QB . 3.64 -34.33 42.01
C2 FSW QB . 1.54 -34.49 40.73
SE2 FSW QB . -0.40 -34.57 40.75
C8 FSW QB . -0.93 -32.88 41.60
C1 FSW QB . 2.18 -34.37 42.11
O1 FSW QB . 1.74 -33.19 42.79
C7 FSW QB . 1.58 -33.32 44.21
O3 FSW RB . 10.23 -20.51 31.57
C3 FSW RB . 10.98 -20.36 32.77
C4 FSW RB . 12.00 -21.49 32.90
O4 FSW RB . 11.73 -22.82 32.34
C5 FSW RB . 12.82 -21.25 34.15
C6 FSW RB . 14.06 -22.12 34.24
O5 FSW RB . 11.92 -21.47 35.26
C2 FSW RB . 10.06 -20.47 34.00
SE2 FSW RB . 8.78 -19.03 34.15
C8 FSW RB . 7.23 -19.86 33.31
C1 FSW RB . 10.87 -20.47 35.30
O1 FSW RB . 11.41 -19.15 35.47
C7 FSW RB . 12.25 -19.03 36.63
O3 FSW SB . 25.67 -25.92 22.04
C3 FSW SB . 26.46 -25.38 23.10
C4 FSW SB . 26.30 -26.26 24.34
O4 FSW SB . 24.90 -26.48 24.59
C5 FSW SB . 26.94 -25.61 25.56
C6 FSW SB . 26.71 -26.44 26.81
O5 FSW SB . 26.38 -24.31 25.74
C2 FSW SB . 26.04 -23.96 23.39
SE2 FSW SB . 26.55 -22.82 21.89
C8 FSW SB . 25.48 -21.26 22.35
C1 FSW SB . 26.70 -23.44 24.66
O1 FSW SB . 28.11 -23.40 24.48
C7 FSW SB . 28.78 -22.94 25.66
O3 FSW TB . 31.46 -41.98 21.88
C3 FSW TB . 32.30 -41.54 22.96
C4 FSW TB . 31.52 -41.58 24.26
O4 FSW TB . 30.25 -40.93 24.07
C5 FSW TB . 32.28 -40.90 25.38
C6 FSW TB . 31.46 -40.86 26.66
O5 FSW TB . 32.61 -39.56 24.99
C2 FSW TB . 32.80 -40.13 22.66
SE2 FSW TB . 34.05 -40.18 21.16
C8 FSW TB . 34.08 -38.27 20.77
C1 FSW TB . 33.49 -39.53 23.88
O1 FSW TB . 34.66 -40.29 24.18
C7 FSW TB . 35.71 -39.47 24.68
O3 FSW UB . 46.73 -29.36 -48.09
C3 FSW UB . 47.33 -30.65 -47.92
C4 FSW UB . 46.29 -31.63 -47.41
O4 FSW UB . 45.61 -31.06 -46.29
C5 FSW UB . 46.94 -32.94 -46.99
C6 FSW UB . 45.90 -33.90 -46.40
O5 FSW UB . 47.96 -32.69 -46.02
C2 FSW UB . 48.51 -30.55 -46.96
SE2 FSW UB . 49.94 -29.52 -47.79
C8 FSW UB . 51.24 -29.65 -46.34
C1 FSW UB . 49.02 -31.92 -46.57
O1 FSW UB . 49.54 -32.58 -47.73
C7 FSW UB . 50.81 -33.17 -47.47
O3 FSW VB . 31.13 -31.42 -56.13
C3 FSW VB . 31.80 -32.68 -56.25
C4 FSW VB . 31.83 -33.44 -54.94
O4 FSW VB . 32.61 -32.72 -53.94
C5 FSW VB . 32.48 -34.78 -55.25
C6 FSW VB . 32.23 -35.82 -54.16
O5 FSW VB . 33.87 -34.51 -55.39
C2 FSW VB . 33.23 -32.47 -56.76
SE2 FSW VB . 33.08 -32.18 -58.68
C8 FSW VB . 34.82 -31.37 -58.83
C1 FSW VB . 34.24 -33.59 -56.43
O1 FSW VB . 34.45 -34.37 -57.59
C7 FSW VB . 35.82 -34.61 -57.90
O3 FSW WB . 17.03 -35.11 -47.83
C3 FSW WB . 17.35 -36.46 -48.22
C4 FSW WB . 18.58 -37.01 -47.44
O4 FSW WB . 19.49 -36.09 -46.83
C5 FSW WB . 18.98 -38.45 -47.78
C6 FSW WB . 20.25 -38.99 -47.10
O5 FSW WB . 19.07 -38.50 -49.22
C2 FSW WB . 17.55 -36.69 -49.76
SE2 FSW WB . 15.98 -36.17 -50.80
C8 FSW WB . 15.68 -37.40 -52.31
C1 FSW WB . 17.84 -38.18 -49.93
O1 FSW WB . 16.71 -38.93 -49.42
C7 FSW WB . 16.34 -40.12 -50.12
O3 FSW XB . 15.81 -36.29 -31.01
C3 FSW XB . 16.26 -37.65 -31.03
C4 FSW XB . 17.80 -37.80 -31.09
O4 FSW XB . 18.66 -36.71 -31.43
C5 FSW XB . 18.27 -39.26 -31.20
C6 FSW XB . 19.75 -39.44 -31.35
O5 FSW XB . 17.64 -39.86 -32.33
C2 FSW XB . 15.65 -38.39 -32.21
SE2 FSW XB . 13.72 -38.48 -32.08
C8 FSW XB . 13.22 -36.80 -32.95
C1 FSW XB . 16.20 -39.82 -32.29
O1 FSW XB . 15.71 -40.58 -31.16
C7 FSW XB . 15.08 -41.84 -31.48
O3 FSW YB . 32.22 -32.21 -21.36
C3 FSW YB . 32.21 -33.64 -21.44
C4 FSW YB . 32.43 -34.23 -22.85
O4 FSW YB . 31.42 -33.90 -23.83
C5 FSW YB . 32.46 -35.77 -22.77
C6 FSW YB . 32.58 -36.49 -24.12
O5 FSW YB . 31.27 -36.25 -22.14
C2 FSW YB . 30.89 -34.23 -20.90
SE2 FSW YB . 30.25 -33.38 -19.25
C8 FSW YB . 28.40 -34.04 -19.25
C1 FSW YB . 31.06 -35.76 -20.81
O1 FSW YB . 32.17 -36.18 -19.99
C7 FSW YB . 32.10 -37.54 -19.56
O3 FSW ZB . 47.13 -29.39 -30.22
C3 FSW ZB . 47.16 -30.77 -29.85
C4 FSW ZB . 46.21 -31.54 -30.75
O4 FSW ZB . 44.87 -31.07 -30.56
C5 FSW ZB . 46.29 -33.02 -30.39
C6 FSW ZB . 45.34 -33.88 -31.22
O5 FSW ZB . 45.99 -33.19 -29.00
C2 FSW ZB . 46.76 -31.02 -28.39
SE2 FSW ZB . 47.75 -29.99 -27.06
C8 FSW ZB . 49.61 -30.52 -27.42
C1 FSW ZB . 46.87 -32.51 -28.07
O1 FSW ZB . 48.21 -33.03 -28.15
C7 FSW ZB . 48.55 -33.97 -27.12
O3 FSW AC . 55.94 23.60 19.74
C3 FSW AC . 57.20 23.70 20.42
C4 FSW AC . 58.24 24.28 19.47
O4 FSW AC . 57.83 25.58 19.02
C5 FSW AC . 58.50 23.36 18.27
C6 FSW AC . 57.64 23.73 17.07
O5 FSW AC . 58.25 21.99 18.61
C2 FSW AC . 57.62 22.33 20.92
SE2 FSW AC . 58.46 22.50 22.66
C8 FSW AC . 56.92 23.18 23.64
C1 FSW AC . 58.60 21.65 19.95
O1 FSW AC . 59.92 22.12 20.22
C7 FSW AC . 60.89 21.12 19.90
O3 FSW BC . 47.46 36.78 14.51
C3 FSW BC . 48.74 37.09 13.97
C4 FSW BC . 49.09 36.18 12.78
O4 FSW BC . 48.80 34.80 13.08
C5 FSW BC . 50.55 36.38 12.41
C6 FSW BC . 51.00 35.73 11.11
O5 FSW BC . 51.28 35.86 13.54
C2 FSW BC . 49.73 36.96 15.13
SE2 FSW BC . 49.43 38.48 16.37
C8 FSW BC . 50.62 37.67 17.65
C1 FSW BC . 51.19 36.77 14.64
O1 FSW BC . 51.79 37.99 14.21
C7 FSW BC . 53.17 37.87 13.86
O3 FSW CC . 38.94 36.02 -0.37
C3 FSW CC . 40.24 36.50 -0.81
C4 FSW CC . 41.36 35.42 -0.80
O4 FSW CC . 41.58 34.80 0.46
C5 FSW CC . 42.72 35.99 -1.24
C6 FSW CC . 43.93 35.08 -1.00
O5 FSW CC . 42.90 37.18 -0.49
C2 FSW CC . 40.59 37.79 -0.05
SE2 FSW CC . 39.38 39.33 -0.41
C8 FSW CC . 38.21 39.89 1.02
C1 FSW CC . 41.91 38.22 -0.62
O1 FSW CC . 41.69 38.60 -2.02
C7 FSW CC . 42.82 39.02 -2.79
O3 FSW DC . 37.33 21.34 -9.49
C3 FSW DC . 38.55 21.58 -10.22
C4 FSW DC . 39.74 21.18 -9.36
O4 FSW DC . 39.61 21.76 -8.06
C5 FSW DC . 41.05 21.64 -9.99
C6 FSW DC . 42.23 21.30 -9.09
O5 FSW DC . 41.00 23.05 -10.21
C2 FSW DC . 38.62 23.06 -10.61
SE2 FSW DC . 37.26 23.44 -11.94
C8 FSW DC . 36.00 24.38 -10.79
C1 FSW DC . 40.00 23.40 -11.17
O1 FSW DC . 40.22 22.68 -12.38
C7 FSW DC . 41.40 23.11 -13.03
O3 FSW EC . 45.10 6.22 -1.27
C3 FSW EC . 46.09 6.28 -2.31
C4 FSW EC . 46.89 7.57 -2.17
O4 FSW EC . 45.98 8.68 -2.05
C5 FSW EC . 47.78 7.79 -3.38
C6 FSW EC . 48.52 9.12 -3.28
O5 FSW EC . 47.00 7.77 -4.57
C2 FSW EC . 45.42 6.19 -3.67
SE2 FSW EC . 44.68 4.41 -3.92
C8 FSW EC . 43.21 4.89 -5.10
C1 FSW EC . 46.41 6.49 -4.79
O1 FSW EC . 47.42 5.49 -4.80
C7 FSW EC . 47.28 4.61 -5.91
O3 FSW FC . 54.37 7.40 12.58
C3 FSW FC . 55.49 7.15 11.72
C4 FSW FC . 56.00 8.49 11.17
O4 FSW FC . 54.90 9.29 10.68
C5 FSW FC . 57.16 8.24 10.18
C6 FSW FC . 56.99 8.97 8.86
O5 FSW FC . 57.39 6.84 9.88
C2 FSW FC . 55.19 6.08 10.64
SE2 FSW FC . 54.91 4.46 11.72
C8 FSW FC . 54.96 2.81 10.66
C1 FSW FC . 56.29 5.99 9.54
O1 FSW FC . 56.76 4.64 9.29
C7 FSW FC . 58.01 4.48 8.60
#